data_8VIZ
#
_entry.id   8VIZ
#
_cell.length_a   1.00
_cell.length_b   1.00
_cell.length_c   1.00
_cell.angle_alpha   90.00
_cell.angle_beta   90.00
_cell.angle_gamma   90.00
#
_symmetry.space_group_name_H-M   'P 1'
#
loop_
_entity.id
_entity.type
_entity.pdbx_description
1 polymer 'Actin, alpha skeletal muscle'
2 polymer Gelsolin
3 non-polymer "ADENOSINE-5'-DIPHOSPHATE"
4 non-polymer 'CALCIUM ION'
5 non-polymer "ADENOSINE-5'-TRIPHOSPHATE"
#
loop_
_entity_poly.entity_id
_entity_poly.type
_entity_poly.pdbx_seq_one_letter_code
_entity_poly.pdbx_strand_id
1 'polypeptide(L)'
;DEDETTALVCDNGSGLVKAGFAGDDAPRAVFPSIVGRPRHQGVMVGMGQKDSYVGDEAQSKRGILTLKYPIE(HIC)GII
TNWDDMEKIWHHTFYNELRVAPEEHPTLLTEAPLNPKANREKMTQIMFETFNVPAMYVAIQAVLSLYASGRTTGIVLDSG
DGVTHNVPIYEGYALPHAIMRLDLAGRDLTDYLMKILTERGYSFVTTAEREIVRDIKEKLCYVALDFENEMATAASSSSL
EKSYELPDGQVITIGNERFRCPETLFQPSFIGMESAGIHETTYNSIMKCDIDIRKDLYANNVMSGGTTMYPGIADRMQKE
ITALAPSTMKIKIIAPPERKYSVWIGGSILASLSTFQQMWITKQEYDEAGPSIVHRKCF
;
A,B,C,D,E,F
2 'polypeptide(L)'
;MHHHHHHMVVEHPEFLKAGKEPGLQIWRVEKFDLVPVPTNLYGDFFTGDAYVILKTVQLRNGNLQYDLHYWLGNECSQDE
SGAAAIFTVQLDDYLNGRAVQHREVQGFESATFLGYFKSGLKYKKGGVASGFKHVVPNEVVVQRLFQVKGRRVVRATEVP
VSWESFNNGDCFILDLGNNIHQWCGSNSNRYERLKATQVSKGIRDNERSGRARVHVSEEGTEPEAMLQVLGPKPALPAGT
EDTAKEDAANRKLAKLYKVSNGAGTMSVSLVADENPFAQGALKSEDCFILDHGKDGKIFVWKGKQANTEERKAALKTASD
FITKMDYPKQTQVSVLPEGGETPLFKQFFKNWRDPDQTDGLGLSYLSSHIANVERVPFDAATLHTSTAMAAQHGMDDDGT
GQKQIWRIEGSNKVPVDPATYGQFYGGDSYIILYNYRHGGRQGQIIYNWQGAQSTQDEVAASAILTAQLDEELGGTPVQS
RVVQGKEPAHLMSLFGGKPMIIYKGGTSREGGQTAPASTRLFQVRANSAGATRAVEVLPKAGALNSNDAFVLKTPSAAYL
WVGTGASEAEKTGAQELLRVLRAQPVQVAEGSEPDGFWEALGGKAAYRTSPRLKDKKMDAHPPRLFACSNKIGRFVIEEV
PGELMQEDLATDDVMLLDTWDQVFVWVGKDSQEEEKTEALTSAKRYIETDPANRDRRTPITVVKQGFEPPSFVGWFLGWD
DDYWSVDPLDRAMAELAAWSHPQFEK
;
G
#
loop_
_chem_comp.id
_chem_comp.type
_chem_comp.name
_chem_comp.formula
ADP non-polymer ADENOSINE-5'-DIPHOSPHATE 'C10 H15 N5 O10 P2'
ATP non-polymer ADENOSINE-5'-TRIPHOSPHATE 'C10 H16 N5 O13 P3'
CA non-polymer 'CALCIUM ION' 'Ca 2'
#
# COMPACT_ATOMS: atom_id res chain seq x y z
N GLU A 4 -22.12 14.10 -84.94
CA GLU A 4 -22.59 14.69 -86.19
C GLU A 4 -23.85 15.51 -85.93
N THR A 5 -24.80 14.92 -85.22
CA THR A 5 -26.06 15.60 -84.95
C THR A 5 -25.88 16.70 -83.91
N THR A 6 -26.71 17.73 -84.03
CA THR A 6 -26.67 18.89 -83.15
C THR A 6 -27.98 18.96 -82.39
N ALA A 7 -27.89 19.14 -81.08
CA ALA A 7 -29.08 19.16 -80.24
C ALA A 7 -29.85 20.46 -80.41
N LEU A 8 -31.18 20.36 -80.36
CA LEU A 8 -32.02 21.54 -80.33
C LEU A 8 -32.26 21.95 -78.89
N VAL A 9 -32.52 23.24 -78.70
CA VAL A 9 -32.87 23.77 -77.38
C VAL A 9 -34.16 24.56 -77.54
N CYS A 10 -35.20 24.18 -76.79
CA CYS A 10 -36.48 24.89 -76.83
C CYS A 10 -36.75 25.47 -75.46
N ASP A 11 -36.84 26.79 -75.37
CA ASP A 11 -37.07 27.49 -74.11
C ASP A 11 -38.58 27.71 -73.97
N ASN A 12 -39.22 26.87 -73.17
CA ASN A 12 -40.66 26.95 -72.95
C ASN A 12 -40.88 27.81 -71.70
N GLY A 13 -41.14 29.10 -71.92
CA GLY A 13 -41.43 29.98 -70.82
C GLY A 13 -42.92 29.97 -70.52
N SER A 14 -43.52 31.15 -70.49
CA SER A 14 -44.97 31.26 -70.38
C SER A 14 -45.57 32.22 -71.39
N GLY A 15 -44.82 33.18 -71.91
CA GLY A 15 -45.36 34.13 -72.85
C GLY A 15 -44.68 34.08 -74.21
N LEU A 16 -43.39 33.74 -74.22
CA LEU A 16 -42.59 33.69 -75.43
C LEU A 16 -41.84 32.38 -75.46
N VAL A 17 -41.61 31.85 -76.66
CA VAL A 17 -40.80 30.66 -76.84
C VAL A 17 -39.58 31.04 -77.69
N LYS A 18 -38.41 30.60 -77.22
CA LYS A 18 -37.12 30.81 -77.87
C LYS A 18 -36.58 29.45 -78.27
N ALA A 19 -36.30 29.27 -79.56
CA ALA A 19 -35.83 27.99 -80.06
C ALA A 19 -34.64 28.20 -80.97
N GLY A 20 -33.77 27.20 -81.02
CA GLY A 20 -32.59 27.28 -81.85
C GLY A 20 -31.68 26.10 -81.62
N PHE A 21 -30.49 26.20 -82.21
CA PHE A 21 -29.52 25.11 -82.20
C PHE A 21 -28.51 25.31 -81.09
N ALA A 22 -27.99 24.19 -80.58
CA ALA A 22 -26.95 24.25 -79.57
C ALA A 22 -25.62 24.68 -80.19
N GLY A 23 -24.84 25.41 -79.40
CA GLY A 23 -23.59 25.97 -79.86
C GLY A 23 -23.69 27.38 -80.39
N ASP A 24 -24.88 27.84 -80.75
CA ASP A 24 -25.06 29.20 -81.22
C ASP A 24 -25.15 30.16 -80.05
N ASP A 25 -24.93 31.44 -80.33
CA ASP A 25 -24.97 32.46 -79.29
C ASP A 25 -26.31 33.17 -79.18
N ALA A 26 -27.16 33.07 -80.19
CA ALA A 26 -28.48 33.69 -80.16
C ALA A 26 -29.52 32.68 -80.61
N PRO A 27 -30.73 32.75 -80.05
CA PRO A 27 -31.81 31.86 -80.49
C PRO A 27 -32.24 32.16 -81.93
N ARG A 28 -32.61 31.10 -82.64
CA ARG A 28 -32.95 31.27 -84.06
C ARG A 28 -34.37 31.80 -84.24
N ALA A 29 -35.30 31.37 -83.40
CA ALA A 29 -36.70 31.78 -83.52
C ALA A 29 -37.21 32.20 -82.16
N VAL A 30 -37.58 33.48 -82.04
CA VAL A 30 -38.20 34.02 -80.84
C VAL A 30 -39.58 34.49 -81.24
N PHE A 31 -40.62 33.88 -80.67
CA PHE A 31 -41.98 34.26 -81.04
C PHE A 31 -42.91 33.91 -79.88
N PRO A 32 -44.02 34.64 -79.70
CA PRO A 32 -44.85 34.37 -78.52
C PRO A 32 -45.72 33.14 -78.64
N SER A 33 -45.85 32.42 -77.53
CA SER A 33 -46.59 31.17 -77.48
C SER A 33 -48.06 31.46 -77.26
N ILE A 34 -48.73 31.83 -78.35
CA ILE A 34 -50.17 32.09 -78.34
C ILE A 34 -50.80 31.26 -79.44
N VAL A 35 -52.08 30.94 -79.25
CA VAL A 35 -52.89 30.31 -80.29
C VAL A 35 -54.12 31.17 -80.49
N GLY A 36 -54.33 31.62 -81.72
CA GLY A 36 -55.45 32.49 -82.05
C GLY A 36 -56.51 31.74 -82.85
N ARG A 37 -57.76 32.06 -82.57
CA ARG A 37 -58.89 31.45 -83.26
C ARG A 37 -59.87 32.54 -83.67
N PRO A 38 -60.50 32.42 -84.85
CA PRO A 38 -61.34 33.53 -85.32
C PRO A 38 -62.68 33.59 -84.60
N ARG A 39 -62.98 34.77 -84.04
CA ARG A 39 -64.16 35.02 -83.25
C ARG A 39 -65.28 35.65 -84.07
N HIS A 40 -65.11 35.74 -85.39
CA HIS A 40 -66.12 36.28 -86.28
C HIS A 40 -66.38 35.28 -87.39
N GLN A 41 -67.33 35.62 -88.26
CA GLN A 41 -67.68 34.79 -89.40
C GLN A 41 -66.90 35.23 -90.64
N GLY A 42 -66.97 34.40 -91.69
CA GLY A 42 -66.24 34.69 -92.91
C GLY A 42 -67.12 34.77 -94.13
N VAL A 43 -67.12 35.93 -94.80
CA VAL A 43 -67.95 36.11 -95.98
C VAL A 43 -67.22 35.75 -97.28
N MET A 44 -65.89 35.84 -97.30
CA MET A 44 -65.12 35.56 -98.51
C MET A 44 -64.83 34.07 -98.65
N VAL A 45 -64.96 33.58 -99.87
CA VAL A 45 -64.65 32.18 -100.16
C VAL A 45 -63.16 32.07 -100.47
N GLY A 46 -62.49 31.16 -99.78
CA GLY A 46 -61.05 30.98 -99.94
C GLY A 46 -60.27 31.79 -98.90
N MET A 47 -59.38 32.69 -99.37
CA MET A 47 -58.63 33.71 -98.64
C MET A 47 -57.54 33.09 -97.73
N GLY A 48 -57.37 31.78 -97.76
CA GLY A 48 -56.49 31.12 -96.82
C GLY A 48 -57.01 31.13 -95.40
N GLN A 49 -58.29 30.85 -95.23
CA GLN A 49 -58.93 30.89 -93.92
C GLN A 49 -58.55 29.63 -93.15
N LYS A 50 -57.55 29.77 -92.28
CA LYS A 50 -57.18 28.69 -91.38
C LYS A 50 -58.10 28.69 -90.18
N ASP A 51 -58.34 27.49 -89.63
CA ASP A 51 -59.15 27.38 -88.41
C ASP A 51 -58.42 27.86 -87.17
N SER A 52 -57.09 27.95 -87.21
CA SER A 52 -56.31 28.30 -86.03
C SER A 52 -54.98 28.90 -86.48
N TYR A 53 -54.61 30.03 -85.89
CA TYR A 53 -53.37 30.71 -86.17
C TYR A 53 -52.43 30.62 -84.99
N VAL A 54 -51.13 30.60 -85.26
CA VAL A 54 -50.12 30.30 -84.26
C VAL A 54 -48.93 31.24 -84.45
N GLY A 55 -48.38 31.71 -83.33
CA GLY A 55 -47.13 32.47 -83.39
C GLY A 55 -47.31 33.91 -83.82
N ASP A 56 -46.40 34.37 -84.68
CA ASP A 56 -46.43 35.75 -85.17
C ASP A 56 -47.59 36.00 -86.11
N GLU A 57 -48.09 34.95 -86.76
CA GLU A 57 -49.26 35.08 -87.63
C GLU A 57 -50.51 35.42 -86.84
N ALA A 58 -50.65 34.84 -85.65
CA ALA A 58 -51.77 35.19 -84.77
C ALA A 58 -51.60 36.60 -84.20
N GLN A 59 -50.36 37.01 -83.95
CA GLN A 59 -50.09 38.34 -83.42
C GLN A 59 -50.36 39.42 -84.48
N SER A 60 -50.11 39.11 -85.75
CA SER A 60 -50.24 40.08 -86.82
C SER A 60 -51.70 40.43 -87.11
N LYS A 61 -52.61 39.47 -86.92
CA LYS A 61 -54.03 39.70 -87.18
C LYS A 61 -54.87 39.47 -85.93
N ARG A 62 -54.40 40.01 -84.79
CA ARG A 62 -55.04 39.80 -83.50
C ARG A 62 -56.38 40.52 -83.36
N GLY A 63 -56.71 41.44 -84.25
CA GLY A 63 -57.98 42.17 -84.16
C GLY A 63 -59.19 41.31 -84.43
N ILE A 64 -59.03 40.25 -85.21
CA ILE A 64 -60.12 39.34 -85.54
C ILE A 64 -59.95 37.98 -84.87
N LEU A 65 -59.00 37.85 -83.96
CA LEU A 65 -58.71 36.58 -83.32
C LEU A 65 -58.84 36.70 -81.81
N THR A 66 -59.39 35.68 -81.19
CA THR A 66 -59.29 35.48 -79.75
C THR A 66 -58.00 34.72 -79.50
N LEU A 67 -57.13 35.28 -78.66
CA LEU A 67 -55.83 34.70 -78.37
C LEU A 67 -55.87 33.97 -77.04
N LYS A 68 -55.22 32.81 -76.98
CA LYS A 68 -55.14 32.04 -75.75
C LYS A 68 -53.71 31.60 -75.52
N TYR A 69 -53.32 31.59 -74.25
CA TYR A 69 -52.00 31.14 -73.84
C TYR A 69 -52.12 29.71 -73.36
N PRO A 70 -51.45 28.74 -73.99
CA PRO A 70 -51.46 27.36 -73.48
C PRO A 70 -50.76 27.18 -72.15
N ILE A 71 -49.84 28.05 -71.78
CA ILE A 71 -49.11 27.94 -70.52
C ILE A 71 -49.64 29.00 -69.56
N GLU A 72 -50.01 28.58 -68.36
CA GLU A 72 -50.52 29.50 -67.36
C GLU A 72 -49.79 29.24 -66.05
N HIC A 73 -49.00 30.25 -65.63
CA HIC A 73 -48.13 30.24 -64.47
C HIC A 73 -47.12 29.10 -64.50
O HIC A 73 -46.85 28.39 -63.54
CB HIC A 73 -48.82 30.12 -63.09
CG HIC A 73 -49.75 31.21 -62.75
ND1 HIC A 73 -50.64 31.18 -61.67
CD2 HIC A 73 -49.87 32.44 -63.42
CE1 HIC A 73 -51.30 32.35 -61.68
NE2 HIC A 73 -50.86 33.15 -62.75
CZ HIC A 73 -51.33 34.45 -63.08
N GLY A 74 -46.56 28.90 -65.69
CA GLY A 74 -45.54 27.88 -65.89
C GLY A 74 -46.06 26.46 -65.93
N ILE A 75 -47.37 26.31 -66.11
CA ILE A 75 -48.05 25.02 -66.14
C ILE A 75 -48.82 24.95 -67.45
N ILE A 76 -48.62 23.87 -68.19
CA ILE A 76 -49.32 23.69 -69.46
C ILE A 76 -50.75 23.25 -69.15
N THR A 77 -51.72 24.08 -69.55
CA THR A 77 -53.13 23.78 -69.29
C THR A 77 -53.79 23.10 -70.47
N ASN A 78 -53.54 23.59 -71.68
CA ASN A 78 -54.12 23.02 -72.89
C ASN A 78 -52.99 22.33 -73.66
N TRP A 79 -53.18 21.05 -73.96
CA TRP A 79 -52.12 20.23 -74.53
C TRP A 79 -52.19 20.08 -76.03
N ASP A 80 -53.37 20.27 -76.63
CA ASP A 80 -53.46 20.29 -78.09
C ASP A 80 -52.80 21.54 -78.65
N ASP A 81 -53.03 22.69 -78.01
CA ASP A 81 -52.44 23.95 -78.44
C ASP A 81 -50.93 23.97 -78.25
N MET A 82 -50.44 23.33 -77.20
CA MET A 82 -49.00 23.23 -76.98
C MET A 82 -48.34 22.33 -78.01
N GLU A 83 -49.05 21.28 -78.44
CA GLU A 83 -48.59 20.45 -79.54
C GLU A 83 -48.55 21.23 -80.85
N LYS A 84 -49.52 22.14 -81.04
CA LYS A 84 -49.50 23.03 -82.20
C LYS A 84 -48.31 24.00 -82.16
N ILE A 85 -47.99 24.51 -80.97
CA ILE A 85 -46.82 25.37 -80.77
C ILE A 85 -45.53 24.64 -81.11
N TRP A 86 -45.39 23.40 -80.62
CA TRP A 86 -44.19 22.60 -80.90
C TRP A 86 -44.10 22.16 -82.35
N HIS A 87 -45.24 21.86 -82.99
CA HIS A 87 -45.24 21.54 -84.42
C HIS A 87 -44.85 22.74 -85.27
N HIS A 88 -45.30 23.93 -84.89
CA HIS A 88 -44.94 25.15 -85.59
C HIS A 88 -43.46 25.50 -85.39
N THR A 89 -42.96 25.36 -84.17
CA THR A 89 -41.57 25.72 -83.91
C THR A 89 -40.60 24.65 -84.38
N PHE A 90 -41.06 23.43 -84.67
CA PHE A 90 -40.19 22.40 -85.21
C PHE A 90 -40.23 22.36 -86.73
N TYR A 91 -41.39 22.59 -87.34
CA TYR A 91 -41.52 22.38 -88.78
C TYR A 91 -41.59 23.69 -89.56
N ASN A 92 -42.22 24.72 -89.01
CA ASN A 92 -42.45 25.95 -89.75
C ASN A 92 -41.43 27.04 -89.46
N GLU A 93 -40.65 26.92 -88.39
CA GLU A 93 -39.70 27.95 -88.01
C GLU A 93 -38.25 27.51 -88.21
N LEU A 94 -37.87 26.39 -87.63
CA LEU A 94 -36.49 25.93 -87.71
C LEU A 94 -36.24 25.07 -88.94
N ARG A 95 -37.31 24.57 -89.57
CA ARG A 95 -37.30 23.76 -90.80
C ARG A 95 -36.45 22.49 -90.63
N VAL A 96 -36.75 21.74 -89.56
CA VAL A 96 -35.98 20.56 -89.19
C VAL A 96 -36.94 19.39 -88.98
N ALA A 97 -36.37 18.19 -89.00
CA ALA A 97 -37.08 16.98 -88.63
C ALA A 97 -36.63 16.55 -87.25
N PRO A 98 -37.56 16.34 -86.30
CA PRO A 98 -37.15 16.00 -84.92
C PRO A 98 -36.65 14.57 -84.74
N GLU A 99 -36.67 13.72 -85.77
CA GLU A 99 -36.29 12.33 -85.61
C GLU A 99 -34.79 12.10 -85.44
N GLU A 100 -33.96 13.13 -85.69
CA GLU A 100 -32.52 12.98 -85.63
C GLU A 100 -31.87 14.11 -84.83
N HIS A 101 -32.65 14.77 -83.97
CA HIS A 101 -32.16 15.90 -83.19
C HIS A 101 -32.56 15.73 -81.73
N PRO A 102 -31.61 15.63 -80.81
CA PRO A 102 -31.95 15.72 -79.39
C PRO A 102 -32.50 17.09 -79.02
N THR A 103 -33.26 17.13 -77.92
CA THR A 103 -33.98 18.33 -77.53
C THR A 103 -33.80 18.60 -76.05
N LEU A 104 -33.31 19.78 -75.71
CA LEU A 104 -33.32 20.32 -74.36
C LEU A 104 -34.58 21.13 -74.10
N LEU A 105 -35.05 21.07 -72.87
CA LEU A 105 -36.28 21.69 -72.43
C LEU A 105 -36.01 22.44 -71.13
N THR A 106 -36.89 23.40 -70.83
CA THR A 106 -36.79 24.19 -69.62
C THR A 106 -38.06 24.02 -68.79
N GLU A 107 -37.92 24.07 -67.47
CA GLU A 107 -39.06 23.95 -66.58
C GLU A 107 -38.77 24.71 -65.30
N ALA A 108 -39.79 25.40 -64.80
CA ALA A 108 -39.71 26.06 -63.50
C ALA A 108 -39.72 25.02 -62.39
N PRO A 109 -39.04 25.29 -61.28
CA PRO A 109 -39.09 24.35 -60.14
C PRO A 109 -40.39 24.48 -59.37
N LEU A 110 -40.64 23.47 -58.54
CA LEU A 110 -41.87 23.27 -57.76
C LEU A 110 -43.12 23.25 -58.63
N ASN A 111 -43.01 22.69 -59.79
CA ASN A 111 -44.02 22.53 -60.83
C ASN A 111 -44.73 21.20 -60.57
N PRO A 112 -45.95 20.96 -61.05
CA PRO A 112 -46.55 19.62 -60.94
C PRO A 112 -45.79 18.58 -61.75
N LYS A 113 -45.74 17.37 -61.19
CA LYS A 113 -45.03 16.28 -61.86
C LYS A 113 -45.77 15.81 -63.10
N ALA A 114 -47.10 15.86 -63.09
CA ALA A 114 -47.91 15.41 -64.21
C ALA A 114 -47.76 16.29 -65.44
N ASN A 115 -47.32 17.54 -65.25
CA ASN A 115 -46.92 18.39 -66.37
C ASN A 115 -45.72 17.80 -67.09
N ARG A 116 -44.79 17.21 -66.35
CA ARG A 116 -43.51 16.78 -66.89
C ARG A 116 -43.65 15.53 -67.77
N GLU A 117 -44.30 14.47 -67.25
CA GLU A 117 -44.40 13.19 -67.97
C GLU A 117 -45.20 13.34 -69.25
N LYS A 118 -46.23 14.18 -69.21
CA LYS A 118 -47.05 14.44 -70.40
C LYS A 118 -46.26 15.17 -71.47
N MET A 119 -45.20 15.89 -71.10
CA MET A 119 -44.25 16.37 -72.10
C MET A 119 -43.48 15.20 -72.70
N THR A 120 -42.94 14.32 -71.83
CA THR A 120 -42.11 13.19 -72.24
C THR A 120 -42.91 12.17 -73.04
N GLN A 121 -44.21 12.06 -72.75
CA GLN A 121 -45.14 11.35 -73.61
C GLN A 121 -45.20 11.99 -75.00
N ILE A 122 -45.52 13.28 -75.06
CA ILE A 122 -46.07 13.86 -76.29
C ILE A 122 -44.96 14.23 -77.26
N MET A 123 -43.71 14.05 -76.86
CA MET A 123 -42.60 14.18 -77.79
C MET A 123 -41.79 12.90 -77.94
N PHE A 124 -42.23 11.79 -77.37
CA PHE A 124 -41.68 10.50 -77.76
C PHE A 124 -42.62 9.68 -78.61
N GLU A 125 -43.92 9.85 -78.46
CA GLU A 125 -44.89 9.13 -79.27
C GLU A 125 -45.35 9.87 -80.52
N THR A 126 -45.12 11.17 -80.62
CA THR A 126 -45.56 11.91 -81.80
C THR A 126 -44.39 12.38 -82.66
N PHE A 127 -43.43 13.09 -82.07
CA PHE A 127 -42.30 13.59 -82.83
C PHE A 127 -41.17 12.59 -82.98
N ASN A 128 -41.10 11.60 -82.06
CA ASN A 128 -40.13 10.50 -82.05
C ASN A 128 -38.69 11.01 -82.01
N VAL A 129 -38.39 11.82 -81.00
CA VAL A 129 -37.06 12.39 -80.81
C VAL A 129 -36.13 11.27 -80.33
N PRO A 130 -34.82 11.31 -80.64
CA PRO A 130 -33.94 10.26 -80.12
C PRO A 130 -33.40 10.49 -78.73
N ALA A 131 -33.53 11.71 -78.19
CA ALA A 131 -33.03 12.01 -76.86
C ALA A 131 -33.81 13.20 -76.30
N MET A 132 -33.72 13.35 -74.98
CA MET A 132 -34.55 14.32 -74.26
C MET A 132 -33.89 14.62 -72.92
N TYR A 133 -33.97 15.88 -72.49
CA TYR A 133 -33.59 16.26 -71.14
C TYR A 133 -34.37 17.51 -70.77
N VAL A 134 -34.81 17.57 -69.50
CA VAL A 134 -35.53 18.71 -68.95
C VAL A 134 -34.65 19.34 -67.87
N ALA A 135 -34.43 20.64 -67.96
CA ALA A 135 -33.51 21.33 -67.07
C ALA A 135 -34.23 22.48 -66.35
N ILE A 136 -33.76 22.78 -65.15
CA ILE A 136 -34.23 23.93 -64.40
C ILE A 136 -33.62 25.18 -65.02
N GLN A 137 -34.42 26.26 -65.07
CA GLN A 137 -34.03 27.47 -65.80
C GLN A 137 -32.88 28.21 -65.13
N ALA A 138 -32.82 28.21 -63.80
CA ALA A 138 -31.81 28.97 -63.09
C ALA A 138 -30.43 28.32 -63.17
N VAL A 139 -30.39 26.99 -63.29
CA VAL A 139 -29.15 26.28 -63.53
C VAL A 139 -28.58 26.68 -64.89
N LEU A 140 -29.46 26.81 -65.88
CA LEU A 140 -29.07 27.33 -67.19
C LEU A 140 -28.66 28.80 -67.12
N SER A 141 -29.22 29.55 -66.18
CA SER A 141 -28.79 30.94 -66.00
C SER A 141 -27.37 31.04 -65.46
N LEU A 142 -27.00 30.16 -64.52
CA LEU A 142 -25.60 30.12 -64.09
C LEU A 142 -24.67 29.55 -65.16
N TYR A 143 -25.17 28.63 -66.00
CA TYR A 143 -24.37 28.15 -67.13
C TYR A 143 -24.11 29.26 -68.13
N ALA A 144 -25.09 30.13 -68.35
CA ALA A 144 -24.88 31.29 -69.22
C ALA A 144 -23.98 32.32 -68.57
N SER A 145 -24.07 32.46 -67.25
CA SER A 145 -23.29 33.46 -66.54
C SER A 145 -21.81 33.07 -66.43
N GLY A 146 -21.49 31.80 -66.53
CA GLY A 146 -20.10 31.37 -66.49
C GLY A 146 -19.53 31.18 -65.11
N ARG A 147 -20.36 31.12 -64.09
CA ARG A 147 -19.89 30.89 -62.72
C ARG A 147 -20.68 29.74 -62.11
N THR A 148 -20.17 29.25 -60.98
CA THR A 148 -20.73 28.09 -60.30
C THR A 148 -21.36 28.42 -58.95
N THR A 149 -21.45 29.70 -58.60
CA THR A 149 -21.96 30.11 -57.30
C THR A 149 -22.89 31.31 -57.47
N GLY A 150 -24.07 31.23 -56.89
CA GLY A 150 -24.95 32.38 -56.88
C GLY A 150 -26.37 31.98 -56.59
N ILE A 151 -27.17 33.01 -56.32
CA ILE A 151 -28.62 32.86 -56.18
C ILE A 151 -29.26 33.55 -57.38
N VAL A 152 -30.13 32.83 -58.07
CA VAL A 152 -30.72 33.31 -59.31
C VAL A 152 -32.18 33.65 -59.03
N LEU A 153 -32.52 34.91 -59.26
CA LEU A 153 -33.91 35.35 -59.34
C LEU A 153 -34.29 35.33 -60.80
N ASP A 154 -35.14 34.38 -61.19
CA ASP A 154 -35.60 34.27 -62.56
C ASP A 154 -37.09 34.58 -62.56
N SER A 155 -37.49 35.61 -63.29
CA SER A 155 -38.88 36.02 -63.38
C SER A 155 -39.24 36.16 -64.84
N GLY A 156 -40.19 35.35 -65.29
CA GLY A 156 -40.67 35.38 -66.65
C GLY A 156 -42.03 36.03 -66.76
N ASP A 157 -42.91 35.39 -67.53
CA ASP A 157 -44.27 35.89 -67.67
C ASP A 157 -45.22 35.26 -66.66
N GLY A 158 -44.86 34.12 -66.07
CA GLY A 158 -45.75 33.50 -65.10
C GLY A 158 -45.18 33.18 -63.74
N VAL A 159 -43.87 32.91 -63.67
CA VAL A 159 -43.24 32.37 -62.47
C VAL A 159 -42.07 33.26 -62.09
N THR A 160 -41.95 33.58 -60.80
CA THR A 160 -40.77 34.26 -60.26
C THR A 160 -40.16 33.34 -59.21
N HIS A 161 -39.02 32.72 -59.53
CA HIS A 161 -38.41 31.74 -58.64
C HIS A 161 -36.98 32.10 -58.28
N ASN A 162 -36.63 31.79 -57.03
CA ASN A 162 -35.29 31.98 -56.48
C ASN A 162 -34.65 30.63 -56.24
N VAL A 163 -33.46 30.44 -56.83
CA VAL A 163 -32.68 29.21 -56.67
C VAL A 163 -31.27 29.52 -56.19
N PRO A 164 -30.89 29.08 -54.97
CA PRO A 164 -29.49 29.21 -54.55
C PRO A 164 -28.66 27.99 -54.92
N ILE A 165 -27.49 28.23 -55.50
CA ILE A 165 -26.56 27.16 -55.87
C ILE A 165 -25.17 27.57 -55.38
N TYR A 166 -24.49 26.67 -54.67
CA TYR A 166 -23.15 26.90 -54.16
C TYR A 166 -22.25 25.79 -54.68
N GLU A 167 -21.25 26.17 -55.49
CA GLU A 167 -20.23 25.29 -56.07
C GLU A 167 -20.84 24.13 -56.87
N GLY A 168 -21.92 24.41 -57.60
CA GLY A 168 -22.60 23.39 -58.36
C GLY A 168 -23.56 22.54 -57.57
N TYR A 169 -23.75 22.82 -56.29
CA TYR A 169 -24.66 22.07 -55.44
C TYR A 169 -25.86 22.95 -55.11
N ALA A 170 -27.01 22.60 -55.65
CA ALA A 170 -28.23 23.33 -55.33
C ALA A 170 -28.73 22.93 -53.95
N LEU A 171 -29.46 23.84 -53.31
CA LEU A 171 -30.08 23.59 -52.02
C LEU A 171 -31.60 23.59 -52.23
N PRO A 172 -32.23 22.42 -52.37
CA PRO A 172 -33.65 22.37 -52.75
C PRO A 172 -34.61 22.84 -51.67
N HIS A 173 -34.19 22.91 -50.41
CA HIS A 173 -35.09 23.40 -49.37
C HIS A 173 -35.21 24.92 -49.38
N ALA A 174 -34.28 25.62 -50.02
CA ALA A 174 -34.28 27.08 -50.06
C ALA A 174 -34.89 27.64 -51.34
N ILE A 175 -35.53 26.79 -52.15
CA ILE A 175 -36.16 27.25 -53.39
C ILE A 175 -37.38 28.09 -53.06
N MET A 176 -37.49 29.25 -53.69
CA MET A 176 -38.68 30.07 -53.53
C MET A 176 -39.41 30.19 -54.85
N ARG A 177 -40.73 30.23 -54.78
CA ARG A 177 -41.55 30.41 -55.97
C ARG A 177 -42.73 31.33 -55.64
N LEU A 178 -42.87 32.39 -56.42
CA LEU A 178 -44.02 33.28 -56.37
C LEU A 178 -44.70 33.24 -57.74
N ASP A 179 -46.03 33.30 -57.72
CA ASP A 179 -46.82 33.31 -58.95
C ASP A 179 -47.12 34.72 -59.45
N LEU A 180 -46.28 35.69 -59.11
CA LEU A 180 -46.42 37.07 -59.55
C LEU A 180 -45.32 37.34 -60.57
N ALA A 181 -45.73 37.64 -61.80
CA ALA A 181 -44.80 37.95 -62.87
C ALA A 181 -45.47 38.92 -63.84
N GLY A 182 -45.02 38.92 -65.09
CA GLY A 182 -45.39 39.97 -66.03
C GLY A 182 -46.85 39.98 -66.45
N ARG A 183 -47.52 38.83 -66.42
CA ARG A 183 -48.94 38.76 -66.73
C ARG A 183 -49.77 39.51 -65.68
N ASP A 184 -49.43 39.35 -64.41
CA ASP A 184 -50.12 40.06 -63.34
C ASP A 184 -49.83 41.54 -63.39
N LEU A 185 -48.63 41.92 -63.83
CA LEU A 185 -48.31 43.33 -64.03
C LEU A 185 -49.11 43.92 -65.20
N THR A 186 -49.34 43.12 -66.23
CA THR A 186 -50.19 43.55 -67.36
C THR A 186 -51.64 43.75 -66.92
N ASP A 187 -52.14 42.83 -66.08
CA ASP A 187 -53.49 42.97 -65.54
C ASP A 187 -53.62 44.17 -64.61
N TYR A 188 -52.61 44.42 -63.78
CA TYR A 188 -52.61 45.61 -62.92
C TYR A 188 -52.51 46.89 -63.72
N LEU A 189 -51.73 46.88 -64.81
CA LEU A 189 -51.62 48.04 -65.67
C LEU A 189 -52.92 48.30 -66.43
N MET A 190 -53.66 47.24 -66.78
CA MET A 190 -55.02 47.42 -67.29
C MET A 190 -55.93 48.04 -66.24
N LYS A 191 -55.76 47.64 -64.99
CA LYS A 191 -56.61 48.14 -63.91
C LYS A 191 -56.37 49.63 -63.63
N ILE A 192 -55.10 50.05 -63.62
CA ILE A 192 -54.83 51.43 -63.22
C ILE A 192 -54.85 52.44 -64.37
N LEU A 193 -55.00 52.01 -65.61
CA LEU A 193 -55.26 52.97 -66.69
C LEU A 193 -56.72 53.38 -66.79
N THR A 194 -57.62 52.77 -66.00
CA THR A 194 -59.01 53.18 -66.01
C THR A 194 -59.25 54.47 -65.27
N GLU A 195 -58.31 54.91 -64.42
CA GLU A 195 -58.42 56.20 -63.75
C GLU A 195 -58.32 57.34 -64.75
N ARG A 196 -57.44 57.21 -65.73
CA ARG A 196 -57.33 58.23 -66.77
C ARG A 196 -58.36 58.08 -67.87
N GLY A 197 -59.14 57.01 -67.86
CA GLY A 197 -60.26 56.86 -68.78
C GLY A 197 -60.00 56.02 -70.01
N TYR A 198 -58.88 55.32 -70.09
CA TYR A 198 -58.60 54.45 -71.23
C TYR A 198 -59.07 53.04 -70.91
N SER A 199 -60.03 52.54 -71.68
CA SER A 199 -60.64 51.24 -71.41
C SER A 199 -60.00 50.18 -72.29
N PHE A 200 -59.36 49.19 -71.66
CA PHE A 200 -58.71 48.09 -72.35
C PHE A 200 -59.23 46.78 -71.79
N VAL A 201 -59.92 46.00 -72.62
CA VAL A 201 -60.61 44.81 -72.16
C VAL A 201 -60.17 43.53 -72.88
N THR A 202 -60.00 43.58 -74.19
CA THR A 202 -59.80 42.37 -74.97
C THR A 202 -58.34 41.92 -74.97
N THR A 203 -58.10 40.78 -75.60
CA THR A 203 -56.76 40.17 -75.60
C THR A 203 -55.81 40.91 -76.52
N ALA A 204 -56.32 41.48 -77.62
CA ALA A 204 -55.51 42.36 -78.45
C ALA A 204 -55.11 43.61 -77.68
N GLU A 205 -56.03 44.14 -76.88
CA GLU A 205 -55.72 45.25 -75.99
C GLU A 205 -54.78 44.82 -74.86
N ARG A 206 -54.80 43.54 -74.47
CA ARG A 206 -53.80 43.02 -73.53
C ARG A 206 -52.40 43.04 -74.16
N GLU A 207 -52.31 42.71 -75.44
CA GLU A 207 -51.03 42.80 -76.16
C GLU A 207 -50.55 44.24 -76.25
N ILE A 208 -51.48 45.18 -76.47
CA ILE A 208 -51.15 46.61 -76.50
C ILE A 208 -50.64 47.10 -75.14
N VAL A 209 -51.30 46.67 -74.05
CA VAL A 209 -50.88 47.04 -72.69
C VAL A 209 -49.52 46.44 -72.34
N ARG A 210 -49.25 45.22 -72.83
CA ARG A 210 -47.93 44.61 -72.63
C ARG A 210 -46.85 45.36 -73.40
N ASP A 211 -47.18 45.87 -74.60
CA ASP A 211 -46.22 46.69 -75.35
C ASP A 211 -45.95 48.02 -74.64
N ILE A 212 -46.99 48.61 -74.06
CA ILE A 212 -46.85 49.83 -73.25
C ILE A 212 -45.96 49.58 -72.03
N LYS A 213 -46.15 48.43 -71.37
CA LYS A 213 -45.35 48.05 -70.22
C LYS A 213 -43.90 47.82 -70.60
N GLU A 214 -43.66 47.20 -71.76
CA GLU A 214 -42.30 46.94 -72.22
C GLU A 214 -41.57 48.23 -72.59
N LYS A 215 -42.25 49.13 -73.30
CA LYS A 215 -41.55 50.30 -73.81
C LYS A 215 -41.48 51.46 -72.82
N LEU A 216 -42.44 51.60 -71.93
CA LEU A 216 -42.60 52.84 -71.19
C LEU A 216 -42.89 52.55 -69.72
N CYS A 217 -42.04 51.76 -69.07
CA CYS A 217 -42.12 51.56 -67.62
C CYS A 217 -40.72 51.47 -67.05
N TYR A 218 -40.61 51.78 -65.76
CA TYR A 218 -39.34 51.74 -65.04
C TYR A 218 -39.63 51.63 -63.56
N VAL A 219 -38.63 51.20 -62.80
CA VAL A 219 -38.75 51.00 -61.36
C VAL A 219 -38.26 52.25 -60.64
N ALA A 220 -39.07 52.75 -59.71
CA ALA A 220 -38.67 53.87 -58.88
C ALA A 220 -37.58 53.44 -57.89
N LEU A 221 -36.59 54.30 -57.71
CA LEU A 221 -35.57 54.04 -56.70
C LEU A 221 -36.14 54.23 -55.29
N ASP A 222 -37.02 55.21 -55.13
CA ASP A 222 -37.81 55.36 -53.91
C ASP A 222 -39.22 55.75 -54.32
N PHE A 223 -40.21 55.10 -53.71
CA PHE A 223 -41.58 55.26 -54.18
C PHE A 223 -42.22 56.57 -53.73
N GLU A 224 -41.99 56.98 -52.48
CA GLU A 224 -42.79 58.07 -51.89
C GLU A 224 -42.38 59.43 -52.44
N ASN A 225 -41.07 59.68 -52.56
CA ASN A 225 -40.62 60.98 -53.04
C ASN A 225 -40.90 61.15 -54.54
N GLU A 226 -40.86 60.06 -55.29
CA GLU A 226 -41.20 60.15 -56.71
C GLU A 226 -42.72 60.21 -56.90
N MET A 227 -43.49 59.66 -55.96
CA MET A 227 -44.93 59.91 -55.90
C MET A 227 -45.23 61.39 -55.68
N ALA A 228 -44.50 62.02 -54.76
CA ALA A 228 -44.65 63.46 -54.53
C ALA A 228 -44.16 64.27 -55.72
N THR A 229 -43.13 63.79 -56.41
CA THR A 229 -42.62 64.45 -57.61
C THR A 229 -43.62 64.41 -58.75
N ALA A 230 -44.25 63.26 -58.96
CA ALA A 230 -45.28 63.12 -59.99
C ALA A 230 -46.54 63.91 -59.62
N ALA A 231 -46.85 64.00 -58.33
CA ALA A 231 -48.00 64.79 -57.89
C ALA A 231 -47.75 66.29 -58.08
N SER A 232 -46.56 66.77 -57.75
CA SER A 232 -46.29 68.20 -57.81
C SER A 232 -45.93 68.63 -59.23
N SER A 233 -44.85 68.08 -59.77
CA SER A 233 -44.35 68.53 -61.07
C SER A 233 -45.11 67.85 -62.20
N SER A 234 -44.71 68.14 -63.43
CA SER A 234 -45.33 67.60 -64.62
C SER A 234 -44.26 67.18 -65.62
N SER A 235 -43.22 66.50 -65.14
CA SER A 235 -42.11 66.10 -65.99
C SER A 235 -42.09 64.61 -66.30
N LEU A 236 -42.80 63.80 -65.53
CA LEU A 236 -42.67 62.35 -65.62
C LEU A 236 -43.62 61.70 -66.61
N GLU A 237 -44.60 62.43 -67.12
CA GLU A 237 -45.54 61.81 -68.06
C GLU A 237 -44.92 61.65 -69.43
N LYS A 238 -45.35 60.61 -70.15
CA LYS A 238 -44.87 60.34 -71.49
C LYS A 238 -46.04 59.90 -72.36
N SER A 239 -45.90 60.09 -73.66
CA SER A 239 -46.96 59.80 -74.61
C SER A 239 -46.71 58.48 -75.34
N TYR A 240 -47.81 57.81 -75.66
CA TYR A 240 -47.78 56.57 -76.44
C TYR A 240 -48.79 56.70 -77.56
N GLU A 241 -48.48 56.07 -78.69
CA GLU A 241 -49.29 56.16 -79.91
C GLU A 241 -49.98 54.81 -80.13
N LEU A 242 -51.30 54.80 -79.93
CA LEU A 242 -52.12 53.63 -80.19
C LEU A 242 -52.18 53.34 -81.69
N PRO A 243 -52.30 52.07 -82.10
CA PRO A 243 -52.23 51.76 -83.54
C PRO A 243 -53.43 52.22 -84.37
N ASP A 244 -54.55 52.62 -83.75
CA ASP A 244 -55.57 53.30 -84.54
C ASP A 244 -55.15 54.71 -84.90
N GLY A 245 -54.42 55.38 -84.01
CA GLY A 245 -54.00 56.74 -84.24
C GLY A 245 -54.09 57.62 -83.01
N GLN A 246 -54.79 57.13 -81.97
CA GLN A 246 -54.94 57.88 -80.74
C GLN A 246 -53.62 57.92 -79.96
N VAL A 247 -53.47 58.97 -79.16
CA VAL A 247 -52.27 59.20 -78.37
C VAL A 247 -52.69 59.33 -76.92
N ILE A 248 -52.08 58.56 -76.03
CA ILE A 248 -52.37 58.62 -74.61
C ILE A 248 -51.17 59.18 -73.87
N THR A 249 -51.45 59.80 -72.73
CA THR A 249 -50.42 60.33 -71.84
C THR A 249 -50.46 59.55 -70.53
N ILE A 250 -49.34 58.95 -70.17
CA ILE A 250 -49.23 58.12 -68.98
C ILE A 250 -48.33 58.84 -67.99
N GLY A 251 -48.82 59.02 -66.76
CA GLY A 251 -48.12 59.81 -65.77
C GLY A 251 -47.37 58.99 -64.75
N ASN A 252 -47.93 58.82 -63.56
CA ASN A 252 -47.26 58.08 -62.52
C ASN A 252 -47.32 56.57 -62.67
N GLU A 253 -48.22 56.08 -63.55
CA GLU A 253 -48.51 54.66 -63.70
C GLU A 253 -47.30 53.87 -64.16
N ARG A 254 -46.40 54.50 -64.91
CA ARG A 254 -45.18 53.87 -65.39
C ARG A 254 -44.16 53.57 -64.28
N PHE A 255 -44.34 54.08 -63.07
CA PHE A 255 -43.58 53.52 -61.96
C PHE A 255 -44.48 52.92 -60.87
N ARG A 256 -45.79 52.85 -61.11
CA ARG A 256 -46.66 52.13 -60.20
C ARG A 256 -46.85 50.68 -60.60
N CYS A 257 -46.65 50.36 -61.88
CA CYS A 257 -46.80 48.98 -62.31
C CYS A 257 -45.67 48.05 -61.87
N PRO A 258 -44.36 48.36 -62.00
CA PRO A 258 -43.36 47.41 -61.48
C PRO A 258 -43.19 47.43 -59.96
N GLU A 259 -43.87 48.33 -59.24
CA GLU A 259 -43.77 48.35 -57.78
C GLU A 259 -44.47 47.16 -57.14
N THR A 260 -45.40 46.52 -57.87
CA THR A 260 -46.10 45.33 -57.42
C THR A 260 -45.15 44.14 -57.23
N LEU A 261 -44.02 44.13 -57.94
CA LEU A 261 -42.92 43.19 -57.68
C LEU A 261 -42.36 43.36 -56.27
N PHE A 262 -42.31 44.60 -55.77
CA PHE A 262 -41.79 44.87 -54.44
C PHE A 262 -42.88 45.04 -53.39
N GLN A 263 -44.09 45.42 -53.81
CA GLN A 263 -45.24 45.49 -52.91
C GLN A 263 -46.37 44.68 -53.52
N PRO A 264 -46.43 43.36 -53.21
CA PRO A 264 -47.46 42.50 -53.82
C PRO A 264 -48.88 42.73 -53.32
N SER A 265 -49.08 43.56 -52.29
CA SER A 265 -50.40 43.86 -51.77
C SER A 265 -51.21 44.77 -52.67
N PHE A 266 -50.62 45.32 -53.73
CA PHE A 266 -51.36 46.13 -54.70
C PHE A 266 -52.39 45.29 -55.45
N ILE A 267 -52.03 44.07 -55.84
CA ILE A 267 -52.97 43.19 -56.51
C ILE A 267 -53.65 42.22 -55.55
N GLY A 268 -53.43 42.36 -54.24
CA GLY A 268 -54.14 41.59 -53.25
C GLY A 268 -53.38 40.42 -52.67
N MET A 269 -52.21 40.08 -53.22
CA MET A 269 -51.45 38.95 -52.70
C MET A 269 -50.80 39.30 -51.38
N GLU A 270 -50.82 38.34 -50.46
CA GLU A 270 -50.32 38.54 -49.11
C GLU A 270 -48.81 38.37 -49.02
N SER A 271 -48.19 37.74 -50.02
CA SER A 271 -46.80 37.31 -49.98
C SER A 271 -45.85 38.51 -50.02
N ALA A 272 -44.59 38.23 -49.71
CA ALA A 272 -43.57 39.26 -49.64
C ALA A 272 -43.11 39.66 -51.02
N GLY A 273 -42.43 40.81 -51.09
CA GLY A 273 -41.82 41.25 -52.33
C GLY A 273 -40.58 40.44 -52.66
N ILE A 274 -40.05 40.67 -53.86
CA ILE A 274 -38.96 39.86 -54.39
C ILE A 274 -37.66 40.09 -53.65
N HIS A 275 -37.46 41.29 -53.09
CA HIS A 275 -36.28 41.54 -52.27
C HIS A 275 -36.34 40.78 -50.94
N GLU A 276 -37.51 40.75 -50.30
CA GLU A 276 -37.67 39.99 -49.08
C GLU A 276 -37.66 38.50 -49.35
N THR A 277 -38.18 38.08 -50.50
CA THR A 277 -38.14 36.67 -50.89
C THR A 277 -36.72 36.20 -51.16
N THR A 278 -35.91 37.03 -51.81
CA THR A 278 -34.50 36.73 -52.03
C THR A 278 -33.72 36.69 -50.72
N TYR A 279 -34.02 37.63 -49.81
CA TYR A 279 -33.36 37.65 -48.51
C TYR A 279 -33.73 36.45 -47.65
N ASN A 280 -35.01 36.05 -47.65
CA ASN A 280 -35.41 34.85 -46.91
C ASN A 280 -34.88 33.58 -47.55
N SER A 281 -34.69 33.58 -48.86
CA SER A 281 -34.07 32.43 -49.52
C SER A 281 -32.59 32.31 -49.15
N ILE A 282 -31.91 33.46 -49.00
CA ILE A 282 -30.52 33.45 -48.56
C ILE A 282 -30.42 33.02 -47.10
N MET A 283 -31.33 33.50 -46.25
CA MET A 283 -31.26 33.19 -44.82
C MET A 283 -31.65 31.75 -44.51
N LYS A 284 -32.38 31.08 -45.40
CA LYS A 284 -32.61 29.65 -45.21
C LYS A 284 -31.41 28.80 -45.58
N CYS A 285 -30.44 29.36 -46.30
CA CYS A 285 -29.22 28.63 -46.60
C CYS A 285 -28.31 28.61 -45.37
N ASP A 286 -27.25 27.82 -45.46
CA ASP A 286 -26.32 27.67 -44.37
C ASP A 286 -25.46 28.92 -44.22
N ILE A 287 -24.89 29.08 -43.01
CA ILE A 287 -24.28 30.34 -42.62
C ILE A 287 -22.95 30.59 -43.35
N ASP A 288 -22.28 29.53 -43.78
CA ASP A 288 -20.94 29.65 -44.34
C ASP A 288 -20.94 30.08 -45.81
N ILE A 289 -22.08 30.02 -46.49
CA ILE A 289 -22.12 30.29 -47.92
C ILE A 289 -22.78 31.61 -48.26
N ARG A 290 -23.42 32.28 -47.29
CA ARG A 290 -24.24 33.46 -47.54
C ARG A 290 -23.41 34.63 -48.05
N LYS A 291 -22.17 34.75 -47.59
CA LYS A 291 -21.23 35.76 -48.07
C LYS A 291 -20.94 35.59 -49.56
N ASP A 292 -20.90 34.34 -50.04
CA ASP A 292 -20.80 34.14 -51.47
C ASP A 292 -22.12 34.41 -52.19
N LEU A 293 -23.24 34.23 -51.50
CA LEU A 293 -24.53 34.45 -52.14
C LEU A 293 -24.89 35.93 -52.21
N TYR A 294 -24.44 36.74 -51.25
CA TYR A 294 -24.68 38.19 -51.33
C TYR A 294 -23.90 38.81 -52.47
N ALA A 295 -22.70 38.32 -52.72
CA ALA A 295 -21.84 38.86 -53.78
C ALA A 295 -22.14 38.29 -55.15
N ASN A 296 -23.13 37.42 -55.28
CA ASN A 296 -23.52 36.86 -56.58
C ASN A 296 -25.04 36.80 -56.64
N ASN A 297 -25.66 37.88 -57.11
CA ASN A 297 -27.08 37.94 -57.38
C ASN A 297 -27.27 38.01 -58.88
N VAL A 298 -27.76 36.93 -59.48
CA VAL A 298 -27.94 36.85 -60.91
C VAL A 298 -29.41 37.09 -61.22
N MET A 299 -29.68 38.02 -62.12
CA MET A 299 -31.05 38.32 -62.55
C MET A 299 -31.20 37.89 -63.99
N SER A 300 -32.29 37.20 -64.28
CA SER A 300 -32.56 36.72 -65.63
C SER A 300 -34.05 36.77 -65.88
N GLY A 301 -34.42 36.73 -67.15
CA GLY A 301 -35.82 36.81 -67.51
C GLY A 301 -36.19 38.18 -68.02
N GLY A 302 -37.26 38.23 -68.81
CA GLY A 302 -37.71 39.47 -69.41
C GLY A 302 -38.33 40.45 -68.43
N THR A 303 -38.85 39.94 -67.31
CA THR A 303 -39.44 40.81 -66.30
C THR A 303 -38.37 41.62 -65.55
N THR A 304 -37.12 41.16 -65.56
CA THR A 304 -36.01 41.90 -64.97
C THR A 304 -35.44 42.99 -65.87
N MET A 305 -36.09 43.30 -66.98
CA MET A 305 -35.56 44.22 -67.98
C MET A 305 -36.07 45.64 -67.84
N TYR A 306 -36.75 45.97 -66.75
CA TYR A 306 -37.08 47.37 -66.49
C TYR A 306 -35.80 48.13 -66.16
N PRO A 307 -35.65 49.37 -66.62
CA PRO A 307 -34.52 50.18 -66.18
C PRO A 307 -34.67 50.59 -64.73
N GLY A 308 -33.57 50.51 -63.99
CA GLY A 308 -33.55 50.88 -62.59
C GLY A 308 -33.92 49.79 -61.61
N ILE A 309 -34.14 48.56 -62.06
CA ILE A 309 -34.52 47.49 -61.13
C ILE A 309 -33.32 47.04 -60.30
N ALA A 310 -32.10 47.12 -60.86
CA ALA A 310 -30.92 46.63 -60.16
C ALA A 310 -30.52 47.54 -59.02
N ASP A 311 -30.68 48.85 -59.20
CA ASP A 311 -30.36 49.82 -58.15
C ASP A 311 -31.34 49.70 -56.98
N ARG A 312 -32.63 49.56 -57.29
CA ARG A 312 -33.65 49.33 -56.27
C ARG A 312 -33.43 48.03 -55.53
N MET A 313 -33.07 46.97 -56.26
CA MET A 313 -32.78 45.67 -55.69
C MET A 313 -31.58 45.73 -54.74
N GLN A 314 -30.52 46.44 -55.15
CA GLN A 314 -29.34 46.59 -54.32
C GLN A 314 -29.62 47.42 -53.07
N LYS A 315 -30.45 48.47 -53.21
CA LYS A 315 -30.87 49.28 -52.07
C LYS A 315 -31.66 48.48 -51.05
N GLU A 316 -32.60 47.65 -51.52
CA GLU A 316 -33.44 46.90 -50.59
C GLU A 316 -32.69 45.74 -49.93
N ILE A 317 -31.84 45.03 -50.68
CA ILE A 317 -31.03 43.97 -50.07
C ILE A 317 -29.99 44.56 -49.11
N THR A 318 -29.42 45.73 -49.45
CA THR A 318 -28.46 46.41 -48.59
C THR A 318 -29.13 46.89 -47.30
N ALA A 319 -30.39 47.31 -47.39
CA ALA A 319 -31.16 47.63 -46.20
C ALA A 319 -31.45 46.39 -45.36
N LEU A 320 -31.75 45.26 -46.00
CA LEU A 320 -32.10 44.04 -45.24
C LEU A 320 -30.87 43.39 -44.62
N ALA A 321 -29.78 43.27 -45.38
CA ALA A 321 -28.58 42.58 -44.93
C ALA A 321 -27.82 43.43 -43.91
N PRO A 322 -26.96 42.82 -43.08
CA PRO A 322 -26.05 43.64 -42.27
C PRO A 322 -25.05 44.40 -43.12
N SER A 323 -24.63 45.55 -42.58
CA SER A 323 -23.90 46.56 -43.34
C SER A 323 -22.48 46.14 -43.69
N THR A 324 -21.91 45.18 -42.99
CA THR A 324 -20.56 44.74 -43.24
C THR A 324 -20.44 43.74 -44.40
N MET A 325 -21.55 43.26 -44.94
CA MET A 325 -21.52 42.37 -46.09
C MET A 325 -21.62 43.15 -47.40
N LYS A 326 -20.84 42.71 -48.38
CA LYS A 326 -20.75 43.38 -49.67
C LYS A 326 -21.71 42.72 -50.64
N ILE A 327 -22.54 43.53 -51.29
CA ILE A 327 -23.61 43.06 -52.15
C ILE A 327 -23.40 43.64 -53.54
N LYS A 328 -23.34 42.78 -54.55
CA LYS A 328 -23.39 43.22 -55.93
C LYS A 328 -24.38 42.33 -56.67
N ILE A 329 -24.92 42.88 -57.77
CA ILE A 329 -25.94 42.22 -58.56
C ILE A 329 -25.49 42.19 -60.00
N ILE A 330 -25.48 41.00 -60.60
CA ILE A 330 -25.10 40.84 -62.00
C ILE A 330 -26.36 41.01 -62.85
N ALA A 331 -26.35 42.03 -63.71
CA ALA A 331 -27.44 42.31 -64.63
C ALA A 331 -26.88 42.56 -66.02
N PRO A 332 -26.58 41.49 -66.77
CA PRO A 332 -26.09 41.67 -68.13
C PRO A 332 -27.22 42.15 -69.03
N PRO A 333 -26.90 42.89 -70.11
CA PRO A 333 -27.97 43.36 -71.00
C PRO A 333 -28.61 42.26 -71.85
N GLU A 334 -27.97 41.10 -72.01
CA GLU A 334 -28.54 39.99 -72.75
C GLU A 334 -29.27 38.98 -71.88
N ARG A 335 -29.72 39.38 -70.68
CA ARG A 335 -30.23 38.43 -69.71
C ARG A 335 -31.60 37.87 -70.07
N LYS A 336 -32.37 38.56 -70.91
CA LYS A 336 -33.70 38.06 -71.28
C LYS A 336 -33.64 36.85 -72.20
N TYR A 337 -32.52 36.66 -72.91
CA TYR A 337 -32.26 35.43 -73.63
C TYR A 337 -31.28 34.53 -72.89
N SER A 338 -31.16 34.70 -71.57
CA SER A 338 -30.06 34.10 -70.81
C SER A 338 -30.15 32.58 -70.74
N VAL A 339 -31.34 32.06 -70.43
CA VAL A 339 -31.56 30.66 -70.08
C VAL A 339 -31.25 29.75 -71.26
N TRP A 340 -31.63 30.19 -72.46
CA TRP A 340 -31.36 29.45 -73.71
C TRP A 340 -29.87 29.30 -73.96
N ILE A 341 -29.07 30.32 -73.62
CA ILE A 341 -27.61 30.27 -73.78
C ILE A 341 -27.01 29.20 -72.88
N GLY A 342 -27.60 29.00 -71.70
CA GLY A 342 -27.19 27.91 -70.83
C GLY A 342 -27.45 26.55 -71.44
N GLY A 343 -28.57 26.43 -72.18
CA GLY A 343 -28.80 25.22 -72.97
C GLY A 343 -27.77 25.05 -74.06
N SER A 344 -27.37 26.16 -74.68
CA SER A 344 -26.28 26.14 -75.65
C SER A 344 -24.93 25.86 -75.00
N ILE A 345 -24.80 26.07 -73.69
CA ILE A 345 -23.64 25.53 -73.02
C ILE A 345 -23.83 24.04 -72.78
N LEU A 346 -25.01 23.65 -72.28
CA LEU A 346 -25.19 22.37 -71.62
C LEU A 346 -25.19 21.22 -72.61
N ALA A 347 -25.82 21.41 -73.77
CA ALA A 347 -25.74 20.40 -74.81
C ALA A 347 -24.37 20.36 -75.47
N SER A 348 -23.61 21.45 -75.39
CA SER A 348 -22.29 21.50 -76.01
C SER A 348 -21.25 20.72 -75.24
N LEU A 349 -21.47 20.45 -73.96
CA LEU A 349 -20.46 19.76 -73.16
C LEU A 349 -20.45 18.27 -73.47
N SER A 350 -19.25 17.70 -73.60
CA SER A 350 -19.11 16.27 -73.81
C SER A 350 -19.39 15.49 -72.53
N THR A 351 -19.27 16.14 -71.37
CA THR A 351 -19.58 15.50 -70.09
C THR A 351 -21.08 15.24 -69.94
N PHE A 352 -21.91 16.05 -70.61
CA PHE A 352 -23.35 15.93 -70.50
C PHE A 352 -23.91 14.82 -71.37
N GLN A 353 -23.15 14.33 -72.35
CA GLN A 353 -23.69 13.54 -73.46
C GLN A 353 -24.10 12.11 -73.10
N GLN A 354 -24.03 11.69 -71.83
CA GLN A 354 -24.54 10.38 -71.44
C GLN A 354 -25.79 10.43 -70.58
N MET A 355 -26.17 11.60 -70.06
CA MET A 355 -27.38 11.71 -69.24
C MET A 355 -28.59 12.17 -70.04
N TRP A 356 -28.54 12.07 -71.37
CA TRP A 356 -29.75 12.21 -72.18
C TRP A 356 -30.71 11.06 -71.88
N ILE A 357 -32.01 11.32 -71.99
CA ILE A 357 -33.01 10.27 -71.89
C ILE A 357 -33.27 9.81 -73.33
N THR A 358 -32.71 8.67 -73.70
CA THR A 358 -32.93 8.18 -75.05
C THR A 358 -34.25 7.41 -75.11
N LYS A 359 -34.54 6.88 -76.30
CA LYS A 359 -35.79 6.18 -76.56
C LYS A 359 -35.90 4.89 -75.77
N GLN A 360 -34.78 4.19 -75.59
CA GLN A 360 -34.77 2.81 -75.08
C GLN A 360 -35.21 2.73 -73.63
N GLU A 361 -34.61 3.56 -72.75
CA GLU A 361 -35.02 3.55 -71.36
C GLU A 361 -36.40 4.15 -71.16
N TYR A 362 -36.89 4.95 -72.11
CA TYR A 362 -38.30 5.32 -72.09
C TYR A 362 -39.18 4.10 -72.41
N ASP A 363 -38.72 3.22 -73.30
CA ASP A 363 -39.52 2.04 -73.64
C ASP A 363 -39.58 1.03 -72.49
N GLU A 364 -38.43 0.68 -71.90
CA GLU A 364 -38.48 -0.18 -70.71
C GLU A 364 -38.50 0.59 -69.40
N ALA A 365 -38.95 1.85 -69.37
CA ALA A 365 -39.22 2.50 -68.09
C ALA A 365 -40.53 3.27 -68.03
N GLY A 366 -41.16 3.61 -69.14
CA GLY A 366 -42.33 4.45 -69.11
C GLY A 366 -41.94 5.91 -69.01
N PRO A 367 -42.92 6.80 -68.82
CA PRO A 367 -42.59 8.23 -68.63
C PRO A 367 -41.84 8.56 -67.35
N SER A 368 -41.96 7.72 -66.31
CA SER A 368 -41.47 8.03 -64.95
C SER A 368 -39.95 8.11 -64.85
N ILE A 369 -39.22 7.68 -65.89
CA ILE A 369 -37.78 7.85 -66.01
C ILE A 369 -37.37 9.33 -65.98
N VAL A 370 -38.27 10.25 -66.37
CA VAL A 370 -37.98 11.68 -66.31
C VAL A 370 -37.82 12.16 -64.86
N HIS A 371 -38.38 11.43 -63.88
CA HIS A 371 -38.09 11.76 -62.49
C HIS A 371 -36.71 11.28 -62.07
N ARG A 372 -36.25 10.15 -62.61
CA ARG A 372 -34.97 9.62 -62.14
C ARG A 372 -33.77 10.25 -62.83
N LYS A 373 -33.91 10.66 -64.09
CA LYS A 373 -32.78 11.24 -64.81
C LYS A 373 -32.71 12.75 -64.64
N CYS A 374 -33.79 13.45 -64.96
CA CYS A 374 -33.83 14.91 -64.89
C CYS A 374 -34.10 15.33 -63.45
N PHE A 375 -33.10 15.96 -62.83
CA PHE A 375 -33.12 16.53 -61.47
C PHE A 375 -33.46 15.49 -60.39
N GLU B 4 -56.79 29.18 0.24
CA GLU B 4 -58.08 28.69 -0.23
C GLU B 4 -58.26 28.94 -1.71
N THR B 5 -57.44 29.84 -2.26
CA THR B 5 -57.53 30.20 -3.67
C THR B 5 -57.02 29.08 -4.56
N THR B 6 -57.46 29.10 -5.81
CA THR B 6 -57.11 28.08 -6.78
C THR B 6 -56.06 28.62 -7.74
N ALA B 7 -55.16 27.74 -8.18
CA ALA B 7 -54.11 28.12 -9.09
C ALA B 7 -54.58 27.97 -10.54
N LEU B 8 -54.11 28.85 -11.40
CA LEU B 8 -54.33 28.72 -12.83
C LEU B 8 -53.17 27.94 -13.45
N VAL B 9 -53.49 27.12 -14.44
CA VAL B 9 -52.49 26.40 -15.22
C VAL B 9 -52.71 26.79 -16.67
N CYS B 10 -51.69 27.38 -17.29
CA CYS B 10 -51.77 27.91 -18.65
C CYS B 10 -50.59 27.38 -19.46
N ASP B 11 -50.81 26.29 -20.19
CA ASP B 11 -49.82 25.79 -21.14
C ASP B 11 -49.85 26.68 -22.37
N ASN B 12 -48.86 27.55 -22.48
CA ASN B 12 -48.71 28.49 -23.58
C ASN B 12 -47.68 28.00 -24.62
N GLY B 13 -48.02 26.87 -25.23
CA GLY B 13 -47.18 26.30 -26.26
C GLY B 13 -47.21 27.11 -27.55
N SER B 14 -46.31 26.74 -28.47
CA SER B 14 -46.07 27.52 -29.68
C SER B 14 -47.21 27.48 -30.67
N GLY B 15 -48.12 26.52 -30.57
CA GLY B 15 -49.24 26.47 -31.49
C GLY B 15 -50.59 26.74 -30.87
N LEU B 16 -50.79 26.25 -29.65
CA LEU B 16 -52.08 26.34 -28.98
C LEU B 16 -51.88 26.84 -27.56
N VAL B 17 -52.94 27.41 -27.00
CA VAL B 17 -52.99 27.83 -25.61
C VAL B 17 -54.05 26.98 -24.92
N LYS B 18 -53.64 26.32 -23.84
CA LYS B 18 -54.52 25.44 -23.07
C LYS B 18 -54.51 25.90 -21.62
N ALA B 19 -55.59 26.51 -21.17
CA ALA B 19 -55.66 27.13 -19.87
C ALA B 19 -56.84 26.60 -19.07
N GLY B 20 -56.65 26.51 -17.76
CA GLY B 20 -57.70 26.03 -16.88
C GLY B 20 -57.30 26.19 -15.44
N PHE B 21 -58.12 25.63 -14.55
CA PHE B 21 -57.83 25.66 -13.13
C PHE B 21 -57.07 24.42 -12.69
N ALA B 22 -56.30 24.57 -11.62
CA ALA B 22 -55.60 23.43 -11.05
C ALA B 22 -56.57 22.52 -10.32
N GLY B 23 -56.25 21.22 -10.32
CA GLY B 23 -57.11 20.22 -9.73
C GLY B 23 -58.11 19.61 -10.69
N ASP B 24 -58.35 20.25 -11.83
CA ASP B 24 -59.23 19.67 -12.83
C ASP B 24 -58.47 18.66 -13.69
N ASP B 25 -59.22 17.87 -14.44
CA ASP B 25 -58.64 16.83 -15.28
C ASP B 25 -58.54 17.20 -16.75
N ALA B 26 -59.28 18.21 -17.21
CA ALA B 26 -59.24 18.65 -18.58
C ALA B 26 -59.22 20.16 -18.61
N PRO B 27 -58.47 20.76 -19.55
CA PRO B 27 -58.46 22.23 -19.63
C PRO B 27 -59.75 22.76 -20.21
N ARG B 28 -60.11 23.97 -19.78
CA ARG B 28 -61.34 24.60 -20.24
C ARG B 28 -61.14 25.40 -21.51
N ALA B 29 -60.13 26.26 -21.55
CA ALA B 29 -59.91 27.15 -22.68
C ALA B 29 -58.79 26.56 -23.54
N VAL B 30 -59.17 25.97 -24.67
CA VAL B 30 -58.19 25.50 -25.65
C VAL B 30 -58.46 26.28 -26.93
N PHE B 31 -57.47 27.07 -27.35
CA PHE B 31 -57.64 27.93 -28.51
C PHE B 31 -56.26 28.19 -29.11
N PRO B 32 -56.15 28.36 -30.44
CA PRO B 32 -54.82 28.52 -31.03
C PRO B 32 -54.23 29.91 -30.79
N SER B 33 -52.90 29.93 -30.70
CA SER B 33 -52.14 31.13 -30.35
C SER B 33 -51.86 31.93 -31.61
N ILE B 34 -52.89 32.60 -32.10
CA ILE B 34 -52.79 33.42 -33.30
C ILE B 34 -53.31 34.82 -33.00
N VAL B 35 -52.77 35.80 -33.72
CA VAL B 35 -53.30 37.16 -33.73
C VAL B 35 -53.56 37.54 -35.17
N GLY B 36 -54.79 37.86 -35.49
CA GLY B 36 -55.17 38.23 -36.84
C GLY B 36 -55.39 39.73 -36.95
N ARG B 37 -54.92 40.31 -38.05
CA ARG B 37 -55.16 41.73 -38.30
C ARG B 37 -55.71 41.89 -39.70
N PRO B 38 -56.63 42.85 -39.90
CA PRO B 38 -57.25 43.01 -41.24
C PRO B 38 -56.26 43.50 -42.29
N ARG B 39 -56.43 42.96 -43.50
CA ARG B 39 -55.54 43.25 -44.60
C ARG B 39 -56.23 43.90 -45.79
N HIS B 40 -57.55 43.97 -45.80
CA HIS B 40 -58.28 44.69 -46.82
C HIS B 40 -58.85 45.98 -46.24
N GLN B 41 -59.48 46.77 -47.10
CA GLN B 41 -60.06 48.04 -46.68
C GLN B 41 -61.47 47.82 -46.14
N GLY B 42 -61.84 48.65 -45.17
CA GLY B 42 -63.17 48.57 -44.59
C GLY B 42 -64.13 49.54 -45.24
N VAL B 43 -65.17 49.02 -45.88
CA VAL B 43 -66.13 49.87 -46.59
C VAL B 43 -67.46 50.00 -45.88
N MET B 44 -67.75 49.15 -44.89
CA MET B 44 -69.02 49.20 -44.19
C MET B 44 -68.88 50.04 -42.93
N VAL B 45 -69.77 51.03 -42.79
CA VAL B 45 -69.77 51.88 -41.60
C VAL B 45 -70.45 51.14 -40.47
N GLY B 46 -69.77 51.06 -39.33
CA GLY B 46 -70.31 50.34 -38.18
C GLY B 46 -69.72 48.94 -38.08
N MET B 47 -70.61 47.94 -37.99
CA MET B 47 -70.38 46.49 -38.03
C MET B 47 -69.65 45.95 -36.79
N GLY B 48 -69.19 46.82 -35.88
CA GLY B 48 -68.39 46.39 -34.75
C GLY B 48 -67.01 45.90 -35.14
N GLN B 49 -66.38 46.60 -36.08
CA GLN B 49 -65.06 46.19 -36.57
C GLN B 49 -63.98 46.53 -35.54
N LYS B 50 -63.04 45.62 -35.36
CA LYS B 50 -61.95 45.78 -34.43
C LYS B 50 -60.62 45.80 -35.16
N ASP B 51 -59.60 46.34 -34.49
CA ASP B 51 -58.27 46.42 -35.08
C ASP B 51 -57.54 45.08 -35.07
N SER B 52 -57.94 44.15 -34.22
CA SER B 52 -57.26 42.85 -34.16
C SER B 52 -58.23 41.81 -33.65
N TYR B 53 -57.91 40.55 -33.92
CA TYR B 53 -58.70 39.41 -33.49
C TYR B 53 -57.77 38.36 -32.89
N VAL B 54 -58.30 37.57 -31.98
CA VAL B 54 -57.49 36.66 -31.18
C VAL B 54 -58.26 35.36 -30.99
N GLY B 55 -57.55 34.23 -31.07
CA GLY B 55 -58.13 32.94 -30.80
C GLY B 55 -59.06 32.44 -31.90
N ASP B 56 -60.14 31.79 -31.46
CA ASP B 56 -61.13 31.19 -32.37
C ASP B 56 -61.83 32.24 -33.23
N GLU B 57 -61.99 33.44 -32.69
CA GLU B 57 -62.56 34.56 -33.46
C GLU B 57 -61.63 34.97 -34.59
N ALA B 58 -60.32 34.82 -34.41
CA ALA B 58 -59.41 35.01 -35.54
C ALA B 58 -59.45 33.81 -36.48
N GLN B 59 -59.84 32.64 -35.97
CA GLN B 59 -59.85 31.44 -36.80
C GLN B 59 -61.05 31.43 -37.73
N SER B 60 -62.21 31.93 -37.26
CA SER B 60 -63.41 31.94 -38.08
C SER B 60 -63.33 32.97 -39.19
N LYS B 61 -62.75 34.15 -38.90
CA LYS B 61 -62.69 35.25 -39.86
C LYS B 61 -61.38 35.29 -40.63
N ARG B 62 -60.71 34.15 -40.80
CA ARG B 62 -59.33 34.12 -41.30
C ARG B 62 -59.21 34.45 -42.78
N GLY B 63 -60.33 34.51 -43.52
CA GLY B 63 -60.28 34.84 -44.94
C GLY B 63 -59.89 36.28 -45.24
N ILE B 64 -60.09 37.19 -44.29
CA ILE B 64 -59.77 38.59 -44.48
C ILE B 64 -58.71 39.06 -43.49
N LEU B 65 -57.92 38.15 -42.94
CA LEU B 65 -56.96 38.48 -41.91
C LEU B 65 -55.58 37.96 -42.26
N THR B 66 -54.56 38.67 -41.81
CA THR B 66 -53.21 38.14 -41.75
C THR B 66 -52.98 37.61 -40.34
N LEU B 67 -52.62 36.33 -40.24
CA LEU B 67 -52.44 35.65 -38.97
C LEU B 67 -50.97 35.59 -38.61
N LYS B 68 -50.66 35.90 -37.34
CA LYS B 68 -49.30 35.85 -36.85
C LYS B 68 -49.23 34.98 -35.61
N TYR B 69 -48.20 34.13 -35.57
CA TYR B 69 -47.87 33.36 -34.39
C TYR B 69 -46.84 34.13 -33.60
N PRO B 70 -47.14 34.58 -32.38
CA PRO B 70 -46.13 35.31 -31.59
C PRO B 70 -45.01 34.43 -31.07
N ILE B 71 -45.22 33.12 -30.96
CA ILE B 71 -44.20 32.21 -30.46
C ILE B 71 -43.64 31.44 -31.64
N GLU B 72 -42.33 31.51 -31.82
CA GLU B 72 -41.66 30.86 -32.94
C GLU B 72 -40.54 29.99 -32.39
N HIC B 73 -40.75 28.68 -32.47
CA HIC B 73 -39.88 27.64 -31.94
C HIC B 73 -39.62 27.80 -30.44
O HIC B 73 -38.51 27.65 -29.93
CB HIC B 73 -38.48 27.52 -32.59
CG HIC B 73 -38.53 27.29 -34.04
ND1 HIC B 73 -39.65 26.80 -34.74
CD2 HIC B 73 -37.48 27.52 -34.95
CE1 HIC B 73 -39.27 26.73 -36.03
NE2 HIC B 73 -37.96 27.18 -36.21
CZ HIC B 73 -37.24 27.25 -37.43
N GLY B 74 -40.68 28.13 -29.73
CA GLY B 74 -40.60 28.29 -28.28
C GLY B 74 -40.28 29.69 -27.80
N ILE B 75 -39.49 30.41 -28.58
CA ILE B 75 -39.10 31.78 -28.24
C ILE B 75 -40.24 32.71 -28.59
N ILE B 76 -40.65 33.54 -27.63
CA ILE B 76 -41.67 34.55 -27.88
C ILE B 76 -41.02 35.70 -28.64
N THR B 77 -41.49 35.94 -29.86
CA THR B 77 -40.90 36.98 -30.69
C THR B 77 -41.62 38.32 -30.51
N ASN B 78 -42.93 38.35 -30.72
CA ASN B 78 -43.73 39.55 -30.59
C ASN B 78 -44.37 39.51 -29.20
N TRP B 79 -44.07 40.52 -28.38
CA TRP B 79 -44.49 40.49 -26.99
C TRP B 79 -45.85 41.14 -26.75
N ASP B 80 -46.22 42.10 -27.60
CA ASP B 80 -47.55 42.72 -27.49
C ASP B 80 -48.65 41.73 -27.84
N ASP B 81 -48.40 40.89 -28.85
CA ASP B 81 -49.36 39.85 -29.23
C ASP B 81 -49.49 38.78 -28.15
N MET B 82 -48.39 38.44 -27.49
CA MET B 82 -48.44 37.46 -26.41
C MET B 82 -49.14 38.02 -25.18
N GLU B 83 -48.94 39.33 -24.93
CA GLU B 83 -49.68 40.03 -23.87
C GLU B 83 -51.16 40.07 -24.18
N LYS B 84 -51.52 40.26 -25.45
CA LYS B 84 -52.92 40.28 -25.85
C LYS B 84 -53.57 38.90 -25.72
N ILE B 85 -52.80 37.84 -26.02
CA ILE B 85 -53.29 36.47 -25.84
C ILE B 85 -53.46 36.14 -24.36
N TRP B 86 -52.55 36.62 -23.50
CA TRP B 86 -52.71 36.42 -22.05
C TRP B 86 -53.90 37.19 -21.50
N HIS B 87 -54.14 38.41 -22.00
CA HIS B 87 -55.33 39.18 -21.62
C HIS B 87 -56.61 38.49 -22.07
N HIS B 88 -56.57 37.88 -23.26
CA HIS B 88 -57.72 37.12 -23.77
C HIS B 88 -58.01 35.88 -22.92
N THR B 89 -56.96 35.13 -22.57
CA THR B 89 -57.21 33.91 -21.81
C THR B 89 -57.50 34.18 -20.34
N PHE B 90 -57.14 35.35 -19.81
CA PHE B 90 -57.56 35.68 -18.46
C PHE B 90 -58.99 36.24 -18.44
N TYR B 91 -59.24 37.29 -19.21
CA TYR B 91 -60.49 38.03 -19.03
C TYR B 91 -61.62 37.45 -19.86
N ASN B 92 -61.35 37.07 -21.11
CA ASN B 92 -62.43 36.66 -21.98
C ASN B 92 -62.72 35.16 -21.93
N GLU B 93 -61.69 34.32 -21.84
CA GLU B 93 -61.91 32.88 -21.89
C GLU B 93 -62.31 32.32 -20.53
N LEU B 94 -61.45 32.49 -19.52
CA LEU B 94 -61.69 31.88 -18.22
C LEU B 94 -62.63 32.69 -17.34
N ARG B 95 -62.90 33.96 -17.71
CA ARG B 95 -63.68 34.95 -16.94
C ARG B 95 -63.10 35.14 -15.53
N VAL B 96 -61.78 35.32 -15.47
CA VAL B 96 -61.05 35.33 -14.20
C VAL B 96 -60.29 36.65 -14.07
N ALA B 97 -60.48 37.33 -12.94
CA ALA B 97 -59.60 38.43 -12.57
C ALA B 97 -58.30 37.85 -12.05
N PRO B 98 -57.16 38.13 -12.69
CA PRO B 98 -55.92 37.43 -12.37
C PRO B 98 -55.14 38.01 -11.21
N GLU B 99 -55.64 39.03 -10.52
CA GLU B 99 -54.88 39.63 -9.42
C GLU B 99 -54.97 38.84 -8.13
N GLU B 100 -55.80 37.80 -8.06
CA GLU B 100 -55.94 37.02 -6.84
C GLU B 100 -55.91 35.51 -7.08
N HIS B 101 -55.58 35.06 -8.28
CA HIS B 101 -55.26 33.66 -8.56
C HIS B 101 -53.79 33.56 -8.95
N PRO B 102 -52.99 32.71 -8.30
CA PRO B 102 -51.65 32.43 -8.82
C PRO B 102 -51.73 31.61 -10.09
N THR B 103 -50.69 31.70 -10.92
CA THR B 103 -50.69 31.08 -12.23
C THR B 103 -49.44 30.25 -12.45
N LEU B 104 -49.58 29.19 -13.22
CA LEU B 104 -48.46 28.31 -13.56
C LEU B 104 -48.25 28.31 -15.06
N LEU B 105 -46.99 28.48 -15.49
CA LEU B 105 -46.64 28.58 -16.90
C LEU B 105 -45.63 27.50 -17.25
N THR B 106 -45.58 27.14 -18.53
CA THR B 106 -44.75 26.06 -19.03
C THR B 106 -43.75 26.61 -20.05
N GLU B 107 -42.60 25.95 -20.13
CA GLU B 107 -41.55 26.39 -21.06
C GLU B 107 -40.68 25.20 -21.43
N ALA B 108 -40.31 25.14 -22.71
CA ALA B 108 -39.40 24.15 -23.26
C ALA B 108 -37.98 24.41 -22.73
N PRO B 109 -37.17 23.37 -22.53
CA PRO B 109 -35.81 23.59 -22.05
C PRO B 109 -34.89 24.09 -23.16
N LEU B 110 -33.74 24.60 -22.71
CA LEU B 110 -32.68 25.24 -23.53
C LEU B 110 -33.18 26.47 -24.29
N ASN B 111 -34.23 27.12 -23.80
CA ASN B 111 -34.68 28.41 -24.27
C ASN B 111 -33.74 29.51 -23.76
N PRO B 112 -33.62 30.65 -24.47
CA PRO B 112 -32.82 31.74 -23.93
C PRO B 112 -33.49 32.37 -22.72
N LYS B 113 -32.65 32.93 -21.84
CA LYS B 113 -33.10 33.37 -20.53
C LYS B 113 -33.99 34.59 -20.63
N ALA B 114 -33.79 35.42 -21.66
CA ALA B 114 -34.43 36.74 -21.76
C ALA B 114 -35.93 36.67 -21.97
N ASN B 115 -36.45 35.54 -22.48
CA ASN B 115 -37.90 35.32 -22.47
C ASN B 115 -38.41 35.22 -21.04
N ARG B 116 -37.72 34.42 -20.21
CA ARG B 116 -38.19 33.97 -18.91
C ARG B 116 -38.42 35.12 -17.95
N GLU B 117 -37.45 36.04 -17.84
CA GLU B 117 -37.60 37.23 -16.99
C GLU B 117 -38.74 38.11 -17.47
N LYS B 118 -38.87 38.26 -18.79
CA LYS B 118 -39.97 39.02 -19.34
C LYS B 118 -41.28 38.30 -19.10
N MET B 119 -41.25 36.96 -19.12
CA MET B 119 -42.40 36.16 -18.75
C MET B 119 -42.72 36.32 -17.28
N THR B 120 -41.71 36.60 -16.46
CA THR B 120 -41.98 37.00 -15.09
C THR B 120 -42.55 38.42 -15.03
N GLN B 121 -41.95 39.34 -15.81
CA GLN B 121 -42.10 40.78 -15.58
C GLN B 121 -43.52 41.26 -15.84
N ILE B 122 -44.05 40.96 -17.03
CA ILE B 122 -45.43 41.33 -17.32
C ILE B 122 -46.43 40.36 -16.72
N MET B 123 -45.99 39.33 -15.99
CA MET B 123 -46.91 38.65 -15.10
C MET B 123 -47.09 39.41 -13.81
N PHE B 124 -46.08 40.15 -13.37
CA PHE B 124 -46.17 40.84 -12.09
C PHE B 124 -46.51 42.31 -12.23
N GLU B 125 -46.05 42.97 -13.28
CA GLU B 125 -46.27 44.40 -13.40
C GLU B 125 -47.56 44.72 -14.14
N THR B 126 -47.95 43.90 -15.10
CA THR B 126 -49.16 44.16 -15.89
C THR B 126 -50.39 43.53 -15.26
N PHE B 127 -50.39 42.20 -15.10
CA PHE B 127 -51.56 41.51 -14.59
C PHE B 127 -51.61 41.47 -13.07
N ASN B 128 -50.46 41.64 -12.40
CA ASN B 128 -50.31 41.72 -10.93
C ASN B 128 -50.80 40.45 -10.23
N VAL B 129 -50.26 39.31 -10.63
CA VAL B 129 -50.60 38.02 -10.03
C VAL B 129 -49.98 37.96 -8.63
N PRO B 130 -50.57 37.21 -7.69
CA PRO B 130 -49.92 37.10 -6.36
C PRO B 130 -48.70 36.21 -6.36
N ALA B 131 -48.66 35.19 -7.22
CA ALA B 131 -47.50 34.29 -7.32
C ALA B 131 -47.50 33.68 -8.70
N MET B 132 -46.34 33.17 -9.11
CA MET B 132 -46.19 32.49 -10.39
C MET B 132 -45.02 31.53 -10.32
N TYR B 133 -44.95 30.64 -11.32
CA TYR B 133 -43.94 29.62 -11.43
C TYR B 133 -43.84 29.17 -12.87
N VAL B 134 -42.64 28.81 -13.30
CA VAL B 134 -42.38 28.34 -14.66
C VAL B 134 -41.82 26.93 -14.56
N ALA B 135 -42.41 26.00 -15.31
CA ALA B 135 -42.03 24.60 -15.25
C ALA B 135 -41.61 24.09 -16.62
N ILE B 136 -40.85 23.00 -16.60
CA ILE B 136 -40.40 22.31 -17.80
C ILE B 136 -41.48 21.31 -18.20
N GLN B 137 -41.75 21.21 -19.50
CA GLN B 137 -42.89 20.47 -20.02
C GLN B 137 -42.76 18.95 -19.82
N ALA B 138 -41.54 18.42 -19.95
CA ALA B 138 -41.32 16.99 -19.84
C ALA B 138 -41.49 16.49 -18.41
N VAL B 139 -41.14 17.33 -17.44
CA VAL B 139 -41.35 17.03 -16.02
C VAL B 139 -42.84 16.93 -15.72
N LEU B 140 -43.63 17.82 -16.31
CA LEU B 140 -45.09 17.73 -16.17
C LEU B 140 -45.66 16.55 -16.93
N SER B 141 -45.00 16.11 -18.01
CA SER B 141 -45.42 14.88 -18.67
C SER B 141 -45.22 13.65 -17.77
N LEU B 142 -44.11 13.62 -17.02
CA LEU B 142 -43.94 12.55 -16.04
C LEU B 142 -44.88 12.69 -14.85
N TYR B 143 -45.26 13.92 -14.49
CA TYR B 143 -46.27 14.13 -13.46
C TYR B 143 -47.64 13.58 -13.89
N ALA B 144 -48.01 13.79 -15.15
CA ALA B 144 -49.26 13.24 -15.65
C ALA B 144 -49.20 11.73 -15.84
N SER B 145 -48.01 11.22 -16.18
CA SER B 145 -47.86 9.78 -16.36
C SER B 145 -47.96 8.99 -15.07
N GLY B 146 -47.75 9.64 -13.92
CA GLY B 146 -47.89 8.97 -12.65
C GLY B 146 -46.65 8.21 -12.21
N ARG B 147 -45.55 8.32 -12.93
CA ARG B 147 -44.34 7.62 -12.58
C ARG B 147 -43.19 8.61 -12.47
N THR B 148 -42.09 8.15 -11.88
CA THR B 148 -40.98 9.02 -11.56
C THR B 148 -39.73 8.74 -12.38
N THR B 149 -39.72 7.68 -13.18
CA THR B 149 -38.57 7.31 -13.99
C THR B 149 -38.99 7.20 -15.45
N GLY B 150 -38.26 7.87 -16.33
CA GLY B 150 -38.49 7.73 -17.75
C GLY B 150 -37.80 8.81 -18.53
N ILE B 151 -37.77 8.62 -19.84
CA ILE B 151 -37.26 9.60 -20.78
C ILE B 151 -38.44 10.10 -21.60
N VAL B 152 -38.60 11.41 -21.67
CA VAL B 152 -39.77 12.01 -22.29
C VAL B 152 -39.36 12.62 -23.62
N LEU B 153 -40.04 12.21 -24.68
CA LEU B 153 -40.00 12.85 -25.98
C LEU B 153 -41.24 13.72 -26.09
N ASP B 154 -41.07 15.03 -25.93
CA ASP B 154 -42.17 15.96 -26.06
C ASP B 154 -41.98 16.73 -27.36
N SER B 155 -42.94 16.60 -28.27
CA SER B 155 -42.89 17.28 -29.55
C SER B 155 -44.20 18.02 -29.75
N GLY B 156 -44.10 19.35 -29.87
CA GLY B 156 -45.28 20.17 -30.03
C GLY B 156 -45.37 20.79 -31.40
N ASP B 157 -45.61 22.10 -31.47
CA ASP B 157 -45.70 22.77 -32.75
C ASP B 157 -44.35 23.38 -33.14
N GLY B 158 -43.51 23.71 -32.17
CA GLY B 158 -42.22 24.29 -32.50
C GLY B 158 -40.97 23.61 -32.00
N VAL B 159 -41.05 22.89 -30.88
CA VAL B 159 -39.86 22.35 -30.21
C VAL B 159 -40.08 20.85 -30.00
N THR B 160 -39.07 20.05 -30.33
CA THR B 160 -39.08 18.62 -30.02
C THR B 160 -37.89 18.34 -29.10
N HIS B 161 -38.16 17.95 -27.86
CA HIS B 161 -37.08 17.78 -26.90
C HIS B 161 -37.18 16.47 -26.14
N ASN B 162 -36.01 15.90 -25.84
CA ASN B 162 -35.88 14.68 -25.05
C ASN B 162 -35.27 15.05 -23.70
N VAL B 163 -35.92 14.62 -22.62
CA VAL B 163 -35.44 14.84 -21.26
C VAL B 163 -35.46 13.52 -20.51
N PRO B 164 -34.31 13.02 -20.03
CA PRO B 164 -34.32 11.83 -19.17
C PRO B 164 -34.29 12.14 -17.68
N ILE B 165 -35.17 11.49 -16.93
CA ILE B 165 -35.28 11.65 -15.49
C ILE B 165 -35.30 10.27 -14.85
N TYR B 166 -34.44 10.05 -13.86
CA TYR B 166 -34.39 8.78 -13.14
C TYR B 166 -34.57 9.07 -11.66
N GLU B 167 -35.63 8.48 -11.07
CA GLU B 167 -36.00 8.60 -9.65
C GLU B 167 -36.19 10.05 -9.20
N GLY B 168 -36.72 10.87 -10.08
CA GLY B 168 -36.93 12.27 -9.76
C GLY B 168 -35.73 13.16 -9.94
N TYR B 169 -34.61 12.64 -10.44
CA TYR B 169 -33.41 13.42 -10.67
C TYR B 169 -33.21 13.58 -12.17
N ALA B 170 -33.32 14.81 -12.66
CA ALA B 170 -33.06 15.08 -14.05
C ALA B 170 -31.56 15.09 -14.33
N LEU B 171 -31.20 14.77 -15.57
CA LEU B 171 -29.81 14.79 -16.01
C LEU B 171 -29.70 15.90 -17.06
N PRO B 172 -29.23 17.09 -16.68
CA PRO B 172 -29.24 18.23 -17.62
C PRO B 172 -28.27 18.12 -18.77
N HIS B 173 -27.20 17.32 -18.63
CA HIS B 173 -26.25 17.17 -19.72
C HIS B 173 -26.78 16.29 -20.84
N ALA B 174 -27.83 15.50 -20.61
CA ALA B 174 -28.39 14.62 -21.62
C ALA B 174 -29.67 15.15 -22.24
N ILE B 175 -30.09 16.37 -21.90
CA ILE B 175 -31.27 16.96 -22.53
C ILE B 175 -30.94 17.32 -23.97
N MET B 176 -31.77 16.85 -24.91
CA MET B 176 -31.60 17.13 -26.32
C MET B 176 -32.74 18.00 -26.80
N ARG B 177 -32.42 19.01 -27.59
CA ARG B 177 -33.42 19.88 -28.21
C ARG B 177 -33.25 19.82 -29.72
N LEU B 178 -34.37 19.78 -30.43
CA LEU B 178 -34.37 19.72 -31.88
C LEU B 178 -35.50 20.61 -32.36
N ASP B 179 -35.17 21.59 -33.20
CA ASP B 179 -36.16 22.53 -33.73
C ASP B 179 -36.81 21.96 -35.00
N LEU B 180 -37.56 20.88 -34.80
CA LEU B 180 -38.29 20.23 -35.87
C LEU B 180 -39.59 19.72 -35.27
N ALA B 181 -40.70 20.34 -35.61
CA ALA B 181 -41.98 19.97 -35.03
C ALA B 181 -43.07 20.28 -36.07
N GLY B 182 -44.28 20.54 -35.58
CA GLY B 182 -45.47 20.51 -36.43
C GLY B 182 -45.54 21.59 -37.50
N ARG B 183 -44.98 22.77 -37.23
CA ARG B 183 -44.97 23.84 -38.23
C ARG B 183 -44.06 23.48 -39.40
N ASP B 184 -42.92 22.83 -39.12
CA ASP B 184 -42.00 22.40 -40.17
C ASP B 184 -42.61 21.29 -41.02
N LEU B 185 -43.36 20.38 -40.37
CA LEU B 185 -44.10 19.36 -41.10
C LEU B 185 -45.20 19.97 -41.96
N THR B 186 -45.85 21.03 -41.46
CA THR B 186 -46.87 21.73 -42.23
C THR B 186 -46.27 22.41 -43.46
N ASP B 187 -45.11 23.06 -43.31
CA ASP B 187 -44.44 23.70 -44.45
C ASP B 187 -43.94 22.68 -45.46
N TYR B 188 -43.47 21.51 -44.98
CA TYR B 188 -43.06 20.45 -45.90
C TYR B 188 -44.25 19.88 -46.65
N LEU B 189 -45.41 19.78 -45.99
CA LEU B 189 -46.61 19.30 -46.66
C LEU B 189 -47.13 20.31 -47.68
N MET B 190 -47.00 21.62 -47.42
CA MET B 190 -47.30 22.61 -48.45
C MET B 190 -46.31 22.54 -49.61
N LYS B 191 -45.07 22.16 -49.33
CA LYS B 191 -44.09 22.04 -50.41
C LYS B 191 -44.40 20.84 -51.31
N ILE B 192 -44.71 19.68 -50.72
CA ILE B 192 -44.91 18.51 -51.55
C ILE B 192 -46.31 18.40 -52.12
N LEU B 193 -47.26 19.22 -51.68
CA LEU B 193 -48.58 19.21 -52.29
C LEU B 193 -48.62 19.89 -53.65
N THR B 194 -47.59 20.66 -54.01
CA THR B 194 -47.51 21.27 -55.33
C THR B 194 -47.19 20.26 -56.42
N GLU B 195 -46.74 19.05 -56.05
CA GLU B 195 -46.49 17.99 -57.02
C GLU B 195 -47.77 17.52 -57.69
N ARG B 196 -48.88 17.52 -56.97
CA ARG B 196 -50.18 17.16 -57.51
C ARG B 196 -50.95 18.36 -58.05
N GLY B 197 -50.38 19.56 -58.00
CA GLY B 197 -51.01 20.73 -58.57
C GLY B 197 -51.85 21.55 -57.61
N TYR B 198 -51.71 21.35 -56.31
CA TYR B 198 -52.46 22.11 -55.31
C TYR B 198 -51.55 23.16 -54.70
N SER B 199 -51.87 24.43 -54.90
CA SER B 199 -51.07 25.53 -54.41
C SER B 199 -51.66 26.09 -53.12
N PHE B 200 -50.82 26.22 -52.10
CA PHE B 200 -51.24 26.74 -50.80
C PHE B 200 -50.16 27.71 -50.32
N VAL B 201 -50.39 29.01 -50.49
CA VAL B 201 -49.37 30.02 -50.29
C VAL B 201 -49.68 30.97 -49.14
N THR B 202 -50.96 31.28 -48.88
CA THR B 202 -51.25 32.28 -47.87
C THR B 202 -51.23 31.65 -46.48
N THR B 203 -51.23 32.52 -45.46
CA THR B 203 -51.16 32.02 -44.09
C THR B 203 -52.52 31.56 -43.59
N ALA B 204 -53.60 31.92 -44.28
CA ALA B 204 -54.92 31.40 -43.91
C ALA B 204 -55.05 29.93 -44.27
N GLU B 205 -54.54 29.54 -45.44
CA GLU B 205 -54.64 28.17 -45.92
C GLU B 205 -53.52 27.27 -45.39
N ARG B 206 -52.57 27.84 -44.65
CA ARG B 206 -51.68 27.02 -43.83
C ARG B 206 -52.46 26.25 -42.76
N GLU B 207 -53.52 26.85 -42.23
CA GLU B 207 -54.41 26.17 -41.30
C GLU B 207 -55.18 25.04 -41.97
N ILE B 208 -55.52 25.21 -43.26
CA ILE B 208 -56.18 24.17 -44.03
C ILE B 208 -55.23 22.97 -44.24
N VAL B 209 -53.98 23.27 -44.58
CA VAL B 209 -52.96 22.21 -44.73
C VAL B 209 -52.65 21.54 -43.39
N ARG B 210 -52.70 22.31 -42.29
CA ARG B 210 -52.57 21.74 -40.95
C ARG B 210 -53.72 20.80 -40.62
N ASP B 211 -54.93 21.15 -41.08
CA ASP B 211 -56.08 20.28 -40.88
C ASP B 211 -55.95 18.99 -41.71
N ILE B 212 -55.40 19.10 -42.93
CA ILE B 212 -55.12 17.91 -43.76
C ILE B 212 -54.09 17.02 -43.09
N LYS B 213 -53.06 17.61 -42.50
CA LYS B 213 -52.05 16.88 -41.74
C LYS B 213 -52.64 16.20 -40.52
N GLU B 214 -53.56 16.87 -39.83
CA GLU B 214 -54.20 16.27 -38.66
C GLU B 214 -55.12 15.11 -39.04
N LYS B 215 -55.84 15.23 -40.16
CA LYS B 215 -56.82 14.21 -40.49
C LYS B 215 -56.23 13.00 -41.22
N LEU B 216 -55.30 13.21 -42.15
CA LEU B 216 -55.00 12.16 -43.12
C LEU B 216 -53.58 11.61 -43.06
N CYS B 217 -52.72 12.12 -42.20
CA CYS B 217 -51.33 11.67 -42.17
C CYS B 217 -51.12 10.58 -41.12
N TYR B 218 -50.16 9.70 -41.40
CA TYR B 218 -49.83 8.60 -40.51
C TYR B 218 -48.37 8.23 -40.72
N VAL B 219 -47.78 7.61 -39.70
CA VAL B 219 -46.40 7.16 -39.77
C VAL B 219 -46.38 5.75 -40.36
N ALA B 220 -45.66 5.57 -41.46
CA ALA B 220 -45.50 4.25 -42.05
C ALA B 220 -44.54 3.42 -41.22
N LEU B 221 -44.80 2.11 -41.16
CA LEU B 221 -43.93 1.21 -40.40
C LEU B 221 -42.58 1.02 -41.07
N ASP B 222 -42.59 0.76 -42.37
CA ASP B 222 -41.36 0.68 -43.15
C ASP B 222 -41.59 1.56 -44.37
N PHE B 223 -40.61 2.43 -44.68
CA PHE B 223 -40.83 3.47 -45.68
C PHE B 223 -40.79 2.94 -47.11
N GLU B 224 -39.85 2.02 -47.40
CA GLU B 224 -39.56 1.65 -48.78
C GLU B 224 -40.67 0.79 -49.39
N ASN B 225 -41.16 -0.20 -48.64
CA ASN B 225 -42.23 -1.03 -49.17
C ASN B 225 -43.56 -0.28 -49.18
N GLU B 226 -43.73 0.70 -48.29
CA GLU B 226 -44.90 1.55 -48.33
C GLU B 226 -44.89 2.44 -49.57
N MET B 227 -43.71 2.95 -49.95
CA MET B 227 -43.59 3.68 -51.21
C MET B 227 -43.81 2.78 -52.41
N ALA B 228 -43.34 1.53 -52.32
CA ALA B 228 -43.54 0.56 -53.40
C ALA B 228 -45.02 0.21 -53.59
N THR B 229 -45.75 0.00 -52.49
CA THR B 229 -47.17 -0.28 -52.62
C THR B 229 -48.00 0.97 -52.88
N ALA B 230 -47.45 2.16 -52.62
CA ALA B 230 -48.11 3.38 -53.06
C ALA B 230 -47.97 3.55 -54.57
N ALA B 231 -46.81 3.18 -55.12
CA ALA B 231 -46.62 3.30 -56.56
C ALA B 231 -47.40 2.24 -57.33
N SER B 232 -47.57 1.06 -56.76
CA SER B 232 -48.13 -0.09 -57.48
C SER B 232 -49.64 -0.23 -57.33
N SER B 233 -50.30 0.65 -56.59
CA SER B 233 -51.73 0.51 -56.35
C SER B 233 -52.32 1.89 -56.11
N SER B 234 -53.60 1.92 -55.71
CA SER B 234 -54.26 3.18 -55.40
C SER B 234 -55.12 3.07 -54.15
N SER B 235 -54.90 2.06 -53.31
CA SER B 235 -55.68 1.89 -52.09
C SER B 235 -55.28 2.86 -50.99
N LEU B 236 -54.07 3.44 -51.07
CA LEU B 236 -53.59 4.36 -50.04
C LEU B 236 -54.13 5.76 -50.21
N GLU B 237 -54.75 6.08 -51.35
CA GLU B 237 -55.21 7.43 -51.61
C GLU B 237 -56.45 7.76 -50.79
N LYS B 238 -56.52 9.01 -50.33
CA LYS B 238 -57.67 9.50 -49.59
C LYS B 238 -58.07 10.87 -50.11
N SER B 239 -59.34 11.22 -49.93
CA SER B 239 -59.89 12.46 -50.41
C SER B 239 -60.23 13.39 -49.25
N TYR B 240 -60.08 14.68 -49.50
CA TYR B 240 -60.35 15.73 -48.52
C TYR B 240 -61.15 16.84 -49.20
N GLU B 241 -62.10 17.40 -48.47
CA GLU B 241 -62.96 18.44 -49.01
C GLU B 241 -62.55 19.80 -48.45
N LEU B 242 -62.13 20.70 -49.35
CA LEU B 242 -61.83 22.08 -49.01
C LEU B 242 -63.11 22.83 -48.66
N PRO B 243 -63.03 23.89 -47.84
CA PRO B 243 -64.27 24.59 -47.45
C PRO B 243 -64.95 25.39 -48.56
N ASP B 244 -64.31 25.61 -49.71
CA ASP B 244 -65.07 26.15 -50.82
C ASP B 244 -65.97 25.10 -51.49
N GLY B 245 -65.52 23.85 -51.54
CA GLY B 245 -66.26 22.80 -52.19
C GLY B 245 -65.40 21.85 -52.99
N GLN B 246 -64.17 22.28 -53.28
CA GLN B 246 -63.23 21.47 -54.05
C GLN B 246 -62.75 20.28 -53.25
N VAL B 247 -62.54 19.16 -53.94
CA VAL B 247 -62.12 17.90 -53.33
C VAL B 247 -60.75 17.53 -53.90
N ILE B 248 -59.79 17.30 -53.01
CA ILE B 248 -58.46 16.89 -53.41
C ILE B 248 -58.23 15.45 -52.99
N THR B 249 -57.24 14.83 -53.61
CA THR B 249 -56.88 13.43 -53.35
C THR B 249 -55.38 13.34 -53.16
N ILE B 250 -54.95 12.73 -52.05
CA ILE B 250 -53.54 12.60 -51.73
C ILE B 250 -53.21 11.13 -51.59
N GLY B 251 -51.99 10.76 -51.98
CA GLY B 251 -51.53 9.39 -51.96
C GLY B 251 -50.36 9.16 -51.02
N ASN B 252 -49.13 9.19 -51.57
CA ASN B 252 -47.94 8.96 -50.78
C ASN B 252 -47.55 10.14 -49.87
N GLU B 253 -48.23 11.28 -50.00
CA GLU B 253 -48.00 12.43 -49.13
C GLU B 253 -48.50 12.20 -47.72
N ARG B 254 -49.32 11.18 -47.49
CA ARG B 254 -49.84 10.87 -46.15
C ARG B 254 -48.72 10.43 -45.21
N PHE B 255 -47.79 9.61 -45.70
CA PHE B 255 -46.72 9.12 -44.86
C PHE B 255 -45.37 9.77 -45.15
N ARG B 256 -45.25 10.55 -46.22
CA ARG B 256 -44.00 11.23 -46.48
C ARG B 256 -43.80 12.43 -45.56
N CYS B 257 -44.89 13.02 -45.09
CA CYS B 257 -44.79 14.19 -44.23
C CYS B 257 -44.46 13.87 -42.77
N PRO B 258 -44.97 12.80 -42.12
CA PRO B 258 -44.35 12.40 -40.84
C PRO B 258 -42.94 11.85 -40.93
N GLU B 259 -42.46 11.45 -42.12
CA GLU B 259 -41.14 10.84 -42.26
C GLU B 259 -40.00 11.84 -42.03
N THR B 260 -40.29 13.13 -42.09
CA THR B 260 -39.32 14.18 -41.77
C THR B 260 -38.88 14.11 -40.30
N LEU B 261 -39.76 13.61 -39.42
CA LEU B 261 -39.38 13.36 -38.03
C LEU B 261 -38.33 12.26 -37.91
N PHE B 262 -38.34 11.29 -38.82
CA PHE B 262 -37.35 10.22 -38.79
C PHE B 262 -36.23 10.40 -39.80
N GLN B 263 -36.49 11.08 -40.92
CA GLN B 263 -35.49 11.39 -41.93
C GLN B 263 -35.49 12.89 -42.12
N PRO B 264 -34.77 13.64 -41.27
CA PRO B 264 -34.82 15.10 -41.34
C PRO B 264 -33.95 15.73 -42.42
N SER B 265 -33.36 14.94 -43.31
CA SER B 265 -32.70 15.49 -44.48
C SER B 265 -33.68 15.86 -45.60
N PHE B 266 -34.97 15.56 -45.42
CA PHE B 266 -35.99 15.93 -46.40
C PHE B 266 -36.15 17.45 -46.47
N ILE B 267 -36.04 18.13 -45.34
CA ILE B 267 -36.08 19.58 -45.30
C ILE B 267 -34.68 20.18 -45.23
N GLY B 268 -33.65 19.42 -45.60
CA GLY B 268 -32.31 19.94 -45.70
C GLY B 268 -31.53 20.01 -44.41
N MET B 269 -32.07 19.50 -43.31
CA MET B 269 -31.41 19.61 -42.01
C MET B 269 -30.41 18.49 -41.82
N GLU B 270 -29.24 18.84 -41.29
CA GLU B 270 -28.15 17.87 -41.16
C GLU B 270 -28.34 16.92 -39.98
N SER B 271 -29.21 17.28 -39.03
CA SER B 271 -29.32 16.57 -37.76
C SER B 271 -29.98 15.20 -37.92
N ALA B 272 -30.13 14.50 -36.80
CA ALA B 272 -30.62 13.13 -36.79
C ALA B 272 -32.11 13.08 -36.46
N GLY B 273 -32.70 11.92 -36.69
CA GLY B 273 -34.11 11.71 -36.41
C GLY B 273 -34.37 11.54 -34.93
N ILE B 274 -35.66 11.44 -34.60
CA ILE B 274 -36.09 11.42 -33.20
C ILE B 274 -35.71 10.10 -32.52
N HIS B 275 -35.66 9.00 -33.29
CA HIS B 275 -35.19 7.72 -32.75
C HIS B 275 -33.71 7.75 -32.42
N GLU B 276 -32.90 8.37 -33.32
CA GLU B 276 -31.48 8.52 -33.07
C GLU B 276 -31.22 9.49 -31.93
N THR B 277 -32.03 10.55 -31.84
CA THR B 277 -31.91 11.54 -30.77
C THR B 277 -32.24 10.94 -29.41
N THR B 278 -33.28 10.10 -29.34
CA THR B 278 -33.61 9.39 -28.12
C THR B 278 -32.54 8.37 -27.75
N TYR B 279 -31.95 7.70 -28.75
CA TYR B 279 -30.90 6.73 -28.48
C TYR B 279 -29.62 7.40 -27.98
N ASN B 280 -29.25 8.55 -28.55
CA ASN B 280 -28.08 9.28 -28.05
C ASN B 280 -28.36 9.91 -26.68
N SER B 281 -29.61 10.29 -26.41
CA SER B 281 -29.94 10.82 -25.10
C SER B 281 -29.88 9.73 -24.02
N ILE B 282 -30.28 8.51 -24.37
CA ILE B 282 -30.14 7.38 -23.45
C ILE B 282 -28.66 7.02 -23.28
N MET B 283 -27.90 7.02 -24.37
CA MET B 283 -26.51 6.58 -24.33
C MET B 283 -25.58 7.61 -23.69
N LYS B 284 -26.00 8.87 -23.57
CA LYS B 284 -25.23 9.85 -22.82
C LYS B 284 -25.47 9.77 -21.32
N CYS B 285 -26.45 9.01 -20.88
CA CYS B 285 -26.73 8.86 -19.47
C CYS B 285 -25.78 7.83 -18.84
N ASP B 286 -25.90 7.67 -17.53
CA ASP B 286 -25.05 6.76 -16.79
C ASP B 286 -25.42 5.31 -17.09
N ILE B 287 -24.45 4.42 -16.84
CA ILE B 287 -24.50 3.05 -17.35
C ILE B 287 -25.59 2.21 -16.66
N ASP B 288 -25.88 2.47 -15.39
CA ASP B 288 -26.82 1.63 -14.67
C ASP B 288 -28.27 1.99 -14.97
N ILE B 289 -28.55 3.26 -15.27
CA ILE B 289 -29.94 3.69 -15.35
C ILE B 289 -30.56 3.44 -16.72
N ARG B 290 -29.78 2.96 -17.70
CA ARG B 290 -30.30 2.73 -19.04
C ARG B 290 -31.28 1.56 -19.12
N LYS B 291 -31.27 0.67 -18.13
CA LYS B 291 -32.22 -0.45 -18.05
C LYS B 291 -33.65 0.06 -17.95
N ASP B 292 -33.88 1.10 -17.16
CA ASP B 292 -35.23 1.63 -16.98
C ASP B 292 -35.61 2.62 -18.07
N LEU B 293 -34.63 3.30 -18.66
CA LEU B 293 -34.94 4.30 -19.68
C LEU B 293 -35.40 3.67 -21.01
N TYR B 294 -34.94 2.46 -21.32
CA TYR B 294 -35.48 1.77 -22.50
C TYR B 294 -36.93 1.34 -22.26
N ALA B 295 -37.28 1.02 -21.02
CA ALA B 295 -38.60 0.48 -20.71
C ALA B 295 -39.62 1.55 -20.33
N ASN B 296 -39.24 2.83 -20.36
CA ASN B 296 -40.14 3.90 -19.96
C ASN B 296 -40.04 5.10 -20.91
N ASN B 297 -40.11 4.83 -22.20
CA ASN B 297 -40.23 5.91 -23.18
C ASN B 297 -41.63 6.49 -23.12
N VAL B 298 -41.72 7.78 -22.82
CA VAL B 298 -43.00 8.47 -22.67
C VAL B 298 -43.11 9.52 -23.77
N MET B 299 -44.22 9.51 -24.50
CA MET B 299 -44.47 10.52 -25.52
C MET B 299 -45.56 11.47 -25.06
N SER B 300 -45.44 12.71 -25.54
CA SER B 300 -46.41 13.74 -25.23
C SER B 300 -46.40 14.77 -26.35
N GLY B 301 -47.48 15.53 -26.44
CA GLY B 301 -47.60 16.54 -27.46
C GLY B 301 -48.43 16.09 -28.65
N GLY B 302 -48.92 17.07 -29.41
CA GLY B 302 -49.78 16.79 -30.54
C GLY B 302 -49.06 16.19 -31.73
N THR B 303 -47.76 16.42 -31.85
CA THR B 303 -46.99 15.86 -32.95
C THR B 303 -46.78 14.34 -32.78
N THR B 304 -47.03 13.81 -31.60
CA THR B 304 -47.10 12.37 -31.43
C THR B 304 -48.50 11.81 -31.61
N MET B 305 -49.43 12.55 -32.21
CA MET B 305 -50.76 11.99 -32.48
C MET B 305 -50.87 11.19 -33.76
N TYR B 306 -49.79 11.00 -34.53
CA TYR B 306 -49.92 10.24 -35.78
C TYR B 306 -50.14 8.77 -35.47
N PRO B 307 -50.99 8.09 -36.25
CA PRO B 307 -51.12 6.63 -36.10
C PRO B 307 -49.85 5.91 -36.50
N GLY B 308 -49.45 4.94 -35.68
CA GLY B 308 -48.31 4.12 -35.96
C GLY B 308 -46.97 4.68 -35.57
N ILE B 309 -46.92 5.80 -34.85
CA ILE B 309 -45.63 6.38 -34.47
C ILE B 309 -44.98 5.56 -33.36
N ALA B 310 -45.76 4.92 -32.50
CA ALA B 310 -45.22 4.14 -31.40
C ALA B 310 -44.60 2.83 -31.87
N ASP B 311 -45.24 2.16 -32.84
CA ASP B 311 -44.72 0.92 -33.40
C ASP B 311 -43.45 1.16 -34.19
N ARG B 312 -43.44 2.25 -34.98
CA ARG B 312 -42.26 2.65 -35.72
C ARG B 312 -41.10 3.02 -34.81
N MET B 313 -41.38 3.76 -33.74
CA MET B 313 -40.34 4.15 -32.80
C MET B 313 -39.81 2.96 -32.02
N GLN B 314 -40.67 1.97 -31.75
CA GLN B 314 -40.23 0.73 -31.11
C GLN B 314 -39.32 -0.07 -32.02
N LYS B 315 -39.67 -0.15 -33.30
CA LYS B 315 -38.83 -0.87 -34.26
C LYS B 315 -37.48 -0.19 -34.46
N GLU B 316 -37.48 1.15 -34.49
CA GLU B 316 -36.22 1.87 -34.72
C GLU B 316 -35.32 1.85 -33.48
N ILE B 317 -35.88 1.96 -32.27
CA ILE B 317 -35.05 1.86 -31.07
C ILE B 317 -34.58 0.43 -30.85
N THR B 318 -35.39 -0.57 -31.22
CA THR B 318 -35.02 -1.98 -31.07
C THR B 318 -33.84 -2.36 -31.96
N ALA B 319 -33.72 -1.72 -33.13
CA ALA B 319 -32.56 -1.94 -33.99
C ALA B 319 -31.27 -1.35 -33.40
N LEU B 320 -31.36 -0.21 -32.71
CA LEU B 320 -30.17 0.43 -32.17
C LEU B 320 -29.74 -0.14 -30.83
N ALA B 321 -30.69 -0.47 -29.96
CA ALA B 321 -30.40 -1.06 -28.67
C ALA B 321 -29.95 -2.52 -28.86
N PRO B 322 -29.20 -3.08 -27.91
CA PRO B 322 -28.94 -4.53 -27.96
C PRO B 322 -30.20 -5.34 -27.73
N SER B 323 -30.19 -6.57 -28.29
CA SER B 323 -31.40 -7.38 -28.42
C SER B 323 -31.91 -7.92 -27.09
N THR B 324 -31.08 -7.92 -26.06
CA THR B 324 -31.47 -8.42 -24.75
C THR B 324 -32.16 -7.37 -23.88
N MET B 325 -32.38 -6.15 -24.39
CA MET B 325 -33.07 -5.11 -23.65
C MET B 325 -34.53 -5.02 -24.08
N LYS B 326 -35.41 -4.83 -23.10
CA LYS B 326 -36.85 -4.78 -23.36
C LYS B 326 -37.25 -3.31 -23.48
N ILE B 327 -37.87 -2.96 -24.61
CA ILE B 327 -38.19 -1.58 -24.95
C ILE B 327 -39.71 -1.43 -24.96
N LYS B 328 -40.22 -0.53 -24.13
CA LYS B 328 -41.64 -0.27 -24.01
C LYS B 328 -41.88 1.22 -24.20
N ILE B 329 -42.76 1.58 -25.12
CA ILE B 329 -43.13 2.97 -25.36
C ILE B 329 -44.54 3.19 -24.86
N ILE B 330 -44.70 4.20 -24.00
CA ILE B 330 -45.96 4.53 -23.38
C ILE B 330 -46.59 5.69 -24.15
N ALA B 331 -47.72 5.41 -24.80
CA ALA B 331 -48.45 6.40 -25.59
C ALA B 331 -49.89 6.37 -25.16
N PRO B 332 -50.24 7.07 -24.07
CA PRO B 332 -51.64 7.13 -23.66
C PRO B 332 -52.45 7.97 -24.64
N PRO B 333 -53.76 7.73 -24.76
CA PRO B 333 -54.55 8.53 -25.70
C PRO B 333 -54.77 9.98 -25.30
N GLU B 334 -54.53 10.35 -24.04
CA GLU B 334 -54.72 11.73 -23.59
C GLU B 334 -53.40 12.50 -23.50
N ARG B 335 -52.34 12.04 -24.16
CA ARG B 335 -51.02 12.66 -23.99
C ARG B 335 -50.87 13.98 -24.72
N LYS B 336 -51.86 14.37 -25.53
CA LYS B 336 -51.88 15.73 -26.08
C LYS B 336 -52.02 16.77 -24.99
N TYR B 337 -52.83 16.49 -23.98
CA TYR B 337 -53.11 17.42 -22.89
C TYR B 337 -52.27 17.15 -21.65
N SER B 338 -51.25 16.29 -21.75
CA SER B 338 -50.57 15.77 -20.56
C SER B 338 -49.72 16.81 -19.85
N VAL B 339 -49.24 17.82 -20.57
CA VAL B 339 -48.45 18.88 -19.95
C VAL B 339 -49.34 19.72 -19.02
N TRP B 340 -50.57 20.01 -19.46
CA TRP B 340 -51.52 20.71 -18.62
C TRP B 340 -51.98 19.86 -17.43
N ILE B 341 -52.12 18.55 -17.65
CA ILE B 341 -52.55 17.64 -16.58
C ILE B 341 -51.48 17.55 -15.50
N GLY B 342 -50.22 17.48 -15.91
CA GLY B 342 -49.13 17.52 -14.94
C GLY B 342 -48.98 18.86 -14.25
N GLY B 343 -49.31 19.95 -14.96
CA GLY B 343 -49.36 21.25 -14.32
C GLY B 343 -50.47 21.35 -13.28
N SER B 344 -51.61 20.71 -13.55
CA SER B 344 -52.71 20.73 -12.60
C SER B 344 -52.43 19.84 -11.40
N ILE B 345 -51.73 18.71 -11.61
CA ILE B 345 -51.33 17.85 -10.51
C ILE B 345 -50.27 18.54 -9.64
N LEU B 346 -49.31 19.22 -10.28
CA LEU B 346 -48.22 19.86 -9.54
C LEU B 346 -48.71 21.07 -8.73
N ALA B 347 -49.59 21.89 -9.31
CA ALA B 347 -50.06 23.08 -8.63
C ALA B 347 -51.01 22.76 -7.48
N SER B 348 -51.71 21.64 -7.55
CA SER B 348 -52.64 21.23 -6.50
C SER B 348 -51.99 20.29 -5.49
N LEU B 349 -50.66 20.22 -5.45
CA LEU B 349 -49.95 19.28 -4.62
C LEU B 349 -49.46 20.01 -3.37
N SER B 350 -49.51 19.30 -2.22
CA SER B 350 -49.45 19.94 -0.91
C SER B 350 -48.07 20.54 -0.61
N THR B 351 -47.00 19.86 -1.00
CA THR B 351 -45.67 20.38 -0.71
C THR B 351 -45.18 21.38 -1.74
N PHE B 352 -46.00 21.72 -2.73
CA PHE B 352 -45.58 22.68 -3.74
C PHE B 352 -45.68 24.12 -3.25
N GLN B 353 -46.54 24.41 -2.27
CA GLN B 353 -46.81 25.82 -1.92
C GLN B 353 -45.79 26.43 -0.96
N GLN B 354 -44.51 26.26 -1.28
CA GLN B 354 -43.47 27.15 -0.80
C GLN B 354 -42.47 27.44 -1.91
N MET B 355 -42.65 26.83 -3.08
CA MET B 355 -41.82 27.08 -4.24
C MET B 355 -42.40 28.13 -5.17
N TRP B 356 -43.54 28.72 -4.81
CA TRP B 356 -44.10 29.82 -5.60
C TRP B 356 -43.22 31.05 -5.52
N ILE B 357 -43.05 31.74 -6.64
CA ILE B 357 -42.35 33.01 -6.67
C ILE B 357 -43.39 34.08 -6.36
N THR B 358 -43.38 34.58 -5.13
CA THR B 358 -44.40 35.52 -4.69
C THR B 358 -44.04 36.94 -5.14
N LYS B 359 -44.91 37.89 -4.78
CA LYS B 359 -44.75 39.27 -5.20
C LYS B 359 -43.56 39.95 -4.53
N GLN B 360 -43.39 39.73 -3.22
CA GLN B 360 -42.37 40.45 -2.46
C GLN B 360 -40.97 39.97 -2.81
N GLU B 361 -40.80 38.66 -3.09
CA GLU B 361 -39.50 38.14 -3.50
C GLU B 361 -39.08 38.72 -4.84
N TYR B 362 -40.04 38.89 -5.76
CA TYR B 362 -39.79 39.61 -6.99
C TYR B 362 -39.44 41.06 -6.72
N ASP B 363 -40.04 41.66 -5.67
CA ASP B 363 -39.79 43.07 -5.37
C ASP B 363 -38.35 43.32 -4.88
N GLU B 364 -37.82 42.50 -3.96
CA GLU B 364 -36.40 42.76 -3.71
C GLU B 364 -35.46 42.10 -4.73
N ALA B 365 -35.89 41.12 -5.51
CA ALA B 365 -34.91 40.40 -6.33
C ALA B 365 -34.90 40.81 -7.79
N GLY B 366 -35.85 41.62 -8.27
CA GLY B 366 -35.91 41.94 -9.67
C GLY B 366 -36.47 40.79 -10.47
N PRO B 367 -36.38 40.89 -11.80
CA PRO B 367 -36.82 39.76 -12.65
C PRO B 367 -35.92 38.53 -12.59
N SER B 368 -34.72 38.62 -12.02
CA SER B 368 -33.78 37.50 -12.00
C SER B 368 -34.03 36.50 -10.87
N ILE B 369 -35.14 36.63 -10.15
CA ILE B 369 -35.56 35.62 -9.17
C ILE B 369 -35.90 34.29 -9.84
N VAL B 370 -36.35 34.32 -11.10
CA VAL B 370 -36.83 33.13 -11.80
C VAL B 370 -35.69 32.17 -12.14
N HIS B 371 -34.46 32.66 -12.24
CA HIS B 371 -33.33 31.75 -12.47
C HIS B 371 -32.96 30.98 -11.21
N ARG B 372 -33.00 31.66 -10.05
CA ARG B 372 -32.65 30.98 -8.81
C ARG B 372 -33.77 30.05 -8.35
N LYS B 373 -35.04 30.45 -8.54
CA LYS B 373 -36.11 29.60 -8.01
C LYS B 373 -36.59 28.56 -9.01
N CYS B 374 -36.99 28.98 -10.21
CA CYS B 374 -37.49 28.04 -11.21
C CYS B 374 -36.32 27.32 -11.88
N PHE B 375 -36.32 25.99 -11.77
CA PHE B 375 -35.30 25.06 -12.31
C PHE B 375 -33.89 25.38 -11.84
N GLU C 4 21.36 9.71 -44.91
CA GLU C 4 20.89 10.27 -46.16
C GLU C 4 19.38 10.45 -46.16
N THR C 5 18.66 9.39 -45.80
CA THR C 5 17.21 9.46 -45.71
C THR C 5 16.77 10.30 -44.51
N THR C 6 15.76 11.13 -44.72
CA THR C 6 15.23 12.02 -43.70
C THR C 6 13.94 11.45 -43.15
N ALA C 7 13.87 11.27 -41.85
CA ALA C 7 12.69 10.70 -41.23
C ALA C 7 11.55 11.69 -41.19
N LEU C 8 10.33 11.19 -41.39
CA LEU C 8 9.13 11.99 -41.25
C LEU C 8 8.61 11.91 -39.83
N VAL C 9 8.13 13.05 -39.33
CA VAL C 9 7.43 13.11 -38.06
C VAL C 9 6.01 13.59 -38.35
N CYS C 10 5.03 12.78 -37.94
CA CYS C 10 3.63 13.07 -38.20
C CYS C 10 2.88 12.98 -36.86
N ASP C 11 2.81 14.10 -36.15
CA ASP C 11 2.00 14.17 -34.95
C ASP C 11 0.54 14.16 -35.34
N ASN C 12 -0.17 13.15 -34.89
CA ASN C 12 -1.49 12.79 -35.40
C ASN C 12 -2.47 12.95 -34.23
N GLY C 13 -2.94 14.18 -34.03
CA GLY C 13 -3.85 14.47 -32.95
C GLY C 13 -5.30 14.22 -33.34
N SER C 14 -6.20 14.50 -32.40
CA SER C 14 -7.62 14.29 -32.66
C SER C 14 -8.19 15.39 -33.54
N GLY C 15 -7.74 16.62 -33.38
CA GLY C 15 -8.30 17.73 -34.14
C GLY C 15 -7.45 18.18 -35.30
N LEU C 16 -6.13 18.22 -35.10
CA LEU C 16 -5.19 18.70 -36.09
C LEU C 16 -4.15 17.63 -36.35
N VAL C 17 -3.51 17.71 -37.53
CA VAL C 17 -2.36 16.87 -37.83
C VAL C 17 -1.21 17.77 -38.26
N LYS C 18 -0.02 17.49 -37.72
CA LYS C 18 1.19 18.27 -37.93
C LYS C 18 2.25 17.33 -38.49
N ALA C 19 2.60 17.51 -39.75
CA ALA C 19 3.54 16.63 -40.44
C ALA C 19 4.72 17.43 -40.96
N GLY C 20 5.89 16.80 -40.96
CA GLY C 20 7.07 17.43 -41.50
C GLY C 20 8.26 16.51 -41.41
N PHE C 21 9.44 17.08 -41.66
CA PHE C 21 10.69 16.34 -41.61
C PHE C 21 11.34 16.48 -40.24
N ALA C 22 12.10 15.46 -39.86
CA ALA C 22 12.88 15.52 -38.63
C ALA C 22 14.11 16.38 -38.84
N GLY C 23 14.41 17.22 -37.85
CA GLY C 23 15.49 18.17 -37.91
C GLY C 23 15.04 19.60 -38.05
N ASP C 24 13.85 19.83 -38.61
CA ASP C 24 13.31 21.17 -38.71
C ASP C 24 12.80 21.64 -37.36
N ASP C 25 12.68 22.95 -37.22
CA ASP C 25 12.21 23.55 -35.98
C ASP C 25 10.69 23.66 -35.89
N ALA C 26 9.99 23.66 -37.01
CA ALA C 26 8.55 23.83 -37.05
C ALA C 26 7.97 22.88 -38.09
N PRO C 27 6.77 22.34 -37.85
CA PRO C 27 6.16 21.47 -38.87
C PRO C 27 5.68 22.26 -40.07
N ARG C 28 5.66 21.60 -41.22
CA ARG C 28 5.27 22.25 -42.46
C ARG C 28 3.77 22.11 -42.72
N ALA C 29 3.24 20.90 -42.62
CA ALA C 29 1.85 20.64 -42.94
C ALA C 29 1.06 20.60 -41.64
N VAL C 30 0.37 21.70 -41.32
CA VAL C 30 -0.54 21.75 -40.19
C VAL C 30 -1.94 21.95 -40.75
N PHE C 31 -2.81 20.95 -40.60
CA PHE C 31 -4.14 21.07 -41.15
C PHE C 31 -5.09 20.19 -40.33
N PRO C 32 -6.39 20.53 -40.26
CA PRO C 32 -7.30 19.74 -39.43
C PRO C 32 -7.63 18.39 -40.03
N SER C 33 -7.77 17.39 -39.17
CA SER C 33 -8.04 16.02 -39.59
C SER C 33 -9.54 15.82 -39.68
N ILE C 34 -10.10 16.33 -40.78
CA ILE C 34 -11.52 16.17 -41.09
C ILE C 34 -11.65 15.60 -42.49
N VAL C 35 -12.76 14.90 -42.72
CA VAL C 35 -13.18 14.50 -44.06
C VAL C 35 -14.59 15.01 -44.28
N GLY C 36 -14.79 15.74 -45.37
CA GLY C 36 -16.09 16.30 -45.70
C GLY C 36 -16.71 15.55 -46.86
N ARG C 37 -18.00 15.28 -46.74
CA ARG C 37 -18.72 14.64 -47.83
C ARG C 37 -19.91 15.50 -48.23
N PRO C 38 -20.24 15.56 -49.54
CA PRO C 38 -21.36 16.41 -49.99
C PRO C 38 -22.70 15.97 -49.44
N ARG C 39 -23.53 16.96 -49.13
CA ARG C 39 -24.80 16.76 -48.46
C ARG C 39 -25.99 17.14 -49.32
N HIS C 40 -25.80 18.00 -50.30
CA HIS C 40 -26.87 18.53 -51.12
C HIS C 40 -26.80 17.94 -52.53
N GLN C 41 -27.75 18.35 -53.37
CA GLN C 41 -27.89 17.80 -54.70
C GLN C 41 -27.02 18.58 -55.69
N GLY C 42 -26.14 17.87 -56.39
CA GLY C 42 -25.29 18.50 -57.39
C GLY C 42 -25.97 18.61 -58.74
N VAL C 43 -26.18 19.84 -59.21
CA VAL C 43 -26.97 20.07 -60.41
C VAL C 43 -26.14 20.50 -61.61
N MET C 44 -24.96 21.11 -61.40
CA MET C 44 -24.15 21.56 -62.53
C MET C 44 -23.17 20.46 -62.91
N VAL C 45 -23.18 20.08 -64.17
CA VAL C 45 -22.43 18.94 -64.67
C VAL C 45 -20.97 19.34 -64.83
N GLY C 46 -20.06 18.54 -64.25
CA GLY C 46 -18.64 18.76 -64.43
C GLY C 46 -17.97 19.49 -63.29
N MET C 47 -17.08 20.44 -63.64
CA MET C 47 -16.24 21.30 -62.80
C MET C 47 -15.54 20.62 -61.62
N GLY C 48 -15.20 19.33 -61.76
CA GLY C 48 -14.45 18.60 -60.76
C GLY C 48 -15.14 18.40 -59.43
N GLN C 49 -16.40 17.97 -59.46
CA GLN C 49 -17.14 17.69 -58.23
C GLN C 49 -16.63 16.40 -57.62
N LYS C 50 -15.75 16.53 -56.63
CA LYS C 50 -15.20 15.38 -55.93
C LYS C 50 -16.22 14.83 -54.93
N ASP C 51 -15.99 13.60 -54.50
CA ASP C 51 -16.88 12.96 -53.54
C ASP C 51 -16.40 13.05 -52.11
N SER C 52 -15.16 13.48 -51.87
CA SER C 52 -14.62 13.58 -50.52
C SER C 52 -13.53 14.64 -50.51
N TYR C 53 -13.63 15.60 -49.59
CA TYR C 53 -12.62 16.64 -49.42
C TYR C 53 -11.94 16.44 -48.08
N VAL C 54 -10.61 16.50 -48.09
CA VAL C 54 -9.80 16.19 -46.91
C VAL C 54 -8.96 17.39 -46.57
N GLY C 55 -9.09 17.88 -45.34
CA GLY C 55 -8.20 18.93 -44.87
C GLY C 55 -8.75 20.32 -44.97
N ASP C 56 -7.92 21.27 -45.43
CA ASP C 56 -8.31 22.67 -45.39
C ASP C 56 -9.29 23.05 -46.51
N GLU C 57 -9.34 22.30 -47.61
CA GLU C 57 -10.39 22.56 -48.58
C GLU C 57 -11.75 22.09 -48.08
N ALA C 58 -11.78 21.13 -47.16
CA ALA C 58 -13.03 20.79 -46.49
C ALA C 58 -13.50 21.92 -45.58
N GLN C 59 -12.56 22.63 -44.96
CA GLN C 59 -12.91 23.87 -44.26
C GLN C 59 -13.34 24.96 -45.22
N SER C 60 -12.77 24.99 -46.43
CA SER C 60 -13.13 26.04 -47.38
C SER C 60 -14.52 25.84 -47.97
N LYS C 61 -15.00 24.61 -48.00
CA LYS C 61 -16.30 24.30 -48.58
C LYS C 61 -17.27 23.73 -47.56
N ARG C 62 -17.08 24.08 -46.28
CA ARG C 62 -17.78 23.40 -45.18
C ARG C 62 -19.27 23.70 -45.11
N GLY C 63 -19.74 24.73 -45.82
CA GLY C 63 -21.15 25.07 -45.81
C GLY C 63 -22.04 24.06 -46.52
N ILE C 64 -21.48 23.28 -47.45
CA ILE C 64 -22.24 22.29 -48.19
C ILE C 64 -21.73 20.88 -47.91
N LEU C 65 -20.97 20.69 -46.83
CA LEU C 65 -20.36 19.41 -46.54
C LEU C 65 -20.76 18.99 -45.13
N THR C 66 -20.95 17.69 -44.95
CA THR C 66 -20.97 17.12 -43.61
C THR C 66 -19.56 16.70 -43.25
N LEU C 67 -19.14 17.05 -42.03
CA LEU C 67 -17.75 16.94 -41.62
C LEU C 67 -17.61 15.82 -40.60
N LYS C 68 -16.60 14.97 -40.78
CA LYS C 68 -16.36 13.86 -39.88
C LYS C 68 -14.93 13.88 -39.38
N TYR C 69 -14.79 13.65 -38.09
CA TYR C 69 -13.50 13.43 -37.45
C TYR C 69 -13.29 11.94 -37.31
N PRO C 70 -12.29 11.34 -37.97
CA PRO C 70 -12.05 9.91 -37.79
C PRO C 70 -11.47 9.54 -36.45
N ILE C 71 -10.78 10.47 -35.79
CA ILE C 71 -10.23 10.22 -34.45
C ILE C 71 -11.16 10.84 -33.43
N GLU C 72 -11.64 10.02 -32.50
CA GLU C 72 -12.55 10.47 -31.47
C GLU C 72 -12.01 9.99 -30.13
N HIC C 73 -11.52 10.96 -29.33
CA HIC C 73 -10.85 10.75 -28.05
C HIC C 73 -9.63 9.86 -28.17
O HIC C 73 -9.34 8.99 -27.35
CB HIC C 73 -11.71 10.15 -26.91
CG HIC C 73 -12.91 10.94 -26.61
ND1 HIC C 73 -13.06 12.30 -26.89
CD2 HIC C 73 -14.06 10.46 -25.97
CE1 HIC C 73 -14.29 12.63 -26.44
NE2 HIC C 73 -14.94 11.53 -25.86
CZ HIC C 73 -16.23 11.51 -25.29
N GLY C 74 -8.87 10.07 -29.23
CA GLY C 74 -7.65 9.32 -29.46
C GLY C 74 -7.84 7.96 -30.11
N ILE C 75 -9.10 7.62 -30.42
CA ILE C 75 -9.46 6.33 -30.97
C ILE C 75 -9.68 6.53 -32.46
N ILE C 76 -8.94 5.82 -33.29
CA ILE C 76 -9.21 5.90 -34.71
C ILE C 76 -10.43 5.02 -34.99
N THR C 77 -11.56 5.66 -35.27
CA THR C 77 -12.80 4.91 -35.47
C THR C 77 -12.98 4.48 -36.92
N ASN C 78 -12.97 5.44 -37.84
CA ASN C 78 -13.17 5.18 -39.26
C ASN C 78 -11.79 5.11 -39.91
N TRP C 79 -11.40 3.91 -40.32
CA TRP C 79 -10.03 3.69 -40.80
C TRP C 79 -9.86 4.10 -42.25
N ASP C 80 -10.93 4.09 -43.05
CA ASP C 80 -10.85 4.53 -44.44
C ASP C 80 -10.57 6.03 -44.53
N ASP C 81 -11.23 6.82 -43.67
CA ASP C 81 -10.99 8.25 -43.64
C ASP C 81 -9.61 8.59 -43.08
N MET C 82 -9.10 7.79 -42.16
CA MET C 82 -7.75 8.01 -41.64
C MET C 82 -6.70 7.65 -42.70
N GLU C 83 -6.99 6.62 -43.50
CA GLU C 83 -6.14 6.31 -44.65
C GLU C 83 -6.17 7.42 -45.70
N LYS C 84 -7.33 8.06 -45.89
CA LYS C 84 -7.43 9.23 -46.76
C LYS C 84 -6.61 10.41 -46.25
N ILE C 85 -6.64 10.65 -44.93
CA ILE C 85 -5.88 11.74 -44.34
C ILE C 85 -4.37 11.46 -44.43
N TRP C 86 -3.97 10.20 -44.27
CA TRP C 86 -2.55 9.86 -44.41
C TRP C 86 -2.08 9.97 -45.86
N HIS C 87 -2.94 9.58 -46.81
CA HIS C 87 -2.64 9.76 -48.24
C HIS C 87 -2.52 11.23 -48.61
N HIS C 88 -3.38 12.06 -48.05
CA HIS C 88 -3.31 13.51 -48.27
C HIS C 88 -2.06 14.12 -47.66
N THR C 89 -1.70 13.69 -46.45
CA THR C 89 -0.53 14.28 -45.81
C THR C 89 0.79 13.74 -46.35
N PHE C 90 0.78 12.59 -47.03
CA PHE C 90 2.02 12.17 -47.67
C PHE C 90 2.15 12.74 -49.08
N TYR C 91 1.09 12.62 -49.89
CA TYR C 91 1.24 12.85 -51.32
C TYR C 91 0.89 14.26 -51.75
N ASN C 92 0.04 14.97 -51.01
CA ASN C 92 -0.40 16.30 -51.40
C ASN C 92 0.27 17.41 -50.61
N GLU C 93 0.45 17.23 -49.31
CA GLU C 93 0.99 18.31 -48.49
C GLU C 93 2.53 18.32 -48.52
N LEU C 94 3.14 17.24 -48.02
CA LEU C 94 4.61 17.17 -48.05
C LEU C 94 5.15 16.83 -49.42
N ARG C 95 4.36 16.10 -50.22
CA ARG C 95 4.66 15.67 -51.59
C ARG C 95 5.94 14.84 -51.66
N VAL C 96 5.96 13.77 -50.86
CA VAL C 96 7.10 12.88 -50.75
C VAL C 96 6.65 11.46 -51.07
N ALA C 97 7.64 10.61 -51.38
CA ALA C 97 7.40 9.19 -51.52
C ALA C 97 7.58 8.54 -50.17
N PRO C 98 6.53 7.95 -49.57
CA PRO C 98 6.67 7.37 -48.22
C PRO C 98 7.47 6.08 -48.17
N GLU C 99 7.80 5.47 -49.31
CA GLU C 99 8.52 4.20 -49.30
C GLU C 99 10.04 4.36 -49.17
N GLU C 100 10.53 5.58 -48.96
CA GLU C 100 11.96 5.81 -48.78
C GLU C 100 12.25 6.69 -47.56
N HIS C 101 11.28 6.84 -46.66
CA HIS C 101 11.42 7.69 -45.50
C HIS C 101 10.84 6.97 -44.29
N PRO C 102 11.57 6.89 -43.18
CA PRO C 102 10.96 6.41 -41.94
C PRO C 102 9.95 7.40 -41.39
N THR C 103 8.95 6.89 -40.69
CA THR C 103 7.84 7.71 -40.23
C THR C 103 7.59 7.47 -38.74
N LEU C 104 7.66 8.53 -37.95
CA LEU C 104 7.39 8.44 -36.52
C LEU C 104 5.96 8.90 -36.27
N LEU C 105 5.25 8.17 -35.42
CA LEU C 105 3.86 8.46 -35.10
C LEU C 105 3.69 8.62 -33.60
N THR C 106 2.64 9.34 -33.21
CA THR C 106 2.39 9.69 -31.81
C THR C 106 1.05 9.09 -31.37
N GLU C 107 0.94 8.86 -30.06
CA GLU C 107 -0.26 8.25 -29.49
C GLU C 107 -0.33 8.56 -28.00
N ALA C 108 -1.55 8.84 -27.52
CA ALA C 108 -1.85 9.01 -26.11
C ALA C 108 -1.73 7.69 -25.36
N PRO C 109 -1.36 7.70 -24.08
CA PRO C 109 -1.31 6.45 -23.33
C PRO C 109 -2.67 6.03 -22.79
N LEU C 110 -2.70 4.78 -22.31
CA LEU C 110 -3.91 4.03 -21.93
C LEU C 110 -4.91 4.01 -23.09
N ASN C 111 -4.45 3.50 -24.21
CA ASN C 111 -5.18 3.48 -25.46
C ASN C 111 -5.19 2.00 -25.84
N PRO C 112 -6.24 1.49 -26.48
CA PRO C 112 -6.31 0.05 -26.72
C PRO C 112 -5.33 -0.45 -27.77
N LYS C 113 -4.95 -1.71 -27.62
CA LYS C 113 -3.83 -2.28 -28.36
C LYS C 113 -4.15 -2.56 -29.82
N ALA C 114 -5.43 -2.54 -30.21
CA ALA C 114 -5.77 -2.71 -31.62
C ALA C 114 -5.37 -1.51 -32.46
N ASN C 115 -5.30 -0.33 -31.83
CA ASN C 115 -4.96 0.91 -32.51
C ASN C 115 -3.51 0.89 -33.01
N ARG C 116 -2.59 0.44 -32.15
CA ARG C 116 -1.18 0.31 -32.53
C ARG C 116 -0.97 -0.70 -33.64
N GLU C 117 -1.64 -1.86 -33.51
CA GLU C 117 -1.49 -2.94 -34.48
C GLU C 117 -2.05 -2.54 -35.84
N LYS C 118 -3.17 -1.82 -35.85
CA LYS C 118 -3.75 -1.42 -37.13
C LYS C 118 -2.98 -0.27 -37.77
N MET C 119 -2.42 0.66 -36.97
CA MET C 119 -1.54 1.67 -37.56
C MET C 119 -0.26 1.06 -38.12
N THR C 120 0.31 0.07 -37.42
CA THR C 120 1.49 -0.64 -37.92
C THR C 120 1.19 -1.39 -39.22
N GLN C 121 0.00 -2.02 -39.28
CA GLN C 121 -0.41 -2.75 -40.48
C GLN C 121 -0.64 -1.84 -41.67
N ILE C 122 -1.32 -0.69 -41.46
CA ILE C 122 -1.59 0.24 -42.56
C ILE C 122 -0.31 0.93 -43.02
N MET C 123 0.57 1.35 -42.09
CA MET C 123 1.82 1.99 -42.51
C MET C 123 2.80 1.02 -43.14
N PHE C 124 2.76 -0.27 -42.79
CA PHE C 124 3.69 -1.17 -43.45
C PHE C 124 3.15 -1.77 -44.74
N GLU C 125 1.85 -2.00 -44.84
CA GLU C 125 1.34 -2.71 -46.00
C GLU C 125 0.84 -1.78 -47.11
N THR C 126 0.13 -0.71 -46.77
CA THR C 126 -0.38 0.19 -47.79
C THR C 126 0.70 1.13 -48.31
N PHE C 127 1.36 1.85 -47.43
CA PHE C 127 2.32 2.86 -47.86
C PHE C 127 3.72 2.30 -48.07
N ASN C 128 4.02 1.13 -47.48
CA ASN C 128 5.26 0.38 -47.64
C ASN C 128 6.49 1.19 -47.21
N VAL C 129 6.44 1.73 -46.01
CA VAL C 129 7.52 2.52 -45.44
C VAL C 129 8.67 1.57 -45.08
N PRO C 130 9.94 2.01 -45.03
CA PRO C 130 11.00 1.08 -44.63
C PRO C 130 11.16 0.91 -43.12
N ALA C 131 10.72 1.87 -42.32
CA ALA C 131 10.79 1.76 -40.87
C ALA C 131 9.75 2.69 -40.27
N MET C 132 9.35 2.38 -39.03
CA MET C 132 8.41 3.23 -38.31
C MET C 132 8.57 3.01 -36.81
N TYR C 133 7.93 3.90 -36.04
CA TYR C 133 7.97 3.89 -34.59
C TYR C 133 6.75 4.64 -34.08
N VAL C 134 6.26 4.24 -32.91
CA VAL C 134 5.12 4.88 -32.25
C VAL C 134 5.59 5.37 -30.88
N ALA C 135 5.36 6.65 -30.60
CA ALA C 135 5.86 7.27 -29.38
C ALA C 135 4.70 7.87 -28.59
N ILE C 136 4.96 8.13 -27.31
CA ILE C 136 3.99 8.72 -26.40
C ILE C 136 4.16 10.23 -26.43
N GLN C 137 3.04 10.96 -26.43
CA GLN C 137 3.04 12.40 -26.68
C GLN C 137 3.69 13.20 -25.56
N ALA C 138 3.47 12.80 -24.30
CA ALA C 138 4.02 13.53 -23.16
C ALA C 138 5.53 13.39 -23.06
N VAL C 139 6.05 12.23 -23.47
CA VAL C 139 7.49 12.00 -23.53
C VAL C 139 8.14 12.93 -24.55
N LEU C 140 7.49 13.12 -25.69
CA LEU C 140 8.00 14.04 -26.69
C LEU C 140 7.87 15.50 -26.25
N SER C 141 6.84 15.81 -25.46
CA SER C 141 6.74 17.14 -24.86
C SER C 141 7.89 17.41 -23.90
N LEU C 142 8.29 16.41 -23.12
CA LEU C 142 9.42 16.57 -22.23
C LEU C 142 10.75 16.61 -23.01
N TYR C 143 10.80 15.95 -24.17
CA TYR C 143 11.96 16.07 -25.07
C TYR C 143 12.11 17.49 -25.61
N ALA C 144 11.00 18.09 -26.05
CA ALA C 144 11.06 19.45 -26.58
C ALA C 144 11.27 20.48 -25.49
N SER C 145 10.89 20.17 -24.24
CA SER C 145 11.15 21.05 -23.12
C SER C 145 12.64 21.14 -22.79
N GLY C 146 13.44 20.16 -23.19
CA GLY C 146 14.87 20.21 -22.98
C GLY C 146 15.34 19.75 -21.63
N ARG C 147 14.52 19.01 -20.90
CA ARG C 147 14.90 18.52 -19.58
C ARG C 147 14.49 17.06 -19.45
N THR C 148 14.97 16.43 -18.38
CA THR C 148 14.79 15.01 -18.15
C THR C 148 13.84 14.67 -17.01
N THR C 149 13.46 15.65 -16.20
CA THR C 149 12.60 15.43 -15.06
C THR C 149 11.39 16.35 -15.16
N GLY C 150 10.21 15.79 -14.97
CA GLY C 150 9.02 16.61 -14.90
C GLY C 150 7.77 15.79 -15.07
N ILE C 151 6.65 16.41 -14.74
CA ILE C 151 5.34 15.83 -14.96
C ILE C 151 4.64 16.64 -16.05
N VAL C 152 4.19 15.95 -17.08
CA VAL C 152 3.68 16.58 -18.29
C VAL C 152 2.16 16.42 -18.33
N LEU C 153 1.46 17.55 -18.45
CA LEU C 153 0.02 17.58 -18.68
C LEU C 153 -0.20 17.93 -20.14
N ASP C 154 -0.65 16.98 -20.93
CA ASP C 154 -0.87 17.21 -22.37
C ASP C 154 -2.35 17.06 -22.66
N SER C 155 -2.96 18.12 -23.18
CA SER C 155 -4.38 18.12 -23.51
C SER C 155 -4.55 18.61 -24.93
N GLY C 156 -5.10 17.75 -25.77
CA GLY C 156 -5.35 18.05 -27.16
C GLY C 156 -6.81 18.35 -27.42
N ASP C 157 -7.31 17.82 -28.54
CA ASP C 157 -8.70 18.02 -28.89
C ASP C 157 -9.60 16.92 -28.35
N GLY C 158 -9.06 15.76 -28.02
CA GLY C 158 -9.90 14.68 -27.55
C GLY C 158 -9.48 13.97 -26.29
N VAL C 159 -8.27 14.24 -25.80
CA VAL C 159 -7.72 13.49 -24.67
C VAL C 159 -6.88 14.44 -23.82
N THR C 160 -6.92 14.24 -22.50
CA THR C 160 -6.10 14.98 -21.55
C THR C 160 -5.36 13.96 -20.69
N HIS C 161 -4.08 13.79 -20.93
CA HIS C 161 -3.31 12.79 -20.19
C HIS C 161 -2.18 13.48 -19.42
N ASN C 162 -1.60 12.72 -18.50
CA ASN C 162 -0.71 13.29 -17.52
C ASN C 162 0.31 12.23 -17.13
N VAL C 163 1.58 12.48 -17.44
CA VAL C 163 2.63 11.47 -17.32
C VAL C 163 3.79 12.04 -16.51
N PRO C 164 4.19 11.42 -15.40
CA PRO C 164 5.40 11.84 -14.68
C PRO C 164 6.64 11.04 -15.04
N ILE C 165 7.76 11.75 -15.24
CA ILE C 165 9.04 11.15 -15.62
C ILE C 165 10.12 11.72 -14.71
N TYR C 166 10.95 10.84 -14.13
CA TYR C 166 12.06 11.26 -13.29
C TYR C 166 13.34 10.60 -13.81
N GLU C 167 14.29 11.44 -14.23
CA GLU C 167 15.61 11.06 -14.74
C GLU C 167 15.53 10.12 -15.95
N GLY C 168 14.52 10.31 -16.78
CA GLY C 168 14.31 9.46 -17.93
C GLY C 168 13.53 8.19 -17.67
N TYR C 169 13.21 7.89 -16.42
CA TYR C 169 12.42 6.72 -16.08
C TYR C 169 10.99 7.16 -15.84
N ALA C 170 10.06 6.56 -16.58
CA ALA C 170 8.65 6.85 -16.39
C ALA C 170 8.08 5.97 -15.28
N LEU C 171 6.94 6.41 -14.75
CA LEU C 171 6.22 5.67 -13.71
C LEU C 171 4.86 5.33 -14.30
N PRO C 172 4.69 4.12 -14.88
CA PRO C 172 3.45 3.81 -15.59
C PRO C 172 2.22 3.65 -14.70
N HIS C 173 2.42 3.37 -13.41
CA HIS C 173 1.29 3.24 -12.51
C HIS C 173 0.68 4.58 -12.10
N ALA C 174 1.33 5.69 -12.40
CA ALA C 174 0.83 7.01 -12.06
C ALA C 174 0.37 7.81 -13.27
N ILE C 175 0.28 7.20 -14.45
CA ILE C 175 -0.21 7.91 -15.63
C ILE C 175 -1.71 8.10 -15.52
N MET C 176 -2.16 9.34 -15.65
CA MET C 176 -3.57 9.68 -15.61
C MET C 176 -4.08 9.95 -17.01
N ARG C 177 -5.31 9.54 -17.27
CA ARG C 177 -6.00 9.83 -18.52
C ARG C 177 -7.39 10.35 -18.21
N LEU C 178 -7.86 11.28 -19.04
CA LEU C 178 -9.16 11.89 -18.84
C LEU C 178 -9.70 12.28 -20.20
N ASP C 179 -10.94 11.85 -20.50
CA ASP C 179 -11.57 12.17 -21.77
C ASP C 179 -12.32 13.50 -21.68
N LEU C 180 -11.55 14.56 -21.47
CA LEU C 180 -12.05 15.91 -21.32
C LEU C 180 -11.07 16.85 -22.00
N ALA C 181 -11.45 17.38 -23.16
CA ALA C 181 -10.54 18.18 -23.96
C ALA C 181 -11.37 19.18 -24.75
N GLY C 182 -10.78 19.71 -25.83
CA GLY C 182 -11.36 20.82 -26.55
C GLY C 182 -12.67 20.53 -27.27
N ARG C 183 -12.91 19.27 -27.62
CA ARG C 183 -14.19 18.87 -28.20
C ARG C 183 -15.31 19.03 -27.20
N ASP C 184 -15.08 18.62 -25.95
CA ASP C 184 -16.08 18.74 -24.91
C ASP C 184 -16.30 20.19 -24.50
N LEU C 185 -15.22 20.98 -24.50
CA LEU C 185 -15.33 22.41 -24.22
C LEU C 185 -16.10 23.13 -25.31
N THR C 186 -15.89 22.72 -26.57
CA THR C 186 -16.63 23.27 -27.70
C THR C 186 -18.11 22.91 -27.62
N ASP C 187 -18.42 21.66 -27.25
CA ASP C 187 -19.81 21.22 -27.10
C ASP C 187 -20.51 21.94 -25.96
N TYR C 188 -19.79 22.18 -24.85
CA TYR C 188 -20.34 22.95 -23.74
C TYR C 188 -20.60 24.40 -24.12
N LEU C 189 -19.71 24.98 -24.93
CA LEU C 189 -19.91 26.36 -25.37
C LEU C 189 -21.06 26.45 -26.37
N MET C 190 -21.26 25.40 -27.19
CA MET C 190 -22.47 25.29 -28.00
C MET C 190 -23.73 25.21 -27.15
N LYS C 191 -23.64 24.53 -26.01
CA LYS C 191 -24.79 24.45 -25.11
C LYS C 191 -25.11 25.79 -24.46
N ILE C 192 -24.09 26.51 -23.98
CA ILE C 192 -24.36 27.71 -23.19
C ILE C 192 -24.48 28.98 -24.03
N LEU C 193 -24.26 28.91 -25.34
CA LEU C 193 -24.59 30.05 -26.18
C LEU C 193 -26.09 30.18 -26.44
N THR C 194 -26.86 29.12 -26.17
CA THR C 194 -28.31 29.20 -26.36
C THR C 194 -29.00 30.03 -25.29
N GLU C 195 -28.31 30.34 -24.19
CA GLU C 195 -28.87 31.21 -23.17
C GLU C 195 -29.04 32.64 -23.68
N ARG C 196 -28.18 33.08 -24.58
CA ARG C 196 -28.29 34.41 -25.16
C ARG C 196 -29.07 34.41 -26.47
N GLY C 197 -29.56 33.26 -26.92
CA GLY C 197 -30.39 33.19 -28.10
C GLY C 197 -29.69 32.79 -29.37
N TYR C 198 -28.37 32.53 -29.33
CA TYR C 198 -27.64 32.13 -30.52
C TYR C 198 -27.67 30.61 -30.62
N SER C 199 -28.23 30.11 -31.72
CA SER C 199 -28.40 28.68 -31.93
C SER C 199 -27.38 28.18 -32.93
N PHE C 200 -26.62 27.16 -32.53
CA PHE C 200 -25.61 26.54 -33.38
C PHE C 200 -25.78 25.03 -33.24
N VAL C 201 -26.12 24.34 -34.33
CA VAL C 201 -26.44 22.92 -34.28
C VAL C 201 -25.59 22.10 -35.24
N THR C 202 -25.32 22.60 -36.45
CA THR C 202 -24.72 21.76 -37.48
C THR C 202 -23.21 21.62 -37.27
N THR C 203 -22.61 20.69 -38.00
CA THR C 203 -21.19 20.41 -37.84
C THR C 203 -20.31 21.48 -38.47
N ALA C 204 -20.86 22.24 -39.42
CA ALA C 204 -20.12 23.34 -40.02
C ALA C 204 -19.94 24.49 -39.03
N GLU C 205 -20.99 24.81 -38.28
CA GLU C 205 -20.93 25.92 -37.33
C GLU C 205 -20.32 25.52 -35.99
N ARG C 206 -20.04 24.23 -35.79
CA ARG C 206 -19.19 23.79 -34.69
C ARG C 206 -17.79 24.36 -34.83
N GLU C 207 -17.30 24.48 -36.07
CA GLU C 207 -16.01 25.12 -36.33
C GLU C 207 -16.04 26.60 -36.02
N ILE C 208 -17.19 27.26 -36.25
CA ILE C 208 -17.36 28.66 -35.88
C ILE C 208 -17.30 28.83 -34.36
N VAL C 209 -17.97 27.93 -33.63
CA VAL C 209 -17.93 27.96 -32.16
C VAL C 209 -16.52 27.66 -31.64
N ARG C 210 -15.79 26.77 -32.32
CA ARG C 210 -14.40 26.51 -31.99
C ARG C 210 -13.51 27.74 -32.20
N ASP C 211 -13.77 28.49 -33.27
CA ASP C 211 -13.02 29.73 -33.52
C ASP C 211 -13.34 30.80 -32.48
N ILE C 212 -14.60 30.86 -32.03
CA ILE C 212 -15.01 31.76 -30.94
C ILE C 212 -14.28 31.38 -29.65
N LYS C 213 -14.17 30.07 -29.38
CA LYS C 213 -13.46 29.57 -28.21
C LYS C 213 -11.98 29.90 -28.25
N GLU C 214 -11.37 29.76 -29.43
CA GLU C 214 -9.95 30.09 -29.59
C GLU C 214 -9.68 31.58 -29.44
N LYS C 215 -10.59 32.42 -29.92
CA LYS C 215 -10.30 33.85 -29.93
C LYS C 215 -10.72 34.58 -28.66
N LEU C 216 -11.81 34.17 -28.00
CA LEU C 216 -12.42 35.01 -26.97
C LEU C 216 -12.46 34.42 -25.57
N CYS C 217 -12.00 33.20 -25.36
CA CYS C 217 -12.10 32.58 -24.05
C CYS C 217 -10.81 32.75 -23.24
N TYR C 218 -10.95 32.74 -21.92
CA TYR C 218 -9.82 32.86 -21.01
C TYR C 218 -10.20 32.21 -19.69
N VAL C 219 -9.19 31.87 -18.89
CA VAL C 219 -9.39 31.26 -17.58
C VAL C 219 -9.34 32.33 -16.51
N ALA C 220 -10.38 32.39 -15.68
CA ALA C 220 -10.45 33.35 -14.59
C ALA C 220 -9.65 32.84 -13.40
N LEU C 221 -9.02 33.78 -12.67
CA LEU C 221 -8.24 33.40 -11.50
C LEU C 221 -9.13 32.98 -10.35
N ASP C 222 -10.22 33.71 -10.11
CA ASP C 222 -11.21 33.34 -9.10
C ASP C 222 -12.56 33.35 -9.80
N PHE C 223 -13.30 32.23 -9.71
CA PHE C 223 -14.52 32.10 -10.49
C PHE C 223 -15.67 32.90 -9.90
N GLU C 224 -15.80 32.95 -8.57
CA GLU C 224 -16.94 33.61 -7.95
C GLU C 224 -16.82 35.12 -8.05
N ASN C 225 -15.60 35.65 -7.91
CA ASN C 225 -15.38 37.08 -8.10
C ASN C 225 -15.61 37.49 -9.55
N GLU C 226 -15.28 36.60 -10.49
CA GLU C 226 -15.48 36.93 -11.90
C GLU C 226 -16.96 36.82 -12.28
N MET C 227 -17.69 35.90 -11.64
CA MET C 227 -19.16 35.89 -11.66
C MET C 227 -19.75 37.21 -11.18
N ALA C 228 -19.28 37.70 -10.02
CA ALA C 228 -19.79 38.94 -9.46
C ALA C 228 -19.43 40.16 -10.32
N THR C 229 -18.23 40.15 -10.90
CA THR C 229 -17.80 41.23 -11.79
C THR C 229 -18.61 41.25 -13.08
N ALA C 230 -18.88 40.07 -13.65
CA ALA C 230 -19.68 39.99 -14.86
C ALA C 230 -21.15 40.35 -14.60
N ALA C 231 -21.66 40.00 -13.42
CA ALA C 231 -23.03 40.36 -13.08
C ALA C 231 -23.18 41.86 -12.81
N SER C 232 -22.18 42.46 -12.17
CA SER C 232 -22.29 43.86 -11.74
C SER C 232 -22.16 44.81 -12.93
N SER C 233 -21.17 44.62 -13.78
CA SER C 233 -20.88 45.55 -14.85
C SER C 233 -21.00 44.85 -16.20
N SER C 234 -20.57 45.54 -17.26
CA SER C 234 -20.58 44.99 -18.60
C SER C 234 -19.24 45.21 -19.30
N SER C 235 -18.16 45.33 -18.52
CA SER C 235 -16.84 45.53 -19.09
C SER C 235 -16.22 44.25 -19.60
N LEU C 236 -16.74 43.08 -19.21
CA LEU C 236 -16.19 41.81 -19.65
C LEU C 236 -16.77 41.33 -20.97
N GLU C 237 -17.80 42.00 -21.48
CA GLU C 237 -18.44 41.59 -22.72
C GLU C 237 -17.55 41.90 -23.93
N LYS C 238 -17.58 41.00 -24.91
CA LYS C 238 -16.86 41.21 -26.15
C LYS C 238 -17.72 40.72 -27.32
N SER C 239 -17.48 41.29 -28.49
CA SER C 239 -18.27 41.01 -29.67
C SER C 239 -17.46 40.21 -30.68
N TYR C 240 -18.16 39.38 -31.44
CA TYR C 240 -17.57 38.55 -32.47
C TYR C 240 -18.41 38.67 -33.73
N GLU C 241 -17.77 38.60 -34.88
CA GLU C 241 -18.44 38.72 -36.17
C GLU C 241 -18.57 37.35 -36.82
N LEU C 242 -19.80 36.89 -36.98
CA LEU C 242 -20.09 35.68 -37.72
C LEU C 242 -19.82 35.91 -39.21
N PRO C 243 -19.48 34.86 -39.99
CA PRO C 243 -19.15 35.11 -41.40
C PRO C 243 -20.33 35.37 -42.32
N ASP C 244 -21.57 35.41 -41.82
CA ASP C 244 -22.67 35.96 -42.60
C ASP C 244 -22.87 37.45 -42.33
N GLY C 245 -22.07 38.05 -41.46
CA GLY C 245 -22.17 39.45 -41.14
C GLY C 245 -22.82 39.77 -39.81
N GLN C 246 -23.49 38.79 -39.19
CA GLN C 246 -24.10 38.99 -37.89
C GLN C 246 -23.04 39.14 -36.81
N VAL C 247 -23.34 39.96 -35.82
CA VAL C 247 -22.41 40.25 -34.73
C VAL C 247 -23.06 39.77 -33.44
N ILE C 248 -22.40 38.86 -32.75
CA ILE C 248 -22.87 38.39 -31.46
C ILE C 248 -22.00 39.05 -30.39
N THR C 249 -22.50 39.03 -29.16
CA THR C 249 -21.72 39.48 -28.02
C THR C 249 -21.87 38.47 -26.89
N ILE C 250 -20.78 38.21 -26.18
CA ILE C 250 -20.76 37.26 -25.08
C ILE C 250 -20.11 37.92 -23.86
N GLY C 251 -20.62 37.57 -22.69
CA GLY C 251 -20.16 38.12 -21.43
C GLY C 251 -19.47 37.10 -20.56
N ASN C 252 -20.22 36.49 -19.63
CA ASN C 252 -19.64 35.51 -18.73
C ASN C 252 -19.31 34.17 -19.39
N GLU C 253 -19.77 33.94 -20.63
CA GLU C 253 -19.50 32.71 -21.36
C GLU C 253 -18.04 32.56 -21.78
N ARG C 254 -17.24 33.63 -21.69
CA ARG C 254 -15.83 33.58 -22.02
C ARG C 254 -15.06 32.70 -21.05
N PHE C 255 -15.40 32.76 -19.76
CA PHE C 255 -14.66 32.03 -18.73
C PHE C 255 -15.46 30.91 -18.09
N ARG C 256 -16.75 30.80 -18.38
CA ARG C 256 -17.51 29.62 -17.99
C ARG C 256 -17.07 28.39 -18.79
N CYS C 257 -16.70 28.60 -20.06
CA CYS C 257 -16.31 27.47 -20.91
C CYS C 257 -15.00 26.79 -20.49
N PRO C 258 -13.86 27.47 -20.22
CA PRO C 258 -12.70 26.70 -19.75
C PRO C 258 -12.75 26.30 -18.29
N GLU C 259 -13.78 26.71 -17.54
CA GLU C 259 -13.96 26.28 -16.15
C GLU C 259 -14.33 24.80 -16.07
N THR C 260 -14.85 24.22 -17.16
CA THR C 260 -15.16 22.79 -17.26
C THR C 260 -13.90 21.93 -17.10
N LEU C 261 -12.74 22.46 -17.50
CA LEU C 261 -11.46 21.79 -17.23
C LEU C 261 -11.15 21.71 -15.75
N PHE C 262 -11.66 22.65 -14.95
CA PHE C 262 -11.44 22.66 -13.52
C PHE C 262 -12.63 22.18 -12.73
N GLN C 263 -13.83 22.30 -13.27
CA GLN C 263 -15.06 21.80 -12.64
C GLN C 263 -15.80 20.95 -13.66
N PRO C 264 -15.42 19.67 -13.82
CA PRO C 264 -16.05 18.83 -14.85
C PRO C 264 -17.44 18.32 -14.49
N SER C 265 -18.02 18.73 -13.37
CA SER C 265 -19.43 18.49 -13.08
C SER C 265 -20.35 19.41 -13.86
N PHE C 266 -19.80 20.39 -14.59
CA PHE C 266 -20.60 21.23 -15.48
C PHE C 266 -21.21 20.44 -16.63
N ILE C 267 -20.55 19.37 -17.06
CA ILE C 267 -21.09 18.52 -18.12
C ILE C 267 -21.39 17.11 -17.61
N GLY C 268 -21.57 16.94 -16.30
CA GLY C 268 -22.07 15.70 -15.75
C GLY C 268 -21.01 14.70 -15.31
N MET C 269 -19.75 14.93 -15.63
CA MET C 269 -18.68 14.03 -15.21
C MET C 269 -18.39 14.22 -13.72
N GLU C 270 -18.29 13.13 -12.98
CA GLU C 270 -17.97 13.26 -11.57
C GLU C 270 -16.48 13.20 -11.29
N SER C 271 -15.64 13.18 -12.33
CA SER C 271 -14.20 13.09 -12.15
C SER C 271 -13.64 14.42 -11.64
N ALA C 272 -12.36 14.39 -11.30
CA ALA C 272 -11.70 15.55 -10.73
C ALA C 272 -11.25 16.50 -11.83
N GLY C 273 -10.94 17.73 -11.43
CA GLY C 273 -10.36 18.68 -12.35
C GLY C 273 -8.90 18.37 -12.63
N ILE C 274 -8.32 19.13 -13.56
CA ILE C 274 -6.96 18.87 -14.02
C ILE C 274 -5.92 19.21 -12.94
N HIS C 275 -6.23 20.15 -12.06
CA HIS C 275 -5.33 20.47 -10.96
C HIS C 275 -5.31 19.36 -9.92
N GLU C 276 -6.47 18.78 -9.61
CA GLU C 276 -6.52 17.64 -8.70
C GLU C 276 -5.97 16.39 -9.35
N THR C 277 -6.11 16.26 -10.67
CA THR C 277 -5.53 15.15 -11.41
C THR C 277 -4.00 15.21 -11.37
N THR C 278 -3.44 16.41 -11.52
CA THR C 278 -2.00 16.62 -11.40
C THR C 278 -1.51 16.35 -9.98
N TYR C 279 -2.28 16.79 -8.98
CA TYR C 279 -1.92 16.56 -7.59
C TYR C 279 -1.95 15.07 -7.22
N ASN C 280 -2.99 14.34 -7.65
CA ASN C 280 -3.04 12.92 -7.37
C ASN C 280 -2.02 12.13 -8.20
N SER C 281 -1.62 12.64 -9.36
CA SER C 281 -0.53 12.01 -10.10
C SER C 281 0.80 12.17 -9.38
N ILE C 282 1.01 13.33 -8.76
CA ILE C 282 2.23 13.54 -7.97
C ILE C 282 2.20 12.69 -6.69
N MET C 283 1.04 12.61 -6.02
CA MET C 283 0.96 11.87 -4.77
C MET C 283 1.07 10.35 -4.96
N LYS C 284 0.74 9.83 -6.14
CA LYS C 284 0.94 8.40 -6.37
C LYS C 284 2.39 8.06 -6.65
N CYS C 285 3.22 9.05 -6.94
CA CYS C 285 4.64 8.81 -7.18
C CYS C 285 5.37 8.60 -5.85
N ASP C 286 6.65 8.26 -5.96
CA ASP C 286 7.44 7.94 -4.79
C ASP C 286 7.79 9.21 -4.00
N ILE C 287 8.20 9.00 -2.75
CA ILE C 287 8.27 10.05 -1.73
C ILE C 287 9.37 11.07 -2.05
N ASP C 288 10.44 10.64 -2.72
CA ASP C 288 11.60 11.48 -2.90
C ASP C 288 11.58 12.26 -4.19
N ILE C 289 10.81 11.83 -5.19
CA ILE C 289 10.83 12.47 -6.49
C ILE C 289 9.79 13.55 -6.62
N ARG C 290 8.95 13.77 -5.60
CA ARG C 290 7.87 14.74 -5.67
C ARG C 290 8.38 16.17 -5.70
N LYS C 291 9.52 16.43 -5.06
CA LYS C 291 10.08 17.78 -5.00
C LYS C 291 10.52 18.27 -6.38
N ASP C 292 11.11 17.40 -7.18
CA ASP C 292 11.47 17.78 -8.54
C ASP C 292 10.27 17.80 -9.47
N LEU C 293 9.21 17.05 -9.14
CA LEU C 293 8.01 17.09 -9.97
C LEU C 293 7.16 18.32 -9.72
N TYR C 294 7.15 18.86 -8.50
CA TYR C 294 6.39 20.08 -8.25
C TYR C 294 7.00 21.29 -8.93
N ALA C 295 8.31 21.30 -9.12
CA ALA C 295 8.98 22.43 -9.74
C ALA C 295 9.07 22.33 -11.25
N ASN C 296 8.53 21.26 -11.84
CA ASN C 296 8.66 21.02 -13.28
C ASN C 296 7.35 20.57 -13.88
N ASN C 297 6.27 21.30 -13.60
CA ASN C 297 4.96 21.04 -14.20
C ASN C 297 4.98 21.51 -15.65
N VAL C 298 5.44 20.62 -16.54
CA VAL C 298 5.51 20.95 -17.96
C VAL C 298 4.12 20.93 -18.55
N MET C 299 3.77 22.01 -19.26
CA MET C 299 2.42 22.22 -19.77
C MET C 299 2.48 22.19 -21.29
N SER C 300 1.64 21.38 -21.92
CA SER C 300 1.73 21.21 -23.36
C SER C 300 0.36 20.89 -23.94
N GLY C 301 0.24 21.15 -25.23
CA GLY C 301 -0.99 20.85 -25.95
C GLY C 301 -1.70 22.11 -26.39
N GLY C 302 -2.80 21.91 -27.11
CA GLY C 302 -3.52 22.99 -27.73
C GLY C 302 -4.50 23.72 -26.83
N THR C 303 -5.17 23.00 -25.93
CA THR C 303 -6.10 23.64 -25.02
C THR C 303 -5.46 24.16 -23.74
N THR C 304 -4.13 24.27 -23.71
CA THR C 304 -3.45 25.03 -22.68
C THR C 304 -3.06 26.41 -23.14
N MET C 305 -3.60 26.87 -24.27
CA MET C 305 -3.30 28.18 -24.84
C MET C 305 -4.28 29.25 -24.39
N TYR C 306 -5.13 28.95 -23.42
CA TYR C 306 -6.01 29.96 -22.86
C TYR C 306 -5.18 30.99 -22.08
N PRO C 307 -5.54 32.26 -22.12
CA PRO C 307 -4.89 33.23 -21.22
C PRO C 307 -5.26 32.95 -19.77
N GLY C 308 -4.25 32.98 -18.91
CA GLY C 308 -4.46 32.86 -17.49
C GLY C 308 -4.62 31.45 -16.96
N ILE C 309 -4.38 30.42 -17.78
CA ILE C 309 -4.49 29.05 -17.30
C ILE C 309 -3.33 28.71 -16.36
N ALA C 310 -2.14 29.28 -16.60
CA ALA C 310 -0.96 28.94 -15.82
C ALA C 310 -1.02 29.50 -14.41
N ASP C 311 -1.55 30.71 -14.26
CA ASP C 311 -1.74 31.30 -12.95
C ASP C 311 -2.80 30.56 -12.15
N ARG C 312 -3.84 30.09 -12.83
CA ARG C 312 -4.89 29.32 -12.17
C ARG C 312 -4.38 27.96 -11.69
N MET C 313 -3.57 27.29 -12.52
CA MET C 313 -2.89 26.06 -12.10
C MET C 313 -1.93 26.31 -10.94
N GLN C 314 -1.23 27.46 -10.97
CA GLN C 314 -0.32 27.85 -9.89
C GLN C 314 -1.06 28.02 -8.57
N LYS C 315 -2.20 28.72 -8.61
CA LYS C 315 -3.01 28.98 -7.42
C LYS C 315 -3.60 27.68 -6.86
N GLU C 316 -4.15 26.83 -7.74
CA GLU C 316 -4.81 25.61 -7.28
C GLU C 316 -3.80 24.57 -6.76
N ILE C 317 -2.67 24.42 -7.43
CA ILE C 317 -1.67 23.45 -6.97
C ILE C 317 -0.97 23.94 -5.70
N THR C 318 -0.71 25.26 -5.58
CA THR C 318 -0.14 25.81 -4.35
C THR C 318 -1.12 25.72 -3.19
N ALA C 319 -2.43 25.79 -3.47
CA ALA C 319 -3.42 25.48 -2.45
C ALA C 319 -3.37 24.00 -2.05
N LEU C 320 -3.19 23.10 -3.02
CA LEU C 320 -3.24 21.67 -2.72
C LEU C 320 -1.96 21.17 -2.05
N ALA C 321 -0.80 21.63 -2.51
CA ALA C 321 0.49 21.21 -2.01
C ALA C 321 0.74 21.82 -0.62
N PRO C 322 1.65 21.25 0.18
CA PRO C 322 2.09 21.95 1.39
C PRO C 322 2.88 23.20 1.07
N SER C 323 2.81 24.17 2.00
CA SER C 323 3.22 25.54 1.71
C SER C 323 4.73 25.74 1.69
N THR C 324 5.50 24.76 2.13
CA THR C 324 6.95 24.94 2.24
C THR C 324 7.69 24.69 0.95
N MET C 325 7.00 24.46 -0.16
CA MET C 325 7.65 24.01 -1.38
C MET C 325 7.37 24.94 -2.53
N LYS C 326 8.24 24.90 -3.54
CA LYS C 326 8.15 25.75 -4.71
C LYS C 326 7.44 25.00 -5.83
N ILE C 327 6.41 25.62 -6.39
CA ILE C 327 5.69 25.08 -7.54
C ILE C 327 5.92 26.01 -8.72
N LYS C 328 6.55 25.49 -9.76
CA LYS C 328 6.81 26.23 -10.99
C LYS C 328 6.13 25.51 -12.14
N ILE C 329 5.42 26.27 -12.98
CA ILE C 329 4.72 25.73 -14.13
C ILE C 329 5.33 26.32 -15.39
N ILE C 330 5.72 25.43 -16.30
CA ILE C 330 6.48 25.80 -17.48
C ILE C 330 5.51 25.82 -18.65
N ALA C 331 5.25 27.01 -19.19
CA ALA C 331 4.34 27.20 -20.32
C ALA C 331 5.09 27.98 -21.38
N PRO C 332 5.76 27.28 -22.31
CA PRO C 332 6.40 27.98 -23.43
C PRO C 332 5.36 28.57 -24.35
N PRO C 333 5.69 29.63 -25.10
CA PRO C 333 4.72 30.15 -26.08
C PRO C 333 4.51 29.26 -27.29
N GLU C 334 5.40 28.28 -27.54
CA GLU C 334 5.24 27.35 -28.64
C GLU C 334 4.75 25.97 -28.18
N ARG C 335 4.06 25.91 -27.04
CA ARG C 335 3.75 24.62 -26.41
C ARG C 335 2.66 23.83 -27.12
N LYS C 336 1.95 24.42 -28.08
CA LYS C 336 0.99 23.65 -28.86
C LYS C 336 1.64 22.86 -29.97
N TYR C 337 2.94 23.04 -30.21
CA TYR C 337 3.70 22.26 -31.18
C TYR C 337 4.77 21.39 -30.54
N SER C 338 4.73 21.19 -29.22
CA SER C 338 5.83 20.55 -28.50
C SER C 338 5.98 19.08 -28.82
N VAL C 339 4.87 18.39 -29.13
CA VAL C 339 4.92 16.97 -29.46
C VAL C 339 5.66 16.75 -30.78
N TRP C 340 5.43 17.63 -31.76
CA TRP C 340 6.14 17.51 -33.03
C TRP C 340 7.61 17.87 -32.90
N ILE C 341 7.93 18.89 -32.09
CA ILE C 341 9.32 19.29 -31.90
C ILE C 341 10.11 18.20 -31.17
N GLY C 342 9.48 17.56 -30.18
CA GLY C 342 10.13 16.42 -29.54
C GLY C 342 10.26 15.20 -30.45
N GLY C 343 9.29 14.99 -31.34
CA GLY C 343 9.43 13.95 -32.35
C GLY C 343 10.54 14.24 -33.34
N SER C 344 10.75 15.52 -33.66
CA SER C 344 11.86 15.91 -34.53
C SER C 344 13.19 15.73 -33.83
N ILE C 345 13.25 15.99 -32.53
CA ILE C 345 14.47 15.79 -31.75
C ILE C 345 14.79 14.30 -31.64
N LEU C 346 13.77 13.47 -31.34
CA LEU C 346 13.97 12.04 -31.10
C LEU C 346 14.40 11.29 -32.34
N ALA C 347 13.81 11.61 -33.50
CA ALA C 347 14.16 10.91 -34.73
C ALA C 347 15.54 11.30 -35.26
N SER C 348 16.08 12.43 -34.82
CA SER C 348 17.38 12.91 -35.30
C SER C 348 18.56 12.42 -34.48
N LEU C 349 18.34 11.72 -33.37
CA LEU C 349 19.45 11.23 -32.57
C LEU C 349 20.10 10.02 -33.21
N SER C 350 21.43 9.97 -33.13
CA SER C 350 22.16 8.80 -33.63
C SER C 350 21.96 7.58 -32.74
N THR C 351 21.64 7.80 -31.47
CA THR C 351 21.35 6.71 -30.54
C THR C 351 19.95 6.15 -30.70
N PHE C 352 19.10 6.77 -31.53
CA PHE C 352 17.75 6.27 -31.76
C PHE C 352 17.66 5.33 -32.95
N GLN C 353 18.65 5.37 -33.86
CA GLN C 353 18.51 4.78 -35.19
C GLN C 353 18.52 3.25 -35.21
N GLN C 354 18.80 2.59 -34.09
CA GLN C 354 18.74 1.14 -34.03
C GLN C 354 17.40 0.62 -33.52
N MET C 355 16.53 1.47 -32.98
CA MET C 355 15.27 0.99 -32.39
C MET C 355 14.04 1.40 -33.21
N TRP C 356 14.20 1.60 -34.51
CA TRP C 356 13.05 1.61 -35.40
C TRP C 356 12.56 0.17 -35.59
N ILE C 357 11.33 0.03 -36.04
CA ILE C 357 10.80 -1.27 -36.44
C ILE C 357 11.01 -1.40 -37.95
N THR C 358 11.91 -2.27 -38.36
CA THR C 358 12.18 -2.43 -39.77
C THR C 358 11.11 -3.31 -40.42
N LYS C 359 11.19 -3.41 -41.75
CA LYS C 359 10.27 -4.22 -42.52
C LYS C 359 10.45 -5.72 -42.24
N GLN C 360 11.70 -6.14 -42.02
CA GLN C 360 11.99 -7.55 -41.77
C GLN C 360 11.44 -8.02 -40.43
N GLU C 361 11.53 -7.16 -39.41
CA GLU C 361 10.97 -7.47 -38.09
C GLU C 361 9.45 -7.58 -38.16
N TYR C 362 8.81 -6.70 -38.94
CA TYR C 362 7.37 -6.79 -39.15
C TYR C 362 7.00 -8.07 -39.89
N ASP C 363 7.78 -8.45 -40.90
CA ASP C 363 7.51 -9.68 -41.66
C ASP C 363 7.69 -10.93 -40.82
N GLU C 364 8.66 -10.93 -39.90
CA GLU C 364 8.85 -12.11 -39.08
C GLU C 364 7.98 -12.12 -37.83
N ALA C 365 7.40 -11.00 -37.42
CA ALA C 365 6.69 -10.96 -36.16
C ALA C 365 5.24 -10.51 -36.22
N GLY C 366 4.72 -10.15 -37.40
CA GLY C 366 3.34 -9.69 -37.49
C GLY C 366 3.19 -8.27 -36.97
N PRO C 367 1.94 -7.82 -36.80
CA PRO C 367 1.70 -6.49 -36.21
C PRO C 367 2.00 -6.40 -34.71
N SER C 368 2.25 -7.51 -34.02
CA SER C 368 2.49 -7.51 -32.58
C SER C 368 3.90 -7.07 -32.19
N ILE C 369 4.76 -6.75 -33.15
CA ILE C 369 6.11 -6.23 -32.88
C ILE C 369 6.06 -4.86 -32.20
N VAL C 370 5.01 -4.08 -32.46
CA VAL C 370 4.90 -2.72 -31.92
C VAL C 370 4.61 -2.73 -30.42
N HIS C 371 4.06 -3.82 -29.89
CA HIS C 371 3.86 -3.91 -28.45
C HIS C 371 5.18 -4.18 -27.73
N ARG C 372 6.02 -5.04 -28.31
CA ARG C 372 7.27 -5.38 -27.63
C ARG C 372 8.38 -4.36 -27.87
N LYS C 373 8.32 -3.59 -28.96
CA LYS C 373 9.40 -2.64 -29.21
C LYS C 373 9.06 -1.23 -28.74
N CYS C 374 7.91 -0.68 -29.16
CA CYS C 374 7.52 0.66 -28.74
C CYS C 374 6.86 0.58 -27.38
N PHE C 375 7.49 1.22 -26.39
CA PHE C 375 7.06 1.34 -24.99
C PHE C 375 6.85 -0.02 -24.31
N ASP D 1 -20.56 -27.14 28.87
CA ASP D 1 -20.69 -26.33 27.66
C ASP D 1 -20.42 -24.83 27.87
N GLU D 2 -20.93 -24.02 26.96
CA GLU D 2 -20.76 -22.58 26.98
C GLU D 2 -22.10 -21.89 27.28
N ASP D 3 -22.01 -20.76 27.97
CA ASP D 3 -23.20 -20.06 28.46
C ASP D 3 -23.78 -19.16 27.38
N GLU D 4 -25.10 -18.99 27.41
CA GLU D 4 -25.80 -18.16 26.45
C GLU D 4 -25.49 -16.68 26.66
N THR D 5 -25.54 -15.93 25.57
CA THR D 5 -25.19 -14.52 25.60
C THR D 5 -26.06 -13.77 24.60
N THR D 6 -26.14 -12.46 24.79
CA THR D 6 -26.89 -11.57 23.91
C THR D 6 -25.98 -10.56 23.22
N ALA D 7 -24.77 -10.98 22.88
CA ALA D 7 -23.80 -10.08 22.29
C ALA D 7 -24.02 -9.95 20.78
N LEU D 8 -23.50 -8.86 20.23
CA LEU D 8 -23.54 -8.61 18.80
C LEU D 8 -22.13 -8.65 18.24
N VAL D 9 -21.97 -9.29 17.08
CA VAL D 9 -20.70 -9.34 16.37
C VAL D 9 -20.88 -8.56 15.08
N CYS D 10 -20.02 -7.55 14.89
CA CYS D 10 -20.11 -6.65 13.75
C CYS D 10 -18.73 -6.56 13.10
N ASP D 11 -18.50 -7.38 12.08
CA ASP D 11 -17.28 -7.30 11.29
C ASP D 11 -17.47 -6.15 10.31
N ASN D 12 -16.86 -5.01 10.62
CA ASN D 12 -16.92 -3.82 9.77
C ASN D 12 -15.64 -3.71 8.95
N GLY D 13 -15.58 -4.53 7.90
CA GLY D 13 -14.46 -4.52 6.99
C GLY D 13 -14.48 -3.33 6.05
N SER D 14 -13.47 -3.28 5.18
CA SER D 14 -13.32 -2.16 4.26
C SER D 14 -14.39 -2.17 3.17
N GLY D 15 -14.83 -3.34 2.74
CA GLY D 15 -15.80 -3.41 1.66
C GLY D 15 -17.20 -3.76 2.10
N LEU D 16 -17.33 -4.67 3.05
CA LEU D 16 -18.62 -5.19 3.47
C LEU D 16 -18.77 -5.06 4.98
N VAL D 17 -20.01 -4.94 5.42
CA VAL D 17 -20.37 -5.01 6.83
C VAL D 17 -21.12 -6.31 7.03
N LYS D 18 -20.64 -7.13 7.96
CA LYS D 18 -21.23 -8.42 8.29
C LYS D 18 -21.61 -8.37 9.77
N ALA D 19 -22.88 -8.19 10.06
CA ALA D 19 -23.37 -8.02 11.42
C ALA D 19 -24.34 -9.14 11.77
N GLY D 20 -24.32 -9.54 13.03
CA GLY D 20 -25.23 -10.56 13.49
C GLY D 20 -25.09 -10.78 14.98
N PHE D 21 -25.73 -11.86 15.44
CA PHE D 21 -25.77 -12.18 16.86
C PHE D 21 -24.73 -13.24 17.17
N ALA D 22 -24.15 -13.15 18.36
CA ALA D 22 -23.18 -14.14 18.81
C ALA D 22 -23.87 -15.46 19.11
N GLY D 23 -23.24 -16.56 18.69
CA GLY D 23 -23.80 -17.87 18.81
C GLY D 23 -24.44 -18.40 17.54
N ASP D 24 -24.77 -17.51 16.59
CA ASP D 24 -25.36 -17.96 15.34
C ASP D 24 -24.27 -18.46 14.39
N ASP D 25 -24.70 -19.27 13.43
CA ASP D 25 -23.78 -19.90 12.49
C ASP D 25 -23.45 -19.03 11.28
N ALA D 26 -24.14 -17.90 11.11
CA ALA D 26 -24.02 -17.09 9.91
C ALA D 26 -24.41 -15.67 10.27
N PRO D 27 -23.79 -14.66 9.65
CA PRO D 27 -24.20 -13.29 9.94
C PRO D 27 -25.51 -12.92 9.26
N ARG D 28 -26.36 -12.23 10.01
CA ARG D 28 -27.72 -11.96 9.54
C ARG D 28 -27.73 -10.88 8.47
N ALA D 29 -26.93 -9.83 8.65
CA ALA D 29 -26.92 -8.69 7.72
C ALA D 29 -25.55 -8.57 7.08
N VAL D 30 -25.49 -8.84 5.78
CA VAL D 30 -24.28 -8.61 4.99
C VAL D 30 -24.64 -7.59 3.93
N PHE D 31 -23.95 -6.46 3.93
CA PHE D 31 -24.28 -5.39 2.98
C PHE D 31 -23.03 -4.55 2.77
N PRO D 32 -22.86 -3.93 1.59
CA PRO D 32 -21.65 -3.13 1.36
C PRO D 32 -21.67 -1.81 2.10
N SER D 33 -20.47 -1.40 2.55
CA SER D 33 -20.31 -0.23 3.41
C SER D 33 -19.99 0.97 2.55
N ILE D 34 -21.03 1.55 1.95
CA ILE D 34 -20.92 2.74 1.12
C ILE D 34 -21.97 3.74 1.56
N VAL D 35 -21.67 5.01 1.33
CA VAL D 35 -22.64 6.09 1.51
C VAL D 35 -22.76 6.81 0.18
N GLY D 36 -23.97 6.87 -0.36
CA GLY D 36 -24.22 7.47 -1.65
C GLY D 36 -24.95 8.79 -1.49
N ARG D 37 -24.51 9.78 -2.27
CA ARG D 37 -25.09 11.12 -2.25
C ARG D 37 -25.40 11.54 -3.67
N PRO D 38 -26.54 12.22 -3.91
CA PRO D 38 -26.92 12.53 -5.29
C PRO D 38 -26.12 13.69 -5.88
N ARG D 39 -25.79 13.53 -7.16
CA ARG D 39 -24.94 14.49 -7.87
C ARG D 39 -25.66 15.13 -9.04
N HIS D 40 -26.99 15.02 -9.09
CA HIS D 40 -27.78 15.57 -10.18
C HIS D 40 -28.85 16.47 -9.59
N GLN D 41 -29.63 17.08 -10.47
CA GLN D 41 -30.65 18.06 -10.07
C GLN D 41 -31.98 17.36 -9.87
N GLY D 42 -32.57 17.51 -8.69
CA GLY D 42 -33.85 16.92 -8.40
C GLY D 42 -35.01 17.83 -8.77
N VAL D 43 -35.77 17.46 -9.79
CA VAL D 43 -36.85 18.32 -10.29
C VAL D 43 -38.24 17.84 -9.89
N MET D 44 -38.39 16.60 -9.44
CA MET D 44 -39.68 16.05 -9.06
C MET D 44 -39.81 16.16 -7.55
N VAL D 45 -40.69 17.03 -7.09
CA VAL D 45 -40.85 17.26 -5.66
C VAL D 45 -41.71 16.15 -5.07
N GLY D 46 -41.34 15.70 -3.87
CA GLY D 46 -42.04 14.63 -3.19
C GLY D 46 -41.25 13.36 -3.13
N MET D 47 -41.98 12.24 -3.02
CA MET D 47 -41.59 10.82 -2.97
C MET D 47 -40.34 10.47 -2.15
N GLY D 48 -40.09 11.21 -1.08
CA GLY D 48 -39.03 10.90 -0.12
C GLY D 48 -37.60 10.90 -0.64
N GLN D 49 -37.19 11.94 -1.35
CA GLN D 49 -35.82 12.04 -1.85
C GLN D 49 -34.90 12.34 -0.67
N LYS D 50 -34.19 11.32 -0.22
CA LYS D 50 -33.28 11.46 0.92
C LYS D 50 -32.01 12.17 0.49
N ASP D 51 -31.35 12.80 1.47
CA ASP D 51 -30.08 13.47 1.19
C ASP D 51 -28.91 12.50 1.10
N SER D 52 -29.05 11.29 1.64
CA SER D 52 -27.98 10.31 1.58
C SER D 52 -28.58 8.92 1.68
N TYR D 53 -27.97 7.98 0.97
CA TYR D 53 -28.41 6.59 0.93
C TYR D 53 -27.28 5.70 1.40
N VAL D 54 -27.61 4.69 2.20
CA VAL D 54 -26.63 3.87 2.88
C VAL D 54 -26.95 2.39 2.64
N GLY D 55 -25.90 1.61 2.34
CA GLY D 55 -26.08 0.18 2.19
C GLY D 55 -26.60 -0.25 0.84
N ASP D 56 -27.47 -1.28 0.86
CA ASP D 56 -27.95 -1.92 -0.37
C ASP D 56 -28.80 -1.00 -1.23
N GLU D 57 -29.55 -0.09 -0.61
CA GLU D 57 -30.32 0.88 -1.37
C GLU D 57 -29.43 1.90 -2.08
N ALA D 58 -28.18 2.06 -1.65
CA ALA D 58 -27.25 2.83 -2.46
C ALA D 58 -26.78 2.06 -3.68
N GLN D 59 -26.72 0.72 -3.59
CA GLN D 59 -26.39 -0.10 -4.75
C GLN D 59 -27.49 -0.08 -5.80
N SER D 60 -28.75 -0.05 -5.38
CA SER D 60 -29.85 -0.06 -6.33
C SER D 60 -29.97 1.27 -7.07
N LYS D 61 -29.53 2.37 -6.45
CA LYS D 61 -29.64 3.69 -7.06
C LYS D 61 -28.28 4.27 -7.45
N ARG D 62 -27.30 3.41 -7.74
CA ARG D 62 -25.91 3.85 -7.88
C ARG D 62 -25.64 4.66 -9.14
N GLY D 63 -26.58 4.69 -10.09
CA GLY D 63 -26.39 5.52 -11.28
C GLY D 63 -26.43 7.01 -10.99
N ILE D 64 -27.37 7.43 -10.15
CA ILE D 64 -27.57 8.84 -9.85
C ILE D 64 -26.90 9.24 -8.53
N LEU D 65 -25.97 8.44 -8.05
CA LEU D 65 -25.29 8.70 -6.79
C LEU D 65 -23.79 8.67 -7.01
N THR D 66 -23.07 9.44 -6.21
CA THR D 66 -21.65 9.21 -6.00
C THR D 66 -21.50 8.43 -4.69
N LEU D 67 -20.64 7.41 -4.73
CA LEU D 67 -20.49 6.48 -3.63
C LEU D 67 -19.15 6.69 -2.95
N LYS D 68 -19.17 6.73 -1.62
CA LYS D 68 -17.95 6.91 -0.84
C LYS D 68 -17.81 5.79 0.17
N TYR D 69 -16.61 5.25 0.26
CA TYR D 69 -16.23 4.32 1.33
C TYR D 69 -15.62 5.11 2.46
N PRO D 70 -16.20 5.09 3.67
CA PRO D 70 -15.52 5.71 4.82
C PRO D 70 -14.25 5.00 5.25
N ILE D 71 -14.14 3.70 5.02
CA ILE D 71 -12.96 2.93 5.39
C ILE D 71 -12.08 2.79 4.17
N GLU D 72 -10.83 3.22 4.29
CA GLU D 72 -9.88 3.13 3.18
C GLU D 72 -8.61 2.54 3.74
N HIC D 73 -8.30 1.32 3.29
CA HIC D 73 -7.18 0.50 3.72
C HIC D 73 -7.22 0.21 5.22
O HIC D 73 -6.23 0.20 5.94
CB HIC D 73 -5.76 1.06 3.44
CG HIC D 73 -5.47 1.24 2.02
ND1 HIC D 73 -6.14 0.60 0.97
CD2 HIC D 73 -4.45 2.06 1.49
CE1 HIC D 73 -5.56 1.04 -0.15
NE2 HIC D 73 -4.52 1.94 0.11
CZ HIC D 73 -3.70 2.59 -0.84
N GLY D 74 -8.43 -0.04 5.70
CA GLY D 74 -8.62 -0.40 7.09
C GLY D 74 -8.87 0.74 8.05
N ILE D 75 -8.39 1.93 7.69
CA ILE D 75 -8.50 3.10 8.55
C ILE D 75 -9.80 3.83 8.22
N ILE D 76 -10.63 4.06 9.25
CA ILE D 76 -11.82 4.88 9.09
C ILE D 76 -11.40 6.33 8.87
N THR D 77 -11.86 6.92 7.77
CA THR D 77 -11.50 8.28 7.42
C THR D 77 -12.62 9.28 7.66
N ASN D 78 -13.85 8.94 7.27
CA ASN D 78 -15.00 9.81 7.44
C ASN D 78 -15.83 9.21 8.57
N TRP D 79 -15.76 9.82 9.75
CA TRP D 79 -16.41 9.27 10.93
C TRP D 79 -17.93 9.49 10.93
N ASP D 80 -18.41 10.52 10.23
CA ASP D 80 -19.85 10.73 10.12
C ASP D 80 -20.51 9.64 9.29
N ASP D 81 -19.88 9.23 8.19
CA ASP D 81 -20.41 8.14 7.38
C ASP D 81 -20.29 6.80 8.08
N MET D 82 -19.26 6.62 8.89
CA MET D 82 -19.12 5.40 9.69
C MET D 82 -20.19 5.33 10.77
N GLU D 83 -20.52 6.48 11.38
CA GLU D 83 -21.61 6.55 12.35
C GLU D 83 -22.96 6.30 11.67
N LYS D 84 -23.09 6.75 10.41
CA LYS D 84 -24.31 6.50 9.64
C LYS D 84 -24.47 5.01 9.31
N ILE D 85 -23.37 4.34 8.95
CA ILE D 85 -23.41 2.89 8.68
C ILE D 85 -23.69 2.11 9.97
N TRP D 86 -23.13 2.55 11.09
CA TRP D 86 -23.40 1.89 12.37
C TRP D 86 -24.85 2.07 12.82
N HIS D 87 -25.43 3.26 12.60
CA HIS D 87 -26.83 3.49 12.90
C HIS D 87 -27.73 2.66 12.00
N HIS D 88 -27.35 2.51 10.73
CA HIS D 88 -28.11 1.68 9.79
C HIS D 88 -28.05 0.21 10.17
N THR D 89 -26.89 -0.28 10.59
CA THR D 89 -26.80 -1.70 10.91
C THR D 89 -27.39 -2.02 12.28
N PHE D 90 -27.44 -1.06 13.21
CA PHE D 90 -28.12 -1.34 14.47
C PHE D 90 -29.62 -1.23 14.33
N TYR D 91 -30.11 -0.19 13.64
CA TYR D 91 -31.53 0.12 13.70
C TYR D 91 -32.33 -0.42 12.53
N ASN D 92 -31.74 -0.52 11.34
CA ASN D 92 -32.49 -0.91 10.16
C ASN D 92 -32.23 -2.33 9.68
N GLU D 93 -31.17 -2.99 10.17
CA GLU D 93 -30.84 -4.33 9.73
C GLU D 93 -31.06 -5.36 10.82
N LEU D 94 -30.44 -5.19 11.98
CA LEU D 94 -30.67 -6.11 13.09
C LEU D 94 -31.95 -5.78 13.84
N ARG D 95 -32.36 -4.50 13.78
CA ARG D 95 -33.55 -3.94 14.44
C ARG D 95 -33.52 -4.18 15.95
N VAL D 96 -32.44 -3.73 16.58
CA VAL D 96 -32.25 -3.87 18.02
C VAL D 96 -31.79 -2.55 18.59
N ALA D 97 -32.04 -2.36 19.88
CA ALA D 97 -31.50 -1.22 20.61
C ALA D 97 -30.11 -1.58 21.13
N PRO D 98 -29.08 -0.77 20.87
CA PRO D 98 -27.72 -1.11 21.34
C PRO D 98 -27.51 -1.00 22.83
N GLU D 99 -28.47 -0.46 23.59
CA GLU D 99 -28.29 -0.19 25.01
C GLU D 99 -28.26 -1.46 25.86
N GLU D 100 -28.74 -2.60 25.34
CA GLU D 100 -28.78 -3.83 26.11
C GLU D 100 -28.05 -4.97 25.42
N HIS D 101 -27.17 -4.66 24.48
CA HIS D 101 -26.37 -5.69 23.83
C HIS D 101 -24.91 -5.29 23.80
N PRO D 102 -24.00 -6.10 24.34
CA PRO D 102 -22.58 -5.87 24.12
C PRO D 102 -22.20 -6.08 22.66
N THR D 103 -21.19 -5.35 22.22
CA THR D 103 -20.80 -5.32 20.82
C THR D 103 -19.34 -5.72 20.67
N LEU D 104 -19.09 -6.67 19.79
CA LEU D 104 -17.74 -7.08 19.44
C LEU D 104 -17.38 -6.51 18.08
N LEU D 105 -16.22 -5.89 17.99
CA LEU D 105 -15.77 -5.24 16.76
C LEU D 105 -14.48 -5.86 16.29
N THR D 106 -14.18 -5.68 15.00
CA THR D 106 -13.00 -6.27 14.37
C THR D 106 -12.12 -5.17 13.82
N GLU D 107 -10.82 -5.46 13.74
CA GLU D 107 -9.84 -4.49 13.26
C GLU D 107 -8.62 -5.23 12.74
N ALA D 108 -7.99 -4.67 11.71
CA ALA D 108 -6.71 -5.14 11.22
C ALA D 108 -5.60 -4.83 12.23
N PRO D 109 -4.50 -5.56 12.20
CA PRO D 109 -3.33 -5.16 13.00
C PRO D 109 -2.60 -3.99 12.35
N LEU D 110 -1.80 -3.31 13.19
CA LEU D 110 -0.95 -2.17 12.83
C LEU D 110 -1.74 -1.00 12.25
N ASN D 111 -2.93 -0.76 12.77
CA ASN D 111 -3.65 0.48 12.54
C ASN D 111 -3.12 1.55 13.48
N PRO D 112 -3.39 2.84 13.19
CA PRO D 112 -3.15 3.87 14.20
C PRO D 112 -4.05 3.72 15.41
N LYS D 113 -3.57 4.28 16.52
CA LYS D 113 -4.23 4.13 17.82
C LYS D 113 -5.54 4.89 17.86
N ALA D 114 -5.58 6.06 17.19
CA ALA D 114 -6.71 6.98 17.23
C ALA D 114 -7.98 6.37 16.64
N ASN D 115 -7.83 5.41 15.72
CA ASN D 115 -8.94 4.61 15.24
C ASN D 115 -9.59 3.83 16.40
N ARG D 116 -8.77 3.30 17.31
CA ARG D 116 -9.29 2.53 18.43
C ARG D 116 -9.95 3.43 19.48
N GLU D 117 -9.33 4.59 19.81
CA GLU D 117 -10.03 5.51 20.73
C GLU D 117 -11.32 6.07 20.15
N LYS D 118 -11.35 6.39 18.86
CA LYS D 118 -12.59 6.94 18.30
C LYS D 118 -13.67 5.88 18.16
N MET D 119 -13.30 4.62 17.88
CA MET D 119 -14.29 3.53 17.94
C MET D 119 -14.85 3.35 19.34
N THR D 120 -13.98 3.44 20.36
CA THR D 120 -14.42 3.41 21.76
C THR D 120 -15.36 4.56 22.09
N GLN D 121 -15.06 5.75 21.60
CA GLN D 121 -15.81 6.95 21.95
C GLN D 121 -17.19 6.97 21.30
N ILE D 122 -17.29 6.66 19.99
CA ILE D 122 -18.61 6.56 19.36
C ILE D 122 -19.42 5.33 19.82
N MET D 123 -18.80 4.19 20.17
CA MET D 123 -19.60 3.12 20.78
C MET D 123 -20.12 3.46 22.17
N PHE D 124 -19.32 4.14 23.00
CA PHE D 124 -19.81 4.36 24.35
C PHE D 124 -20.68 5.62 24.48
N GLU D 125 -20.38 6.68 23.74
CA GLU D 125 -21.11 7.92 23.94
C GLU D 125 -22.36 8.04 23.08
N THR D 126 -22.28 7.65 21.81
CA THR D 126 -23.41 7.81 20.91
C THR D 126 -24.46 6.72 21.09
N PHE D 127 -24.03 5.46 21.00
CA PHE D 127 -24.97 4.35 21.03
C PHE D 127 -25.26 3.83 22.42
N ASN D 128 -24.40 4.14 23.40
CA ASN D 128 -24.54 3.78 24.82
C ASN D 128 -24.62 2.27 25.03
N VAL D 129 -23.68 1.54 24.42
CA VAL D 129 -23.59 0.10 24.58
C VAL D 129 -23.11 -0.21 26.00
N PRO D 130 -23.48 -1.35 26.59
CA PRO D 130 -22.97 -1.64 27.95
C PRO D 130 -21.56 -2.20 27.97
N ALA D 131 -21.11 -2.80 26.88
CA ALA D 131 -19.78 -3.38 26.81
C ALA D 131 -19.30 -3.33 25.38
N MET D 132 -17.98 -3.44 25.22
CA MET D 132 -17.37 -3.30 23.91
C MET D 132 -16.06 -4.07 23.95
N TYR D 133 -15.62 -4.53 22.79
CA TYR D 133 -14.33 -5.19 22.62
C TYR D 133 -13.94 -5.09 21.15
N VAL D 134 -12.65 -4.88 20.89
CA VAL D 134 -12.12 -4.92 19.53
C VAL D 134 -11.08 -6.03 19.44
N ALA D 135 -11.10 -6.75 18.32
CA ALA D 135 -10.29 -7.95 18.16
C ALA D 135 -9.59 -7.94 16.81
N ILE D 136 -8.46 -8.63 16.76
CA ILE D 136 -7.69 -8.78 15.53
C ILE D 136 -8.39 -9.82 14.66
N GLN D 137 -8.49 -9.53 13.36
CA GLN D 137 -9.28 -10.35 12.43
C GLN D 137 -8.67 -11.73 12.22
N ALA D 138 -7.35 -11.83 12.17
CA ALA D 138 -6.68 -13.11 11.90
C ALA D 138 -6.81 -14.08 13.08
N VAL D 139 -6.88 -13.54 14.30
CA VAL D 139 -7.12 -14.35 15.49
C VAL D 139 -8.51 -14.99 15.42
N LEU D 140 -9.50 -14.23 14.96
CA LEU D 140 -10.84 -14.76 14.75
C LEU D 140 -10.87 -15.77 13.60
N SER D 141 -10.08 -15.54 12.56
CA SER D 141 -9.99 -16.49 11.45
C SER D 141 -9.39 -17.81 11.89
N LEU D 142 -8.45 -17.78 12.83
CA LEU D 142 -7.92 -19.01 13.39
C LEU D 142 -8.88 -19.64 14.41
N TYR D 143 -9.72 -18.82 15.06
CA TYR D 143 -10.80 -19.36 15.90
C TYR D 143 -11.81 -20.15 15.09
N ALA D 144 -12.12 -19.68 13.88
CA ALA D 144 -13.15 -20.33 13.05
C ALA D 144 -12.70 -21.69 12.55
N SER D 145 -11.39 -21.86 12.28
CA SER D 145 -10.88 -23.12 11.77
C SER D 145 -10.78 -24.20 12.84
N GLY D 146 -10.88 -23.84 14.12
CA GLY D 146 -10.76 -24.81 15.19
C GLY D 146 -9.36 -25.11 15.63
N ARG D 147 -8.34 -24.53 15.00
CA ARG D 147 -6.96 -24.78 15.36
C ARG D 147 -6.46 -23.75 16.36
N THR D 148 -5.29 -24.05 16.93
CA THR D 148 -4.54 -23.08 17.71
C THR D 148 -3.25 -22.67 17.03
N THR D 149 -2.54 -23.60 16.41
CA THR D 149 -1.28 -23.32 15.74
C THR D 149 -1.55 -23.03 14.28
N GLY D 150 -1.03 -21.92 13.78
CA GLY D 150 -1.12 -21.64 12.36
C GLY D 150 -0.75 -20.20 12.06
N ILE D 151 -0.47 -19.96 10.79
CA ILE D 151 -0.24 -18.62 10.27
C ILE D 151 -1.43 -18.28 9.37
N VAL D 152 -2.01 -17.12 9.61
CA VAL D 152 -3.25 -16.72 8.94
C VAL D 152 -2.92 -15.59 7.98
N LEU D 153 -3.23 -15.80 6.71
CA LEU D 153 -3.18 -14.75 5.69
C LEU D 153 -4.62 -14.29 5.50
N ASP D 154 -4.97 -13.15 6.08
CA ASP D 154 -6.31 -12.59 5.93
C ASP D 154 -6.20 -11.44 4.95
N SER D 155 -6.93 -11.54 3.84
CA SER D 155 -6.88 -10.54 2.78
C SER D 155 -8.31 -10.11 2.49
N GLY D 156 -8.66 -8.91 2.88
CA GLY D 156 -9.98 -8.38 2.63
C GLY D 156 -10.04 -7.46 1.42
N ASP D 157 -10.63 -6.28 1.59
CA ASP D 157 -10.74 -5.32 0.51
C ASP D 157 -9.69 -4.21 0.66
N GLY D 158 -9.21 -3.97 1.88
CA GLY D 158 -8.19 -2.95 2.05
C GLY D 158 -6.85 -3.42 2.56
N VAL D 159 -6.82 -4.45 3.40
CA VAL D 159 -5.63 -4.86 4.13
C VAL D 159 -5.38 -6.35 3.86
N THR D 160 -4.13 -6.70 3.55
CA THR D 160 -3.70 -8.10 3.50
C THR D 160 -2.66 -8.30 4.58
N HIS D 161 -2.96 -9.08 5.60
CA HIS D 161 -2.06 -9.24 6.72
C HIS D 161 -1.81 -10.69 7.07
N ASN D 162 -0.57 -10.99 7.47
CA ASN D 162 -0.15 -12.30 7.92
C ASN D 162 0.13 -12.23 9.41
N VAL D 163 -0.53 -13.12 10.18
CA VAL D 163 -0.33 -13.21 11.62
C VAL D 163 -0.01 -14.65 11.98
N PRO D 164 1.16 -14.93 12.58
CA PRO D 164 1.43 -16.28 13.09
C PRO D 164 1.13 -16.46 14.57
N ILE D 165 0.49 -17.58 14.89
CA ILE D 165 0.10 -17.91 16.26
C ILE D 165 0.54 -19.33 16.56
N TYR D 166 1.33 -19.50 17.62
CA TYR D 166 1.75 -20.80 18.12
C TYR D 166 1.10 -21.04 19.46
N GLU D 167 0.40 -22.17 19.60
CA GLU D 167 -0.53 -22.52 20.70
C GLU D 167 -1.54 -21.38 20.78
N GLY D 168 -1.74 -20.75 21.92
CA GLY D 168 -2.56 -19.57 21.95
C GLY D 168 -1.82 -18.26 21.85
N TYR D 169 -0.51 -18.31 21.66
CA TYR D 169 0.34 -17.14 21.79
C TYR D 169 0.69 -16.60 20.41
N ALA D 170 0.38 -15.33 20.18
CA ALA D 170 0.75 -14.66 18.96
C ALA D 170 2.15 -14.10 19.06
N LEU D 171 2.77 -13.87 17.91
CA LEU D 171 4.12 -13.32 17.82
C LEU D 171 4.00 -11.97 17.13
N PRO D 172 3.96 -10.87 17.89
CA PRO D 172 3.73 -9.54 17.29
C PRO D 172 4.87 -9.04 16.41
N HIS D 173 6.10 -9.49 16.68
CA HIS D 173 7.23 -9.06 15.87
C HIS D 173 7.24 -9.66 14.47
N ALA D 174 6.50 -10.74 14.24
CA ALA D 174 6.46 -11.39 12.95
C ALA D 174 5.24 -11.03 12.12
N ILE D 175 4.35 -10.19 12.63
CA ILE D 175 3.13 -9.82 11.91
C ILE D 175 3.48 -8.92 10.74
N MET D 176 2.96 -9.27 9.55
CA MET D 176 3.19 -8.50 8.35
C MET D 176 1.89 -7.88 7.86
N ARG D 177 1.97 -6.66 7.36
CA ARG D 177 0.82 -5.97 6.80
C ARG D 177 1.21 -5.39 5.45
N LEU D 178 0.37 -5.62 4.44
CA LEU D 178 0.58 -5.12 3.11
C LEU D 178 -0.72 -4.50 2.64
N ASP D 179 -0.63 -3.28 2.10
CA ASP D 179 -1.81 -2.57 1.59
C ASP D 179 -2.01 -2.94 0.12
N LEU D 180 -2.41 -4.19 -0.09
CA LEU D 180 -2.63 -4.74 -1.42
C LEU D 180 -3.78 -5.74 -1.31
N ALA D 181 -4.96 -5.33 -1.75
CA ALA D 181 -6.15 -6.15 -1.62
C ALA D 181 -7.09 -5.82 -2.76
N GLY D 182 -8.38 -6.10 -2.57
CA GLY D 182 -9.35 -6.06 -3.67
C GLY D 182 -9.61 -4.69 -4.26
N ARG D 183 -9.36 -3.62 -3.50
CA ARG D 183 -9.41 -2.26 -4.04
C ARG D 183 -8.36 -2.06 -5.14
N ASP D 184 -7.12 -2.48 -4.86
CA ASP D 184 -6.04 -2.34 -5.82
C ASP D 184 -6.21 -3.25 -7.00
N LEU D 185 -6.76 -4.45 -6.78
CA LEU D 185 -7.05 -5.37 -7.88
C LEU D 185 -8.16 -4.84 -8.78
N THR D 186 -9.19 -4.22 -8.17
CA THR D 186 -10.27 -3.62 -8.95
C THR D 186 -9.78 -2.43 -9.76
N ASP D 187 -8.91 -1.59 -9.17
CA ASP D 187 -8.34 -0.46 -9.89
C ASP D 187 -7.39 -0.91 -11.00
N TYR D 188 -6.62 -1.99 -10.77
CA TYR D 188 -5.74 -2.53 -11.80
C TYR D 188 -6.53 -3.15 -12.94
N LEU D 189 -7.66 -3.81 -12.64
CA LEU D 189 -8.52 -4.34 -13.68
C LEU D 189 -9.18 -3.22 -14.47
N MET D 190 -9.56 -2.14 -13.80
CA MET D 190 -10.06 -0.92 -14.45
C MET D 190 -9.01 -0.32 -15.38
N LYS D 191 -7.74 -0.42 -15.01
CA LYS D 191 -6.66 0.03 -15.89
C LYS D 191 -6.52 -0.88 -17.10
N ILE D 192 -6.46 -2.20 -16.90
CA ILE D 192 -6.11 -3.08 -18.01
C ILE D 192 -7.30 -3.43 -18.89
N LEU D 193 -8.53 -3.07 -18.51
CA LEU D 193 -9.64 -3.18 -19.45
C LEU D 193 -9.61 -2.12 -20.56
N THR D 194 -8.80 -1.07 -20.41
CA THR D 194 -8.63 -0.09 -21.47
C THR D 194 -7.84 -0.62 -22.66
N GLU D 195 -7.13 -1.74 -22.49
CA GLU D 195 -6.42 -2.37 -23.60
C GLU D 195 -7.38 -2.96 -24.63
N ARG D 196 -8.59 -3.35 -24.21
CA ARG D 196 -9.59 -3.83 -25.13
C ARG D 196 -10.55 -2.75 -25.59
N GLY D 197 -10.46 -1.55 -25.02
CA GLY D 197 -11.31 -0.44 -25.42
C GLY D 197 -12.50 -0.18 -24.53
N TYR D 198 -12.65 -0.90 -23.42
CA TYR D 198 -13.76 -0.69 -22.51
C TYR D 198 -13.33 0.28 -21.43
N SER D 199 -13.96 1.45 -21.39
CA SER D 199 -13.57 2.51 -20.46
C SER D 199 -14.54 2.55 -19.29
N PHE D 200 -14.01 2.37 -18.09
CA PHE D 200 -14.78 2.47 -16.86
C PHE D 200 -14.11 3.54 -15.99
N VAL D 201 -14.85 4.60 -15.66
CA VAL D 201 -14.27 5.72 -14.91
C VAL D 201 -14.99 5.98 -13.57
N THR D 202 -16.31 5.86 -13.52
CA THR D 202 -17.04 6.33 -12.35
C THR D 202 -17.08 5.24 -11.26
N THR D 203 -17.76 5.56 -10.16
CA THR D 203 -17.81 4.67 -9.00
C THR D 203 -18.75 3.48 -9.24
N ALA D 204 -19.87 3.73 -9.92
CA ALA D 204 -20.77 2.63 -10.29
C ALA D 204 -20.11 1.70 -11.30
N GLU D 205 -19.30 2.26 -12.21
CA GLU D 205 -18.49 1.46 -13.11
C GLU D 205 -17.42 0.68 -12.36
N ARG D 206 -16.91 1.22 -11.25
CA ARG D 206 -16.00 0.47 -10.39
C ARG D 206 -16.71 -0.72 -9.73
N GLU D 207 -17.98 -0.54 -9.35
CA GLU D 207 -18.76 -1.64 -8.81
C GLU D 207 -19.02 -2.72 -9.86
N ILE D 208 -19.24 -2.31 -11.11
CA ILE D 208 -19.41 -3.25 -12.22
C ILE D 208 -18.13 -4.05 -12.48
N VAL D 209 -16.98 -3.37 -12.45
CA VAL D 209 -15.68 -4.03 -12.62
C VAL D 209 -15.38 -4.98 -11.45
N ARG D 210 -15.80 -4.61 -10.23
CA ARG D 210 -15.70 -5.50 -9.09
C ARG D 210 -16.54 -6.77 -9.26
N ASP D 211 -17.73 -6.63 -9.85
CA ASP D 211 -18.56 -7.80 -10.16
C ASP D 211 -17.93 -8.68 -11.23
N ILE D 212 -17.29 -8.06 -12.23
CA ILE D 212 -16.55 -8.80 -13.27
C ILE D 212 -15.40 -9.59 -12.66
N LYS D 213 -14.67 -8.96 -11.73
CA LYS D 213 -13.56 -9.59 -11.03
C LYS D 213 -14.01 -10.76 -10.17
N GLU D 214 -15.15 -10.60 -9.48
CA GLU D 214 -15.68 -11.68 -8.67
C GLU D 214 -16.17 -12.84 -9.52
N LYS D 215 -16.75 -12.56 -10.69
CA LYS D 215 -17.38 -13.62 -11.45
C LYS D 215 -16.50 -14.26 -12.52
N LEU D 216 -15.35 -13.68 -12.86
CA LEU D 216 -14.59 -14.19 -13.99
C LEU D 216 -13.10 -14.45 -13.74
N CYS D 217 -12.48 -13.79 -12.77
CA CYS D 217 -11.04 -13.89 -12.61
C CYS D 217 -10.63 -15.17 -11.89
N TYR D 218 -9.42 -15.65 -12.18
CA TYR D 218 -8.88 -16.84 -11.58
C TYR D 218 -7.36 -16.73 -11.55
N VAL D 219 -6.73 -17.55 -10.71
CA VAL D 219 -5.28 -17.52 -10.51
C VAL D 219 -4.65 -18.63 -11.34
N ALA D 220 -3.72 -18.25 -12.22
CA ALA D 220 -3.00 -19.22 -13.04
C ALA D 220 -1.96 -19.94 -12.21
N LEU D 221 -1.74 -21.22 -12.52
CA LEU D 221 -0.74 -22.01 -11.81
C LEU D 221 0.68 -21.56 -12.14
N ASP D 222 0.96 -21.35 -13.42
CA ASP D 222 2.19 -20.67 -13.84
C ASP D 222 1.82 -19.58 -14.84
N PHE D 223 2.49 -18.44 -14.71
CA PHE D 223 2.06 -17.25 -15.43
C PHE D 223 2.45 -17.29 -16.90
N GLU D 224 3.71 -17.59 -17.20
CA GLU D 224 4.24 -17.43 -18.56
C GLU D 224 3.67 -18.45 -19.52
N ASN D 225 3.47 -19.69 -19.06
CA ASN D 225 2.81 -20.70 -19.87
C ASN D 225 1.36 -20.35 -20.13
N GLU D 226 0.69 -19.72 -19.15
CA GLU D 226 -0.69 -19.31 -19.35
C GLU D 226 -0.79 -18.11 -20.29
N MET D 227 0.20 -17.22 -20.26
CA MET D 227 0.31 -16.15 -21.26
C MET D 227 0.51 -16.71 -22.65
N ALA D 228 1.37 -17.74 -22.79
CA ALA D 228 1.58 -18.38 -24.09
C ALA D 228 0.34 -19.12 -24.58
N THR D 229 -0.40 -19.74 -23.65
CA THR D 229 -1.64 -20.42 -23.99
C THR D 229 -2.72 -19.43 -24.43
N ALA D 230 -2.83 -18.30 -23.73
CA ALA D 230 -3.80 -17.28 -24.11
C ALA D 230 -3.43 -16.60 -25.42
N ALA D 231 -2.13 -16.45 -25.69
CA ALA D 231 -1.70 -15.86 -26.96
C ALA D 231 -1.91 -16.82 -28.12
N SER D 232 -1.70 -18.12 -27.89
CA SER D 232 -1.74 -19.09 -28.99
C SER D 232 -3.17 -19.36 -29.44
N SER D 233 -4.09 -19.55 -28.51
CA SER D 233 -5.44 -19.96 -28.82
C SER D 233 -6.44 -18.91 -28.33
N SER D 234 -7.72 -19.26 -28.38
CA SER D 234 -8.80 -18.39 -27.93
C SER D 234 -9.78 -19.14 -27.04
N SER D 235 -9.30 -20.18 -26.35
CA SER D 235 -10.17 -20.98 -25.50
C SER D 235 -10.35 -20.38 -24.12
N LEU D 236 -9.53 -19.41 -23.73
CA LEU D 236 -9.58 -18.83 -22.39
C LEU D 236 -10.45 -17.59 -22.32
N GLU D 237 -10.94 -17.09 -23.45
CA GLU D 237 -11.78 -15.90 -23.45
C GLU D 237 -13.18 -16.22 -22.95
N LYS D 238 -13.74 -15.31 -22.14
CA LYS D 238 -15.09 -15.46 -21.64
C LYS D 238 -15.81 -14.13 -21.73
N SER D 239 -17.13 -14.20 -21.77
CA SER D 239 -17.99 -13.05 -21.99
C SER D 239 -18.68 -12.62 -20.71
N TYR D 240 -19.11 -11.36 -20.70
CA TYR D 240 -19.85 -10.78 -19.58
C TYR D 240 -20.86 -9.80 -20.15
N GLU D 241 -22.01 -9.69 -19.48
CA GLU D 241 -23.08 -8.81 -19.90
C GLU D 241 -23.17 -7.61 -18.96
N LEU D 242 -23.01 -6.42 -19.52
CA LEU D 242 -23.21 -5.16 -18.81
C LEU D 242 -24.71 -4.95 -18.55
N PRO D 243 -25.07 -4.16 -17.53
CA PRO D 243 -26.52 -3.96 -17.25
C PRO D 243 -27.27 -3.10 -18.27
N ASP D 244 -26.62 -2.50 -19.27
CA ASP D 244 -27.36 -1.96 -20.40
C ASP D 244 -27.38 -2.89 -21.61
N GLY D 245 -26.91 -4.12 -21.45
CA GLY D 245 -27.02 -5.12 -22.49
C GLY D 245 -25.80 -5.32 -23.35
N GLN D 246 -24.79 -4.46 -23.21
CA GLN D 246 -23.55 -4.64 -23.96
C GLN D 246 -22.79 -5.85 -23.44
N VAL D 247 -22.13 -6.56 -24.34
CA VAL D 247 -21.43 -7.80 -24.04
C VAL D 247 -19.94 -7.57 -24.30
N ILE D 248 -19.12 -7.82 -23.28
CA ILE D 248 -17.67 -7.72 -23.42
C ILE D 248 -17.06 -9.11 -23.34
N THR D 249 -15.87 -9.24 -23.92
CA THR D 249 -15.09 -10.47 -23.85
C THR D 249 -13.72 -10.16 -23.29
N ILE D 250 -13.22 -11.02 -22.41
CA ILE D 250 -11.89 -10.83 -21.82
C ILE D 250 -11.12 -12.14 -21.92
N GLY D 251 -9.81 -12.00 -22.13
CA GLY D 251 -8.92 -13.14 -22.31
C GLY D 251 -7.92 -13.29 -21.18
N ASN D 252 -6.69 -12.80 -21.40
CA ASN D 252 -5.64 -12.93 -20.40
C ASN D 252 -5.87 -12.07 -19.16
N GLU D 253 -6.74 -11.05 -19.25
CA GLU D 253 -7.09 -10.20 -18.13
C GLU D 253 -7.83 -10.94 -17.01
N ARG D 254 -8.33 -12.15 -17.28
CA ARG D 254 -8.85 -13.02 -16.24
C ARG D 254 -7.78 -13.40 -15.23
N PHE D 255 -6.55 -13.65 -15.68
CA PHE D 255 -5.52 -14.09 -14.75
C PHE D 255 -4.39 -13.09 -14.55
N ARG D 256 -4.38 -11.98 -15.29
CA ARG D 256 -3.40 -10.93 -15.03
C ARG D 256 -3.78 -10.12 -13.80
N CYS D 257 -5.08 -9.98 -13.52
CA CYS D 257 -5.53 -9.21 -12.37
C CYS D 257 -5.17 -9.83 -11.01
N PRO D 258 -5.38 -11.13 -10.70
CA PRO D 258 -4.92 -11.61 -9.38
C PRO D 258 -3.43 -11.89 -9.30
N GLU D 259 -2.69 -11.79 -10.41
CA GLU D 259 -1.24 -11.97 -10.39
C GLU D 259 -0.52 -10.82 -9.66
N THR D 260 -1.20 -9.67 -9.53
CA THR D 260 -0.69 -8.53 -8.77
C THR D 260 -0.51 -8.87 -7.28
N LEU D 261 -1.30 -9.82 -6.77
CA LEU D 261 -1.08 -10.35 -5.43
C LEU D 261 0.26 -11.07 -5.32
N PHE D 262 0.66 -11.79 -6.38
CA PHE D 262 1.94 -12.49 -6.37
C PHE D 262 3.08 -11.68 -6.95
N GLN D 263 2.79 -10.69 -7.80
CA GLN D 263 3.79 -9.75 -8.30
C GLN D 263 3.29 -8.32 -8.12
N PRO D 264 3.56 -7.68 -6.97
CA PRO D 264 3.09 -6.30 -6.77
C PRO D 264 3.78 -5.23 -7.60
N SER D 265 4.78 -5.57 -8.42
CA SER D 265 5.42 -4.61 -9.31
C SER D 265 4.54 -4.19 -10.49
N PHE D 266 3.41 -4.86 -10.71
CA PHE D 266 2.44 -4.44 -11.73
C PHE D 266 1.82 -3.07 -11.40
N ILE D 267 1.70 -2.73 -10.13
CA ILE D 267 1.17 -1.44 -9.74
C ILE D 267 2.26 -0.56 -9.10
N GLY D 268 3.53 -0.88 -9.33
CA GLY D 268 4.62 -0.02 -8.93
C GLY D 268 5.13 -0.23 -7.52
N MET D 269 4.52 -1.12 -6.74
CA MET D 269 4.99 -1.40 -5.39
C MET D 269 6.22 -2.30 -5.44
N GLU D 270 7.28 -1.91 -4.72
CA GLU D 270 8.48 -2.74 -4.75
C GLU D 270 8.44 -3.88 -3.75
N SER D 271 7.39 -3.97 -2.95
CA SER D 271 7.25 -5.00 -1.94
C SER D 271 7.07 -6.37 -2.59
N ALA D 272 7.33 -7.41 -1.81
CA ALA D 272 7.27 -8.76 -2.33
C ALA D 272 5.84 -9.28 -2.33
N GLY D 273 5.63 -10.40 -3.02
CA GLY D 273 4.33 -11.01 -3.10
C GLY D 273 3.91 -11.67 -1.80
N ILE D 274 2.67 -12.18 -1.81
CA ILE D 274 2.08 -12.77 -0.61
C ILE D 274 2.76 -14.07 -0.21
N HIS D 275 3.33 -14.81 -1.18
CA HIS D 275 4.09 -16.00 -0.86
C HIS D 275 5.39 -15.65 -0.15
N GLU D 276 6.08 -14.61 -0.60
CA GLU D 276 7.29 -14.20 0.08
C GLU D 276 6.98 -13.51 1.40
N THR D 277 5.83 -12.83 1.48
CA THR D 277 5.38 -12.23 2.74
C THR D 277 5.11 -13.29 3.79
N THR D 278 4.45 -14.39 3.38
CA THR D 278 4.21 -15.52 4.27
C THR D 278 5.51 -16.21 4.68
N TYR D 279 6.44 -16.38 3.72
CA TYR D 279 7.71 -17.05 3.99
C TYR D 279 8.59 -16.23 4.93
N ASN D 280 8.67 -14.91 4.72
CA ASN D 280 9.44 -14.06 5.61
C ASN D 280 8.74 -13.86 6.95
N SER D 281 7.42 -14.00 7.01
CA SER D 281 6.75 -14.04 8.30
C SER D 281 7.09 -15.29 9.09
N ILE D 282 7.24 -16.42 8.39
CA ILE D 282 7.64 -17.66 9.04
C ILE D 282 9.11 -17.60 9.50
N MET D 283 9.99 -16.99 8.69
CA MET D 283 11.41 -16.90 9.03
C MET D 283 11.69 -16.00 10.24
N LYS D 284 10.87 -15.00 10.50
CA LYS D 284 11.11 -14.22 11.71
C LYS D 284 10.66 -14.94 12.98
N CYS D 285 9.80 -15.94 12.87
CA CYS D 285 9.56 -16.84 13.99
C CYS D 285 10.80 -17.69 14.21
N ASP D 286 11.05 -18.05 15.47
CA ASP D 286 12.27 -18.78 15.80
C ASP D 286 12.16 -20.25 15.37
N ILE D 287 13.32 -20.92 15.39
CA ILE D 287 13.61 -22.13 14.63
C ILE D 287 12.76 -23.34 15.05
N ASP D 288 12.24 -23.35 16.28
CA ASP D 288 11.51 -24.51 16.78
C ASP D 288 10.10 -24.64 16.22
N ILE D 289 9.52 -23.57 15.69
CA ILE D 289 8.10 -23.58 15.38
C ILE D 289 7.83 -23.40 13.88
N ARG D 290 8.84 -23.55 13.01
CA ARG D 290 8.60 -23.42 11.58
C ARG D 290 7.83 -24.62 11.03
N LYS D 291 8.08 -25.82 11.57
CA LYS D 291 7.49 -27.06 11.07
C LYS D 291 5.97 -27.07 11.23
N ASP D 292 5.49 -26.59 12.37
CA ASP D 292 4.05 -26.52 12.59
C ASP D 292 3.41 -25.38 11.81
N LEU D 293 4.14 -24.29 11.57
CA LEU D 293 3.58 -23.19 10.79
C LEU D 293 3.53 -23.49 9.31
N TYR D 294 4.39 -24.39 8.81
CA TYR D 294 4.31 -24.79 7.41
C TYR D 294 3.05 -25.59 7.12
N ALA D 295 2.66 -26.47 8.04
CA ALA D 295 1.56 -27.39 7.80
C ALA D 295 0.21 -26.80 8.16
N ASN D 296 0.15 -25.54 8.57
CA ASN D 296 -1.10 -24.93 9.03
C ASN D 296 -1.28 -23.55 8.42
N ASN D 297 -1.12 -23.46 7.11
CA ASN D 297 -1.37 -22.22 6.38
C ASN D 297 -2.88 -22.05 6.23
N VAL D 298 -3.43 -21.02 6.87
CA VAL D 298 -4.85 -20.76 6.86
C VAL D 298 -5.12 -19.50 6.06
N MET D 299 -6.02 -19.58 5.10
CA MET D 299 -6.37 -18.46 4.25
C MET D 299 -7.80 -18.03 4.54
N SER D 300 -8.00 -16.72 4.66
CA SER D 300 -9.32 -16.19 4.98
C SER D 300 -9.48 -14.85 4.29
N GLY D 301 -10.73 -14.41 4.19
CA GLY D 301 -11.04 -13.18 3.51
C GLY D 301 -11.53 -13.41 2.09
N GLY D 302 -12.25 -12.41 1.58
CA GLY D 302 -12.87 -12.55 0.27
C GLY D 302 -11.90 -12.50 -0.88
N THR D 303 -10.73 -11.90 -0.69
CA THR D 303 -9.72 -11.85 -1.74
C THR D 303 -9.03 -13.20 -1.92
N THR D 304 -9.11 -14.09 -0.93
CA THR D 304 -8.58 -15.43 -1.06
C THR D 304 -9.55 -16.41 -1.71
N MET D 305 -10.59 -15.92 -2.39
CA MET D 305 -11.64 -16.76 -2.95
C MET D 305 -11.52 -16.98 -4.45
N TYR D 306 -10.39 -16.62 -5.06
CA TYR D 306 -10.18 -16.96 -6.46
C TYR D 306 -9.99 -18.47 -6.59
N PRO D 307 -10.44 -19.08 -7.69
CA PRO D 307 -10.08 -20.48 -7.93
C PRO D 307 -8.62 -20.60 -8.33
N GLY D 308 -7.96 -21.61 -7.77
CA GLY D 308 -6.58 -21.88 -8.10
C GLY D 308 -5.54 -21.16 -7.25
N ILE D 309 -5.97 -20.34 -6.28
CA ILE D 309 -5.01 -19.59 -5.49
C ILE D 309 -4.30 -20.50 -4.48
N ALA D 310 -4.97 -21.58 -4.05
CA ALA D 310 -4.38 -22.50 -3.09
C ALA D 310 -3.27 -23.33 -3.71
N ASP D 311 -3.46 -23.77 -4.96
CA ASP D 311 -2.44 -24.56 -5.65
C ASP D 311 -1.21 -23.75 -5.99
N ARG D 312 -1.41 -22.51 -6.45
CA ARG D 312 -0.30 -21.58 -6.71
C ARG D 312 0.43 -21.24 -5.42
N MET D 313 -0.32 -21.04 -4.34
CA MET D 313 0.22 -20.75 -3.01
C MET D 313 1.06 -21.92 -2.52
N GLN D 314 0.57 -23.15 -2.76
CA GLN D 314 1.28 -24.40 -2.44
C GLN D 314 2.59 -24.52 -3.20
N LYS D 315 2.56 -24.23 -4.51
CA LYS D 315 3.75 -24.36 -5.35
C LYS D 315 4.82 -23.34 -4.97
N GLU D 316 4.42 -22.10 -4.69
CA GLU D 316 5.40 -21.07 -4.37
C GLU D 316 6.00 -21.26 -2.98
N ILE D 317 5.19 -21.65 -1.98
CA ILE D 317 5.76 -21.92 -0.66
C ILE D 317 6.62 -23.18 -0.68
N THR D 318 6.24 -24.19 -1.47
CA THR D 318 7.03 -25.41 -1.64
C THR D 318 8.37 -25.11 -2.32
N ALA D 319 8.38 -24.18 -3.27
CA ALA D 319 9.62 -23.71 -3.87
C ALA D 319 10.49 -22.96 -2.86
N LEU D 320 9.87 -22.14 -2.00
CA LEU D 320 10.66 -21.32 -1.07
C LEU D 320 11.18 -22.14 0.12
N ALA D 321 10.36 -23.03 0.67
CA ALA D 321 10.73 -23.82 1.84
C ALA D 321 11.72 -24.92 1.45
N PRO D 322 12.50 -25.46 2.41
CA PRO D 322 13.30 -26.65 2.11
C PRO D 322 12.44 -27.88 1.87
N SER D 323 13.01 -28.83 1.13
CA SER D 323 12.24 -29.91 0.52
C SER D 323 11.75 -30.94 1.54
N THR D 324 12.37 -31.01 2.70
CA THR D 324 11.98 -32.00 3.70
C THR D 324 10.71 -31.63 4.44
N MET D 325 10.27 -30.38 4.38
CA MET D 325 9.11 -29.93 5.12
C MET D 325 7.83 -30.12 4.33
N LYS D 326 6.77 -30.53 5.04
CA LYS D 326 5.46 -30.73 4.44
C LYS D 326 4.65 -29.46 4.59
N ILE D 327 4.14 -28.95 3.47
CA ILE D 327 3.37 -27.71 3.42
C ILE D 327 1.93 -28.04 3.10
N LYS D 328 1.02 -27.64 3.99
CA LYS D 328 -0.41 -27.85 3.83
C LYS D 328 -1.11 -26.51 3.97
N ILE D 329 -2.08 -26.27 3.11
CA ILE D 329 -2.81 -25.00 3.07
C ILE D 329 -4.28 -25.27 3.30
N ILE D 330 -4.86 -24.57 4.26
CA ILE D 330 -6.23 -24.81 4.70
C ILE D 330 -7.09 -23.71 4.11
N ALA D 331 -7.96 -24.10 3.18
CA ALA D 331 -8.85 -23.16 2.49
C ALA D 331 -10.27 -23.70 2.59
N PRO D 332 -10.98 -23.41 3.69
CA PRO D 332 -12.36 -23.86 3.83
C PRO D 332 -13.27 -23.10 2.89
N PRO D 333 -14.40 -23.69 2.47
CA PRO D 333 -15.31 -22.96 1.56
C PRO D 333 -16.06 -21.82 2.22
N GLU D 334 -16.13 -21.76 3.54
CA GLU D 334 -16.78 -20.67 4.25
C GLU D 334 -15.79 -19.59 4.69
N ARG D 335 -14.64 -19.46 4.03
CA ARG D 335 -13.60 -18.55 4.49
C ARG D 335 -13.90 -17.08 4.23
N LYS D 336 -14.96 -16.77 3.49
CA LYS D 336 -15.38 -15.39 3.32
C LYS D 336 -15.92 -14.82 4.63
N TYR D 337 -16.62 -15.63 5.43
CA TYR D 337 -17.26 -15.18 6.66
C TYR D 337 -16.55 -15.67 7.92
N SER D 338 -15.28 -16.09 7.81
CA SER D 338 -14.63 -16.76 8.94
C SER D 338 -14.26 -15.81 10.06
N VAL D 339 -14.07 -14.53 9.76
CA VAL D 339 -13.81 -13.53 10.80
C VAL D 339 -15.03 -13.36 11.70
N TRP D 340 -16.21 -13.31 11.08
CA TRP D 340 -17.45 -13.22 11.84
C TRP D 340 -17.72 -14.51 12.63
N ILE D 341 -17.39 -15.66 12.05
CA ILE D 341 -17.59 -16.94 12.73
C ILE D 341 -16.71 -17.05 13.96
N GLY D 342 -15.45 -16.60 13.84
CA GLY D 342 -14.58 -16.57 15.01
C GLY D 342 -14.99 -15.54 16.05
N GLY D 343 -15.57 -14.43 15.60
CA GLY D 343 -16.16 -13.48 16.54
C GLY D 343 -17.37 -14.04 17.26
N SER D 344 -18.17 -14.85 16.57
CA SER D 344 -19.30 -15.52 17.19
C SER D 344 -18.85 -16.59 18.18
N ILE D 345 -17.73 -17.25 17.89
CA ILE D 345 -17.13 -18.17 18.86
C ILE D 345 -16.64 -17.43 20.10
N LEU D 346 -15.87 -16.36 19.90
CA LEU D 346 -15.13 -15.71 20.98
C LEU D 346 -16.07 -14.97 21.94
N ALA D 347 -17.13 -14.37 21.40
CA ALA D 347 -18.09 -13.64 22.23
C ALA D 347 -18.91 -14.57 23.11
N SER D 348 -19.09 -15.81 22.69
CA SER D 348 -19.86 -16.78 23.45
C SER D 348 -19.02 -17.64 24.38
N LEU D 349 -17.69 -17.48 24.37
CA LEU D 349 -16.85 -18.23 25.30
C LEU D 349 -17.03 -17.75 26.73
N SER D 350 -17.05 -18.70 27.67
CA SER D 350 -17.31 -18.38 29.06
C SER D 350 -16.14 -17.65 29.72
N THR D 351 -14.93 -17.81 29.18
CA THR D 351 -13.77 -17.09 29.68
C THR D 351 -13.85 -15.60 29.34
N PHE D 352 -14.58 -15.25 28.29
CA PHE D 352 -14.52 -13.93 27.70
C PHE D 352 -15.27 -12.86 28.49
N GLN D 353 -16.19 -13.24 29.39
CA GLN D 353 -17.00 -12.25 30.11
C GLN D 353 -16.22 -11.42 31.12
N GLN D 354 -15.03 -11.87 31.52
CA GLN D 354 -14.17 -11.06 32.36
C GLN D 354 -13.22 -10.17 31.56
N MET D 355 -13.47 -9.99 30.26
CA MET D 355 -12.64 -9.13 29.44
C MET D 355 -13.41 -8.11 28.61
N TRP D 356 -14.72 -7.99 28.81
CA TRP D 356 -15.47 -6.89 28.22
C TRP D 356 -15.02 -5.56 28.82
N ILE D 357 -14.94 -4.53 27.99
CA ILE D 357 -14.72 -3.17 28.48
C ILE D 357 -16.07 -2.63 28.90
N THR D 358 -16.30 -2.52 30.20
CA THR D 358 -17.60 -2.07 30.68
C THR D 358 -17.69 -0.56 30.63
N LYS D 359 -18.89 -0.05 30.95
CA LYS D 359 -19.16 1.38 30.89
C LYS D 359 -18.41 2.16 31.97
N GLN D 360 -18.37 1.61 33.19
CA GLN D 360 -17.74 2.34 34.29
C GLN D 360 -16.21 2.37 34.17
N GLU D 361 -15.61 1.36 33.54
CA GLU D 361 -14.18 1.38 33.24
C GLU D 361 -13.85 2.46 32.24
N TYR D 362 -14.70 2.63 31.22
CA TYR D 362 -14.53 3.73 30.27
C TYR D 362 -14.73 5.08 30.93
N ASP D 363 -15.71 5.18 31.84
CA ASP D 363 -15.97 6.43 32.54
C ASP D 363 -14.82 6.83 33.47
N GLU D 364 -14.16 5.86 34.08
CA GLU D 364 -13.03 6.22 34.93
C GLU D 364 -11.73 6.38 34.15
N ALA D 365 -11.57 5.73 33.01
CA ALA D 365 -10.27 5.67 32.35
C ALA D 365 -10.18 6.40 31.01
N GLY D 366 -11.28 6.98 30.51
CA GLY D 366 -11.24 7.63 29.23
C GLY D 366 -11.25 6.62 28.09
N PRO D 367 -11.04 7.10 26.85
CA PRO D 367 -10.94 6.16 25.72
C PRO D 367 -9.64 5.36 25.66
N SER D 368 -8.66 5.64 26.53
CA SER D 368 -7.39 4.93 26.53
C SER D 368 -7.44 3.58 27.24
N ILE D 369 -8.62 3.15 27.71
CA ILE D 369 -8.79 1.82 28.30
C ILE D 369 -8.61 0.72 27.26
N VAL D 370 -8.84 1.03 25.98
CA VAL D 370 -8.84 0.02 24.92
C VAL D 370 -7.45 -0.53 24.64
N HIS D 371 -6.40 0.25 24.90
CA HIS D 371 -5.05 -0.25 24.69
C HIS D 371 -4.52 -1.04 25.88
N ARG D 372 -5.18 -0.96 27.03
CA ARG D 372 -4.79 -1.80 28.16
C ARG D 372 -5.64 -3.06 28.24
N LYS D 373 -6.88 -3.02 27.76
CA LYS D 373 -7.75 -4.19 27.81
C LYS D 373 -7.62 -5.03 26.54
N CYS D 374 -7.81 -4.41 25.38
CA CYS D 374 -7.83 -5.11 24.10
C CYS D 374 -6.42 -5.17 23.56
N PHE D 375 -5.92 -6.39 23.32
CA PHE D 375 -4.60 -6.71 22.76
C PHE D 375 -3.41 -6.09 23.49
N GLU E 4 57.87 4.40 0.94
CA GLU E 4 57.41 5.66 0.35
C GLU E 4 55.95 5.57 -0.08
N THR E 5 55.47 4.35 -0.30
CA THR E 5 54.08 4.15 -0.67
C THR E 5 53.17 4.30 0.53
N THR E 6 52.07 5.02 0.34
CA THR E 6 51.11 5.27 1.40
C THR E 6 50.11 4.12 1.46
N ALA E 7 49.95 3.54 2.64
CA ALA E 7 49.00 2.46 2.83
C ALA E 7 47.57 3.01 2.88
N LEU E 8 46.62 2.17 2.50
CA LEU E 8 45.21 2.53 2.55
C LEU E 8 44.54 1.84 3.73
N VAL E 9 43.64 2.57 4.39
CA VAL E 9 42.82 2.03 5.46
C VAL E 9 41.38 2.12 5.01
N CYS E 10 40.69 0.97 4.99
CA CYS E 10 39.32 0.89 4.49
C CYS E 10 38.48 0.09 5.49
N ASP E 11 37.78 0.81 6.37
CA ASP E 11 36.86 0.19 7.31
C ASP E 11 35.52 -0.01 6.60
N ASN E 12 35.20 -1.26 6.29
CA ASN E 12 33.97 -1.63 5.61
C ASN E 12 32.96 -2.09 6.65
N GLY E 13 32.15 -1.16 7.12
CA GLY E 13 31.10 -1.48 8.05
C GLY E 13 29.86 -2.01 7.35
N SER E 14 28.85 -2.33 8.15
CA SER E 14 27.61 -2.86 7.60
C SER E 14 26.78 -1.77 6.94
N GLY E 15 26.91 -0.53 7.39
CA GLY E 15 26.08 0.54 6.86
C GLY E 15 26.86 1.63 6.16
N LEU E 16 28.12 1.79 6.52
CA LEU E 16 28.96 2.86 5.97
C LEU E 16 30.33 2.31 5.64
N VAL E 17 30.98 2.95 4.67
CA VAL E 17 32.35 2.65 4.29
C VAL E 17 33.18 3.89 4.60
N LYS E 18 34.25 3.70 5.39
CA LYS E 18 35.14 4.78 5.80
C LYS E 18 36.53 4.44 5.25
N ALA E 19 36.94 5.12 4.20
CA ALA E 19 38.19 4.82 3.52
C ALA E 19 39.07 6.05 3.45
N GLY E 20 40.37 5.82 3.48
CA GLY E 20 41.32 6.91 3.40
C GLY E 20 42.74 6.42 3.44
N PHE E 21 43.67 7.36 3.59
CA PHE E 21 45.08 7.06 3.59
C PHE E 21 45.61 6.97 5.02
N ALA E 22 46.60 6.11 5.21
CA ALA E 22 47.20 5.93 6.53
C ALA E 22 48.04 7.14 6.90
N GLY E 23 48.02 7.48 8.19
CA GLY E 23 48.70 8.65 8.69
C GLY E 23 47.83 9.89 8.79
N ASP E 24 46.69 9.91 8.11
CA ASP E 24 45.79 11.05 8.20
C ASP E 24 44.95 10.98 9.47
N ASP E 25 44.33 12.11 9.80
CA ASP E 25 43.53 12.22 11.02
C ASP E 25 42.05 11.93 10.81
N ALA E 26 41.55 12.05 9.59
CA ALA E 26 40.15 11.88 9.27
C ALA E 26 40.06 11.05 8.00
N PRO E 27 39.03 10.23 7.84
CA PRO E 27 38.90 9.46 6.60
C PRO E 27 38.39 10.32 5.45
N ARG E 28 39.00 10.10 4.29
CA ARG E 28 38.74 10.95 3.12
C ARG E 28 37.37 10.68 2.54
N ALA E 29 36.99 9.42 2.41
CA ALA E 29 35.72 9.03 1.81
C ALA E 29 34.87 8.34 2.86
N VAL E 30 33.68 8.90 3.13
CA VAL E 30 32.68 8.25 3.96
C VAL E 30 31.41 8.19 3.13
N PHE E 31 30.92 6.98 2.86
CA PHE E 31 29.76 6.85 1.99
C PHE E 31 29.03 5.56 2.34
N PRO E 32 27.70 5.51 2.21
CA PRO E 32 26.99 4.30 2.63
C PRO E 32 27.13 3.15 1.66
N SER E 33 27.25 1.94 2.22
CA SER E 33 27.53 0.74 1.44
C SER E 33 26.23 0.16 0.93
N ILE E 34 25.72 0.74 -0.15
CA ILE E 34 24.49 0.28 -0.78
C ILE E 34 24.74 0.14 -2.28
N VAL E 35 23.95 -0.71 -2.91
CA VAL E 35 23.93 -0.87 -4.35
C VAL E 35 22.50 -0.63 -4.82
N GLY E 36 22.30 0.33 -5.69
CA GLY E 36 20.98 0.70 -6.17
C GLY E 36 20.78 0.26 -7.61
N ARG E 37 19.62 -0.31 -7.88
CA ARG E 37 19.30 -0.80 -9.21
C ARG E 37 17.94 -0.23 -9.63
N PRO E 38 17.78 0.12 -10.90
CA PRO E 38 16.51 0.71 -11.35
C PRO E 38 15.37 -0.30 -11.35
N ARG E 39 14.18 0.19 -11.00
CA ARG E 39 13.00 -0.65 -10.93
C ARG E 39 11.87 -0.17 -11.82
N HIS E 40 12.06 0.91 -12.56
CA HIS E 40 11.05 1.46 -13.44
C HIS E 40 11.50 1.34 -14.88
N GLN E 41 10.63 1.79 -15.79
CA GLN E 41 10.88 1.66 -17.22
C GLN E 41 11.51 2.92 -17.77
N GLY E 42 12.67 2.78 -18.40
CA GLY E 42 13.34 3.92 -18.99
C GLY E 42 12.81 4.25 -20.37
N VAL E 43 12.25 5.44 -20.54
CA VAL E 43 11.59 5.79 -21.78
C VAL E 43 12.37 6.80 -22.62
N MET E 44 13.30 7.55 -22.03
CA MET E 44 14.06 8.55 -22.77
C MET E 44 15.44 8.00 -23.10
N VAL E 45 15.78 7.99 -24.38
CA VAL E 45 16.96 7.29 -24.88
C VAL E 45 18.22 8.13 -24.69
N GLY E 46 19.37 7.51 -24.91
CA GLY E 46 20.64 8.18 -24.71
C GLY E 46 20.89 8.40 -23.23
N MET E 47 21.22 9.66 -22.89
CA MET E 47 21.25 10.25 -21.57
C MET E 47 22.35 9.53 -20.76
N GLY E 48 22.09 9.02 -19.56
CA GLY E 48 23.13 8.48 -18.71
C GLY E 48 22.70 7.30 -17.86
N GLN E 49 21.73 6.51 -18.33
CA GLN E 49 21.22 5.39 -17.56
C GLN E 49 22.26 4.29 -17.43
N LYS E 50 22.57 3.91 -16.19
CA LYS E 50 23.49 2.84 -15.88
C LYS E 50 22.74 1.69 -15.25
N ASP E 51 23.34 0.51 -15.28
CA ASP E 51 22.66 -0.68 -14.75
C ASP E 51 22.69 -0.72 -13.22
N SER E 52 23.62 -0.02 -12.58
CA SER E 52 23.72 -0.04 -11.12
C SER E 52 24.40 1.23 -10.64
N TYR E 53 23.97 1.69 -9.46
CA TYR E 53 24.51 2.88 -8.84
C TYR E 53 25.03 2.52 -7.45
N VAL E 54 26.19 3.07 -7.08
CA VAL E 54 26.91 2.71 -5.87
C VAL E 54 27.12 3.96 -5.03
N GLY E 55 26.81 3.89 -3.74
CA GLY E 55 27.21 4.92 -2.81
C GLY E 55 26.30 6.14 -2.76
N ASP E 56 26.90 7.33 -2.77
CA ASP E 56 26.14 8.58 -2.69
C ASP E 56 25.34 8.86 -3.95
N GLU E 57 25.77 8.30 -5.09
CA GLU E 57 25.01 8.41 -6.32
C GLU E 57 23.70 7.64 -6.23
N ALA E 58 23.71 6.53 -5.49
CA ALA E 58 22.48 5.79 -5.25
C ALA E 58 21.58 6.51 -4.24
N GLN E 59 22.17 7.21 -3.28
CA GLN E 59 21.39 8.03 -2.34
C GLN E 59 20.74 9.22 -3.03
N SER E 60 21.42 9.84 -3.99
CA SER E 60 20.86 11.00 -4.66
C SER E 60 19.75 10.64 -5.63
N LYS E 61 19.67 9.38 -6.07
CA LYS E 61 18.65 8.94 -7.00
C LYS E 61 17.76 7.86 -6.41
N ARG E 62 17.61 7.81 -5.09
CA ARG E 62 17.00 6.67 -4.42
C ARG E 62 15.49 6.58 -4.60
N GLY E 63 14.85 7.60 -5.18
CA GLY E 63 13.43 7.53 -5.45
C GLY E 63 13.03 6.54 -6.52
N ILE E 64 13.92 6.25 -7.46
CA ILE E 64 13.64 5.35 -8.57
C ILE E 64 14.47 4.08 -8.51
N LEU E 65 15.18 3.86 -7.40
CA LEU E 65 16.07 2.71 -7.26
C LEU E 65 15.58 1.83 -6.14
N THR E 66 15.80 0.54 -6.27
CA THR E 66 15.78 -0.36 -5.13
C THR E 66 17.19 -0.48 -4.57
N LEU E 67 17.30 -0.43 -3.26
CA LEU E 67 18.58 -0.36 -2.58
C LEU E 67 18.84 -1.68 -1.85
N LYS E 68 20.05 -2.21 -2.02
CA LYS E 68 20.44 -3.44 -1.37
C LYS E 68 21.71 -3.20 -0.57
N TYR E 69 21.73 -3.70 0.65
CA TYR E 69 22.95 -3.71 1.46
C TYR E 69 23.68 -5.03 1.21
N PRO E 70 24.94 -5.01 0.77
CA PRO E 70 25.70 -6.27 0.68
C PRO E 70 25.92 -6.98 2.00
N ILE E 71 26.03 -6.24 3.10
CA ILE E 71 26.32 -6.82 4.41
C ILE E 71 25.05 -6.81 5.24
N GLU E 72 24.66 -7.98 5.73
CA GLU E 72 23.49 -8.10 6.58
C GLU E 72 23.93 -8.81 7.86
N HIC E 73 23.88 -8.07 8.96
CA HIC E 73 24.28 -8.49 10.29
C HIC E 73 25.73 -8.95 10.36
O HIC E 73 26.10 -9.97 10.94
CB HIC E 73 23.45 -9.63 10.92
CG HIC E 73 22.07 -9.22 11.21
ND1 HIC E 73 21.62 -7.90 11.23
CD2 HIC E 73 21.00 -10.09 11.51
CE1 HIC E 73 20.30 -7.96 11.53
NE2 HIC E 73 19.88 -9.29 11.71
CZ HIC E 73 18.57 -9.73 12.03
N GLY E 74 26.59 -8.16 9.73
CA GLY E 74 28.01 -8.40 9.80
C GLY E 74 28.59 -9.26 8.71
N ILE E 75 27.93 -10.39 8.41
CA ILE E 75 28.42 -11.28 7.37
C ILE E 75 28.11 -10.67 5.99
N ILE E 76 28.90 -11.06 5.00
CA ILE E 76 28.73 -10.59 3.64
C ILE E 76 27.90 -11.61 2.88
N THR E 77 26.75 -11.17 2.36
CA THR E 77 25.87 -12.07 1.62
C THR E 77 26.17 -12.05 0.13
N ASN E 78 26.23 -10.87 -0.46
CA ASN E 78 26.50 -10.70 -1.88
C ASN E 78 27.96 -10.29 -2.03
N TRP E 79 28.72 -11.02 -2.82
CA TRP E 79 30.13 -10.71 -3.02
C TRP E 79 30.39 -9.93 -4.29
N ASP E 80 29.53 -10.05 -5.30
CA ASP E 80 29.64 -9.21 -6.50
C ASP E 80 29.36 -7.76 -6.17
N ASP E 81 28.35 -7.51 -5.33
CA ASP E 81 28.05 -6.15 -4.90
C ASP E 81 29.16 -5.60 -4.00
N MET E 82 29.79 -6.48 -3.21
CA MET E 82 30.89 -6.04 -2.35
C MET E 82 32.12 -5.72 -3.19
N GLU E 83 32.32 -6.45 -4.30
CA GLU E 83 33.36 -6.10 -5.27
C GLU E 83 33.06 -4.77 -5.95
N LYS E 84 31.78 -4.48 -6.22
CA LYS E 84 31.39 -3.17 -6.74
C LYS E 84 31.68 -2.05 -5.74
N ILE E 85 31.45 -2.31 -4.45
CA ILE E 85 31.75 -1.36 -3.38
C ILE E 85 33.26 -1.10 -3.30
N TRP E 86 34.06 -2.16 -3.40
CA TRP E 86 35.52 -1.99 -3.32
C TRP E 86 36.08 -1.30 -4.55
N HIS E 87 35.52 -1.59 -5.73
CA HIS E 87 35.92 -0.91 -6.96
C HIS E 87 35.55 0.56 -6.92
N HIS E 88 34.40 0.89 -6.35
CA HIS E 88 33.98 2.29 -6.23
C HIS E 88 34.85 3.04 -5.23
N THR E 89 35.21 2.40 -4.11
CA THR E 89 36.01 3.13 -3.13
C THR E 89 37.48 3.21 -3.53
N PHE E 90 37.96 2.33 -4.42
CA PHE E 90 39.31 2.51 -4.91
C PHE E 90 39.38 3.49 -6.07
N TYR E 91 38.58 3.28 -7.10
CA TYR E 91 38.79 4.02 -8.34
C TYR E 91 38.04 5.34 -8.40
N ASN E 92 36.91 5.47 -7.70
CA ASN E 92 36.09 6.65 -7.82
C ASN E 92 36.20 7.59 -6.62
N GLU E 93 36.36 7.05 -5.42
CA GLU E 93 36.42 7.89 -4.22
C GLU E 93 37.85 8.31 -3.91
N LEU E 94 38.73 7.34 -3.67
CA LEU E 94 40.12 7.65 -3.39
C LEU E 94 40.92 7.95 -4.65
N ARG E 95 40.38 7.58 -5.82
CA ARG E 95 40.91 7.78 -7.19
C ARG E 95 42.37 7.36 -7.33
N VAL E 96 42.71 6.21 -6.73
CA VAL E 96 44.08 5.73 -6.68
C VAL E 96 44.12 4.32 -7.24
N ALA E 97 45.25 3.97 -7.86
CA ALA E 97 45.44 2.59 -8.35
C ALA E 97 45.85 1.70 -7.19
N PRO E 98 45.13 0.61 -6.93
CA PRO E 98 45.41 -0.20 -5.74
C PRO E 98 46.50 -1.25 -5.92
N GLU E 99 47.23 -1.28 -7.03
CA GLU E 99 48.27 -2.29 -7.20
C GLU E 99 49.62 -1.85 -6.66
N GLU E 100 49.71 -0.67 -6.05
CA GLU E 100 50.96 -0.26 -5.43
C GLU E 100 50.77 0.27 -4.01
N HIS E 101 49.61 0.00 -3.39
CA HIS E 101 49.33 0.43 -2.03
C HIS E 101 48.90 -0.78 -1.22
N PRO E 102 49.56 -1.08 -0.11
CA PRO E 102 49.02 -2.08 0.82
C PRO E 102 47.75 -1.57 1.48
N THR E 103 46.82 -2.49 1.72
CA THR E 103 45.46 -2.15 2.13
C THR E 103 45.13 -2.82 3.45
N LEU E 104 44.85 -2.03 4.47
CA LEU E 104 44.43 -2.57 5.75
C LEU E 104 42.91 -2.68 5.79
N LEU E 105 42.42 -3.86 6.15
CA LEU E 105 41.00 -4.11 6.26
C LEU E 105 40.65 -4.42 7.71
N THR E 106 39.39 -4.23 8.06
CA THR E 106 38.90 -4.43 9.41
C THR E 106 37.83 -5.53 9.41
N GLU E 107 37.65 -6.16 10.57
CA GLU E 107 36.70 -7.25 10.68
C GLU E 107 36.21 -7.36 12.11
N ALA E 108 34.91 -7.60 12.27
CA ALA E 108 34.27 -7.88 13.54
C ALA E 108 34.71 -9.25 14.05
N PRO E 109 34.84 -9.43 15.36
CA PRO E 109 35.25 -10.75 15.88
C PRO E 109 34.07 -11.71 15.97
N LEU E 110 34.42 -13.00 16.13
CA LEU E 110 33.52 -14.15 16.07
C LEU E 110 32.74 -14.20 14.75
N ASN E 111 33.41 -13.81 13.67
CA ASN E 111 32.93 -13.89 12.30
C ASN E 111 33.16 -15.33 11.83
N PRO E 112 32.34 -15.83 10.90
CA PRO E 112 32.70 -17.05 10.19
C PRO E 112 34.04 -16.94 9.45
N LYS E 113 34.80 -18.05 9.49
CA LYS E 113 36.16 -18.07 8.95
C LYS E 113 36.19 -17.94 7.44
N ALA E 114 35.11 -18.38 6.76
CA ALA E 114 35.08 -18.43 5.31
C ALA E 114 35.11 -17.06 4.66
N ASN E 115 34.73 -16.01 5.39
CA ASN E 115 34.90 -14.64 4.89
C ASN E 115 36.37 -14.26 4.78
N ARG E 116 37.19 -14.71 5.75
CA ARG E 116 38.54 -14.19 5.95
C ARG E 116 39.47 -14.53 4.79
N GLU E 117 39.42 -15.77 4.31
CA GLU E 117 40.16 -16.07 3.10
C GLU E 117 39.49 -15.49 1.88
N LYS E 118 38.16 -15.35 1.90
CA LYS E 118 37.44 -14.84 0.73
C LYS E 118 37.74 -13.37 0.53
N MET E 119 37.85 -12.59 1.62
CA MET E 119 38.38 -11.22 1.56
C MET E 119 39.80 -11.20 1.04
N THR E 120 40.59 -12.23 1.32
CA THR E 120 41.89 -12.34 0.69
C THR E 120 41.75 -12.67 -0.79
N GLN E 121 40.75 -13.51 -1.13
CA GLN E 121 40.60 -14.09 -2.45
C GLN E 121 40.25 -13.05 -3.52
N ILE E 122 39.55 -11.98 -3.15
CA ILE E 122 39.42 -10.87 -4.08
C ILE E 122 40.70 -10.04 -4.13
N MET E 123 41.28 -9.69 -2.97
CA MET E 123 42.26 -8.59 -2.88
C MET E 123 43.57 -8.89 -3.60
N PHE E 124 44.01 -10.14 -3.62
CA PHE E 124 45.20 -10.45 -4.38
C PHE E 124 44.92 -10.84 -5.82
N GLU E 125 43.67 -11.17 -6.16
CA GLU E 125 43.40 -11.69 -7.50
C GLU E 125 42.80 -10.67 -8.44
N THR E 126 41.90 -9.81 -7.96
CA THR E 126 41.33 -8.81 -8.84
C THR E 126 42.12 -7.50 -8.78
N PHE E 127 42.26 -6.93 -7.59
CA PHE E 127 42.93 -5.64 -7.46
C PHE E 127 44.44 -5.76 -7.45
N ASN E 128 44.97 -6.93 -7.06
CA ASN E 128 46.41 -7.25 -6.99
C ASN E 128 47.18 -6.30 -6.09
N VAL E 129 46.76 -6.24 -4.82
CA VAL E 129 47.42 -5.41 -3.82
C VAL E 129 48.79 -6.03 -3.50
N PRO E 130 49.81 -5.22 -3.18
CA PRO E 130 51.09 -5.81 -2.78
C PRO E 130 51.06 -6.48 -1.42
N ALA E 131 50.24 -5.98 -0.50
CA ALA E 131 50.13 -6.56 0.83
C ALA E 131 48.76 -6.21 1.39
N MET E 132 48.34 -6.97 2.41
CA MET E 132 47.10 -6.67 3.10
C MET E 132 47.18 -7.22 4.52
N TYR E 133 46.27 -6.72 5.37
CA TYR E 133 46.21 -7.12 6.76
C TYR E 133 44.76 -6.97 7.23
N VAL E 134 44.35 -7.85 8.12
CA VAL E 134 43.01 -7.83 8.71
C VAL E 134 43.16 -7.62 10.21
N ALA E 135 42.47 -6.61 10.73
CA ALA E 135 42.57 -6.25 12.14
C ALA E 135 41.19 -6.26 12.78
N ILE E 136 41.17 -6.53 14.07
CA ILE E 136 39.94 -6.49 14.87
C ILE E 136 39.57 -5.02 15.08
N GLN E 137 38.29 -4.71 14.94
CA GLN E 137 37.82 -3.33 15.06
C GLN E 137 37.94 -2.81 16.49
N ALA E 138 37.71 -3.68 17.48
CA ALA E 138 37.67 -3.26 18.88
C ALA E 138 39.04 -2.87 19.41
N VAL E 139 40.09 -3.58 18.99
CA VAL E 139 41.44 -3.22 19.44
C VAL E 139 41.89 -1.93 18.78
N LEU E 140 41.41 -1.64 17.56
CA LEU E 140 41.71 -0.36 16.92
C LEU E 140 40.98 0.78 17.61
N SER E 141 39.74 0.54 18.07
CA SER E 141 39.01 1.54 18.85
C SER E 141 39.69 1.80 20.19
N LEU E 142 40.23 0.75 20.80
CA LEU E 142 40.90 0.93 22.08
C LEU E 142 42.26 1.63 21.90
N TYR E 143 42.97 1.33 20.81
CA TYR E 143 44.22 2.01 20.50
C TYR E 143 44.00 3.48 20.17
N ALA E 144 42.87 3.80 19.52
CA ALA E 144 42.57 5.19 19.16
C ALA E 144 42.29 6.06 20.38
N SER E 145 41.87 5.46 21.48
CA SER E 145 41.68 6.17 22.74
C SER E 145 42.98 6.32 23.52
N GLY E 146 44.08 5.73 23.07
CA GLY E 146 45.31 5.77 23.81
C GLY E 146 45.44 4.72 24.90
N ARG E 147 44.54 3.75 24.93
CA ARG E 147 44.49 2.74 25.97
C ARG E 147 44.92 1.40 25.40
N THR E 148 45.25 0.48 26.29
CA THR E 148 45.67 -0.86 25.91
C THR E 148 44.87 -1.93 26.65
N THR E 149 44.37 -1.63 27.85
CA THR E 149 43.51 -2.52 28.61
C THR E 149 42.15 -1.84 28.79
N GLY E 150 41.09 -2.56 28.47
CA GLY E 150 39.75 -2.03 28.67
C GLY E 150 38.74 -2.85 27.92
N ILE E 151 37.47 -2.50 28.10
CA ILE E 151 36.38 -3.18 27.44
C ILE E 151 35.75 -2.23 26.43
N VAL E 152 35.52 -2.74 25.22
CA VAL E 152 35.02 -1.96 24.09
C VAL E 152 33.62 -2.45 23.78
N LEU E 153 32.66 -1.53 23.76
CA LEU E 153 31.32 -1.79 23.27
C LEU E 153 31.25 -1.18 21.88
N ASP E 154 31.38 -2.02 20.85
CA ASP E 154 31.35 -1.54 19.48
C ASP E 154 29.99 -1.88 18.89
N SER E 155 29.23 -0.85 18.53
CA SER E 155 27.86 -1.01 18.05
C SER E 155 27.70 -0.15 16.81
N GLY E 156 27.51 -0.80 15.67
CA GLY E 156 27.36 -0.07 14.43
C GLY E 156 26.01 -0.24 13.79
N ASP E 157 25.99 -0.63 12.53
CA ASP E 157 24.74 -0.84 11.81
C ASP E 157 24.32 -2.29 11.79
N GLY E 158 25.26 -3.23 11.88
CA GLY E 158 24.92 -4.64 11.79
C GLY E 158 24.92 -5.41 13.09
N VAL E 159 25.96 -5.27 13.90
CA VAL E 159 26.14 -6.06 15.11
C VAL E 159 26.50 -5.14 16.27
N THR E 160 26.44 -5.69 17.49
CA THR E 160 26.83 -4.98 18.70
C THR E 160 27.64 -5.97 19.53
N HIS E 161 28.94 -5.74 19.66
CA HIS E 161 29.78 -6.69 20.36
C HIS E 161 30.58 -6.03 21.47
N ASN E 162 30.67 -6.75 22.59
CA ASN E 162 31.50 -6.39 23.73
C ASN E 162 32.76 -7.22 23.71
N VAL E 163 33.91 -6.53 23.70
CA VAL E 163 35.20 -7.18 23.64
C VAL E 163 36.07 -6.68 24.78
N PRO E 164 36.46 -7.53 25.74
CA PRO E 164 37.46 -7.12 26.73
C PRO E 164 38.88 -7.43 26.24
N ILE E 165 39.75 -6.44 26.39
CA ILE E 165 41.12 -6.51 25.90
C ILE E 165 42.05 -6.27 27.07
N TYR E 166 43.00 -7.18 27.27
CA TYR E 166 44.01 -7.04 28.31
C TYR E 166 45.37 -7.22 27.67
N GLU E 167 46.26 -6.23 27.94
CA GLU E 167 47.62 -6.14 27.42
C GLU E 167 47.66 -6.11 25.89
N GLY E 168 46.65 -5.49 25.28
CA GLY E 168 46.61 -5.36 23.84
C GLY E 168 46.11 -6.57 23.09
N TYR E 169 45.62 -7.60 23.78
CA TYR E 169 45.08 -8.78 23.14
C TYR E 169 43.68 -9.04 23.67
N ALA E 170 42.74 -9.27 22.76
CA ALA E 170 41.38 -9.60 23.14
C ALA E 170 41.32 -10.97 23.78
N LEU E 171 40.46 -11.13 24.78
CA LEU E 171 40.28 -12.40 25.44
C LEU E 171 39.16 -13.15 24.71
N PRO E 172 39.45 -14.28 24.06
CA PRO E 172 38.44 -14.92 23.20
C PRO E 172 37.31 -15.59 23.96
N HIS E 173 37.49 -15.87 25.25
CA HIS E 173 36.49 -16.56 26.04
C HIS E 173 35.49 -15.62 26.68
N ALA E 174 35.57 -14.32 26.39
CA ALA E 174 34.65 -13.36 26.97
C ALA E 174 34.08 -12.38 25.96
N ILE E 175 34.40 -12.51 24.68
CA ILE E 175 33.81 -11.68 23.64
C ILE E 175 32.36 -12.08 23.46
N MET E 176 31.45 -11.11 23.48
CA MET E 176 30.04 -11.39 23.29
C MET E 176 29.47 -10.60 22.12
N ARG E 177 28.58 -11.24 21.38
CA ARG E 177 27.96 -10.69 20.20
C ARG E 177 26.45 -10.61 20.42
N LEU E 178 25.86 -9.49 20.02
CA LEU E 178 24.42 -9.27 20.09
C LEU E 178 23.98 -8.73 18.75
N ASP E 179 23.08 -9.45 18.07
CA ASP E 179 22.61 -9.08 16.74
C ASP E 179 21.47 -8.07 16.86
N LEU E 180 21.83 -6.86 17.28
CA LEU E 180 20.86 -5.79 17.48
C LEU E 180 21.65 -4.50 17.33
N ALA E 181 21.38 -3.75 16.26
CA ALA E 181 22.15 -2.55 15.97
C ALA E 181 21.23 -1.57 15.26
N GLY E 182 21.83 -0.66 14.49
CA GLY E 182 21.10 0.50 13.97
C GLY E 182 20.04 0.17 12.92
N ARG E 183 20.26 -0.87 12.12
CA ARG E 183 19.25 -1.27 11.15
C ARG E 183 18.01 -1.85 11.84
N ASP E 184 18.22 -2.57 12.94
CA ASP E 184 17.10 -3.10 13.72
C ASP E 184 16.32 -1.99 14.41
N LEU E 185 17.04 -0.96 14.89
CA LEU E 185 16.35 0.20 15.47
C LEU E 185 15.60 0.99 14.42
N THR E 186 16.14 1.06 13.20
CA THR E 186 15.45 1.71 12.08
C THR E 186 14.17 0.95 11.72
N ASP E 187 14.24 -0.38 11.68
CA ASP E 187 13.06 -1.19 11.39
C ASP E 187 12.02 -1.12 12.50
N TYR E 188 12.48 -1.04 13.75
CA TYR E 188 11.55 -0.87 14.87
C TYR E 188 10.88 0.50 14.85
N LEU E 189 11.62 1.54 14.43
CA LEU E 189 11.02 2.86 14.30
C LEU E 189 10.03 2.92 13.15
N MET E 190 10.30 2.18 12.06
CA MET E 190 9.28 2.02 11.01
C MET E 190 8.04 1.31 11.51
N LYS E 191 8.22 0.34 12.42
CA LYS E 191 7.08 -0.35 12.98
C LYS E 191 6.24 0.56 13.88
N ILE E 192 6.89 1.36 14.73
CA ILE E 192 6.11 2.13 15.70
C ILE E 192 5.67 3.49 15.19
N LEU E 193 6.09 3.90 13.99
CA LEU E 193 5.51 5.11 13.42
C LEU E 193 4.16 4.87 12.75
N THR E 194 3.73 3.62 12.61
CA THR E 194 2.38 3.35 12.13
C THR E 194 1.32 3.65 13.18
N GLU E 195 1.71 3.77 14.44
CA GLU E 195 0.77 4.10 15.52
C GLU E 195 0.23 5.51 15.38
N ARG E 196 1.01 6.43 14.83
CA ARG E 196 0.55 7.78 14.57
C ARG E 196 -0.02 7.95 13.18
N GLY E 197 -0.05 6.90 12.38
CA GLY E 197 -0.65 6.95 11.06
C GLY E 197 0.30 7.17 9.90
N TYR E 198 1.60 7.05 10.12
CA TYR E 198 2.59 7.25 9.07
C TYR E 198 3.07 5.91 8.55
N SER E 199 3.02 5.73 7.24
CA SER E 199 3.38 4.47 6.60
C SER E 199 4.72 4.62 5.87
N PHE E 200 5.66 3.74 6.16
CA PHE E 200 6.98 3.75 5.56
C PHE E 200 7.37 2.30 5.26
N VAL E 201 7.33 1.92 3.98
CA VAL E 201 7.59 0.53 3.59
C VAL E 201 8.71 0.43 2.57
N THR E 202 8.95 1.51 1.83
CA THR E 202 9.93 1.54 0.76
C THR E 202 11.33 1.66 1.37
N THR E 203 12.34 1.11 0.67
CA THR E 203 13.74 1.23 1.10
C THR E 203 14.21 2.69 1.15
N ALA E 204 13.70 3.52 0.23
CA ALA E 204 13.91 4.97 0.32
C ALA E 204 13.28 5.54 1.59
N GLU E 205 12.08 5.06 1.94
CA GLU E 205 11.45 5.45 3.19
C GLU E 205 12.19 4.91 4.40
N ARG E 206 12.86 3.75 4.25
CA ARG E 206 13.74 3.24 5.30
C ARG E 206 14.92 4.17 5.54
N GLU E 207 15.48 4.73 4.45
CA GLU E 207 16.56 5.72 4.55
C GLU E 207 16.07 7.00 5.24
N ILE E 208 14.84 7.42 4.93
CA ILE E 208 14.25 8.60 5.58
C ILE E 208 14.03 8.37 7.08
N VAL E 209 13.55 7.18 7.46
CA VAL E 209 13.33 6.86 8.87
C VAL E 209 14.66 6.74 9.62
N ARG E 210 15.71 6.27 8.92
CA ARG E 210 17.07 6.26 9.49
C ARG E 210 17.55 7.69 9.78
N ASP E 211 17.25 8.61 8.86
CA ASP E 211 17.57 10.02 9.09
C ASP E 211 16.79 10.62 10.27
N ILE E 212 15.50 10.24 10.40
CA ILE E 212 14.66 10.67 11.53
C ILE E 212 15.24 10.16 12.85
N LYS E 213 15.70 8.90 12.85
CA LYS E 213 16.33 8.29 14.02
C LYS E 213 17.63 8.99 14.40
N GLU E 214 18.42 9.40 13.41
CA GLU E 214 19.63 10.16 13.70
C GLU E 214 19.33 11.55 14.26
N LYS E 215 18.31 12.23 13.75
CA LYS E 215 18.09 13.60 14.19
C LYS E 215 17.31 13.73 15.49
N LEU E 216 16.36 12.84 15.77
CA LEU E 216 15.33 13.12 16.77
C LEU E 216 15.14 11.96 17.73
N CYS E 217 16.23 11.39 18.25
CA CYS E 217 16.10 10.30 19.20
C CYS E 217 17.12 10.46 20.31
N TYR E 218 16.77 9.96 21.49
CA TYR E 218 17.62 10.09 22.67
C TYR E 218 17.27 8.98 23.64
N VAL E 219 18.20 8.69 24.55
CA VAL E 219 18.00 7.66 25.56
C VAL E 219 17.46 8.32 26.82
N ALA E 220 16.30 7.87 27.29
CA ALA E 220 15.74 8.34 28.53
C ALA E 220 16.54 7.80 29.71
N LEU E 221 16.71 8.62 30.75
CA LEU E 221 17.46 8.18 31.92
C LEU E 221 16.69 7.14 32.72
N ASP E 222 15.38 7.32 32.86
CA ASP E 222 14.50 6.28 33.36
C ASP E 222 13.26 6.20 32.48
N PHE E 223 12.85 4.98 32.16
CA PHE E 223 11.92 4.77 31.06
C PHE E 223 10.49 5.09 31.48
N GLU E 224 10.07 4.62 32.66
CA GLU E 224 8.66 4.71 33.06
C GLU E 224 8.28 6.14 33.42
N ASN E 225 9.18 6.88 34.07
CA ASN E 225 8.92 8.28 34.40
C ASN E 225 8.87 9.13 33.14
N GLU E 226 9.71 8.80 32.15
CA GLU E 226 9.68 9.52 30.88
C GLU E 226 8.42 9.22 30.09
N MET E 227 7.93 7.97 30.17
CA MET E 227 6.66 7.62 29.55
C MET E 227 5.48 8.33 30.22
N ALA E 228 5.53 8.46 31.55
CA ALA E 228 4.50 9.21 32.26
C ALA E 228 4.55 10.70 31.94
N THR E 229 5.75 11.24 31.76
CA THR E 229 5.92 12.63 31.35
C THR E 229 5.39 12.88 29.95
N ALA E 230 5.65 11.94 29.02
CA ALA E 230 5.15 12.06 27.66
C ALA E 230 3.63 11.87 27.60
N ALA E 231 3.08 11.06 28.51
CA ALA E 231 1.63 10.91 28.57
C ALA E 231 0.96 12.14 29.15
N SER E 232 1.58 12.77 30.15
CA SER E 232 0.92 13.85 30.89
C SER E 232 0.92 15.18 30.15
N SER E 233 1.78 15.35 29.14
CA SER E 233 1.88 16.64 28.46
C SER E 233 2.32 16.40 27.02
N SER E 234 2.76 17.48 26.36
CA SER E 234 3.28 17.38 25.00
C SER E 234 4.58 18.17 24.86
N SER E 235 5.37 18.25 25.93
CA SER E 235 6.62 18.99 25.90
C SER E 235 7.73 18.24 25.18
N LEU E 236 7.60 16.93 25.01
CA LEU E 236 8.62 16.12 24.37
C LEU E 236 8.41 15.95 22.88
N GLU E 237 7.35 16.52 22.32
CA GLU E 237 7.05 16.31 20.91
C GLU E 237 7.94 17.19 20.03
N LYS E 238 8.40 16.60 18.92
CA LYS E 238 9.20 17.30 17.93
C LYS E 238 8.62 17.07 16.55
N SER E 239 8.88 18.02 15.65
CA SER E 239 8.39 17.95 14.29
C SER E 239 9.54 17.74 13.32
N TYR E 240 9.27 16.97 12.27
CA TYR E 240 10.23 16.69 11.22
C TYR E 240 9.57 16.96 9.89
N GLU E 241 10.34 17.49 8.94
CA GLU E 241 9.83 17.77 7.61
C GLU E 241 10.30 16.71 6.64
N LEU E 242 9.36 15.98 6.05
CA LEU E 242 9.64 15.01 5.01
C LEU E 242 10.08 15.74 3.73
N PRO E 243 10.81 15.06 2.82
CA PRO E 243 11.25 15.75 1.59
C PRO E 243 10.15 16.13 0.61
N ASP E 244 8.93 15.63 0.75
CA ASP E 244 7.81 16.16 0.00
C ASP E 244 7.04 17.24 0.74
N GLY E 245 7.65 17.87 1.75
CA GLY E 245 7.04 18.99 2.43
C GLY E 245 6.10 18.63 3.55
N GLN E 246 5.76 17.36 3.72
CA GLN E 246 4.87 16.94 4.80
C GLN E 246 5.59 17.01 6.14
N VAL E 247 4.87 17.45 7.16
CA VAL E 247 5.44 17.63 8.49
C VAL E 247 4.81 16.59 9.41
N ILE E 248 5.65 15.76 10.02
CA ILE E 248 5.19 14.76 10.97
C ILE E 248 5.64 15.17 12.36
N THR E 249 4.91 14.67 13.36
CA THR E 249 5.17 14.99 14.76
C THR E 249 5.36 13.68 15.52
N ILE E 250 6.45 13.57 16.27
CA ILE E 250 6.74 12.38 17.06
C ILE E 250 6.89 12.78 18.52
N GLY E 251 6.37 11.93 19.40
CA GLY E 251 6.39 12.20 20.82
C GLY E 251 7.23 11.23 21.61
N ASN E 252 6.60 10.22 22.20
CA ASN E 252 7.30 9.24 23.02
C ASN E 252 8.17 8.30 22.21
N GLU E 253 7.91 8.18 20.91
CA GLU E 253 8.70 7.37 19.99
C GLU E 253 10.13 7.87 19.79
N ARG E 254 10.44 9.10 20.24
CA ARG E 254 11.81 9.57 20.33
C ARG E 254 12.64 8.68 21.23
N PHE E 255 12.10 8.26 22.38
CA PHE E 255 12.93 7.51 23.30
C PHE E 255 12.61 6.02 23.37
N ARG E 256 11.52 5.56 22.75
CA ARG E 256 11.23 4.13 22.76
C ARG E 256 12.15 3.36 21.84
N CYS E 257 12.66 3.99 20.79
CA CYS E 257 13.51 3.31 19.82
C CYS E 257 14.94 3.06 20.32
N PRO E 258 15.63 3.96 21.06
CA PRO E 258 16.86 3.50 21.72
C PRO E 258 16.68 2.45 22.81
N GLU E 259 15.49 2.33 23.42
CA GLU E 259 15.29 1.40 24.54
C GLU E 259 15.29 -0.06 24.13
N THR E 260 15.26 -0.36 22.83
CA THR E 260 15.51 -1.72 22.35
C THR E 260 16.95 -2.15 22.61
N LEU E 261 17.89 -1.19 22.70
CA LEU E 261 19.26 -1.49 23.12
C LEU E 261 19.32 -2.03 24.54
N PHE E 262 18.50 -1.48 25.44
CA PHE E 262 18.53 -1.92 26.83
C PHE E 262 17.46 -2.94 27.16
N GLN E 263 16.36 -2.96 26.40
CA GLN E 263 15.32 -3.98 26.54
C GLN E 263 15.07 -4.63 25.18
N PRO E 264 15.80 -5.71 24.84
CA PRO E 264 15.63 -6.34 23.52
C PRO E 264 14.29 -7.04 23.29
N SER E 265 13.44 -7.20 24.31
CA SER E 265 12.15 -7.86 24.15
C SER E 265 11.13 -7.05 23.37
N PHE E 266 11.42 -5.77 23.06
CA PHE E 266 10.54 -4.95 22.24
C PHE E 266 10.44 -5.51 20.82
N ILE E 267 11.55 -5.98 20.26
CA ILE E 267 11.52 -6.58 18.93
C ILE E 267 11.50 -8.10 19.05
N GLY E 268 11.19 -8.60 20.24
CA GLY E 268 11.03 -10.03 20.45
C GLY E 268 12.32 -10.81 20.45
N MET E 269 13.21 -10.52 21.40
CA MET E 269 14.42 -11.30 21.58
C MET E 269 14.56 -11.68 23.05
N GLU E 270 14.90 -12.94 23.30
CA GLU E 270 15.05 -13.44 24.65
C GLU E 270 16.35 -12.95 25.29
N SER E 271 17.33 -12.58 24.46
CA SER E 271 18.65 -12.17 24.91
C SER E 271 18.61 -10.86 25.69
N ALA E 272 19.62 -10.67 26.53
CA ALA E 272 19.62 -9.56 27.47
C ALA E 272 20.14 -8.29 26.80
N GLY E 273 20.06 -7.18 27.55
CA GLY E 273 20.48 -5.89 27.05
C GLY E 273 21.99 -5.76 27.01
N ILE E 274 22.42 -4.58 26.54
CA ILE E 274 23.84 -4.30 26.36
C ILE E 274 24.56 -4.16 27.70
N HIS E 275 23.86 -3.72 28.75
CA HIS E 275 24.50 -3.57 30.05
C HIS E 275 24.69 -4.92 30.74
N GLU E 276 23.72 -5.84 30.60
CA GLU E 276 23.95 -7.20 31.06
C GLU E 276 25.02 -7.89 30.25
N THR E 277 25.11 -7.59 28.95
CA THR E 277 26.14 -8.15 28.10
C THR E 277 27.53 -7.67 28.52
N THR E 278 27.66 -6.39 28.87
CA THR E 278 28.91 -5.86 29.40
C THR E 278 29.25 -6.45 30.76
N TYR E 279 28.24 -6.63 31.62
CA TYR E 279 28.47 -7.18 32.95
C TYR E 279 28.89 -8.65 32.90
N ASN E 280 28.22 -9.46 32.06
CA ASN E 280 28.63 -10.85 31.91
C ASN E 280 29.93 -10.99 31.14
N SER E 281 30.27 -10.03 30.27
CA SER E 281 31.57 -10.05 29.62
C SER E 281 32.69 -9.75 30.60
N ILE E 282 32.44 -8.84 31.54
CA ILE E 282 33.41 -8.54 32.59
C ILE E 282 33.53 -9.71 33.55
N MET E 283 32.40 -10.35 33.90
CA MET E 283 32.37 -11.44 34.88
C MET E 283 33.05 -12.71 34.41
N LYS E 284 33.27 -12.88 33.11
CA LYS E 284 33.98 -14.05 32.60
C LYS E 284 35.48 -13.84 32.50
N CYS E 285 36.01 -12.78 33.07
CA CYS E 285 37.44 -12.51 33.11
C CYS E 285 37.99 -12.91 34.47
N ASP E 286 39.32 -12.85 34.59
CA ASP E 286 39.99 -13.20 35.83
C ASP E 286 39.74 -12.12 36.88
N ILE E 287 39.84 -12.52 38.15
CA ILE E 287 39.36 -11.72 39.28
C ILE E 287 40.21 -10.45 39.48
N ASP E 288 41.51 -10.51 39.16
CA ASP E 288 42.37 -9.36 39.45
C ASP E 288 42.21 -8.25 38.41
N ILE E 289 41.80 -8.57 37.20
CA ILE E 289 41.75 -7.58 36.14
C ILE E 289 40.35 -7.02 35.99
N ARG E 290 39.47 -7.28 36.95
CA ARG E 290 38.14 -6.68 36.86
C ARG E 290 38.12 -5.24 37.34
N LYS E 291 39.15 -4.80 38.05
CA LYS E 291 39.18 -3.45 38.59
C LYS E 291 39.30 -2.40 37.49
N ASP E 292 40.21 -2.61 36.54
CA ASP E 292 40.40 -1.64 35.47
C ASP E 292 39.47 -1.86 34.27
N LEU E 293 38.81 -3.01 34.17
CA LEU E 293 37.80 -3.17 33.13
C LEU E 293 36.58 -2.31 33.40
N TYR E 294 36.19 -2.19 34.68
CA TYR E 294 35.08 -1.30 35.02
C TYR E 294 35.48 0.16 34.85
N ALA E 295 36.75 0.49 35.08
CA ALA E 295 37.19 1.88 35.01
C ALA E 295 37.60 2.33 33.62
N ASN E 296 37.77 1.41 32.67
CA ASN E 296 38.08 1.75 31.28
C ASN E 296 37.05 1.05 30.40
N ASN E 297 35.95 1.75 30.14
CA ASN E 297 34.81 1.21 29.41
C ASN E 297 34.56 2.20 28.28
N VAL E 298 35.22 2.00 27.15
CA VAL E 298 35.08 2.90 26.02
C VAL E 298 33.92 2.47 25.16
N MET E 299 33.41 3.40 24.36
CA MET E 299 32.32 3.14 23.45
C MET E 299 32.73 3.57 22.05
N SER E 300 32.26 2.80 21.06
CA SER E 300 32.63 3.03 19.68
C SER E 300 31.41 2.81 18.80
N GLY E 301 31.51 3.26 17.57
CA GLY E 301 30.46 3.05 16.60
C GLY E 301 29.45 4.18 16.56
N GLY E 302 28.67 4.21 15.49
CA GLY E 302 27.68 5.25 15.31
C GLY E 302 26.43 5.06 16.14
N THR E 303 26.16 3.85 16.60
CA THR E 303 24.94 3.60 17.36
C THR E 303 25.09 4.05 18.82
N THR E 304 26.31 4.32 19.27
CA THR E 304 26.53 4.92 20.59
C THR E 304 26.52 6.44 20.57
N MET E 305 25.86 7.06 19.59
CA MET E 305 25.87 8.51 19.44
C MET E 305 24.57 9.16 19.88
N TYR E 306 23.68 8.42 20.55
CA TYR E 306 22.46 9.03 21.06
C TYR E 306 22.79 9.91 22.26
N PRO E 307 22.00 10.96 22.48
CA PRO E 307 22.13 11.70 23.75
C PRO E 307 21.69 10.84 24.93
N GLY E 308 22.48 10.89 25.99
CA GLY E 308 22.15 10.23 27.22
C GLY E 308 22.45 8.74 27.28
N ILE E 309 23.19 8.19 26.31
CA ILE E 309 23.47 6.76 26.33
C ILE E 309 24.53 6.42 27.39
N ALA E 310 25.48 7.33 27.63
CA ALA E 310 26.55 7.07 28.58
C ALA E 310 26.07 7.13 30.02
N ASP E 311 25.17 8.08 30.31
CA ASP E 311 24.60 8.20 31.65
C ASP E 311 23.71 7.00 31.98
N ARG E 312 22.92 6.56 30.99
CA ARG E 312 22.11 5.36 31.15
C ARG E 312 22.96 4.12 31.33
N MET E 313 24.06 4.01 30.59
CA MET E 313 24.95 2.87 30.72
C MET E 313 25.64 2.83 32.08
N GLN E 314 26.04 4.00 32.58
CA GLN E 314 26.66 4.06 33.90
C GLN E 314 25.65 3.76 35.01
N LYS E 315 24.40 4.20 34.83
CA LYS E 315 23.32 3.87 35.76
C LYS E 315 23.05 2.37 35.80
N GLU E 316 23.02 1.72 34.64
CA GLU E 316 22.72 0.29 34.62
C GLU E 316 23.89 -0.57 35.09
N ILE E 317 25.12 -0.21 34.73
CA ILE E 317 26.29 -0.97 35.17
C ILE E 317 26.52 -0.78 36.68
N THR E 318 26.26 0.43 37.19
CA THR E 318 26.45 0.74 38.61
C THR E 318 25.49 -0.05 39.50
N ALA E 319 24.26 -0.27 39.02
CA ALA E 319 23.31 -1.09 39.76
C ALA E 319 23.69 -2.57 39.76
N LEU E 320 24.42 -3.02 38.75
CA LEU E 320 24.78 -4.43 38.63
C LEU E 320 26.12 -4.76 39.28
N ALA E 321 27.08 -3.85 39.23
CA ALA E 321 28.41 -4.05 39.79
C ALA E 321 28.35 -3.95 41.31
N PRO E 322 29.36 -4.47 42.01
CA PRO E 322 29.50 -4.15 43.44
C PRO E 322 29.77 -2.67 43.68
N SER E 323 29.35 -2.19 44.85
CA SER E 323 29.37 -0.77 45.15
C SER E 323 30.78 -0.24 45.38
N THR E 324 31.73 -1.12 45.70
CA THR E 324 33.11 -0.70 45.87
C THR E 324 33.78 -0.36 44.54
N MET E 325 33.25 -0.87 43.43
CA MET E 325 33.85 -0.63 42.12
C MET E 325 33.60 0.79 41.65
N LYS E 326 34.53 1.29 40.83
CA LYS E 326 34.44 2.60 40.22
C LYS E 326 34.13 2.43 38.74
N ILE E 327 33.11 3.13 38.26
CA ILE E 327 32.61 2.96 36.90
C ILE E 327 32.91 4.21 36.11
N LYS E 328 33.54 4.06 34.95
CA LYS E 328 33.82 5.18 34.06
C LYS E 328 33.44 4.77 32.64
N ILE E 329 32.35 5.30 32.14
CA ILE E 329 31.97 5.13 30.73
C ILE E 329 32.64 6.23 29.93
N ILE E 330 33.39 5.85 28.91
CA ILE E 330 34.26 6.76 28.18
C ILE E 330 33.71 6.91 26.77
N ALA E 331 33.28 8.12 26.45
CA ALA E 331 32.58 8.41 25.19
C ALA E 331 33.27 9.60 24.53
N PRO E 332 34.29 9.34 23.71
CA PRO E 332 34.95 10.43 22.98
C PRO E 332 34.03 10.98 21.89
N PRO E 333 34.18 12.24 21.50
CA PRO E 333 33.33 12.77 20.43
C PRO E 333 33.67 12.25 19.04
N GLU E 334 34.84 11.64 18.84
CA GLU E 334 35.24 11.12 17.54
C GLU E 334 34.96 9.63 17.40
N ARG E 335 34.05 9.06 18.20
CA ARG E 335 33.89 7.61 18.29
C ARG E 335 33.18 7.00 17.09
N LYS E 336 32.64 7.82 16.18
CA LYS E 336 32.10 7.29 14.95
C LYS E 336 33.20 6.78 14.02
N TYR E 337 34.39 7.40 14.07
CA TYR E 337 35.50 7.05 13.19
C TYR E 337 36.71 6.53 13.94
N SER E 338 36.52 5.98 15.14
CA SER E 338 37.64 5.56 15.98
C SER E 338 38.35 4.33 15.43
N VAL E 339 37.60 3.45 14.75
CA VAL E 339 38.18 2.27 14.10
C VAL E 339 39.15 2.69 13.01
N TRP E 340 38.76 3.69 12.20
CA TRP E 340 39.62 4.17 11.13
C TRP E 340 40.84 4.90 11.67
N ILE E 341 40.68 5.64 12.78
CA ILE E 341 41.82 6.35 13.36
C ILE E 341 42.84 5.37 13.93
N GLY E 342 42.37 4.32 14.61
CA GLY E 342 43.27 3.28 15.10
C GLY E 342 43.96 2.51 13.99
N GLY E 343 43.23 2.21 12.92
CA GLY E 343 43.84 1.57 11.76
C GLY E 343 44.82 2.48 11.04
N SER E 344 44.53 3.78 10.99
CA SER E 344 45.39 4.74 10.31
C SER E 344 46.71 4.93 11.05
N ILE E 345 46.65 4.98 12.37
CA ILE E 345 47.89 5.10 13.15
C ILE E 345 48.67 3.78 13.11
N LEU E 346 47.96 2.64 13.19
CA LEU E 346 48.61 1.34 13.23
C LEU E 346 49.25 0.98 11.89
N ALA E 347 48.73 1.47 10.77
CA ALA E 347 49.32 1.14 9.48
C ALA E 347 50.52 2.02 9.13
N SER E 348 50.63 3.21 9.72
CA SER E 348 51.65 4.17 9.33
C SER E 348 52.97 3.99 10.07
N LEU E 349 53.04 3.02 10.99
CA LEU E 349 54.22 2.84 11.80
C LEU E 349 55.36 2.21 11.01
N SER E 350 56.58 2.62 11.33
CA SER E 350 57.77 2.04 10.69
C SER E 350 58.05 0.63 11.17
N THR E 351 57.54 0.24 12.33
CA THR E 351 57.70 -1.11 12.84
C THR E 351 56.63 -2.07 12.35
N PHE E 352 55.70 -1.59 11.53
CA PHE E 352 54.60 -2.43 11.05
C PHE E 352 54.94 -3.22 9.79
N GLN E 353 56.02 -2.88 9.08
CA GLN E 353 56.25 -3.50 7.77
C GLN E 353 56.99 -4.84 7.86
N GLN E 354 56.53 -5.72 8.75
CA GLN E 354 56.81 -7.14 8.67
C GLN E 354 55.59 -7.98 9.00
N MET E 355 54.52 -7.40 9.54
CA MET E 355 53.25 -8.09 9.70
C MET E 355 52.39 -8.04 8.45
N TRP E 356 52.83 -7.34 7.41
CA TRP E 356 52.09 -7.31 6.15
C TRP E 356 52.12 -8.67 5.48
N ILE E 357 50.95 -9.15 5.06
CA ILE E 357 50.84 -10.41 4.34
C ILE E 357 51.08 -10.07 2.87
N THR E 358 52.30 -10.30 2.39
CA THR E 358 52.61 -9.89 1.03
C THR E 358 52.16 -10.95 0.04
N LYS E 359 52.45 -10.69 -1.24
CA LYS E 359 52.02 -11.57 -2.33
C LYS E 359 52.72 -12.92 -2.31
N GLN E 360 54.00 -12.94 -1.92
CA GLN E 360 54.84 -14.12 -2.08
C GLN E 360 54.42 -15.26 -1.15
N GLU E 361 54.21 -14.96 0.14
CA GLU E 361 53.76 -15.99 1.06
C GLU E 361 52.31 -16.40 0.80
N TYR E 362 51.51 -15.49 0.21
CA TYR E 362 50.16 -15.84 -0.17
C TYR E 362 50.15 -16.85 -1.32
N ASP E 363 50.90 -16.59 -2.38
CA ASP E 363 50.83 -17.52 -3.50
C ASP E 363 51.82 -18.68 -3.38
N GLU E 364 52.58 -18.79 -2.29
CA GLU E 364 53.11 -20.11 -1.97
C GLU E 364 52.28 -20.84 -0.93
N ALA E 365 51.45 -20.12 -0.15
CA ALA E 365 50.70 -20.74 0.92
C ALA E 365 49.21 -20.91 0.62
N GLY E 366 48.68 -20.22 -0.38
CA GLY E 366 47.27 -20.31 -0.69
C GLY E 366 46.45 -19.40 0.20
N PRO E 367 45.11 -19.49 0.12
CA PRO E 367 44.23 -18.70 1.01
C PRO E 367 44.09 -19.29 2.41
N SER E 368 45.21 -19.46 3.10
CA SER E 368 45.23 -19.88 4.48
C SER E 368 46.24 -19.11 5.29
N ILE E 369 46.99 -18.21 4.66
CA ILE E 369 47.98 -17.39 5.34
C ILE E 369 47.32 -16.36 6.26
N VAL E 370 46.08 -15.97 5.98
CA VAL E 370 45.39 -14.98 6.79
C VAL E 370 44.97 -15.55 8.14
N HIS E 371 44.83 -16.88 8.23
CA HIS E 371 44.48 -17.51 9.50
C HIS E 371 45.67 -17.64 10.44
N ARG E 372 46.88 -17.48 9.93
CA ARG E 372 48.08 -17.65 10.74
C ARG E 372 48.82 -16.36 11.06
N LYS E 373 48.83 -15.39 10.14
CA LYS E 373 49.53 -14.15 10.42
C LYS E 373 48.65 -13.09 11.07
N CYS E 374 47.36 -13.06 10.73
CA CYS E 374 46.41 -12.18 11.39
C CYS E 374 45.76 -12.95 12.54
N PHE E 375 46.13 -12.60 13.77
CA PHE E 375 45.65 -13.31 14.95
C PHE E 375 44.21 -12.92 15.28
N GLU F 4 3.31 -53.68 51.72
CA GLU F 4 2.31 -53.79 50.66
C GLU F 4 2.56 -52.69 49.64
N THR F 5 2.75 -51.46 50.12
CA THR F 5 2.95 -50.34 49.24
C THR F 5 4.36 -50.35 48.65
N THR F 6 4.53 -49.60 47.57
CA THR F 6 5.77 -49.57 46.80
C THR F 6 6.45 -48.23 46.95
N ALA F 7 7.76 -48.26 47.16
CA ALA F 7 8.52 -47.03 47.31
C ALA F 7 8.78 -46.37 45.97
N LEU F 8 9.05 -45.08 46.01
CA LEU F 8 9.39 -44.31 44.82
C LEU F 8 10.84 -43.89 44.88
N VAL F 9 11.51 -43.93 43.73
CA VAL F 9 12.88 -43.45 43.58
C VAL F 9 12.85 -42.26 42.63
N CYS F 10 13.46 -41.16 43.06
CA CYS F 10 13.50 -39.93 42.27
C CYS F 10 14.91 -39.37 42.32
N ASP F 11 15.66 -39.54 41.23
CA ASP F 11 17.00 -38.99 41.10
C ASP F 11 16.89 -37.62 40.43
N ASN F 12 17.19 -36.57 41.19
CA ASN F 12 17.01 -35.19 40.76
C ASN F 12 18.31 -34.70 40.13
N GLY F 13 18.41 -34.83 38.82
CA GLY F 13 19.56 -34.33 38.11
C GLY F 13 19.51 -32.84 37.89
N SER F 14 20.67 -32.27 37.55
CA SER F 14 20.73 -30.85 37.24
C SER F 14 20.15 -30.51 35.88
N GLY F 15 20.02 -31.49 35.00
CA GLY F 15 19.44 -31.23 33.70
C GLY F 15 18.52 -32.31 33.21
N LEU F 16 18.38 -33.39 33.99
CA LEU F 16 17.59 -34.54 33.54
C LEU F 16 17.18 -35.32 34.78
N VAL F 17 15.89 -35.26 35.12
CA VAL F 17 15.38 -35.91 36.33
C VAL F 17 14.76 -37.25 35.98
N LYS F 18 15.06 -38.26 36.80
CA LYS F 18 14.65 -39.65 36.61
C LYS F 18 13.73 -40.06 37.75
N ALA F 19 12.67 -40.79 37.45
CA ALA F 19 11.74 -41.17 38.49
C ALA F 19 11.12 -42.52 38.17
N GLY F 20 10.69 -43.21 39.21
CA GLY F 20 9.99 -44.47 39.00
C GLY F 20 9.79 -45.20 40.31
N PHE F 21 9.45 -46.48 40.18
CA PHE F 21 9.09 -47.33 41.30
C PHE F 21 10.27 -48.23 41.67
N ALA F 22 10.39 -48.50 42.97
CA ALA F 22 11.45 -49.38 43.46
C ALA F 22 11.19 -50.82 43.02
N GLY F 23 12.26 -51.54 42.71
CA GLY F 23 12.16 -52.87 42.18
C GLY F 23 12.07 -52.96 40.68
N ASP F 24 12.47 -51.92 39.96
CA ASP F 24 12.48 -51.93 38.51
C ASP F 24 13.91 -51.89 37.99
N ASP F 25 14.11 -52.42 36.79
CA ASP F 25 15.41 -52.47 36.15
C ASP F 25 15.73 -51.23 35.33
N ALA F 26 14.83 -50.25 35.33
CA ALA F 26 14.96 -49.03 34.55
C ALA F 26 14.04 -47.98 35.16
N PRO F 27 14.38 -46.70 35.07
CA PRO F 27 13.43 -45.68 35.52
C PRO F 27 12.25 -45.58 34.59
N ARG F 28 11.07 -45.38 35.19
CA ARG F 28 9.84 -45.31 34.44
C ARG F 28 9.74 -44.02 33.65
N ALA F 29 10.32 -42.94 34.17
CA ALA F 29 10.18 -41.63 33.57
C ALA F 29 11.50 -40.89 33.58
N VAL F 30 11.92 -40.42 32.40
CA VAL F 30 13.12 -39.60 32.24
C VAL F 30 12.69 -38.34 31.52
N PHE F 31 12.83 -37.19 32.17
CA PHE F 31 12.34 -35.96 31.57
C PHE F 31 13.22 -34.81 32.08
N PRO F 32 13.41 -33.74 31.29
CA PRO F 32 14.36 -32.72 31.72
C PRO F 32 13.80 -31.78 32.78
N SER F 33 14.67 -31.42 33.71
CA SER F 33 14.28 -30.58 34.85
C SER F 33 14.38 -29.12 34.44
N ILE F 34 13.36 -28.65 33.74
CA ILE F 34 13.25 -27.27 33.31
C ILE F 34 11.89 -26.72 33.72
N VAL F 35 11.84 -25.41 33.90
CA VAL F 35 10.58 -24.70 34.09
C VAL F 35 10.51 -23.61 33.01
N GLY F 36 9.49 -23.69 32.18
CA GLY F 36 9.29 -22.73 31.11
C GLY F 36 8.20 -21.74 31.44
N ARG F 37 8.43 -20.48 31.11
CA ARG F 37 7.47 -19.41 31.31
C ARG F 37 7.24 -18.68 30.00
N PRO F 38 6.02 -18.25 29.71
CA PRO F 38 5.77 -17.65 28.39
C PRO F 38 6.32 -16.23 28.28
N ARG F 39 6.75 -15.92 27.07
CA ARG F 39 7.38 -14.66 26.75
C ARG F 39 6.55 -13.79 25.82
N HIS F 40 5.43 -14.29 25.33
CA HIS F 40 4.47 -13.53 24.55
C HIS F 40 3.12 -13.57 25.26
N GLN F 41 2.16 -12.85 24.70
CA GLN F 41 0.81 -12.76 25.26
C GLN F 41 -0.10 -13.75 24.56
N GLY F 42 -0.91 -14.45 25.33
CA GLY F 42 -1.83 -15.42 24.77
C GLY F 42 -3.12 -14.78 24.31
N VAL F 43 -3.25 -14.57 23.02
CA VAL F 43 -4.41 -13.82 22.52
C VAL F 43 -5.60 -14.72 22.21
N MET F 44 -5.39 -16.02 22.02
CA MET F 44 -6.48 -16.98 21.87
C MET F 44 -6.85 -17.47 23.25
N VAL F 45 -7.77 -16.75 23.90
CA VAL F 45 -8.12 -17.04 25.28
C VAL F 45 -9.01 -18.27 25.35
N GLY F 46 -8.98 -18.92 26.52
CA GLY F 46 -9.80 -20.09 26.74
C GLY F 46 -9.33 -21.32 26.01
N MET F 47 -8.06 -21.38 25.61
CA MET F 47 -7.54 -22.53 24.89
C MET F 47 -6.33 -23.10 25.61
N GLY F 48 -6.45 -23.23 26.93
CA GLY F 48 -5.48 -23.92 27.75
C GLY F 48 -4.11 -23.28 27.90
N GLN F 49 -4.04 -21.97 28.11
CA GLN F 49 -2.77 -21.31 28.37
C GLN F 49 -2.46 -21.39 29.85
N LYS F 50 -1.21 -21.70 30.17
CA LYS F 50 -0.77 -21.77 31.56
C LYS F 50 0.33 -20.76 31.80
N ASP F 51 0.45 -20.32 33.05
CA ASP F 51 1.47 -19.36 33.44
C ASP F 51 2.85 -19.97 33.57
N SER F 52 2.95 -21.29 33.66
CA SER F 52 4.23 -21.94 33.89
C SER F 52 4.14 -23.36 33.35
N TYR F 53 4.95 -23.68 32.35
CA TYR F 53 5.00 -25.00 31.77
C TYR F 53 6.22 -25.73 32.31
N VAL F 54 6.02 -26.95 32.80
CA VAL F 54 7.03 -27.64 33.59
C VAL F 54 7.38 -28.94 32.88
N GLY F 55 8.68 -29.19 32.70
CA GLY F 55 9.13 -30.49 32.25
C GLY F 55 9.18 -30.61 30.74
N ASP F 56 8.91 -31.84 30.26
CA ASP F 56 9.04 -32.19 28.85
C ASP F 56 8.00 -31.48 27.99
N GLU F 57 6.85 -31.12 28.59
CA GLU F 57 5.87 -30.26 27.95
C GLU F 57 6.48 -28.90 27.60
N ALA F 58 7.27 -28.35 28.52
CA ALA F 58 8.03 -27.13 28.24
C ALA F 58 9.12 -27.37 27.21
N GLN F 59 9.59 -28.61 27.08
CA GLN F 59 10.49 -28.93 25.99
C GLN F 59 9.76 -28.97 24.65
N SER F 60 8.47 -29.31 24.67
CA SER F 60 7.71 -29.44 23.43
C SER F 60 7.44 -28.09 22.79
N LYS F 61 6.88 -27.16 23.56
CA LYS F 61 6.65 -25.80 23.08
C LYS F 61 7.75 -24.83 23.51
N ARG F 62 9.01 -25.22 23.27
CA ARG F 62 10.15 -24.49 23.78
C ARG F 62 10.44 -23.20 23.01
N GLY F 63 9.85 -23.03 21.83
CA GLY F 63 10.08 -21.79 21.07
C GLY F 63 9.45 -20.58 21.71
N ILE F 64 8.26 -20.73 22.27
CA ILE F 64 7.50 -19.62 22.79
C ILE F 64 7.70 -19.45 24.31
N LEU F 65 8.73 -20.06 24.86
CA LEU F 65 8.99 -20.03 26.29
C LEU F 65 10.41 -19.61 26.58
N THR F 66 10.62 -19.09 27.77
CA THR F 66 11.95 -18.97 28.35
C THR F 66 12.12 -20.08 29.38
N LEU F 67 13.28 -20.74 29.35
CA LEU F 67 13.52 -21.93 30.15
C LEU F 67 14.50 -21.61 31.26
N LYS F 68 14.19 -22.08 32.46
CA LYS F 68 15.11 -21.92 33.58
C LYS F 68 15.32 -23.26 34.28
N TYR F 69 16.56 -23.50 34.69
CA TYR F 69 16.93 -24.71 35.39
C TYR F 69 16.89 -24.46 36.88
N PRO F 70 16.04 -25.16 37.64
CA PRO F 70 16.01 -24.95 39.10
C PRO F 70 17.24 -25.46 39.82
N ILE F 71 17.93 -26.46 39.28
CA ILE F 71 19.15 -26.97 39.88
C ILE F 71 20.33 -26.53 39.02
N GLU F 72 21.27 -25.81 39.61
CA GLU F 72 22.49 -25.49 38.89
C GLU F 72 23.69 -25.97 39.71
N HIC F 73 24.61 -26.61 38.99
CA HIC F 73 25.83 -27.22 39.50
C HIC F 73 25.58 -28.26 40.59
O HIC F 73 26.30 -28.38 41.57
CB HIC F 73 26.86 -26.23 40.06
CG HIC F 73 27.31 -25.27 39.04
ND1 HIC F 73 27.23 -25.49 37.66
CD2 HIC F 73 27.88 -24.01 39.30
CE1 HIC F 73 27.74 -24.38 37.09
NE2 HIC F 73 28.14 -23.45 38.04
CZ HIC F 73 28.72 -22.18 37.81
N GLY F 74 24.50 -29.01 40.42
CA GLY F 74 24.16 -30.09 41.34
C GLY F 74 23.43 -29.69 42.61
N ILE F 75 23.36 -28.40 42.88
CA ILE F 75 22.79 -27.86 44.11
C ILE F 75 21.50 -27.15 43.76
N ILE F 76 20.45 -27.39 44.54
CA ILE F 76 19.17 -26.72 44.34
C ILE F 76 19.31 -25.27 44.77
N THR F 77 19.02 -24.34 43.84
CA THR F 77 19.09 -22.93 44.13
C THR F 77 17.72 -22.27 44.16
N ASN F 78 16.90 -22.47 43.13
CA ASN F 78 15.54 -21.95 43.11
C ASN F 78 14.64 -23.04 43.66
N TRP F 79 13.94 -22.73 44.75
CA TRP F 79 13.21 -23.77 45.47
C TRP F 79 11.76 -23.92 45.02
N ASP F 80 11.11 -22.83 44.63
CA ASP F 80 9.71 -22.90 44.20
C ASP F 80 9.57 -23.64 42.87
N ASP F 81 10.52 -23.43 41.95
CA ASP F 81 10.58 -24.20 40.72
C ASP F 81 10.87 -25.67 41.00
N MET F 82 11.62 -25.97 42.05
CA MET F 82 11.88 -27.35 42.42
C MET F 82 10.62 -28.02 42.97
N GLU F 83 9.77 -27.25 43.67
CA GLU F 83 8.46 -27.73 44.04
C GLU F 83 7.58 -27.99 42.83
N LYS F 84 7.71 -27.15 41.78
CA LYS F 84 6.99 -27.42 40.54
C LYS F 84 7.47 -28.69 39.84
N ILE F 85 8.79 -28.94 39.88
CA ILE F 85 9.37 -30.18 39.34
C ILE F 85 8.85 -31.39 40.10
N TRP F 86 8.80 -31.30 41.43
CA TRP F 86 8.35 -32.43 42.23
C TRP F 86 6.85 -32.67 42.08
N HIS F 87 6.06 -31.59 41.96
CA HIS F 87 4.63 -31.71 41.74
C HIS F 87 4.33 -32.33 40.38
N HIS F 88 5.08 -31.94 39.35
CA HIS F 88 4.96 -32.53 38.02
C HIS F 88 5.38 -33.99 38.04
N THR F 89 6.41 -34.32 38.83
CA THR F 89 6.89 -35.69 38.94
C THR F 89 5.86 -36.61 39.59
N PHE F 90 5.29 -36.19 40.72
CA PHE F 90 4.34 -37.04 41.42
C PHE F 90 3.00 -37.10 40.71
N TYR F 91 2.44 -35.95 40.37
CA TYR F 91 1.02 -35.95 40.03
C TYR F 91 0.79 -36.18 38.54
N ASN F 92 1.57 -35.55 37.69
CA ASN F 92 1.35 -35.68 36.25
C ASN F 92 2.12 -36.84 35.67
N GLU F 93 3.36 -37.03 36.10
CA GLU F 93 4.27 -37.93 35.41
C GLU F 93 4.09 -39.37 35.89
N LEU F 94 4.28 -39.62 37.19
CA LEU F 94 4.12 -40.95 37.74
C LEU F 94 2.67 -41.30 38.01
N ARG F 95 1.80 -40.29 38.19
CA ARG F 95 0.35 -40.40 38.39
C ARG F 95 0.04 -41.17 39.68
N VAL F 96 0.65 -40.76 40.79
CA VAL F 96 0.44 -41.40 42.08
C VAL F 96 0.18 -40.34 43.13
N ALA F 97 -0.46 -40.76 44.21
CA ALA F 97 -0.61 -39.91 45.39
C ALA F 97 0.62 -40.06 46.28
N PRO F 98 1.31 -38.97 46.63
CA PRO F 98 2.48 -39.08 47.51
C PRO F 98 2.17 -39.49 48.94
N GLU F 99 0.91 -39.38 49.37
CA GLU F 99 0.52 -39.77 50.72
C GLU F 99 0.61 -41.27 50.95
N GLU F 100 0.59 -42.08 49.89
CA GLU F 100 0.58 -43.52 50.01
C GLU F 100 1.95 -44.15 49.83
N HIS F 101 2.89 -43.45 49.19
CA HIS F 101 4.14 -44.07 48.78
C HIS F 101 5.31 -43.47 49.52
N PRO F 102 6.21 -44.28 50.10
CA PRO F 102 7.49 -43.76 50.56
C PRO F 102 8.35 -43.32 49.38
N THR F 103 9.25 -42.38 49.64
CA THR F 103 10.01 -41.75 48.57
C THR F 103 11.48 -41.73 48.91
N LEU F 104 12.31 -42.22 47.99
CA LEU F 104 13.76 -42.18 48.10
C LEU F 104 14.30 -41.08 47.18
N LEU F 105 15.10 -40.19 47.74
CA LEU F 105 15.74 -39.12 46.99
C LEU F 105 17.25 -39.31 47.01
N THR F 106 17.91 -38.72 46.02
CA THR F 106 19.36 -38.76 45.90
C THR F 106 19.89 -37.33 45.95
N GLU F 107 21.07 -37.16 46.55
CA GLU F 107 21.69 -35.85 46.63
C GLU F 107 23.12 -35.93 46.11
N ALA F 108 23.64 -34.75 45.75
CA ALA F 108 25.03 -34.63 45.32
C ALA F 108 25.97 -34.80 46.51
N PRO F 109 27.21 -35.26 46.28
CA PRO F 109 28.18 -35.28 47.37
C PRO F 109 28.58 -33.87 47.81
N LEU F 110 28.92 -33.77 49.10
CA LEU F 110 29.21 -32.52 49.81
C LEU F 110 28.04 -31.52 49.69
N ASN F 111 26.83 -32.03 49.84
CA ASN F 111 25.65 -31.18 49.91
C ASN F 111 25.67 -30.39 51.21
N PRO F 112 25.36 -29.09 51.19
CA PRO F 112 25.16 -28.35 52.45
C PRO F 112 23.97 -28.87 53.23
N LYS F 113 24.06 -28.71 54.56
CA LYS F 113 23.09 -29.28 55.49
C LYS F 113 21.72 -28.60 55.38
N ALA F 114 21.71 -27.29 55.09
CA ALA F 114 20.47 -26.54 55.04
C ALA F 114 19.59 -26.96 53.85
N ASN F 115 20.22 -27.34 52.74
CA ASN F 115 19.47 -27.88 51.60
C ASN F 115 18.84 -29.23 51.93
N ARG F 116 19.55 -30.05 52.72
CA ARG F 116 19.01 -31.33 53.18
C ARG F 116 17.81 -31.13 54.10
N GLU F 117 17.91 -30.18 55.03
CA GLU F 117 16.80 -29.86 55.92
C GLU F 117 15.61 -29.28 55.17
N LYS F 118 15.87 -28.44 54.17
CA LYS F 118 14.80 -27.82 53.42
C LYS F 118 14.12 -28.84 52.49
N MET F 119 14.91 -29.77 51.96
CA MET F 119 14.38 -30.90 51.19
C MET F 119 13.47 -31.77 52.06
N THR F 120 13.89 -32.01 53.32
CA THR F 120 13.08 -32.74 54.29
C THR F 120 11.77 -32.00 54.60
N GLN F 121 11.85 -30.68 54.75
CA GLN F 121 10.70 -29.86 55.14
C GLN F 121 9.63 -29.81 54.06
N ILE F 122 10.01 -29.47 52.82
CA ILE F 122 9.05 -29.52 51.71
C ILE F 122 8.63 -30.96 51.37
N MET F 123 9.45 -31.97 51.70
CA MET F 123 9.02 -33.34 51.47
C MET F 123 7.94 -33.79 52.46
N PHE F 124 8.03 -33.36 53.71
CA PHE F 124 7.03 -33.81 54.69
C PHE F 124 5.84 -32.87 54.82
N GLU F 125 6.02 -31.58 54.62
CA GLU F 125 4.91 -30.64 54.80
C GLU F 125 4.04 -30.51 53.56
N THR F 126 4.66 -30.22 52.42
CA THR F 126 3.91 -29.88 51.21
C THR F 126 3.24 -31.10 50.59
N PHE F 127 3.97 -32.20 50.45
CA PHE F 127 3.44 -33.36 49.76
C PHE F 127 2.91 -34.44 50.70
N ASN F 128 3.34 -34.42 51.97
CA ASN F 128 2.89 -35.29 53.06
C ASN F 128 3.17 -36.76 52.73
N VAL F 129 4.45 -37.09 52.67
CA VAL F 129 4.89 -38.46 52.44
C VAL F 129 4.80 -39.21 53.76
N PRO F 130 4.63 -40.53 53.77
CA PRO F 130 4.73 -41.27 55.04
C PRO F 130 6.14 -41.69 55.43
N ALA F 131 7.07 -41.73 54.48
CA ALA F 131 8.45 -42.08 54.78
C ALA F 131 9.34 -41.41 53.74
N MET F 132 10.62 -41.28 54.08
CA MET F 132 11.55 -40.54 53.24
C MET F 132 12.96 -41.00 53.57
N TYR F 133 13.84 -40.95 52.58
CA TYR F 133 15.26 -41.22 52.78
C TYR F 133 16.05 -40.46 51.73
N VAL F 134 17.28 -40.09 52.08
CA VAL F 134 18.19 -39.36 51.20
C VAL F 134 19.47 -40.19 51.05
N ALA F 135 19.99 -40.28 49.82
CA ALA F 135 21.21 -41.03 49.54
C ALA F 135 22.12 -40.19 48.67
N ILE F 136 23.28 -40.76 48.32
CA ILE F 136 24.33 -40.07 47.59
C ILE F 136 24.45 -40.72 46.21
N GLN F 137 24.76 -39.90 45.19
CA GLN F 137 24.84 -40.30 43.78
C GLN F 137 25.87 -41.42 43.57
N ALA F 138 27.08 -41.21 44.07
CA ALA F 138 28.22 -42.05 43.69
C ALA F 138 28.18 -43.41 44.37
N VAL F 139 27.68 -43.47 45.61
CA VAL F 139 27.62 -44.74 46.31
C VAL F 139 26.53 -45.64 45.71
N LEU F 140 25.45 -45.04 45.19
CA LEU F 140 24.45 -45.83 44.49
C LEU F 140 24.94 -46.27 43.12
N SER F 141 25.79 -45.46 42.48
CA SER F 141 26.47 -45.90 41.26
C SER F 141 27.39 -47.09 41.52
N LEU F 142 28.12 -47.06 42.63
CA LEU F 142 29.03 -48.15 42.97
C LEU F 142 28.28 -49.41 43.38
N TYR F 143 27.14 -49.25 44.07
CA TYR F 143 26.29 -50.39 44.39
C TYR F 143 25.67 -51.01 43.14
N ALA F 144 25.29 -50.16 42.16
CA ALA F 144 24.75 -50.69 40.91
C ALA F 144 25.83 -51.39 40.09
N SER F 145 27.09 -50.95 40.24
CA SER F 145 28.19 -51.67 39.61
C SER F 145 28.53 -52.98 40.30
N GLY F 146 28.00 -53.22 41.50
CA GLY F 146 28.31 -54.45 42.21
C GLY F 146 29.63 -54.42 42.95
N ARG F 147 30.02 -53.26 43.47
CA ARG F 147 31.28 -53.10 44.16
C ARG F 147 31.07 -52.35 45.46
N THR F 148 32.02 -52.51 46.37
CA THR F 148 32.01 -51.80 47.65
C THR F 148 33.20 -50.87 47.80
N THR F 149 34.13 -50.88 46.85
CA THR F 149 35.33 -50.05 46.92
C THR F 149 35.69 -49.62 45.51
N GLY F 150 35.83 -48.33 45.28
CA GLY F 150 36.24 -47.84 43.97
C GLY F 150 36.12 -46.35 43.88
N ILE F 151 36.73 -45.82 42.84
CA ILE F 151 36.59 -44.42 42.47
C ILE F 151 35.42 -44.28 41.50
N VAL F 152 34.63 -43.23 41.68
CA VAL F 152 33.49 -42.96 40.81
C VAL F 152 33.71 -41.60 40.19
N LEU F 153 33.69 -41.56 38.85
CA LEU F 153 33.71 -40.33 38.08
C LEU F 153 32.26 -40.12 37.61
N ASP F 154 31.52 -39.30 38.36
CA ASP F 154 30.13 -39.04 38.06
C ASP F 154 30.06 -37.67 37.39
N SER F 155 29.83 -37.65 36.09
CA SER F 155 29.81 -36.42 35.31
C SER F 155 28.47 -36.33 34.60
N GLY F 156 27.61 -35.43 35.06
CA GLY F 156 26.29 -35.26 34.48
C GLY F 156 26.17 -34.00 33.66
N ASP F 157 25.19 -33.16 34.00
CA ASP F 157 24.98 -31.91 33.28
C ASP F 157 25.55 -30.71 34.04
N GLY F 158 25.57 -30.76 35.37
CA GLY F 158 26.08 -29.63 36.12
C GLY F 158 27.53 -29.71 36.51
N VAL F 159 27.93 -30.78 37.20
CA VAL F 159 29.26 -30.92 37.78
C VAL F 159 29.84 -32.28 37.45
N THR F 160 31.14 -32.42 37.69
CA THR F 160 31.86 -33.69 37.63
C THR F 160 32.44 -33.95 39.00
N HIS F 161 32.12 -35.11 39.57
CA HIS F 161 32.56 -35.48 40.91
C HIS F 161 33.48 -36.68 40.83
N ASN F 162 34.60 -36.63 41.52
CA ASN F 162 35.44 -37.80 41.76
C ASN F 162 35.31 -38.18 43.22
N VAL F 163 34.70 -39.33 43.46
CA VAL F 163 34.41 -39.78 44.82
C VAL F 163 35.11 -41.12 45.07
N PRO F 164 36.09 -41.18 45.96
CA PRO F 164 36.60 -42.49 46.40
C PRO F 164 35.69 -43.09 47.45
N ILE F 165 35.40 -44.37 47.31
CA ILE F 165 34.60 -45.10 48.29
C ILE F 165 35.41 -46.31 48.73
N TYR F 166 35.59 -46.45 50.05
CA TYR F 166 36.30 -47.58 50.62
C TYR F 166 35.42 -48.17 51.72
N GLU F 167 35.25 -49.50 51.67
CA GLU F 167 34.38 -50.29 52.56
C GLU F 167 32.93 -49.79 52.53
N GLY F 168 32.47 -49.37 51.35
CA GLY F 168 31.11 -48.94 51.19
C GLY F 168 30.79 -47.56 51.70
N TYR F 169 31.80 -46.77 52.08
CA TYR F 169 31.57 -45.41 52.53
C TYR F 169 32.55 -44.48 51.84
N ALA F 170 32.10 -43.27 51.55
CA ALA F 170 32.92 -42.28 50.85
C ALA F 170 33.98 -41.70 51.77
N LEU F 171 35.00 -41.11 51.16
CA LEU F 171 36.07 -40.42 51.88
C LEU F 171 35.95 -38.93 51.61
N PRO F 172 35.41 -38.13 52.55
CA PRO F 172 35.18 -36.70 52.28
C PRO F 172 36.43 -35.87 52.04
N HIS F 173 37.59 -36.29 52.56
CA HIS F 173 38.81 -35.54 52.35
C HIS F 173 39.35 -35.66 50.93
N ALA F 174 38.89 -36.64 50.17
CA ALA F 174 39.37 -36.85 48.81
C ALA F 174 38.29 -36.70 47.74
N ILE F 175 37.04 -36.40 48.11
CA ILE F 175 36.01 -36.09 47.12
C ILE F 175 36.33 -34.76 46.48
N MET F 176 36.48 -34.75 45.15
CA MET F 176 36.88 -33.52 44.47
C MET F 176 35.88 -33.17 43.38
N ARG F 177 35.57 -31.88 43.31
CA ARG F 177 34.52 -31.35 42.46
C ARG F 177 35.15 -30.52 41.35
N LEU F 178 34.81 -30.84 40.11
CA LEU F 178 35.31 -30.15 38.93
C LEU F 178 34.11 -29.63 38.17
N ASP F 179 34.05 -28.31 37.99
CA ASP F 179 32.81 -27.66 37.58
C ASP F 179 32.82 -27.40 36.07
N LEU F 180 32.85 -28.49 35.31
CA LEU F 180 32.47 -28.44 33.90
C LEU F 180 31.85 -29.78 33.55
N ALA F 181 30.77 -29.71 32.77
CA ALA F 181 30.00 -30.88 32.39
C ALA F 181 29.36 -30.60 31.05
N GLY F 182 28.29 -31.33 30.73
CA GLY F 182 27.66 -31.26 29.41
C GLY F 182 27.01 -29.93 29.09
N ARG F 183 26.66 -29.15 30.11
CA ARG F 183 26.21 -27.78 29.90
C ARG F 183 27.31 -26.91 29.30
N ASP F 184 28.52 -27.02 29.85
CA ASP F 184 29.65 -26.24 29.34
C ASP F 184 30.14 -26.78 28.00
N LEU F 185 30.01 -28.09 27.77
CA LEU F 185 30.31 -28.67 26.47
C LEU F 185 29.33 -28.17 25.42
N THR F 186 28.05 -28.05 25.78
CA THR F 186 27.03 -27.50 24.90
C THR F 186 27.32 -26.04 24.56
N ASP F 187 27.70 -25.25 25.57
CA ASP F 187 28.03 -23.84 25.35
C ASP F 187 29.28 -23.67 24.49
N TYR F 188 30.27 -24.53 24.68
CA TYR F 188 31.46 -24.51 23.83
C TYR F 188 31.14 -24.93 22.40
N LEU F 189 30.17 -25.84 22.23
CA LEU F 189 29.78 -26.23 20.88
C LEU F 189 29.01 -25.10 20.18
N MET F 190 28.21 -24.34 20.94
CA MET F 190 27.62 -23.11 20.37
C MET F 190 28.67 -22.08 20.02
N LYS F 191 29.77 -22.05 20.78
CA LYS F 191 30.89 -21.18 20.44
C LYS F 191 31.55 -21.59 19.12
N ILE F 192 31.81 -22.89 18.94
CA ILE F 192 32.64 -23.30 17.80
C ILE F 192 31.81 -23.75 16.60
N LEU F 193 30.51 -23.51 16.64
CA LEU F 193 29.70 -23.60 15.42
C LEU F 193 29.51 -22.25 14.75
N THR F 194 30.05 -21.18 15.33
CA THR F 194 29.90 -19.87 14.74
C THR F 194 30.78 -19.68 13.53
N GLU F 195 31.93 -20.36 13.46
CA GLU F 195 32.83 -20.19 12.32
C GLU F 195 32.31 -20.86 11.06
N ARG F 196 31.38 -21.81 11.17
CA ARG F 196 30.72 -22.34 9.99
C ARG F 196 29.52 -21.52 9.57
N GLY F 197 29.19 -20.46 10.30
CA GLY F 197 28.10 -19.59 9.93
C GLY F 197 26.76 -19.90 10.57
N TYR F 198 26.72 -20.79 11.55
CA TYR F 198 25.47 -21.13 12.23
C TYR F 198 25.46 -20.45 13.60
N SER F 199 24.34 -19.81 13.92
CA SER F 199 24.20 -19.05 15.16
C SER F 199 23.12 -19.68 16.02
N PHE F 200 23.45 -19.92 17.29
CA PHE F 200 22.50 -20.43 18.27
C PHE F 200 22.70 -19.62 19.55
N VAL F 201 21.74 -18.76 19.88
CA VAL F 201 21.92 -17.75 20.92
C VAL F 201 20.96 -17.93 22.09
N THR F 202 19.70 -18.28 21.83
CA THR F 202 18.77 -18.31 22.93
C THR F 202 18.69 -19.71 23.54
N THR F 203 17.97 -19.80 24.66
CA THR F 203 17.84 -21.06 25.39
C THR F 203 16.97 -22.08 24.68
N ALA F 204 16.15 -21.65 23.71
CA ALA F 204 15.33 -22.58 22.96
C ALA F 204 16.16 -23.48 22.06
N GLU F 205 17.15 -22.92 21.36
CA GLU F 205 17.97 -23.72 20.48
C GLU F 205 19.27 -24.19 21.13
N ARG F 206 19.42 -23.98 22.44
CA ARG F 206 20.48 -24.68 23.17
C ARG F 206 20.21 -26.18 23.20
N GLU F 207 18.92 -26.55 23.25
CA GLU F 207 18.52 -27.96 23.23
C GLU F 207 18.83 -28.62 21.90
N ILE F 208 18.77 -27.85 20.81
CA ILE F 208 19.15 -28.34 19.48
C ILE F 208 20.64 -28.67 19.43
N VAL F 209 21.46 -27.78 20.01
CA VAL F 209 22.90 -28.00 20.07
C VAL F 209 23.24 -29.15 21.00
N ARG F 210 22.45 -29.34 22.06
CA ARG F 210 22.60 -30.51 22.93
C ARG F 210 22.28 -31.80 22.19
N ASP F 211 21.26 -31.78 21.33
CA ASP F 211 20.95 -32.94 20.50
C ASP F 211 22.04 -33.23 19.48
N ILE F 212 22.64 -32.18 18.91
CA ILE F 212 23.79 -32.34 18.00
C ILE F 212 24.99 -32.93 18.74
N LYS F 213 25.20 -32.50 19.98
CA LYS F 213 26.29 -33.03 20.81
C LYS F 213 26.06 -34.49 21.18
N GLU F 214 24.80 -34.87 21.45
CA GLU F 214 24.51 -36.26 21.79
C GLU F 214 24.60 -37.18 20.58
N LYS F 215 24.07 -36.76 19.43
CA LYS F 215 24.07 -37.64 18.26
C LYS F 215 25.43 -37.75 17.60
N LEU F 216 26.17 -36.64 17.47
CA LEU F 216 27.41 -36.61 16.69
C LEU F 216 28.54 -36.00 17.51
N CYS F 217 29.15 -36.81 18.37
CA CYS F 217 30.38 -36.46 19.06
C CYS F 217 31.11 -37.74 19.44
N TYR F 218 32.43 -37.66 19.52
CA TYR F 218 33.24 -38.78 19.96
C TYR F 218 34.55 -38.24 20.54
N VAL F 219 35.17 -39.05 21.39
CA VAL F 219 36.44 -38.69 22.00
C VAL F 219 37.55 -39.30 21.16
N ALA F 220 38.43 -38.46 20.63
CA ALA F 220 39.57 -38.95 19.87
C ALA F 220 40.60 -39.57 20.81
N LEU F 221 41.17 -40.70 20.38
CA LEU F 221 42.21 -41.35 21.17
C LEU F 221 43.49 -40.53 21.17
N ASP F 222 43.86 -39.98 20.02
CA ASP F 222 44.95 -39.02 19.92
C ASP F 222 44.38 -37.82 19.18
N PHE F 223 44.70 -36.62 19.67
CA PHE F 223 44.03 -35.42 19.17
C PHE F 223 44.69 -34.85 17.92
N GLU F 224 46.03 -34.87 17.85
CA GLU F 224 46.75 -34.13 16.83
C GLU F 224 46.64 -34.80 15.46
N ASN F 225 46.77 -36.13 15.41
CA ASN F 225 46.60 -36.84 14.15
C ASN F 225 45.16 -36.83 13.68
N GLU F 226 44.21 -36.81 14.62
CA GLU F 226 42.80 -36.66 14.28
C GLU F 226 42.52 -35.30 13.66
N MET F 227 43.13 -34.24 14.21
CA MET F 227 43.04 -32.90 13.62
C MET F 227 43.71 -32.84 12.26
N ALA F 228 44.85 -33.54 12.10
CA ALA F 228 45.55 -33.57 10.81
C ALA F 228 44.73 -34.28 9.73
N THR F 229 44.10 -35.40 10.08
CA THR F 229 43.26 -36.12 9.13
C THR F 229 41.97 -35.37 8.83
N ALA F 230 41.45 -34.62 9.82
CA ALA F 230 40.30 -33.76 9.58
C ALA F 230 40.66 -32.62 8.64
N ALA F 231 41.85 -32.05 8.80
CA ALA F 231 42.30 -30.97 7.93
C ALA F 231 42.58 -31.48 6.52
N SER F 232 43.15 -32.68 6.38
CA SER F 232 43.51 -33.19 5.06
C SER F 232 42.28 -33.73 4.31
N SER F 233 41.65 -34.76 4.85
CA SER F 233 40.55 -35.42 4.17
C SER F 233 39.21 -34.85 4.64
N SER F 234 38.13 -35.48 4.18
CA SER F 234 36.77 -35.11 4.57
C SER F 234 35.95 -36.36 4.85
N SER F 235 36.58 -37.36 5.44
CA SER F 235 35.91 -38.64 5.71
C SER F 235 35.11 -38.64 7.00
N LEU F 236 35.23 -37.60 7.83
CA LEU F 236 34.54 -37.54 9.11
C LEU F 236 33.53 -36.40 9.18
N GLU F 237 33.26 -35.73 8.07
CA GLU F 237 32.31 -34.63 8.04
C GLU F 237 30.91 -35.19 7.78
N LYS F 238 29.96 -34.90 8.66
CA LYS F 238 28.63 -35.46 8.56
C LYS F 238 27.57 -34.39 8.78
N SER F 239 26.36 -34.67 8.29
CA SER F 239 25.29 -33.71 8.24
C SER F 239 24.23 -33.98 9.30
N TYR F 240 23.57 -32.91 9.73
CA TYR F 240 22.47 -32.96 10.68
C TYR F 240 21.32 -32.13 10.13
N GLU F 241 20.11 -32.55 10.45
CA GLU F 241 18.90 -31.93 9.92
C GLU F 241 18.22 -31.17 11.06
N LEU F 242 18.28 -29.84 10.98
CA LEU F 242 17.61 -28.96 11.94
C LEU F 242 16.10 -29.11 11.80
N PRO F 243 15.31 -28.92 12.88
CA PRO F 243 13.87 -29.23 12.78
C PRO F 243 13.04 -28.21 12.01
N ASP F 244 13.62 -27.15 11.45
CA ASP F 244 12.92 -26.34 10.48
C ASP F 244 13.19 -26.73 9.04
N GLY F 245 14.12 -27.66 8.80
CA GLY F 245 14.38 -28.17 7.47
C GLY F 245 15.77 -27.91 6.94
N GLN F 246 16.48 -26.90 7.45
CA GLN F 246 17.84 -26.66 7.01
C GLN F 246 18.78 -27.75 7.49
N VAL F 247 19.80 -28.03 6.68
CA VAL F 247 20.76 -29.09 6.97
C VAL F 247 22.11 -28.44 7.20
N ILE F 248 22.69 -28.70 8.36
CA ILE F 248 24.03 -28.22 8.67
C ILE F 248 24.99 -29.37 8.50
N THR F 249 26.27 -29.05 8.37
CA THR F 249 27.31 -30.06 8.26
C THR F 249 28.42 -29.72 9.26
N ILE F 250 28.99 -30.74 9.86
CA ILE F 250 29.96 -30.58 10.93
C ILE F 250 31.17 -31.46 10.63
N GLY F 251 32.36 -30.91 10.84
CA GLY F 251 33.59 -31.60 10.53
C GLY F 251 34.45 -31.87 11.74
N ASN F 252 35.52 -31.07 11.91
CA ASN F 252 36.45 -31.27 13.01
C ASN F 252 35.88 -30.91 14.38
N GLU F 253 34.74 -30.21 14.43
CA GLU F 253 34.06 -29.89 15.68
C GLU F 253 33.41 -31.10 16.34
N ARG F 254 33.31 -32.22 15.63
CA ARG F 254 32.72 -33.44 16.19
C ARG F 254 33.55 -34.00 17.33
N PHE F 255 34.87 -33.89 17.25
CA PHE F 255 35.73 -34.41 18.30
C PHE F 255 36.40 -33.33 19.14
N ARG F 256 36.39 -32.07 18.68
CA ARG F 256 36.98 -30.99 19.45
C ARG F 256 36.16 -30.64 20.69
N CYS F 257 34.86 -30.89 20.64
CA CYS F 257 33.97 -30.54 21.74
C CYS F 257 34.06 -31.47 22.96
N PRO F 258 34.23 -32.81 22.85
CA PRO F 258 34.57 -33.57 24.07
C PRO F 258 35.94 -33.27 24.69
N GLU F 259 36.87 -32.68 23.94
CA GLU F 259 38.24 -32.45 24.44
C GLU F 259 38.35 -31.38 25.51
N THR F 260 37.29 -30.62 25.77
CA THR F 260 37.28 -29.63 26.85
C THR F 260 37.35 -30.31 28.22
N LEU F 261 36.85 -31.55 28.33
CA LEU F 261 36.98 -32.33 29.56
C LEU F 261 38.44 -32.65 29.87
N PHE F 262 39.23 -32.97 28.85
CA PHE F 262 40.64 -33.27 29.07
C PHE F 262 41.51 -32.02 29.05
N GLN F 263 41.05 -30.95 28.38
CA GLN F 263 41.76 -29.67 28.36
C GLN F 263 40.79 -28.54 28.69
N PRO F 264 40.69 -28.14 29.97
CA PRO F 264 39.81 -27.01 30.32
C PRO F 264 40.24 -25.65 29.79
N SER F 265 41.46 -25.52 29.25
CA SER F 265 41.91 -24.25 28.68
C SER F 265 41.19 -23.88 27.38
N PHE F 266 40.46 -24.82 26.78
CA PHE F 266 39.66 -24.54 25.59
C PHE F 266 38.51 -23.57 25.89
N ILE F 267 38.01 -23.56 27.12
CA ILE F 267 37.00 -22.59 27.55
C ILE F 267 37.59 -21.57 28.51
N GLY F 268 38.92 -21.45 28.57
CA GLY F 268 39.52 -20.48 29.45
C GLY F 268 39.52 -20.85 30.92
N MET F 269 39.20 -22.10 31.25
CA MET F 269 39.20 -22.55 32.64
C MET F 269 40.60 -23.04 32.99
N GLU F 270 41.12 -22.56 34.11
CA GLU F 270 42.49 -22.82 34.52
C GLU F 270 42.64 -24.10 35.34
N SER F 271 41.58 -24.88 35.47
CA SER F 271 41.61 -26.09 36.30
C SER F 271 42.26 -27.24 35.53
N ALA F 272 42.16 -28.44 36.09
CA ALA F 272 42.81 -29.63 35.56
C ALA F 272 41.81 -30.44 34.75
N GLY F 273 42.34 -31.23 33.81
CA GLY F 273 41.52 -32.13 33.03
C GLY F 273 40.99 -33.29 33.86
N ILE F 274 40.04 -34.01 33.28
CA ILE F 274 39.29 -35.04 34.03
C ILE F 274 40.15 -36.24 34.36
N HIS F 275 41.25 -36.46 33.63
CA HIS F 275 42.07 -37.62 33.90
C HIS F 275 43.02 -37.41 35.10
N GLU F 276 43.63 -36.24 35.23
CA GLU F 276 44.58 -36.08 36.32
C GLU F 276 43.94 -35.59 37.62
N THR F 277 42.67 -35.16 37.59
CA THR F 277 42.01 -34.88 38.85
C THR F 277 41.64 -36.17 39.59
N THR F 278 41.45 -37.27 38.86
CA THR F 278 41.30 -38.57 39.52
C THR F 278 42.61 -39.03 40.15
N TYR F 279 43.73 -38.73 39.48
CA TYR F 279 45.05 -38.96 40.07
C TYR F 279 45.26 -38.11 41.31
N ASN F 280 44.83 -36.85 41.27
CA ASN F 280 44.97 -35.97 42.43
C ASN F 280 44.05 -36.40 43.57
N SER F 281 42.91 -37.02 43.25
CA SER F 281 42.06 -37.59 44.29
C SER F 281 42.66 -38.85 44.88
N ILE F 282 43.24 -39.71 44.05
CA ILE F 282 43.73 -41.00 44.54
C ILE F 282 45.06 -40.85 45.28
N MET F 283 45.82 -39.77 44.99
CA MET F 283 47.01 -39.50 45.81
C MET F 283 46.64 -39.01 47.20
N LYS F 284 45.46 -38.42 47.36
CA LYS F 284 45.01 -37.98 48.67
C LYS F 284 44.52 -39.12 49.56
N CYS F 285 44.34 -40.32 49.01
CA CYS F 285 43.94 -41.46 49.81
C CYS F 285 45.16 -42.10 50.47
N ASP F 286 44.90 -43.08 51.35
CA ASP F 286 45.96 -43.78 52.05
C ASP F 286 46.70 -44.70 51.08
N ILE F 287 47.97 -44.97 51.39
CA ILE F 287 48.87 -45.70 50.51
C ILE F 287 48.45 -47.17 50.33
N ASP F 288 47.83 -47.77 51.35
CA ASP F 288 47.52 -49.19 51.29
C ASP F 288 46.32 -49.51 50.41
N ILE F 289 45.39 -48.58 50.25
CA ILE F 289 44.12 -48.88 49.59
C ILE F 289 44.12 -48.51 48.12
N ARG F 290 45.26 -48.09 47.57
CA ARG F 290 45.27 -47.65 46.18
C ARG F 290 45.24 -48.79 45.17
N LYS F 291 45.53 -50.02 45.59
CA LYS F 291 45.64 -51.14 44.66
C LYS F 291 44.29 -51.51 44.05
N ASP F 292 43.27 -51.69 44.88
CA ASP F 292 41.93 -51.92 44.35
C ASP F 292 41.22 -50.64 43.96
N LEU F 293 41.69 -49.48 44.42
CA LEU F 293 41.07 -48.22 44.04
C LEU F 293 41.46 -47.84 42.61
N TYR F 294 42.67 -48.18 42.19
CA TYR F 294 43.05 -48.00 40.79
C TYR F 294 42.33 -48.99 39.89
N ALA F 295 42.06 -50.19 40.40
CA ALA F 295 41.46 -51.24 39.60
C ALA F 295 39.96 -51.06 39.38
N ASN F 296 39.31 -50.20 40.16
CA ASN F 296 37.86 -50.04 40.07
C ASN F 296 37.55 -48.60 39.68
N ASN F 297 37.51 -48.36 38.37
CA ASN F 297 37.32 -47.02 37.81
C ASN F 297 35.90 -46.93 37.26
N VAL F 298 34.95 -46.58 38.12
CA VAL F 298 33.55 -46.58 37.73
C VAL F 298 33.22 -45.26 37.06
N MET F 299 32.70 -45.33 35.83
CA MET F 299 32.23 -44.16 35.12
C MET F 299 30.72 -44.12 35.17
N SER F 300 30.17 -42.99 35.60
CA SER F 300 28.73 -42.82 35.73
C SER F 300 28.34 -41.45 35.21
N GLY F 301 27.09 -41.33 34.80
CA GLY F 301 26.58 -40.08 34.26
C GLY F 301 26.45 -40.10 32.75
N GLY F 302 25.72 -39.11 32.25
CA GLY F 302 25.38 -39.08 30.84
C GLY F 302 26.51 -38.63 29.94
N THR F 303 27.43 -37.82 30.45
CA THR F 303 28.56 -37.38 29.64
C THR F 303 29.73 -38.35 29.64
N THR F 304 29.53 -39.55 30.19
CA THR F 304 30.45 -40.66 29.97
C THR F 304 30.01 -41.55 28.81
N MET F 305 28.97 -41.15 28.09
CA MET F 305 28.38 -41.98 27.04
C MET F 305 28.93 -41.67 25.65
N TYR F 306 30.00 -40.89 25.56
CA TYR F 306 30.67 -40.71 24.27
C TYR F 306 31.36 -42.01 23.87
N PRO F 307 31.44 -42.30 22.57
CA PRO F 307 32.26 -43.43 22.15
C PRO F 307 33.75 -43.07 22.19
N GLY F 308 34.52 -43.99 22.74
CA GLY F 308 35.96 -43.82 22.83
C GLY F 308 36.46 -43.11 24.08
N ILE F 309 35.57 -42.74 25.01
CA ILE F 309 36.02 -42.04 26.21
C ILE F 309 36.73 -43.00 27.16
N ALA F 310 36.35 -44.29 27.14
CA ALA F 310 36.95 -45.26 28.04
C ALA F 310 38.39 -45.60 27.65
N ASP F 311 38.64 -45.74 26.34
CA ASP F 311 39.98 -46.04 25.86
C ASP F 311 40.93 -44.86 26.06
N ARG F 312 40.42 -43.64 25.83
CA ARG F 312 41.20 -42.43 26.07
C ARG F 312 41.50 -42.25 27.55
N MET F 313 40.52 -42.55 28.42
CA MET F 313 40.74 -42.47 29.86
C MET F 313 41.74 -43.52 30.33
N GLN F 314 41.70 -44.71 29.73
CA GLN F 314 42.68 -45.77 30.00
C GLN F 314 44.08 -45.33 29.63
N LYS F 315 44.23 -44.70 28.46
CA LYS F 315 45.52 -44.20 27.99
C LYS F 315 46.05 -43.07 28.88
N GLU F 316 45.18 -42.15 29.28
CA GLU F 316 45.63 -40.99 30.06
C GLU F 316 45.94 -41.35 31.51
N ILE F 317 45.22 -42.31 32.11
CA ILE F 317 45.63 -42.79 33.42
C ILE F 317 46.92 -43.59 33.33
N THR F 318 47.04 -44.44 32.30
CA THR F 318 48.20 -45.33 32.16
C THR F 318 49.48 -44.55 31.86
N ALA F 319 49.35 -43.36 31.26
CA ALA F 319 50.50 -42.52 30.97
C ALA F 319 51.18 -42.01 32.23
N LEU F 320 50.41 -41.51 33.20
CA LEU F 320 50.99 -40.81 34.34
C LEU F 320 50.89 -41.56 35.67
N ALA F 321 50.20 -42.70 35.73
CA ALA F 321 50.35 -43.64 36.84
C ALA F 321 51.63 -44.45 36.63
N PRO F 322 52.24 -45.00 37.69
CA PRO F 322 53.44 -45.81 37.48
C PRO F 322 53.15 -47.15 36.82
N SER F 323 54.16 -47.68 36.15
CA SER F 323 54.02 -48.83 35.27
C SER F 323 53.95 -50.17 35.99
N THR F 324 54.09 -50.17 37.32
CA THR F 324 54.11 -51.39 38.10
C THR F 324 52.73 -51.84 38.56
N MET F 325 51.67 -51.37 37.89
CA MET F 325 50.31 -51.72 38.29
C MET F 325 49.41 -51.67 37.07
N LYS F 326 48.26 -52.34 37.20
CA LYS F 326 47.32 -52.47 36.10
C LYS F 326 46.14 -51.53 36.29
N ILE F 327 45.70 -50.93 35.20
CA ILE F 327 44.60 -49.99 35.18
C ILE F 327 43.50 -50.58 34.31
N LYS F 328 42.28 -50.67 34.83
CA LYS F 328 41.16 -51.04 33.99
C LYS F 328 39.99 -50.10 34.24
N ILE F 329 39.35 -49.69 33.15
CA ILE F 329 38.25 -48.75 33.16
C ILE F 329 36.99 -49.56 32.88
N ILE F 330 35.97 -49.43 33.73
CA ILE F 330 34.71 -50.11 33.50
C ILE F 330 33.66 -49.09 33.11
N ALA F 331 32.82 -49.47 32.16
CA ALA F 331 31.78 -48.59 31.63
C ALA F 331 30.60 -49.45 31.25
N PRO F 332 29.64 -49.62 32.16
CA PRO F 332 28.43 -50.39 31.83
C PRO F 332 27.57 -49.64 30.83
N PRO F 333 26.78 -50.35 30.02
CA PRO F 333 25.90 -49.65 29.07
C PRO F 333 24.76 -48.86 29.72
N GLU F 334 24.42 -49.14 30.97
CA GLU F 334 23.33 -48.45 31.66
C GLU F 334 23.84 -47.33 32.58
N ARG F 335 25.03 -46.79 32.33
CA ARG F 335 25.67 -45.86 33.26
C ARG F 335 25.02 -44.49 33.30
N LYS F 336 24.11 -44.18 32.37
CA LYS F 336 23.34 -42.96 32.48
C LYS F 336 22.14 -43.09 33.42
N TYR F 337 21.80 -44.31 33.84
CA TYR F 337 20.73 -44.54 34.80
C TYR F 337 21.19 -45.23 36.08
N SER F 338 22.51 -45.34 36.31
CA SER F 338 23.05 -46.25 37.33
C SER F 338 22.75 -45.79 38.76
N VAL F 339 22.61 -44.47 38.98
CA VAL F 339 22.22 -43.96 40.29
C VAL F 339 20.82 -44.42 40.65
N TRP F 340 19.92 -44.40 39.67
CA TRP F 340 18.57 -44.88 39.86
C TRP F 340 18.53 -46.39 40.12
N ILE F 341 19.43 -47.14 39.46
CA ILE F 341 19.48 -48.58 39.65
C ILE F 341 19.95 -48.93 41.07
N GLY F 342 20.96 -48.19 41.56
CA GLY F 342 21.40 -48.38 42.94
C GLY F 342 20.35 -47.98 43.96
N GLY F 343 19.60 -46.92 43.68
CA GLY F 343 18.49 -46.53 44.54
C GLY F 343 17.36 -47.54 44.52
N SER F 344 17.09 -48.15 43.36
CA SER F 344 16.03 -49.14 43.24
C SER F 344 16.39 -50.43 43.96
N ILE F 345 17.67 -50.82 43.92
CA ILE F 345 18.13 -51.94 44.73
C ILE F 345 18.04 -51.62 46.22
N LEU F 346 18.44 -50.40 46.60
CA LEU F 346 18.49 -50.01 48.01
C LEU F 346 17.11 -49.92 48.65
N ALA F 347 16.12 -49.40 47.92
CA ALA F 347 14.80 -49.20 48.50
C ALA F 347 14.02 -50.50 48.65
N SER F 348 14.36 -51.52 47.87
CA SER F 348 13.59 -52.75 47.81
C SER F 348 14.14 -53.85 48.72
N LEU F 349 15.14 -53.55 49.53
CA LEU F 349 15.73 -54.57 50.39
C LEU F 349 14.86 -54.89 51.60
N SER F 350 15.17 -56.02 52.22
CA SER F 350 14.49 -56.46 53.44
C SER F 350 15.05 -55.84 54.70
N THR F 351 16.12 -55.04 54.60
CA THR F 351 16.68 -54.32 55.74
C THR F 351 16.46 -52.82 55.63
N PHE F 352 15.63 -52.37 54.70
CA PHE F 352 15.47 -50.95 54.47
C PHE F 352 14.24 -50.36 55.17
N GLN F 353 13.32 -51.20 55.64
CA GLN F 353 12.09 -50.70 56.26
C GLN F 353 12.34 -50.05 57.62
N GLN F 354 13.44 -50.40 58.29
CA GLN F 354 13.79 -49.69 59.52
C GLN F 354 14.61 -48.44 59.27
N MET F 355 15.13 -48.25 58.06
CA MET F 355 15.96 -47.09 57.74
C MET F 355 15.17 -45.92 57.19
N TRP F 356 13.85 -46.05 57.04
CA TRP F 356 13.01 -44.96 56.63
C TRP F 356 12.90 -43.93 57.74
N ILE F 357 12.65 -42.67 57.36
CA ILE F 357 12.33 -41.61 58.30
C ILE F 357 10.82 -41.46 58.25
N THR F 358 10.13 -41.97 59.27
CA THR F 358 8.68 -41.92 59.28
C THR F 358 8.18 -40.53 59.66
N LYS F 359 6.86 -40.35 59.55
CA LYS F 359 6.23 -39.04 59.77
C LYS F 359 6.30 -38.64 61.23
N GLN F 360 6.07 -39.58 62.15
CA GLN F 360 6.04 -39.23 63.57
C GLN F 360 7.42 -38.93 64.12
N GLU F 361 8.47 -39.54 63.55
CA GLU F 361 9.84 -39.21 63.94
C GLU F 361 10.20 -37.80 63.51
N TYR F 362 9.72 -37.37 62.34
CA TYR F 362 9.86 -35.97 61.94
C TYR F 362 9.00 -35.07 62.82
N ASP F 363 7.88 -35.58 63.32
CA ASP F 363 6.98 -34.76 64.14
C ASP F 363 7.58 -34.45 65.51
N GLU F 364 8.13 -35.45 66.19
CA GLU F 364 8.83 -35.14 67.43
C GLU F 364 10.33 -34.95 67.26
N ALA F 365 10.82 -34.77 66.03
CA ALA F 365 12.22 -34.45 65.83
C ALA F 365 12.46 -33.18 65.02
N GLY F 366 11.51 -32.74 64.20
CA GLY F 366 11.71 -31.60 63.34
C GLY F 366 12.54 -31.98 62.13
N PRO F 367 12.97 -30.98 61.35
CA PRO F 367 13.83 -31.25 60.19
C PRO F 367 15.32 -31.31 60.55
N SER F 368 15.66 -32.19 61.49
CA SER F 368 17.04 -32.39 61.90
C SER F 368 17.39 -33.86 62.05
N ILE F 369 16.42 -34.77 61.98
CA ILE F 369 16.66 -36.20 62.10
C ILE F 369 17.28 -36.77 60.82
N VAL F 370 17.24 -36.00 59.72
CA VAL F 370 17.80 -36.42 58.44
C VAL F 370 19.33 -36.53 58.51
N HIS F 371 19.98 -35.80 59.42
CA HIS F 371 21.43 -35.94 59.57
C HIS F 371 21.80 -37.21 60.30
N ARG F 372 21.05 -37.57 61.34
CA ARG F 372 21.41 -38.73 62.15
C ARG F 372 21.00 -40.05 61.53
N LYS F 373 20.11 -40.05 60.54
CA LYS F 373 19.66 -41.29 59.93
C LYS F 373 20.20 -41.51 58.51
N CYS F 374 20.24 -40.47 57.69
CA CYS F 374 20.89 -40.57 56.37
C CYS F 374 22.38 -40.30 56.55
N PHE F 375 23.08 -41.29 57.08
CA PHE F 375 24.50 -41.20 57.37
C PHE F 375 25.08 -42.61 57.43
N HIS G 7 27.45 -44.95 59.98
CA HIS G 7 27.63 -46.28 60.54
C HIS G 7 26.40 -46.71 61.36
N MET G 8 25.22 -46.40 60.83
CA MET G 8 23.97 -46.81 61.45
C MET G 8 23.79 -48.32 61.37
N VAL G 9 23.51 -48.94 62.51
CA VAL G 9 23.38 -50.39 62.55
C VAL G 9 22.01 -50.81 62.05
N VAL G 10 21.92 -52.05 61.60
CA VAL G 10 20.68 -52.64 61.14
C VAL G 10 20.34 -53.82 62.04
N GLU G 11 19.04 -54.12 62.11
CA GLU G 11 18.56 -55.15 63.03
C GLU G 11 17.82 -56.22 62.26
N HIS G 12 18.44 -56.71 61.19
CA HIS G 12 17.90 -57.84 60.45
C HIS G 12 17.97 -59.10 61.31
N PRO G 13 16.88 -59.86 61.45
CA PRO G 13 16.85 -60.95 62.44
C PRO G 13 17.72 -62.14 62.10
N GLU G 14 18.15 -62.28 60.86
CA GLU G 14 19.05 -63.36 60.52
C GLU G 14 20.51 -62.99 60.81
N PHE G 15 20.80 -61.70 61.01
CA PHE G 15 22.15 -61.27 61.36
C PHE G 15 22.53 -61.59 62.80
N LEU G 16 21.57 -61.95 63.65
CA LEU G 16 21.86 -62.21 65.06
C LEU G 16 22.66 -63.50 65.26
N LYS G 17 22.65 -64.42 64.30
CA LYS G 17 23.40 -65.66 64.40
C LYS G 17 24.70 -65.63 63.60
N ALA G 18 25.18 -64.43 63.25
CA ALA G 18 26.35 -64.29 62.41
C ALA G 18 27.56 -63.90 63.24
N GLY G 19 28.63 -64.69 63.11
CA GLY G 19 29.90 -64.38 63.75
C GLY G 19 29.89 -64.47 65.27
N LYS G 20 29.27 -65.51 65.82
CA LYS G 20 29.28 -65.72 67.27
C LYS G 20 30.18 -66.87 67.69
N GLU G 21 30.38 -67.86 66.85
CA GLU G 21 31.28 -68.97 67.11
C GLU G 21 32.21 -69.15 65.93
N PRO G 22 33.46 -69.58 66.16
CA PRO G 22 34.43 -69.76 65.06
C PRO G 22 34.01 -70.82 64.05
N GLY G 23 33.87 -70.39 62.80
CA GLY G 23 33.40 -71.26 61.75
C GLY G 23 33.34 -70.58 60.39
N LEU G 24 32.36 -70.94 59.59
CA LEU G 24 32.25 -70.46 58.21
C LEU G 24 30.79 -70.49 57.80
N GLN G 25 30.28 -69.35 57.35
CA GLN G 25 28.86 -69.16 57.11
C GLN G 25 28.63 -68.64 55.69
N ILE G 26 27.59 -69.16 55.03
CA ILE G 26 27.31 -68.87 53.64
C ILE G 26 25.87 -68.37 53.56
N TRP G 27 25.63 -67.32 52.76
CA TRP G 27 24.29 -66.84 52.49
C TRP G 27 24.10 -66.66 50.99
N ARG G 28 22.87 -66.86 50.53
CA ARG G 28 22.50 -66.70 49.14
C ARG G 28 21.51 -65.55 49.04
N VAL G 29 21.56 -64.80 47.94
CA VAL G 29 20.62 -63.72 47.71
C VAL G 29 19.44 -64.24 46.88
N GLU G 30 18.23 -64.09 47.41
CA GLU G 30 17.00 -64.45 46.70
C GLU G 30 16.03 -63.28 46.85
N LYS G 31 15.93 -62.46 45.80
CA LYS G 31 14.93 -61.38 45.65
C LYS G 31 15.02 -60.36 46.80
N PHE G 32 16.18 -59.70 46.86
CA PHE G 32 16.52 -58.65 47.84
C PHE G 32 16.44 -59.14 49.28
N ASP G 33 16.87 -60.38 49.51
CA ASP G 33 16.88 -60.93 50.86
C ASP G 33 17.94 -62.03 50.93
N LEU G 34 18.44 -62.26 52.14
CA LEU G 34 19.42 -63.32 52.39
C LEU G 34 18.75 -64.55 52.98
N VAL G 35 19.08 -65.71 52.43
CA VAL G 35 18.69 -66.99 53.01
C VAL G 35 19.97 -67.79 53.23
N PRO G 36 20.20 -68.35 54.42
CA PRO G 36 21.38 -69.22 54.59
C PRO G 36 21.14 -70.57 53.92
N VAL G 37 22.06 -70.94 53.04
CA VAL G 37 22.05 -72.22 52.32
C VAL G 37 22.35 -73.29 53.37
N PRO G 38 21.79 -74.51 53.26
CA PRO G 38 22.09 -75.54 54.26
C PRO G 38 23.54 -76.03 54.19
N THR G 39 23.90 -76.81 55.23
CA THR G 39 25.29 -77.10 55.55
C THR G 39 25.94 -78.02 54.52
N ASN G 40 25.19 -79.00 54.02
CA ASN G 40 25.74 -79.93 53.04
C ASN G 40 25.74 -79.38 51.62
N LEU G 41 25.23 -78.16 51.40
CA LEU G 41 25.42 -77.43 50.15
C LEU G 41 26.53 -76.38 50.25
N TYR G 42 27.52 -76.62 51.10
CA TYR G 42 28.63 -75.69 51.23
C TYR G 42 29.71 -76.03 50.21
N GLY G 43 30.42 -74.99 49.76
CA GLY G 43 31.53 -75.16 48.86
C GLY G 43 31.17 -75.20 47.39
N ASP G 44 29.89 -75.20 47.06
CA ASP G 44 29.46 -75.17 45.66
C ASP G 44 28.38 -74.11 45.47
N PHE G 45 28.33 -73.56 44.27
CA PHE G 45 27.58 -72.34 44.04
C PHE G 45 26.85 -72.40 42.71
N PHE G 46 25.74 -71.68 42.62
CA PHE G 46 25.06 -71.49 41.35
C PHE G 46 25.76 -70.40 40.55
N THR G 47 25.76 -70.57 39.23
CA THR G 47 26.45 -69.61 38.37
C THR G 47 25.62 -68.37 38.08
N GLY G 48 24.35 -68.35 38.46
CA GLY G 48 23.51 -67.20 38.19
C GLY G 48 22.98 -66.52 39.42
N ASP G 49 23.65 -66.72 40.56
CA ASP G 49 23.23 -66.16 41.84
C ASP G 49 24.41 -65.45 42.51
N ALA G 50 24.11 -64.72 43.58
CA ALA G 50 25.10 -63.98 44.34
C ALA G 50 25.13 -64.47 45.78
N TYR G 51 26.34 -64.47 46.35
CA TYR G 51 26.59 -65.14 47.62
C TYR G 51 27.38 -64.25 48.56
N VAL G 52 27.13 -64.39 49.85
CA VAL G 52 27.86 -63.68 50.91
C VAL G 52 28.56 -64.71 51.76
N ILE G 53 29.88 -64.57 51.91
CA ILE G 53 30.73 -65.57 52.54
C ILE G 53 31.33 -64.93 53.78
N LEU G 54 31.22 -65.59 54.92
CA LEU G 54 31.81 -65.10 56.15
C LEU G 54 32.71 -66.16 56.76
N LYS G 55 33.93 -65.77 57.15
CA LYS G 55 34.72 -66.62 58.02
C LYS G 55 35.18 -65.81 59.22
N THR G 56 34.95 -66.36 60.41
CA THR G 56 35.43 -65.77 61.65
C THR G 56 36.44 -66.70 62.30
N VAL G 57 37.53 -66.12 62.80
CA VAL G 57 38.70 -66.86 63.28
C VAL G 57 39.02 -66.38 64.69
N GLN G 58 39.18 -67.33 65.62
CA GLN G 58 39.62 -67.02 66.97
C GLN G 58 41.12 -66.80 67.01
N LEU G 59 41.55 -65.79 67.76
CA LEU G 59 42.97 -65.49 67.94
C LEU G 59 43.46 -65.99 69.29
N ARG G 60 44.78 -65.87 69.48
CA ARG G 60 45.41 -66.27 70.73
C ARG G 60 45.04 -65.32 71.86
N ASN G 61 44.94 -64.03 71.57
CA ASN G 61 44.73 -63.03 72.61
C ASN G 61 43.28 -62.89 73.05
N GLY G 62 42.35 -63.62 72.43
CA GLY G 62 40.97 -63.63 72.85
C GLY G 62 40.01 -62.96 71.89
N ASN G 63 40.49 -62.05 71.05
CA ASN G 63 39.60 -61.40 70.11
C ASN G 63 39.28 -62.31 68.92
N LEU G 64 38.25 -61.93 68.17
CA LEU G 64 37.62 -62.81 67.18
C LEU G 64 37.53 -62.07 65.85
N GLN G 65 38.45 -62.35 64.92
CA GLN G 65 38.47 -61.58 63.69
C GLN G 65 37.45 -62.12 62.69
N TYR G 66 37.18 -61.30 61.69
CA TYR G 66 36.12 -61.51 60.71
C TYR G 66 36.67 -61.30 59.31
N ASP G 67 36.04 -61.93 58.33
CA ASP G 67 36.44 -61.73 56.93
C ASP G 67 35.21 -61.96 56.07
N LEU G 68 34.80 -60.92 55.32
CA LEU G 68 33.71 -60.99 54.37
C LEU G 68 34.22 -61.13 52.95
N HIS G 69 33.58 -62.00 52.19
CA HIS G 69 33.70 -62.04 50.75
C HIS G 69 32.30 -61.98 50.16
N TYR G 70 32.18 -61.40 48.98
CA TYR G 70 30.93 -61.51 48.25
C TYR G 70 31.24 -61.98 46.84
N TRP G 71 30.54 -63.05 46.45
CA TRP G 71 30.87 -63.85 45.28
C TRP G 71 29.78 -63.66 44.24
N LEU G 72 30.18 -63.32 43.02
CA LEU G 72 29.28 -63.02 41.92
C LEU G 72 29.54 -63.99 40.78
N GLY G 73 28.49 -64.63 40.28
CA GLY G 73 28.61 -65.46 39.12
C GLY G 73 28.63 -64.65 37.84
N ASN G 74 28.88 -65.35 36.74
CA ASN G 74 28.92 -64.70 35.43
C ASN G 74 27.54 -64.60 34.79
N GLU G 75 26.50 -65.14 35.42
CA GLU G 75 25.15 -65.03 34.91
C GLU G 75 24.19 -64.37 35.88
N CYS G 76 24.67 -63.84 37.00
CA CYS G 76 23.80 -63.15 37.94
C CYS G 76 23.40 -61.79 37.39
N SER G 77 22.22 -61.35 37.79
CA SER G 77 21.69 -60.07 37.33
C SER G 77 22.25 -58.92 38.17
N GLN G 78 21.83 -57.71 37.82
CA GLN G 78 22.32 -56.51 38.50
C GLN G 78 21.82 -56.41 39.93
N ASP G 79 20.56 -56.82 40.17
CA ASP G 79 19.96 -56.68 41.49
C ASP G 79 20.60 -57.63 42.50
N GLU G 80 20.98 -58.83 42.06
CA GLU G 80 21.60 -59.81 42.96
C GLU G 80 22.99 -59.37 43.38
N SER G 81 23.80 -58.87 42.44
CA SER G 81 25.15 -58.41 42.77
C SER G 81 25.12 -57.14 43.60
N GLY G 82 24.21 -56.22 43.27
CA GLY G 82 24.05 -55.01 44.05
C GLY G 82 23.56 -55.28 45.46
N ALA G 83 22.62 -56.21 45.60
CA ALA G 83 22.14 -56.61 46.91
C ALA G 83 23.22 -57.31 47.71
N ALA G 84 24.07 -58.10 47.05
CA ALA G 84 25.19 -58.76 47.73
C ALA G 84 26.20 -57.75 48.25
N ALA G 85 26.49 -56.70 47.46
CA ALA G 85 27.39 -55.64 47.91
C ALA G 85 26.81 -54.85 49.08
N ILE G 86 25.52 -54.51 49.02
CA ILE G 86 24.90 -53.72 50.07
C ILE G 86 24.74 -54.54 51.36
N PHE G 87 24.42 -55.84 51.23
CA PHE G 87 24.34 -56.71 52.39
C PHE G 87 25.71 -56.95 53.02
N THR G 88 26.77 -56.98 52.20
CA THR G 88 28.13 -57.05 52.73
C THR G 88 28.48 -55.80 53.55
N VAL G 89 28.10 -54.62 53.02
CA VAL G 89 28.34 -53.35 53.73
C VAL G 89 27.54 -53.29 55.03
N GLN G 90 26.26 -53.69 54.99
CA GLN G 90 25.41 -53.65 56.17
C GLN G 90 25.80 -54.70 57.22
N LEU G 91 26.35 -55.84 56.79
CA LEU G 91 26.86 -56.81 57.75
C LEU G 91 28.16 -56.33 58.37
N ASP G 92 28.96 -55.57 57.63
CA ASP G 92 30.14 -54.93 58.23
C ASP G 92 29.71 -53.85 59.23
N ASP G 93 28.64 -53.11 58.93
CA ASP G 93 28.16 -52.08 59.85
C ASP G 93 27.47 -52.66 61.08
N TYR G 94 26.87 -53.85 60.97
CA TYR G 94 26.32 -54.52 62.14
C TYR G 94 27.43 -54.93 63.10
N LEU G 95 28.56 -55.37 62.56
CA LEU G 95 29.81 -55.52 63.28
C LEU G 95 30.39 -54.15 63.58
N ASN G 96 31.43 -54.12 64.40
CA ASN G 96 32.03 -52.82 64.75
C ASN G 96 33.18 -52.46 63.82
N GLY G 97 32.95 -52.59 62.50
CA GLY G 97 33.93 -52.24 61.48
C GLY G 97 35.20 -53.05 61.48
N ARG G 98 35.20 -54.23 62.09
CA ARG G 98 36.41 -55.01 62.30
C ARG G 98 36.69 -55.99 61.18
N ALA G 99 35.91 -55.95 60.11
CA ALA G 99 35.98 -56.93 59.05
C ALA G 99 36.50 -56.31 57.76
N VAL G 100 37.22 -57.12 56.99
CA VAL G 100 37.70 -56.71 55.67
C VAL G 100 36.85 -57.42 54.61
N GLN G 101 36.55 -56.69 53.54
CA GLN G 101 35.67 -57.17 52.49
C GLN G 101 36.47 -57.51 51.24
N HIS G 102 36.03 -58.55 50.53
CA HIS G 102 36.67 -58.95 49.30
C HIS G 102 35.61 -59.22 48.25
N ARG G 103 35.96 -58.94 47.00
CA ARG G 103 35.09 -59.20 45.86
C ARG G 103 35.60 -60.44 45.13
N GLU G 104 34.70 -61.38 44.87
CA GLU G 104 35.06 -62.65 44.24
C GLU G 104 34.25 -62.83 42.97
N VAL G 105 34.94 -63.11 41.87
CA VAL G 105 34.32 -63.30 40.56
C VAL G 105 34.50 -64.77 40.19
N GLN G 106 33.49 -65.34 39.52
CA GLN G 106 33.50 -66.75 39.15
C GLN G 106 34.57 -67.04 38.11
N GLY G 107 35.49 -67.92 38.46
CA GLY G 107 36.61 -68.27 37.61
C GLY G 107 37.88 -67.47 37.86
N PHE G 108 37.79 -66.35 38.56
CA PHE G 108 38.92 -65.50 38.87
C PHE G 108 39.03 -65.27 40.37
N GLU G 109 38.81 -66.33 41.15
CA GLU G 109 38.84 -66.22 42.59
C GLU G 109 40.27 -66.09 43.10
N SER G 110 40.41 -65.54 44.30
CA SER G 110 41.71 -65.46 44.95
C SER G 110 42.10 -66.84 45.47
N ALA G 111 43.41 -67.03 45.66
CA ALA G 111 43.92 -68.32 46.14
C ALA G 111 43.51 -68.58 47.59
N THR G 112 43.37 -67.52 48.38
CA THR G 112 42.83 -67.68 49.73
C THR G 112 41.36 -68.07 49.72
N PHE G 113 40.61 -67.71 48.67
CA PHE G 113 39.22 -68.14 48.55
C PHE G 113 39.13 -69.62 48.16
N LEU G 114 40.07 -70.10 47.35
CA LEU G 114 40.21 -71.53 47.12
C LEU G 114 40.65 -72.26 48.38
N GLY G 115 41.36 -71.57 49.28
CA GLY G 115 41.84 -72.20 50.50
C GLY G 115 40.76 -72.52 51.52
N TYR G 116 39.59 -71.86 51.44
CA TYR G 116 38.58 -72.07 52.48
C TYR G 116 37.89 -73.41 52.31
N PHE G 117 37.60 -73.80 51.07
CA PHE G 117 36.84 -75.01 50.80
C PHE G 117 37.78 -76.18 50.57
N LYS G 118 37.50 -77.30 51.25
CA LYS G 118 38.41 -78.45 51.23
C LYS G 118 38.32 -79.21 49.92
N SER G 119 37.10 -79.57 49.51
CA SER G 119 36.92 -80.35 48.28
C SER G 119 37.21 -79.51 47.05
N GLY G 120 36.83 -78.24 47.06
CA GLY G 120 37.06 -77.34 45.96
C GLY G 120 35.80 -76.64 45.54
N LEU G 121 35.89 -75.91 44.43
CA LEU G 121 34.75 -75.17 43.88
C LEU G 121 34.20 -75.93 42.69
N LYS G 122 32.87 -76.09 42.67
CA LYS G 122 32.19 -76.66 41.52
C LYS G 122 30.88 -75.91 41.31
N TYR G 123 30.55 -75.66 40.05
CA TYR G 123 29.51 -74.72 39.65
C TYR G 123 28.41 -75.45 38.91
N LYS G 124 27.16 -75.11 39.21
CA LYS G 124 26.03 -75.58 38.44
C LYS G 124 25.33 -74.44 37.72
N LYS G 125 24.63 -74.80 36.64
CA LYS G 125 23.83 -73.86 35.89
C LYS G 125 22.55 -73.53 36.64
N GLY G 126 21.94 -72.42 36.28
CA GLY G 126 20.66 -72.03 36.85
C GLY G 126 20.80 -71.25 38.13
N GLY G 127 19.64 -70.95 38.71
CA GLY G 127 19.58 -70.18 39.94
C GLY G 127 18.20 -69.60 40.12
N VAL G 128 18.07 -68.83 41.19
CA VAL G 128 16.81 -68.16 41.49
C VAL G 128 16.65 -66.95 40.56
N ALA G 129 15.42 -66.65 40.20
CA ALA G 129 15.13 -65.58 39.26
C ALA G 129 15.32 -64.22 39.93
N SER G 130 15.52 -63.20 39.09
CA SER G 130 15.77 -61.86 39.59
C SER G 130 14.49 -61.22 40.12
N GLY G 131 14.65 -60.30 41.08
CA GLY G 131 13.52 -59.59 41.64
C GLY G 131 13.04 -58.43 40.81
N PHE G 132 13.83 -57.97 39.85
CA PHE G 132 13.42 -56.90 38.96
C PHE G 132 12.33 -57.35 38.00
N LYS G 133 11.46 -56.41 37.65
CA LYS G 133 10.53 -56.57 36.55
C LYS G 133 10.89 -55.59 35.45
N HIS G 134 10.77 -56.04 34.20
CA HIS G 134 11.33 -55.30 33.09
C HIS G 134 10.43 -54.15 32.68
N VAL G 135 10.98 -52.94 32.67
CA VAL G 135 10.33 -51.76 32.11
C VAL G 135 11.32 -51.06 31.20
N VAL G 136 10.78 -50.32 30.24
CA VAL G 136 11.57 -49.50 29.31
C VAL G 136 11.24 -48.05 29.65
N PRO G 137 12.22 -47.15 29.72
CA PRO G 137 11.92 -45.73 29.97
C PRO G 137 11.19 -45.08 28.80
N ASN G 138 10.07 -44.43 29.13
CA ASN G 138 9.22 -43.65 28.22
C ASN G 138 8.67 -44.51 27.08
N GLU G 139 7.89 -45.52 27.45
CA GLU G 139 7.24 -46.40 26.48
C GLU G 139 5.74 -46.26 26.59
N VAL G 140 5.08 -46.01 25.46
CA VAL G 140 3.63 -46.11 25.35
C VAL G 140 3.30 -47.01 24.16
N VAL G 141 2.38 -47.95 24.37
CA VAL G 141 1.85 -48.79 23.29
C VAL G 141 0.34 -48.60 23.35
N VAL G 142 -0.16 -47.66 22.55
CA VAL G 142 -1.55 -47.21 22.59
C VAL G 142 -2.09 -47.21 21.16
N GLN G 143 -3.31 -47.73 20.98
CA GLN G 143 -3.98 -47.65 19.68
C GLN G 143 -5.48 -47.50 19.94
N ARG G 144 -5.95 -46.25 19.98
CA ARG G 144 -7.34 -45.95 20.29
C ARG G 144 -7.92 -45.00 19.25
N LEU G 145 -9.25 -44.91 19.25
CA LEU G 145 -9.97 -43.99 18.37
C LEU G 145 -11.14 -43.39 19.14
N PHE G 146 -11.28 -42.07 19.06
CA PHE G 146 -12.32 -41.34 19.78
C PHE G 146 -13.18 -40.58 18.78
N GLN G 147 -14.49 -40.63 18.99
CA GLN G 147 -15.44 -39.79 18.26
C GLN G 147 -15.86 -38.66 19.18
N VAL G 148 -15.61 -37.42 18.75
CA VAL G 148 -16.16 -36.25 19.43
C VAL G 148 -17.35 -35.73 18.63
N LYS G 149 -18.43 -35.45 19.35
CA LYS G 149 -19.73 -35.24 18.73
C LYS G 149 -20.58 -34.38 19.67
N GLY G 150 -21.42 -33.52 19.07
CA GLY G 150 -22.34 -32.70 19.82
C GLY G 150 -22.59 -31.35 19.18
N ARG G 151 -23.57 -30.61 19.71
CA ARG G 151 -23.88 -29.27 19.26
C ARG G 151 -23.56 -28.23 20.32
N ARG G 152 -24.11 -28.40 21.52
CA ARG G 152 -23.74 -27.59 22.68
C ARG G 152 -22.89 -28.41 23.65
N VAL G 153 -23.39 -29.56 24.06
CA VAL G 153 -22.68 -30.45 24.98
C VAL G 153 -21.92 -31.45 24.10
N VAL G 154 -20.69 -31.11 23.76
CA VAL G 154 -19.85 -31.97 22.95
C VAL G 154 -19.09 -32.92 23.85
N ARG G 155 -19.06 -34.21 23.48
CA ARG G 155 -18.38 -35.21 24.28
C ARG G 155 -17.61 -36.17 23.38
N ALA G 156 -16.66 -36.88 24.01
CA ALA G 156 -15.82 -37.88 23.37
C ALA G 156 -16.25 -39.28 23.80
N THR G 157 -16.28 -40.20 22.86
CA THR G 157 -16.68 -41.57 23.11
C THR G 157 -15.71 -42.48 22.36
N GLU G 158 -15.21 -43.52 23.04
CA GLU G 158 -14.28 -44.44 22.41
C GLU G 158 -15.03 -45.38 21.47
N VAL G 159 -14.51 -45.51 20.26
CA VAL G 159 -15.12 -46.28 19.17
C VAL G 159 -14.04 -47.22 18.63
N PRO G 160 -14.40 -48.41 18.10
CA PRO G 160 -13.35 -49.32 17.65
C PRO G 160 -12.68 -48.87 16.36
N VAL G 161 -11.40 -49.23 16.24
CA VAL G 161 -10.50 -48.62 15.26
C VAL G 161 -10.78 -49.29 13.92
N SER G 162 -11.58 -48.64 13.10
CA SER G 162 -11.90 -49.09 11.75
C SER G 162 -12.40 -47.90 10.96
N TRP G 163 -12.34 -48.02 9.63
CA TRP G 163 -12.87 -46.98 8.77
C TRP G 163 -14.39 -46.94 8.80
N GLU G 164 -15.04 -48.05 9.13
CA GLU G 164 -16.49 -48.10 9.18
C GLU G 164 -17.06 -47.31 10.36
N SER G 165 -16.26 -47.09 11.40
CA SER G 165 -16.71 -46.27 12.53
C SER G 165 -16.71 -44.78 12.19
N PHE G 166 -16.03 -44.37 11.12
CA PHE G 166 -15.96 -42.97 10.74
C PHE G 166 -17.25 -42.53 10.06
N ASN G 167 -17.59 -41.26 10.25
CA ASN G 167 -18.61 -40.60 9.45
C ASN G 167 -18.09 -39.22 9.07
N ASN G 168 -18.92 -38.44 8.38
CA ASN G 168 -18.51 -37.15 7.87
C ASN G 168 -19.01 -36.01 8.75
N GLY G 169 -19.91 -36.27 9.68
CA GLY G 169 -20.53 -35.20 10.44
C GLY G 169 -20.00 -34.97 11.85
N ASP G 170 -19.04 -35.76 12.30
CA ASP G 170 -18.40 -35.62 13.62
C ASP G 170 -16.91 -35.38 13.43
N CYS G 171 -16.15 -35.38 14.53
CA CYS G 171 -14.70 -35.32 14.41
C CYS G 171 -14.08 -36.49 15.17
N PHE G 172 -12.86 -36.86 14.78
CA PHE G 172 -12.26 -38.10 15.27
C PHE G 172 -10.82 -37.84 15.68
N ILE G 173 -10.39 -38.58 16.70
CA ILE G 173 -9.02 -38.52 17.20
C ILE G 173 -8.47 -39.93 17.20
N LEU G 174 -7.45 -40.18 16.38
CA LEU G 174 -6.78 -41.47 16.33
C LEU G 174 -5.49 -41.38 17.11
N ASP G 175 -5.41 -42.12 18.20
CA ASP G 175 -4.29 -42.04 19.14
C ASP G 175 -3.41 -43.26 18.91
N LEU G 176 -2.16 -43.01 18.51
CA LEU G 176 -1.19 -44.05 18.22
C LEU G 176 0.09 -43.89 19.03
N GLY G 177 -0.05 -43.48 20.29
CA GLY G 177 1.11 -43.35 21.14
C GLY G 177 1.82 -42.01 20.99
N ASN G 178 2.95 -42.01 20.29
CA ASN G 178 3.71 -40.79 20.08
C ASN G 178 3.15 -39.91 18.97
N ASN G 179 2.17 -40.38 18.21
CA ASN G 179 1.55 -39.60 17.15
C ASN G 179 0.05 -39.62 17.35
N ILE G 180 -0.57 -38.45 17.33
CA ILE G 180 -2.01 -38.29 17.49
C ILE G 180 -2.53 -37.58 16.25
N HIS G 181 -3.50 -38.19 15.58
CA HIS G 181 -4.04 -37.64 14.34
C HIS G 181 -5.45 -37.14 14.60
N GLN G 182 -5.69 -35.87 14.29
CA GLN G 182 -7.01 -35.27 14.43
C GLN G 182 -7.64 -35.17 13.05
N TRP G 183 -8.80 -35.79 12.87
CA TRP G 183 -9.48 -35.86 11.59
C TRP G 183 -10.81 -35.13 11.71
N CYS G 184 -10.99 -34.10 10.89
CA CYS G 184 -12.17 -33.25 10.95
C CYS G 184 -13.06 -33.54 9.75
N GLY G 185 -14.34 -33.82 10.02
CA GLY G 185 -15.28 -34.05 8.95
C GLY G 185 -15.64 -32.76 8.22
N SER G 186 -16.11 -32.92 6.97
CA SER G 186 -16.50 -31.78 6.17
C SER G 186 -17.76 -31.12 6.71
N ASN G 187 -18.71 -31.92 7.17
CA ASN G 187 -19.97 -31.41 7.72
C ASN G 187 -19.91 -31.18 9.22
N SER G 188 -18.73 -31.33 9.82
CA SER G 188 -18.57 -31.08 11.25
C SER G 188 -18.66 -29.59 11.54
N ASN G 189 -19.13 -29.24 12.74
CA ASN G 189 -19.33 -27.84 13.07
C ASN G 189 -18.17 -27.28 13.90
N ARG G 190 -18.38 -26.05 14.37
CA ARG G 190 -17.33 -25.29 15.05
CA ARG G 190 -17.33 -25.29 15.05
C ARG G 190 -16.98 -25.87 16.42
N TYR G 191 -17.99 -26.27 17.19
CA TYR G 191 -17.77 -26.61 18.59
C TYR G 191 -17.11 -27.97 18.77
N GLU G 192 -17.44 -28.93 17.92
CA GLU G 192 -16.79 -30.22 18.04
C GLU G 192 -15.39 -30.21 17.44
N ARG G 193 -15.10 -29.27 16.52
CA ARG G 193 -13.72 -29.04 16.11
C ARG G 193 -12.90 -28.44 17.25
N LEU G 194 -13.48 -27.50 17.99
CA LEU G 194 -12.80 -26.90 19.15
C LEU G 194 -12.58 -27.92 20.26
N LYS G 195 -13.58 -28.78 20.49
CA LYS G 195 -13.46 -29.86 21.47
C LYS G 195 -12.44 -30.91 21.04
N ALA G 196 -12.37 -31.20 19.74
CA ALA G 196 -11.36 -32.13 19.22
C ALA G 196 -9.96 -31.59 19.42
N THR G 197 -9.77 -30.30 19.17
CA THR G 197 -8.48 -29.64 19.44
C THR G 197 -8.14 -29.68 20.92
N GLN G 198 -9.10 -29.37 21.79
CA GLN G 198 -8.87 -29.35 23.23
C GLN G 198 -8.54 -30.74 23.79
N VAL G 199 -9.25 -31.77 23.34
CA VAL G 199 -9.01 -33.14 23.81
C VAL G 199 -7.68 -33.66 23.28
N SER G 200 -7.32 -33.31 22.02
CA SER G 200 -6.03 -33.73 21.47
C SER G 200 -4.85 -33.10 22.19
N LYS G 201 -4.96 -31.79 22.50
CA LYS G 201 -3.89 -31.13 23.25
C LYS G 201 -3.84 -31.62 24.70
N GLY G 202 -4.99 -32.02 25.25
CA GLY G 202 -4.98 -32.64 26.56
C GLY G 202 -4.31 -34.00 26.59
N ILE G 203 -4.55 -34.82 25.56
CA ILE G 203 -3.90 -36.13 25.47
C ILE G 203 -2.40 -35.98 25.26
N ARG G 204 -1.98 -34.94 24.52
CA ARG G 204 -0.55 -34.70 24.37
C ARG G 204 0.08 -34.22 25.68
N ASP G 205 -0.44 -33.15 26.25
CA ASP G 205 0.30 -32.47 27.33
C ASP G 205 0.08 -33.07 28.72
N ASN G 206 -0.93 -33.93 28.91
CA ASN G 206 -1.21 -34.46 30.24
C ASN G 206 -0.97 -35.96 30.29
N GLU G 207 -1.51 -36.74 29.36
CA GLU G 207 -1.31 -38.18 29.40
C GLU G 207 0.11 -38.56 29.03
N ARG G 208 0.74 -37.80 28.14
CA ARG G 208 2.04 -38.15 27.59
C ARG G 208 3.13 -37.17 27.97
N SER G 209 2.76 -36.10 28.71
CA SER G 209 3.66 -35.07 29.24
C SER G 209 4.44 -34.34 28.15
N GLY G 210 3.82 -34.14 26.99
CA GLY G 210 4.46 -33.44 25.91
C GLY G 210 5.32 -34.29 25.00
N ARG G 211 5.40 -35.60 25.24
CA ARG G 211 6.17 -36.50 24.38
C ARG G 211 5.29 -37.08 23.27
N ALA G 212 4.70 -36.19 22.49
CA ALA G 212 3.80 -36.58 21.40
C ALA G 212 3.78 -35.43 20.40
N ARG G 213 3.19 -35.71 19.24
CA ARG G 213 2.96 -34.69 18.21
C ARG G 213 1.56 -34.84 17.68
N VAL G 214 0.83 -33.74 17.61
CA VAL G 214 -0.57 -33.73 17.20
C VAL G 214 -0.64 -33.29 15.74
N HIS G 215 -1.24 -34.13 14.90
CA HIS G 215 -1.45 -33.84 13.49
C HIS G 215 -2.93 -33.59 13.23
N VAL G 216 -3.23 -32.59 12.43
CA VAL G 216 -4.60 -32.22 12.08
C VAL G 216 -4.79 -32.49 10.59
N SER G 217 -5.84 -33.22 10.25
CA SER G 217 -6.07 -33.65 8.88
C SER G 217 -7.56 -33.53 8.55
N GLU G 218 -7.85 -33.55 7.26
CA GLU G 218 -9.22 -33.54 6.76
C GLU G 218 -9.30 -34.55 5.62
N GLU G 219 -10.40 -34.48 4.85
CA GLU G 219 -10.62 -35.42 3.74
C GLU G 219 -9.65 -35.15 2.61
N GLY G 220 -9.02 -36.22 2.11
CA GLY G 220 -8.10 -36.12 1.02
C GLY G 220 -6.67 -35.84 1.41
N THR G 221 -6.42 -35.41 2.65
CA THR G 221 -5.09 -35.09 3.14
C THR G 221 -4.69 -36.02 4.29
N GLU G 222 -5.14 -37.26 4.25
CA GLU G 222 -4.76 -38.23 5.27
C GLU G 222 -3.30 -38.62 5.11
N PRO G 223 -2.53 -38.65 6.18
CA PRO G 223 -1.12 -39.07 6.07
C PRO G 223 -0.96 -40.56 5.88
N GLU G 224 0.29 -41.02 5.75
CA GLU G 224 0.56 -42.43 5.51
C GLU G 224 0.30 -43.26 6.76
N ALA G 225 0.39 -42.64 7.94
CA ALA G 225 0.17 -43.37 9.20
C ALA G 225 -1.28 -43.80 9.36
N MET G 226 -2.23 -42.90 9.07
CA MET G 226 -3.66 -43.24 9.18
C MET G 226 -4.07 -44.27 8.14
N LEU G 227 -3.56 -44.14 6.92
CA LEU G 227 -3.87 -45.12 5.89
C LEU G 227 -3.19 -46.45 6.14
N GLN G 228 -2.05 -46.44 6.85
CA GLN G 228 -1.39 -47.69 7.17
C GLN G 228 -2.13 -48.42 8.29
N VAL G 229 -2.56 -47.70 9.31
CA VAL G 229 -3.27 -48.32 10.42
C VAL G 229 -4.69 -48.72 10.02
N LEU G 230 -5.44 -47.79 9.46
CA LEU G 230 -6.86 -48.02 9.21
C LEU G 230 -7.13 -48.77 7.92
N GLY G 231 -6.23 -48.68 6.94
CA GLY G 231 -6.44 -49.33 5.67
C GLY G 231 -6.75 -48.35 4.55
N PRO G 232 -7.12 -48.87 3.38
CA PRO G 232 -7.62 -48.00 2.30
C PRO G 232 -8.95 -47.37 2.67
N LYS G 233 -9.20 -46.20 2.09
CA LYS G 233 -10.31 -45.34 2.48
C LYS G 233 -11.56 -45.66 1.68
N PRO G 234 -12.66 -46.05 2.31
CA PRO G 234 -13.92 -46.23 1.57
C PRO G 234 -14.64 -44.90 1.41
N ALA G 235 -15.83 -44.97 0.83
CA ALA G 235 -16.70 -43.81 0.80
C ALA G 235 -17.36 -43.61 2.16
N LEU G 236 -17.29 -42.38 2.67
CA LEU G 236 -17.85 -42.09 3.99
C LEU G 236 -19.38 -41.98 3.89
N PRO G 237 -20.10 -42.50 4.91
CA PRO G 237 -21.57 -42.51 4.85
C PRO G 237 -22.23 -41.25 5.40
N ALA G 238 -21.71 -40.09 4.99
CA ALA G 238 -22.22 -38.73 5.23
C ALA G 238 -22.30 -38.45 6.73
N GLY G 239 -23.29 -37.68 7.15
CA GLY G 239 -23.49 -37.43 8.56
C GLY G 239 -24.80 -36.71 8.84
N THR G 240 -25.45 -37.09 9.93
CA THR G 240 -26.68 -36.43 10.33
C THR G 240 -26.40 -35.03 10.83
N GLU G 241 -27.39 -34.14 10.64
CA GLU G 241 -27.28 -32.77 11.12
C GLU G 241 -27.34 -32.78 12.64
N ASP G 242 -26.56 -31.87 13.25
CA ASP G 242 -26.40 -31.87 14.70
C ASP G 242 -27.63 -31.26 15.36
N THR G 243 -28.46 -32.11 15.96
CA THR G 243 -29.70 -31.70 16.59
C THR G 243 -29.51 -31.55 18.10
N ALA G 244 -30.63 -31.38 18.82
CA ALA G 244 -30.60 -31.19 20.25
C ALA G 244 -30.88 -32.47 21.05
N LYS G 245 -31.25 -33.56 20.37
CA LYS G 245 -31.51 -34.80 21.10
C LYS G 245 -30.21 -35.47 21.56
N GLU G 246 -29.15 -35.39 20.76
CA GLU G 246 -27.88 -35.95 21.18
C GLU G 246 -27.15 -35.07 22.18
N ASP G 247 -27.53 -33.79 22.29
CA ASP G 247 -27.07 -33.00 23.43
C ASP G 247 -27.67 -33.53 24.74
N ALA G 248 -28.94 -33.96 24.70
CA ALA G 248 -29.53 -34.60 25.86
C ALA G 248 -28.94 -35.98 26.10
N ALA G 249 -28.54 -36.67 25.02
CA ALA G 249 -27.86 -37.96 25.17
C ALA G 249 -26.48 -37.79 25.78
N ASN G 250 -25.74 -36.75 25.37
CA ASN G 250 -24.45 -36.43 25.98
C ASN G 250 -24.61 -35.96 27.42
N ARG G 251 -25.76 -35.35 27.73
CA ARG G 251 -26.02 -34.91 29.10
C ARG G 251 -26.20 -36.09 30.04
N LYS G 252 -26.74 -37.21 29.54
CA LYS G 252 -26.92 -38.42 30.33
C LYS G 252 -25.86 -39.44 29.90
N LEU G 253 -24.65 -39.28 30.41
CA LEU G 253 -23.59 -40.25 30.19
C LEU G 253 -22.81 -40.65 31.43
N ALA G 254 -22.76 -39.82 32.46
CA ALA G 254 -21.91 -40.09 33.60
C ALA G 254 -22.70 -39.90 34.88
N LYS G 255 -22.29 -40.64 35.91
CA LYS G 255 -22.90 -40.57 37.23
C LYS G 255 -21.79 -40.36 38.25
N LEU G 256 -21.80 -39.20 38.88
CA LEU G 256 -20.80 -38.87 39.89
C LEU G 256 -21.31 -39.28 41.25
N TYR G 257 -20.55 -40.15 41.92
CA TYR G 257 -20.85 -40.73 43.23
C TYR G 257 -19.82 -40.27 44.26
N LYS G 258 -20.25 -40.29 45.52
CA LYS G 258 -19.44 -39.90 46.67
C LYS G 258 -19.20 -41.11 47.57
N VAL G 259 -18.00 -41.20 48.11
CA VAL G 259 -17.63 -42.20 49.12
C VAL G 259 -17.00 -41.43 50.28
N SER G 260 -17.61 -41.55 51.46
CA SER G 260 -17.20 -40.75 52.61
C SER G 260 -17.59 -41.45 53.89
N ASN G 261 -16.71 -41.39 54.88
CA ASN G 261 -17.01 -41.85 56.23
C ASN G 261 -17.24 -40.69 57.19
N GLY G 262 -17.67 -39.53 56.68
CA GLY G 262 -17.92 -38.37 57.52
C GLY G 262 -19.13 -38.50 58.40
N ALA G 263 -20.08 -39.37 58.05
CA ALA G 263 -21.26 -39.64 58.86
C ALA G 263 -21.03 -40.74 59.88
N GLY G 264 -19.80 -41.24 60.01
CA GLY G 264 -19.50 -42.30 60.93
C GLY G 264 -19.78 -43.70 60.43
N THR G 265 -20.12 -43.85 59.15
CA THR G 265 -20.43 -45.16 58.60
C THR G 265 -20.12 -45.15 57.11
N MET G 266 -20.28 -46.32 56.49
CA MET G 266 -20.14 -46.45 55.04
C MET G 266 -21.26 -45.70 54.33
N SER G 267 -20.91 -45.03 53.24
CA SER G 267 -21.88 -44.23 52.50
C SER G 267 -21.41 -44.10 51.06
N VAL G 268 -22.16 -44.72 50.15
CA VAL G 268 -22.00 -44.51 48.72
C VAL G 268 -23.27 -43.82 48.24
N SER G 269 -23.15 -42.56 47.85
CA SER G 269 -24.32 -41.75 47.51
C SER G 269 -24.09 -41.03 46.20
N LEU G 270 -25.18 -40.76 45.50
CA LEU G 270 -25.12 -40.11 44.19
C LEU G 270 -24.97 -38.61 44.37
N VAL G 271 -23.88 -38.04 43.84
CA VAL G 271 -23.79 -36.59 43.78
C VAL G 271 -24.62 -36.06 42.63
N ALA G 272 -24.40 -36.57 41.43
CA ALA G 272 -25.10 -36.02 40.27
C ALA G 272 -25.18 -37.07 39.18
N ASP G 273 -26.17 -36.89 38.30
CA ASP G 273 -26.31 -37.70 37.11
C ASP G 273 -26.42 -36.86 35.83
N GLU G 274 -26.14 -35.56 35.93
CA GLU G 274 -26.32 -34.62 34.85
C GLU G 274 -24.99 -33.91 34.63
N ASN G 275 -24.35 -34.20 33.53
CA ASN G 275 -23.15 -33.44 33.21
C ASN G 275 -23.52 -32.26 32.31
N PRO G 276 -22.80 -31.11 32.31
CA PRO G 276 -21.52 -30.74 32.99
C PRO G 276 -21.59 -30.58 34.50
N PHE G 277 -20.69 -31.27 35.18
CA PHE G 277 -20.63 -31.23 36.63
C PHE G 277 -19.96 -29.94 37.09
N ALA G 278 -19.92 -29.74 38.40
CA ALA G 278 -19.22 -28.62 39.00
C ALA G 278 -17.89 -29.11 39.56
N GLN G 279 -16.82 -28.35 39.29
CA GLN G 279 -15.50 -28.70 39.82
C GLN G 279 -15.44 -28.54 41.34
N GLY G 280 -16.25 -27.62 41.89
CA GLY G 280 -16.32 -27.46 43.33
C GLY G 280 -17.03 -28.58 44.05
N ALA G 281 -17.77 -29.42 43.31
CA ALA G 281 -18.43 -30.58 43.92
C ALA G 281 -17.42 -31.63 44.38
N LEU G 282 -16.25 -31.67 43.77
CA LEU G 282 -15.18 -32.59 44.17
C LEU G 282 -14.57 -32.07 45.46
N LYS G 283 -15.13 -32.49 46.59
CA LYS G 283 -14.59 -32.12 47.89
C LYS G 283 -13.28 -32.85 48.13
N SER G 284 -12.38 -32.18 48.87
CA SER G 284 -11.02 -32.68 49.01
C SER G 284 -10.87 -33.71 50.11
N GLU G 285 -11.90 -33.93 50.92
CA GLU G 285 -11.80 -34.81 52.08
C GLU G 285 -12.44 -36.16 51.85
N ASP G 286 -12.91 -36.45 50.63
CA ASP G 286 -13.70 -37.64 50.35
C ASP G 286 -13.12 -38.31 49.11
N CYS G 287 -13.80 -39.35 48.60
CA CYS G 287 -13.35 -40.04 47.39
C CYS G 287 -14.52 -40.16 46.43
N PHE G 288 -14.33 -39.70 45.20
CA PHE G 288 -15.45 -39.64 44.26
C PHE G 288 -15.23 -40.64 43.13
N ILE G 289 -16.34 -41.05 42.52
CA ILE G 289 -16.34 -42.03 41.43
C ILE G 289 -17.12 -41.46 40.26
N LEU G 290 -16.50 -41.43 39.08
CA LEU G 290 -17.20 -41.13 37.84
C LEU G 290 -17.31 -42.42 37.04
N ASP G 291 -18.49 -42.70 36.52
CA ASP G 291 -18.78 -43.98 35.88
C ASP G 291 -19.20 -43.69 34.44
N HIS G 292 -18.22 -43.60 33.55
CA HIS G 292 -18.51 -43.57 32.11
C HIS G 292 -18.22 -44.96 31.55
N GLY G 293 -19.02 -45.91 32.01
CA GLY G 293 -18.83 -47.32 31.76
C GLY G 293 -19.51 -47.88 30.54
N LYS G 294 -20.11 -47.04 29.70
CA LYS G 294 -20.69 -47.54 28.46
C LYS G 294 -19.62 -47.98 27.48
N ASP G 295 -18.54 -47.22 27.37
CA ASP G 295 -17.36 -47.65 26.65
C ASP G 295 -16.29 -48.25 27.54
N GLY G 296 -16.55 -48.33 28.84
CA GLY G 296 -15.65 -49.01 29.76
C GLY G 296 -14.63 -48.12 30.44
N LYS G 297 -15.07 -47.06 31.11
CA LYS G 297 -14.18 -46.21 31.90
C LYS G 297 -14.81 -45.90 33.25
N ILE G 298 -14.09 -46.18 34.33
CA ILE G 298 -14.52 -45.80 35.68
C ILE G 298 -13.35 -45.11 36.34
N PHE G 299 -13.54 -43.84 36.72
CA PHE G 299 -12.48 -43.03 37.31
C PHE G 299 -12.72 -42.92 38.81
N VAL G 300 -11.69 -43.24 39.59
CA VAL G 300 -11.70 -43.14 41.04
C VAL G 300 -10.83 -41.96 41.42
N TRP G 301 -11.45 -40.87 41.85
CA TRP G 301 -10.75 -39.63 42.16
C TRP G 301 -10.57 -39.55 43.66
N LYS G 302 -9.32 -39.47 44.11
CA LYS G 302 -9.00 -39.50 45.53
C LYS G 302 -8.63 -38.10 46.00
N GLY G 303 -9.19 -37.72 47.15
CA GLY G 303 -8.81 -36.45 47.74
C GLY G 303 -7.51 -36.54 48.50
N LYS G 304 -6.92 -35.37 48.78
CA LYS G 304 -5.69 -35.35 49.55
C LYS G 304 -5.94 -35.66 51.02
N GLN G 305 -7.08 -35.23 51.55
CA GLN G 305 -7.41 -35.42 52.96
C GLN G 305 -8.44 -36.52 53.17
N ALA G 306 -8.39 -37.58 52.36
CA ALA G 306 -9.28 -38.72 52.51
C ALA G 306 -8.56 -39.84 53.24
N ASN G 307 -9.31 -40.59 54.05
CA ASN G 307 -8.75 -41.71 54.80
C ASN G 307 -8.45 -42.87 53.86
N THR G 308 -7.63 -43.81 54.36
CA THR G 308 -7.22 -44.96 53.56
C THR G 308 -8.37 -45.92 53.33
N GLU G 309 -9.24 -46.10 54.32
CA GLU G 309 -10.38 -46.98 54.17
C GLU G 309 -11.40 -46.42 53.20
N GLU G 310 -11.48 -45.08 53.07
CA GLU G 310 -12.28 -44.46 52.02
C GLU G 310 -11.74 -44.78 50.64
N ARG G 311 -10.41 -44.80 50.49
CA ARG G 311 -9.79 -45.11 49.20
C ARG G 311 -9.98 -46.58 48.82
N LYS G 312 -9.80 -47.48 49.78
CA LYS G 312 -10.02 -48.91 49.52
C LYS G 312 -11.49 -49.22 49.27
N ALA G 313 -12.40 -48.51 49.97
CA ALA G 313 -13.82 -48.65 49.72
C ALA G 313 -14.22 -48.12 48.34
N ALA G 314 -13.58 -47.03 47.89
CA ALA G 314 -13.85 -46.49 46.57
C ALA G 314 -13.37 -47.42 45.47
N LEU G 315 -12.19 -48.02 45.64
CA LEU G 315 -11.70 -49.02 44.68
C LEU G 315 -12.58 -50.26 44.66
N LYS G 316 -13.04 -50.70 45.84
CA LYS G 316 -13.93 -51.86 45.93
C LYS G 316 -15.28 -51.59 45.29
N THR G 317 -15.83 -50.38 45.49
CA THR G 317 -17.11 -50.02 44.89
C THR G 317 -17.00 -49.87 43.38
N ALA G 318 -15.87 -49.34 42.89
CA ALA G 318 -15.64 -49.24 41.45
C ALA G 318 -15.49 -50.62 40.81
N SER G 319 -14.85 -51.55 41.50
CA SER G 319 -14.81 -52.92 41.00
C SER G 319 -16.17 -53.60 41.08
N ASP G 320 -16.99 -53.22 42.07
CA ASP G 320 -18.35 -53.76 42.17
C ASP G 320 -19.26 -53.23 41.08
N PHE G 321 -18.98 -52.04 40.53
CA PHE G 321 -19.78 -51.52 39.42
C PHE G 321 -19.57 -52.28 38.11
N ILE G 322 -18.57 -53.16 38.02
CA ILE G 322 -18.35 -53.94 36.80
C ILE G 322 -19.48 -54.94 36.59
N THR G 323 -19.80 -55.70 37.64
CA THR G 323 -20.70 -56.84 37.50
C THR G 323 -22.16 -56.52 37.77
N LYS G 324 -22.45 -55.39 38.41
CA LYS G 324 -23.85 -55.08 38.72
C LYS G 324 -24.60 -54.58 37.50
N MET G 325 -24.08 -53.55 36.83
CA MET G 325 -24.75 -52.94 35.69
C MET G 325 -24.40 -53.59 34.35
N ASP G 326 -23.57 -54.65 34.38
CA ASP G 326 -23.18 -55.46 33.22
C ASP G 326 -22.45 -54.63 32.16
N TYR G 327 -21.31 -54.12 32.57
CA TYR G 327 -20.37 -53.41 31.71
C TYR G 327 -19.51 -54.41 30.96
N PRO G 328 -19.01 -54.07 29.76
CA PRO G 328 -18.21 -55.04 29.00
C PRO G 328 -16.83 -55.27 29.61
N LYS G 329 -16.23 -56.39 29.21
CA LYS G 329 -15.05 -56.94 29.90
C LYS G 329 -13.74 -56.35 29.38
N GLN G 330 -13.68 -55.03 29.27
CA GLN G 330 -12.44 -54.31 29.02
C GLN G 330 -12.41 -53.01 29.81
N THR G 331 -13.27 -52.89 30.82
CA THR G 331 -13.50 -51.63 31.50
C THR G 331 -12.32 -51.29 32.40
N GLN G 332 -11.73 -50.12 32.17
CA GLN G 332 -10.55 -49.69 32.91
C GLN G 332 -10.96 -48.86 34.11
N VAL G 333 -10.45 -49.24 35.27
CA VAL G 333 -10.62 -48.47 36.49
C VAL G 333 -9.35 -47.63 36.63
N SER G 334 -9.49 -46.33 36.38
CA SER G 334 -8.36 -45.41 36.43
C SER G 334 -8.35 -44.68 37.75
N VAL G 335 -7.25 -44.78 38.47
CA VAL G 335 -7.11 -44.18 39.79
C VAL G 335 -6.40 -42.83 39.63
N LEU G 336 -7.05 -41.76 40.09
CA LEU G 336 -6.62 -40.40 39.81
C LEU G 336 -6.48 -39.64 41.13
N PRO G 337 -5.32 -39.08 41.44
CA PRO G 337 -5.20 -38.23 42.63
C PRO G 337 -5.58 -36.79 42.33
N GLU G 338 -5.49 -35.91 43.32
CA GLU G 338 -5.76 -34.50 43.08
C GLU G 338 -4.63 -33.85 42.30
N GLY G 339 -4.98 -33.08 41.28
CA GLY G 339 -3.95 -32.45 40.48
C GLY G 339 -3.29 -33.36 39.47
N GLY G 340 -3.82 -34.58 39.29
CA GLY G 340 -3.30 -35.51 38.32
C GLY G 340 -4.42 -36.11 37.49
N GLU G 341 -5.35 -35.28 37.03
CA GLU G 341 -6.53 -35.81 36.38
C GLU G 341 -6.34 -35.99 34.88
N THR G 342 -6.84 -37.12 34.39
CA THR G 342 -6.92 -37.44 32.98
C THR G 342 -7.86 -36.47 32.27
N PRO G 343 -7.52 -35.99 31.06
CA PRO G 343 -8.45 -35.08 30.37
C PRO G 343 -9.66 -35.75 29.75
N LEU G 344 -9.76 -37.08 29.77
CA LEU G 344 -11.05 -37.71 29.51
C LEU G 344 -11.97 -37.63 30.72
N PHE G 345 -11.42 -37.51 31.92
CA PHE G 345 -12.21 -37.23 33.12
C PHE G 345 -12.65 -35.77 33.15
N LYS G 346 -11.86 -34.87 32.56
CA LYS G 346 -12.10 -33.44 32.70
C LYS G 346 -13.24 -32.94 31.82
N GLN G 347 -13.64 -33.71 30.80
CA GLN G 347 -14.62 -33.22 29.83
C GLN G 347 -16.03 -33.14 30.39
N PHE G 348 -16.32 -33.82 31.49
CA PHE G 348 -17.64 -33.82 32.08
C PHE G 348 -17.86 -32.68 33.07
N PHE G 349 -16.93 -31.74 33.15
CA PHE G 349 -16.99 -30.69 34.16
C PHE G 349 -17.06 -29.34 33.48
N LYS G 350 -17.90 -28.46 34.02
CA LYS G 350 -18.06 -27.11 33.51
C LYS G 350 -16.83 -26.28 33.88
N ASN G 351 -16.01 -25.95 32.87
CA ASN G 351 -14.87 -25.04 32.93
C ASN G 351 -13.84 -25.50 33.97
N TRP G 352 -13.15 -26.57 33.61
CA TRP G 352 -12.10 -27.11 34.47
C TRP G 352 -10.95 -26.12 34.58
N ARG G 353 -10.52 -25.88 35.82
CA ARG G 353 -9.49 -24.88 36.12
C ARG G 353 -8.29 -25.60 36.73
N ASP G 354 -7.21 -25.67 35.96
CA ASP G 354 -5.90 -26.01 36.49
C ASP G 354 -5.43 -24.87 37.40
N PRO G 355 -4.58 -25.15 38.40
CA PRO G 355 -4.25 -24.06 39.34
C PRO G 355 -3.34 -22.98 38.78
N ASP G 356 -2.42 -23.32 37.89
CA ASP G 356 -1.59 -22.31 37.24
C ASP G 356 -2.08 -21.97 35.82
N GLN G 357 -3.36 -21.62 35.71
CA GLN G 357 -3.87 -21.14 34.43
C GLN G 357 -3.66 -19.65 34.27
N THR G 358 -3.77 -19.21 33.02
CA THR G 358 -3.66 -17.81 32.66
C THR G 358 -5.07 -17.23 32.55
N ASP G 359 -5.33 -16.15 33.27
CA ASP G 359 -6.59 -15.43 33.20
C ASP G 359 -6.41 -14.19 32.33
N GLY G 360 -7.23 -14.07 31.29
CA GLY G 360 -7.09 -12.96 30.39
C GLY G 360 -5.95 -13.14 29.41
N LEU G 361 -5.38 -12.02 28.97
CA LEU G 361 -4.30 -12.06 28.00
C LEU G 361 -3.00 -12.53 28.62
N GLY G 362 -2.77 -12.23 29.90
CA GLY G 362 -1.57 -12.65 30.57
C GLY G 362 -0.44 -11.65 30.43
N LEU G 363 0.68 -11.99 31.06
CA LEU G 363 1.85 -11.13 31.09
C LEU G 363 3.10 -11.94 30.73
N SER G 364 4.04 -11.27 30.08
CA SER G 364 5.31 -11.88 29.73
C SER G 364 6.30 -11.77 30.88
N TYR G 365 7.31 -12.64 30.86
CA TYR G 365 8.26 -12.72 31.97
C TYR G 365 9.49 -11.85 31.73
N LEU G 366 9.90 -11.74 30.45
CA LEU G 366 10.90 -10.84 29.85
C LEU G 366 12.36 -11.17 30.16
N SER G 367 12.62 -12.02 31.16
CA SER G 367 13.91 -12.64 31.51
C SER G 367 15.06 -11.66 31.80
N SER G 368 14.80 -10.35 31.91
CA SER G 368 15.82 -9.32 31.98
C SER G 368 15.19 -8.01 32.44
N HIS G 369 15.80 -7.35 33.41
CA HIS G 369 15.18 -6.19 34.04
C HIS G 369 16.16 -5.03 34.10
N ILE G 370 15.61 -3.82 34.08
CA ILE G 370 16.39 -2.61 34.17
C ILE G 370 16.44 -2.16 35.62
N ALA G 371 17.30 -1.18 35.89
CA ALA G 371 17.51 -0.71 37.26
C ALA G 371 16.31 0.09 37.76
N ASN G 372 15.85 -0.27 38.96
CA ASN G 372 14.76 0.41 39.65
C ASN G 372 15.15 0.70 41.09
N VAL G 373 16.30 1.36 41.26
CA VAL G 373 16.87 1.59 42.58
C VAL G 373 16.04 2.61 43.35
N GLU G 374 15.88 2.35 44.65
CA GLU G 374 15.09 3.22 45.51
C GLU G 374 15.81 4.55 45.76
N ARG G 375 15.01 5.60 45.95
CA ARG G 375 15.52 6.95 46.18
C ARG G 375 15.95 7.03 47.64
N VAL G 376 17.24 6.85 47.88
CA VAL G 376 17.82 7.00 49.21
C VAL G 376 18.51 8.38 49.25
N PRO G 377 18.45 9.10 50.37
CA PRO G 377 19.33 10.25 50.53
C PRO G 377 20.75 9.80 50.85
N PHE G 378 21.73 10.53 50.32
CA PHE G 378 23.12 10.14 50.48
C PHE G 378 23.66 10.81 51.74
N ASP G 379 24.47 10.08 52.49
CA ASP G 379 25.03 10.59 53.73
C ASP G 379 26.50 10.91 53.48
N ALA G 380 26.91 12.13 53.82
CA ALA G 380 28.25 12.61 53.48
C ALA G 380 29.33 12.11 54.43
N ALA G 381 28.95 11.57 55.60
CA ALA G 381 29.92 11.10 56.58
C ALA G 381 30.69 9.87 56.13
N THR G 382 30.21 9.17 55.09
CA THR G 382 30.98 8.10 54.47
C THR G 382 32.15 8.60 53.64
N LEU G 383 32.25 9.91 53.38
CA LEU G 383 33.35 10.44 52.58
C LEU G 383 34.67 10.39 53.33
N HIS G 384 34.78 11.18 54.40
CA HIS G 384 36.01 11.26 55.18
C HIS G 384 36.28 10.03 56.01
N THR G 385 35.26 9.23 56.29
CA THR G 385 35.49 7.91 56.89
C THR G 385 35.70 6.88 55.78
N SER G 386 36.20 5.70 56.19
CA SER G 386 36.42 4.51 55.36
C SER G 386 37.33 4.80 54.16
N THR G 387 38.47 5.42 54.44
CA THR G 387 39.44 5.79 53.40
C THR G 387 40.30 4.58 53.07
N ALA G 388 39.73 3.64 52.34
CA ALA G 388 40.45 2.47 51.88
C ALA G 388 41.35 2.83 50.71
N MET G 389 42.49 2.16 50.63
CA MET G 389 43.51 2.45 49.63
C MET G 389 44.37 1.20 49.42
N ALA G 390 44.71 0.93 48.17
CA ALA G 390 45.38 -0.30 47.79
C ALA G 390 46.88 -0.17 47.64
N ALA G 391 47.35 0.99 47.20
CA ALA G 391 48.77 1.41 47.00
C ALA G 391 49.37 0.49 45.93
N GLN G 392 50.61 0.05 46.12
CA GLN G 392 51.36 -0.72 45.14
C GLN G 392 51.43 -2.18 45.56
N HIS G 393 51.72 -3.05 44.59
CA HIS G 393 51.77 -4.48 44.83
C HIS G 393 53.13 -5.10 44.65
N GLY G 394 53.97 -4.55 43.76
CA GLY G 394 55.27 -5.13 43.51
C GLY G 394 56.36 -4.10 43.30
N MET G 395 56.01 -2.82 43.43
CA MET G 395 56.95 -1.73 43.20
C MET G 395 57.65 -1.31 44.49
N ASP G 396 58.21 -2.27 45.21
CA ASP G 396 58.78 -1.98 46.53
C ASP G 396 60.13 -1.26 46.47
N ASP G 397 60.82 -1.31 45.33
CA ASP G 397 62.13 -0.68 45.22
C ASP G 397 62.01 0.84 45.20
N ASP G 398 63.11 1.51 45.59
CA ASP G 398 63.12 2.96 45.62
C ASP G 398 63.41 3.60 44.28
N GLY G 399 63.69 2.80 43.24
CA GLY G 399 63.67 3.31 41.88
C GLY G 399 64.99 3.79 41.34
N THR G 400 66.09 3.13 41.70
CA THR G 400 67.34 3.44 41.01
C THR G 400 67.38 2.73 39.66
N GLY G 401 67.38 1.40 39.70
CA GLY G 401 67.11 0.53 38.56
C GLY G 401 67.99 0.66 37.34
N GLN G 402 67.45 0.25 36.20
CA GLN G 402 68.11 0.45 34.91
C GLN G 402 66.99 0.64 33.89
N LYS G 403 66.83 1.86 33.40
CA LYS G 403 65.66 2.22 32.62
C LYS G 403 66.04 2.78 31.26
N GLN G 404 65.10 2.66 30.32
CA GLN G 404 65.25 3.20 28.98
C GLN G 404 64.00 4.00 28.65
N ILE G 405 64.19 5.23 28.16
CA ILE G 405 63.09 6.15 27.89
C ILE G 405 63.09 6.45 26.39
N TRP G 406 61.95 6.20 25.75
CA TRP G 406 61.73 6.50 24.34
C TRP G 406 60.67 7.59 24.23
N ARG G 407 60.81 8.42 23.21
CA ARG G 407 59.85 9.45 22.86
C ARG G 407 59.32 9.14 21.47
N ILE G 408 58.02 9.31 21.27
CA ILE G 408 57.40 9.04 19.97
C ILE G 408 57.38 10.33 19.15
N GLU G 409 58.08 10.32 18.01
CA GLU G 409 58.00 11.39 17.02
C GLU G 409 57.37 10.82 15.75
N GLY G 410 56.30 11.46 15.30
CA GLY G 410 55.60 11.04 14.09
C GLY G 410 55.03 9.65 14.18
N SER G 411 55.72 8.71 13.56
CA SER G 411 55.34 7.30 13.57
C SER G 411 56.48 6.41 14.03
N ASN G 412 57.40 6.92 14.84
CA ASN G 412 58.50 6.06 15.29
C ASN G 412 58.98 6.58 16.64
N LYS G 413 59.49 5.67 17.47
CA LYS G 413 60.08 6.07 18.73
C LYS G 413 61.59 6.18 18.61
N VAL G 414 62.16 7.15 19.32
CA VAL G 414 63.61 7.29 19.39
C VAL G 414 63.99 7.26 20.86
N PRO G 415 65.20 6.84 21.22
CA PRO G 415 65.66 7.04 22.59
C PRO G 415 65.93 8.51 22.86
N VAL G 416 65.67 8.92 24.10
CA VAL G 416 66.00 10.27 24.54
C VAL G 416 67.46 10.29 24.95
N ASP G 417 68.00 11.48 25.17
CA ASP G 417 69.39 11.60 25.61
C ASP G 417 69.51 11.13 27.05
N PRO G 418 70.54 10.33 27.37
CA PRO G 418 70.68 9.79 28.73
C PRO G 418 71.00 10.82 29.81
N ALA G 419 71.46 12.02 29.45
CA ALA G 419 71.57 13.08 30.45
C ALA G 419 70.22 13.67 30.82
N THR G 420 69.17 13.43 30.02
CA THR G 420 67.84 14.00 30.23
C THR G 420 66.86 12.84 30.47
N TYR G 421 66.74 12.41 31.73
CA TYR G 421 65.69 11.47 32.11
C TYR G 421 64.39 12.15 32.53
N GLY G 422 64.43 12.96 33.59
CA GLY G 422 63.20 13.50 34.13
C GLY G 422 62.81 14.84 33.54
N GLN G 423 62.98 14.99 32.23
CA GLN G 423 62.76 16.25 31.53
C GLN G 423 61.86 15.93 30.35
N PHE G 424 60.55 16.01 30.58
CA PHE G 424 59.57 15.63 29.57
C PHE G 424 58.98 16.87 28.91
N TYR G 425 58.36 16.65 27.76
CA TYR G 425 57.64 17.68 27.04
C TYR G 425 56.14 17.44 27.22
N GLY G 426 55.40 18.52 27.43
CA GLY G 426 53.97 18.40 27.70
C GLY G 426 53.16 17.99 26.50
N GLY G 427 53.67 18.22 25.29
CA GLY G 427 52.93 17.86 24.10
C GLY G 427 53.44 16.63 23.40
N ASP G 428 54.17 15.76 24.10
CA ASP G 428 54.73 14.54 23.53
C ASP G 428 54.28 13.32 24.34
N SER G 429 54.64 12.14 23.85
CA SER G 429 54.32 10.88 24.50
C SER G 429 55.58 10.02 24.63
N TYR G 430 55.69 9.34 25.77
CA TYR G 430 56.91 8.65 26.17
C TYR G 430 56.60 7.24 26.62
N ILE G 431 57.57 6.34 26.42
CA ILE G 431 57.54 4.98 26.94
C ILE G 431 58.76 4.80 27.83
N ILE G 432 58.57 4.26 29.03
CA ILE G 432 59.64 4.06 29.99
C ILE G 432 59.68 2.57 30.33
N LEU G 433 60.75 1.89 29.89
CA LEU G 433 60.98 0.51 30.29
C LEU G 433 61.88 0.51 31.51
N TYR G 434 61.51 -0.28 32.51
CA TYR G 434 62.20 -0.30 33.81
C TYR G 434 62.45 -1.73 34.23
N ASN G 435 63.67 -2.01 34.67
CA ASN G 435 64.08 -3.33 35.10
C ASN G 435 64.18 -3.36 36.63
N TYR G 436 63.64 -4.40 37.24
CA TYR G 436 63.84 -4.61 38.66
C TYR G 436 65.21 -5.21 38.92
N ARG G 437 66.01 -4.53 39.75
CA ARG G 437 67.18 -5.13 40.36
C ARG G 437 66.82 -5.86 41.64
N HIS G 438 65.59 -5.68 42.12
CA HIS G 438 65.13 -6.24 43.37
C HIS G 438 65.01 -7.76 43.28
N GLY G 439 65.25 -8.42 44.42
CA GLY G 439 65.29 -9.87 44.49
C GLY G 439 63.95 -10.57 44.42
N GLY G 440 62.84 -9.83 44.31
CA GLY G 440 61.54 -10.43 44.09
C GLY G 440 61.34 -10.84 42.65
N ARG G 441 61.96 -11.97 42.27
CA ARG G 441 62.01 -12.63 40.96
C ARG G 441 62.27 -11.73 39.74
N GLN G 442 63.02 -10.65 39.95
CA GLN G 442 63.33 -9.58 38.99
C GLN G 442 62.00 -9.02 38.47
N GLY G 443 61.79 -8.92 37.16
CA GLY G 443 60.57 -8.38 36.60
C GLY G 443 60.81 -7.04 35.92
N GLN G 444 59.87 -6.68 35.04
CA GLN G 444 60.00 -5.47 34.23
C GLN G 444 58.68 -4.71 34.23
N ILE G 445 58.76 -3.38 34.16
CA ILE G 445 57.61 -2.50 34.14
C ILE G 445 57.71 -1.62 32.90
N ILE G 446 56.63 -1.54 32.13
CA ILE G 446 56.56 -0.60 31.02
C ILE G 446 55.52 0.46 31.38
N TYR G 447 55.97 1.71 31.50
CA TYR G 447 55.08 2.84 31.73
C TYR G 447 54.85 3.56 30.42
N ASN G 448 53.62 4.00 30.19
CA ASN G 448 53.24 4.75 29.01
C ASN G 448 52.78 6.12 29.46
N TRP G 449 53.65 7.12 29.35
CA TRP G 449 53.37 8.48 29.80
C TRP G 449 52.80 9.31 28.66
N GLN G 450 51.69 9.97 28.93
CA GLN G 450 50.98 10.77 27.93
C GLN G 450 50.83 12.19 28.45
N GLY G 451 51.35 13.15 27.70
CA GLY G 451 51.21 14.55 28.08
C GLY G 451 49.81 15.07 27.83
N ALA G 452 49.47 16.14 28.55
CA ALA G 452 48.15 16.73 28.43
C ALA G 452 47.97 17.44 27.08
N GLN G 453 49.03 18.07 26.60
CA GLN G 453 48.96 18.77 25.33
C GLN G 453 49.20 17.85 24.13
N SER G 454 49.50 16.57 24.36
CA SER G 454 49.77 15.65 23.29
C SER G 454 48.49 15.32 22.51
N THR G 455 48.64 15.15 21.20
CA THR G 455 47.51 14.93 20.31
C THR G 455 47.18 13.44 20.22
N GLN G 456 46.19 13.11 19.38
CA GLN G 456 45.64 11.76 19.33
C GLN G 456 46.59 10.78 18.66
N ASP G 457 47.32 11.23 17.63
CA ASP G 457 48.23 10.36 16.90
C ASP G 457 49.39 9.89 17.76
N GLU G 458 49.91 10.77 18.61
CA GLU G 458 51.03 10.45 19.48
C GLU G 458 50.61 9.48 20.58
N VAL G 459 49.45 9.69 21.18
CA VAL G 459 49.01 8.80 22.26
C VAL G 459 48.59 7.44 21.72
N ALA G 460 48.01 7.40 20.51
CA ALA G 460 47.67 6.13 19.88
C ALA G 460 48.92 5.34 19.49
N ALA G 461 49.92 6.03 18.95
CA ALA G 461 51.19 5.38 18.62
C ALA G 461 51.93 4.93 19.85
N SER G 462 51.80 5.67 20.95
CA SER G 462 52.42 5.27 22.22
C SER G 462 51.79 4.00 22.77
N ALA G 463 50.46 3.88 22.67
CA ALA G 463 49.77 2.66 23.10
C ALA G 463 50.15 1.46 22.24
N ILE G 464 50.23 1.65 20.91
CA ILE G 464 50.55 0.55 20.01
C ILE G 464 51.99 0.10 20.19
N LEU G 465 52.94 1.04 20.30
CA LEU G 465 54.33 0.68 20.56
C LEU G 465 54.54 0.11 21.95
N THR G 466 53.72 0.50 22.93
CA THR G 466 53.77 -0.10 24.26
C THR G 466 53.35 -1.57 24.22
N ALA G 467 52.28 -1.88 23.48
CA ALA G 467 51.85 -3.27 23.32
C ALA G 467 52.85 -4.10 22.52
N GLN G 468 53.45 -3.51 21.48
CA GLN G 468 54.45 -4.21 20.69
C GLN G 468 55.73 -4.48 21.48
N LEU G 469 56.15 -3.52 22.31
CA LEU G 469 57.32 -3.70 23.15
C LEU G 469 57.05 -4.72 24.25
N ASP G 470 55.80 -4.80 24.72
CA ASP G 470 55.45 -5.85 25.67
C ASP G 470 55.52 -7.23 25.03
N GLU G 471 55.00 -7.36 23.82
CA GLU G 471 54.95 -8.70 23.22
C GLU G 471 56.31 -9.13 22.68
N GLU G 472 57.19 -8.21 22.29
CA GLU G 472 58.47 -8.67 21.75
C GLU G 472 59.51 -8.93 22.82
N LEU G 473 59.20 -8.68 24.09
CA LEU G 473 60.00 -9.16 25.21
C LEU G 473 59.43 -10.42 25.84
N GLY G 474 58.51 -11.09 25.17
CA GLY G 474 57.97 -12.35 25.65
C GLY G 474 56.75 -12.26 26.53
N GLY G 475 56.22 -11.05 26.75
CA GLY G 475 55.02 -10.89 27.55
C GLY G 475 55.25 -10.84 29.04
N THR G 476 56.48 -11.03 29.50
CA THR G 476 56.82 -10.91 30.91
C THR G 476 56.58 -9.53 31.57
N PRO G 477 56.84 -8.35 30.97
CA PRO G 477 56.51 -7.12 31.70
C PRO G 477 55.01 -6.84 31.73
N VAL G 478 54.62 -6.07 32.74
CA VAL G 478 53.24 -5.62 32.89
C VAL G 478 53.20 -4.12 32.61
N GLN G 479 52.08 -3.65 32.09
CA GLN G 479 51.95 -2.28 31.63
C GLN G 479 51.24 -1.42 32.66
N SER G 480 51.41 -0.10 32.50
CA SER G 480 50.71 0.86 33.36
C SER G 480 50.57 2.16 32.56
N ARG G 481 49.36 2.41 32.08
CA ARG G 481 49.06 3.69 31.44
C ARG G 481 49.04 4.79 32.48
N VAL G 482 49.75 5.89 32.19
CA VAL G 482 49.81 7.03 33.09
C VAL G 482 49.67 8.32 32.29
N VAL G 483 48.87 9.24 32.81
CA VAL G 483 48.70 10.55 32.20
C VAL G 483 49.39 11.58 33.10
N GLN G 484 49.48 12.80 32.60
CA GLN G 484 50.19 13.85 33.31
C GLN G 484 49.38 14.32 34.51
N GLY G 485 50.02 14.33 35.68
CA GLY G 485 49.37 14.67 36.92
C GLY G 485 48.90 13.51 37.75
N LYS G 486 48.81 12.31 37.18
CA LYS G 486 48.27 11.15 37.87
C LYS G 486 49.33 10.06 38.07
N GLU G 487 50.57 10.45 38.32
CA GLU G 487 51.64 9.47 38.42
C GLU G 487 51.59 8.74 39.76
N PRO G 488 51.97 7.48 39.82
CA PRO G 488 52.19 6.82 41.10
C PRO G 488 53.46 7.33 41.76
N ALA G 489 53.62 6.94 43.03
CA ALA G 489 54.82 7.32 43.78
C ALA G 489 56.07 6.62 43.26
N HIS G 490 55.92 5.43 42.68
CA HIS G 490 57.07 4.69 42.18
C HIS G 490 57.64 5.34 40.92
N LEU G 491 56.78 5.92 40.09
CA LEU G 491 57.24 6.56 38.86
C LEU G 491 58.02 7.83 39.15
N MET G 492 57.63 8.57 40.19
CA MET G 492 58.36 9.76 40.58
C MET G 492 59.71 9.43 41.19
N SER G 493 59.85 8.24 41.76
CA SER G 493 61.10 7.80 42.36
C SER G 493 62.06 7.20 41.35
N LEU G 494 61.71 7.15 40.06
CA LEU G 494 62.60 6.56 39.07
C LEU G 494 63.82 7.44 38.81
N PHE G 495 63.70 8.74 39.04
CA PHE G 495 64.79 9.66 38.72
C PHE G 495 65.71 9.91 39.90
N GLY G 496 65.42 9.36 41.08
CA GLY G 496 66.34 9.38 42.19
C GLY G 496 66.44 10.70 42.92
N GLY G 497 65.32 11.17 43.46
CA GLY G 497 65.28 12.43 44.19
C GLY G 497 65.22 13.67 43.32
N LYS G 498 65.27 13.52 42.01
CA LYS G 498 65.16 14.59 41.05
C LYS G 498 63.69 14.96 40.88
N PRO G 499 63.38 16.23 40.59
CA PRO G 499 62.01 16.58 40.23
C PRO G 499 61.68 16.21 38.80
N MET G 500 60.38 16.09 38.53
CA MET G 500 59.92 15.88 37.16
C MET G 500 59.75 17.23 36.48
N ILE G 501 60.58 17.51 35.49
CA ILE G 501 60.52 18.77 34.77
C ILE G 501 59.62 18.57 33.56
N ILE G 502 58.58 19.39 33.45
CA ILE G 502 57.65 19.34 32.32
C ILE G 502 57.80 20.64 31.54
N TYR G 503 58.22 20.52 30.29
CA TYR G 503 58.36 21.66 29.40
C TYR G 503 57.05 21.92 28.65
N LYS G 504 57.03 23.02 27.92
CA LYS G 504 55.88 23.43 27.14
C LYS G 504 56.17 23.25 25.66
N GLY G 505 55.23 22.66 24.94
CA GLY G 505 55.44 22.35 23.54
C GLY G 505 56.03 20.97 23.37
N GLY G 506 56.49 20.73 22.14
CA GLY G 506 57.08 19.45 21.82
C GLY G 506 57.14 19.26 20.32
N THR G 507 57.42 18.02 19.93
CA THR G 507 57.54 17.69 18.52
C THR G 507 56.16 17.52 17.88
N SER G 508 56.16 17.52 16.55
CA SER G 508 54.96 17.32 15.76
C SER G 508 55.37 16.83 14.37
N ARG G 509 54.39 16.32 13.63
CA ARG G 509 54.68 15.79 12.29
C ARG G 509 54.93 16.89 11.27
N GLU G 510 54.43 18.11 11.51
CA GLU G 510 54.54 19.18 10.54
C GLU G 510 55.44 20.34 10.99
N GLY G 511 55.72 20.46 12.28
CA GLY G 511 56.50 21.58 12.77
C GLY G 511 57.82 21.19 13.39
N GLY G 512 57.95 19.93 13.76
CA GLY G 512 59.15 19.48 14.43
C GLY G 512 59.23 19.99 15.85
N GLN G 513 60.46 20.06 16.35
CA GLN G 513 60.70 20.55 17.70
C GLN G 513 60.51 22.05 17.78
N THR G 514 59.71 22.49 18.75
CA THR G 514 59.47 23.91 18.95
C THR G 514 60.62 24.55 19.69
N ALA G 515 60.95 25.78 19.31
CA ALA G 515 61.99 26.53 19.99
C ALA G 515 61.50 26.99 21.36
N PRO G 516 62.36 26.97 22.38
CA PRO G 516 61.94 27.47 23.69
C PRO G 516 61.91 28.98 23.74
N ALA G 517 61.08 29.48 24.64
CA ALA G 517 60.87 30.92 24.79
C ALA G 517 62.06 31.56 25.48
N SER G 518 62.22 32.87 25.26
CA SER G 518 63.30 33.62 25.89
C SER G 518 63.10 33.76 27.39
N THR G 519 61.90 34.17 27.80
CA THR G 519 61.55 34.26 29.22
C THR G 519 60.68 33.08 29.58
N ARG G 520 61.16 32.23 30.48
CA ARG G 520 60.46 31.01 30.88
C ARG G 520 60.17 31.05 32.37
N LEU G 521 58.98 30.62 32.75
CA LEU G 521 58.58 30.61 34.16
C LEU G 521 58.17 29.19 34.55
N PHE G 522 58.64 28.76 35.71
CA PHE G 522 58.48 27.39 36.17
C PHE G 522 57.89 27.36 37.56
N GLN G 523 56.88 26.53 37.77
CA GLN G 523 56.21 26.37 39.05
C GLN G 523 56.57 25.01 39.64
N VAL G 524 56.98 24.99 40.90
CA VAL G 524 57.43 23.78 41.58
C VAL G 524 56.41 23.40 42.64
N ARG G 525 55.96 22.14 42.61
CA ARG G 525 55.09 21.56 43.62
C ARG G 525 55.73 20.35 44.25
N ALA G 526 55.36 20.07 45.49
CA ALA G 526 55.78 18.86 46.18
C ALA G 526 54.63 18.44 47.08
N ASN G 527 54.35 17.14 47.09
CA ASN G 527 53.25 16.61 47.91
C ASN G 527 53.72 16.36 49.35
N SER G 528 52.89 15.66 50.12
CA SER G 528 53.22 15.35 51.50
C SER G 528 54.35 14.32 51.59
N ALA G 529 54.40 13.38 50.63
CA ALA G 529 55.43 12.36 50.64
C ALA G 529 56.80 12.93 50.30
N GLY G 530 56.88 13.75 49.26
CA GLY G 530 58.16 14.31 48.85
C GLY G 530 58.36 14.33 47.35
N ALA G 531 57.47 13.66 46.63
CA ALA G 531 57.52 13.65 45.16
C ALA G 531 57.22 15.04 44.63
N THR G 532 58.02 15.48 43.66
CA THR G 532 58.01 16.88 43.28
C THR G 532 58.04 17.09 41.77
N ARG G 533 57.21 18.03 41.33
CA ARG G 533 57.06 18.40 39.93
C ARG G 533 57.53 19.83 39.73
N ALA G 534 57.87 20.15 38.49
CA ALA G 534 58.21 21.52 38.10
C ALA G 534 57.74 21.68 36.67
N VAL G 535 56.64 22.40 36.48
CA VAL G 535 56.02 22.54 35.17
C VAL G 535 56.27 23.94 34.65
N GLU G 536 56.27 24.07 33.32
CA GLU G 536 56.40 25.39 32.73
C GLU G 536 55.03 26.05 32.61
N VAL G 537 54.95 27.31 33.00
CA VAL G 537 53.73 28.11 32.92
C VAL G 537 54.07 29.40 32.18
N LEU G 538 53.02 30.07 31.70
CA LEU G 538 53.22 31.29 30.93
C LEU G 538 53.63 32.44 31.87
N PRO G 539 54.67 33.20 31.52
CA PRO G 539 55.24 34.16 32.47
C PRO G 539 54.52 35.51 32.61
N LYS G 540 53.45 35.50 33.40
CA LYS G 540 52.79 36.72 33.84
C LYS G 540 52.94 36.86 35.34
N ALA G 541 52.80 38.10 35.81
CA ALA G 541 52.90 38.38 37.24
C ALA G 541 51.72 37.80 38.02
N GLY G 542 50.58 37.61 37.39
CA GLY G 542 49.43 37.05 38.07
C GLY G 542 49.43 35.54 38.24
N ALA G 543 50.43 34.86 37.69
CA ALA G 543 50.50 33.41 37.76
C ALA G 543 51.30 32.91 38.97
N LEU G 544 51.77 33.81 39.82
CA LEU G 544 52.58 33.41 40.97
C LEU G 544 51.68 32.89 42.08
N ASN G 545 52.08 31.75 42.66
CA ASN G 545 51.36 31.12 43.75
C ASN G 545 52.22 31.23 45.00
N SER G 546 51.63 31.75 46.07
CA SER G 546 52.38 32.06 47.29
C SER G 546 52.77 30.80 48.08
N ASN G 547 52.13 29.68 47.82
CA ASN G 547 52.51 28.42 48.45
C ASN G 547 53.73 27.82 47.77
N ASP G 548 54.06 28.25 46.56
CA ASP G 548 54.93 27.51 45.68
C ASP G 548 56.32 28.16 45.59
N ALA G 549 57.22 27.45 44.90
CA ALA G 549 58.52 27.97 44.53
C ALA G 549 58.57 28.18 43.03
N PHE G 550 58.95 29.37 42.60
CA PHE G 550 58.94 29.70 41.18
C PHE G 550 60.35 29.97 40.69
N VAL G 551 60.58 29.67 39.42
CA VAL G 551 61.89 29.80 38.78
C VAL G 551 61.69 30.63 37.52
N LEU G 552 62.39 31.74 37.41
CA LEU G 552 62.31 32.61 36.25
C LEU G 552 63.63 32.60 35.51
N LYS G 553 63.58 32.26 34.23
CA LYS G 553 64.77 32.22 33.38
C LYS G 553 64.60 33.26 32.29
N THR G 554 65.38 34.32 32.38
CA THR G 554 65.48 35.41 31.43
C THR G 554 66.83 35.31 30.73
N PRO G 555 67.00 35.87 29.52
CA PRO G 555 68.35 35.85 28.92
C PRO G 555 69.32 36.85 29.50
N SER G 556 68.91 37.68 30.46
CA SER G 556 69.84 38.48 31.25
C SER G 556 70.28 37.77 32.52
N ALA G 557 69.34 37.28 33.31
CA ALA G 557 69.65 36.68 34.61
C ALA G 557 68.59 35.64 34.96
N ALA G 558 68.66 35.12 36.18
CA ALA G 558 67.70 34.13 36.66
C ALA G 558 67.24 34.49 38.07
N TYR G 559 66.04 34.05 38.40
CA TYR G 559 65.40 34.39 39.66
C TYR G 559 64.80 33.15 40.29
N LEU G 560 64.94 33.02 41.60
CA LEU G 560 64.37 31.89 42.34
C LEU G 560 63.49 32.50 43.44
N TRP G 561 62.18 32.52 43.19
CA TRP G 561 61.24 33.22 44.05
C TRP G 561 60.57 32.23 44.99
N VAL G 562 60.61 32.54 46.29
CA VAL G 562 60.15 31.64 47.34
C VAL G 562 59.00 32.30 48.07
N GLY G 563 57.85 31.61 48.14
CA GLY G 563 56.74 32.07 48.95
C GLY G 563 56.84 31.58 50.38
N THR G 564 55.89 32.04 51.21
CA THR G 564 55.91 31.70 52.62
C THR G 564 55.45 30.27 52.89
N GLY G 565 54.73 29.65 51.96
CA GLY G 565 54.27 28.29 52.13
C GLY G 565 55.13 27.23 51.48
N ALA G 566 56.33 27.58 51.03
CA ALA G 566 57.15 26.65 50.26
C ALA G 566 57.89 25.69 51.19
N SER G 567 57.77 24.40 50.91
CA SER G 567 58.51 23.39 51.65
C SER G 567 59.96 23.36 51.19
N GLU G 568 60.80 22.64 51.95
CA GLU G 568 62.21 22.54 51.63
C GLU G 568 62.45 21.71 50.38
N ALA G 569 61.59 20.72 50.13
CA ALA G 569 61.67 19.91 48.92
C ALA G 569 61.43 20.75 47.67
N GLU G 570 60.56 21.76 47.78
CA GLU G 570 60.32 22.69 46.69
C GLU G 570 61.54 23.55 46.39
N LYS G 571 62.26 23.98 47.43
CA LYS G 571 63.48 24.76 47.22
C LYS G 571 64.61 23.90 46.64
N THR G 572 64.75 22.66 47.09
CA THR G 572 65.75 21.77 46.52
C THR G 572 65.44 21.42 45.07
N GLY G 573 64.16 21.20 44.75
CA GLY G 573 63.77 21.00 43.36
C GLY G 573 63.97 22.22 42.50
N ALA G 574 63.77 23.41 43.08
CA ALA G 574 64.01 24.67 42.36
C ALA G 574 65.49 24.86 42.05
N GLN G 575 66.38 24.61 43.01
CA GLN G 575 67.81 24.77 42.73
C GLN G 575 68.34 23.65 41.83
N GLU G 576 67.71 22.48 41.88
CA GLU G 576 68.04 21.42 40.93
C GLU G 576 67.65 21.81 39.51
N LEU G 577 66.49 22.47 39.37
CA LEU G 577 66.07 23.00 38.07
C LEU G 577 66.98 24.13 37.59
N LEU G 578 67.49 24.95 38.51
CA LEU G 578 68.50 25.95 38.17
C LEU G 578 69.77 25.32 37.63
N ARG G 579 70.22 24.22 38.24
CA ARG G 579 71.42 23.54 37.73
C ARG G 579 71.13 22.82 36.42
N VAL G 580 69.87 22.40 36.20
CA VAL G 580 69.44 21.88 34.90
C VAL G 580 69.50 22.96 33.82
N LEU G 581 69.01 24.16 34.13
CA LEU G 581 68.96 25.22 33.14
C LEU G 581 70.27 25.99 32.98
N ARG G 582 71.29 25.65 33.78
CA ARG G 582 72.63 26.27 33.80
C ARG G 582 72.55 27.78 34.06
N ALA G 583 72.08 28.11 35.27
CA ALA G 583 71.94 29.49 35.65
C ALA G 583 72.19 29.65 37.15
N GLN G 584 72.52 30.88 37.54
CA GLN G 584 72.81 31.21 38.93
C GLN G 584 71.76 32.17 39.46
N PRO G 585 70.91 31.77 40.41
CA PRO G 585 69.85 32.65 40.90
C PRO G 585 70.38 33.63 41.94
N VAL G 586 69.48 34.49 42.42
CA VAL G 586 69.81 35.52 43.40
C VAL G 586 68.97 35.42 44.66
N GLN G 587 68.10 34.40 44.77
CA GLN G 587 67.30 34.04 45.95
C GLN G 587 66.36 35.18 46.36
N VAL G 588 65.34 35.35 45.53
CA VAL G 588 64.29 36.33 45.81
C VAL G 588 63.30 35.72 46.80
N ALA G 589 62.89 36.51 47.79
CA ALA G 589 61.90 36.10 48.77
C ALA G 589 60.60 36.89 48.56
N GLU G 590 59.55 36.41 49.19
CA GLU G 590 58.23 37.04 49.08
C GLU G 590 58.17 38.32 49.90
N GLY G 591 57.67 39.39 49.30
CA GLY G 591 57.58 40.67 49.95
C GLY G 591 58.81 41.54 49.85
N SER G 592 59.92 41.01 49.33
CA SER G 592 61.17 41.74 49.18
C SER G 592 61.68 41.61 47.76
N GLU G 593 60.78 41.65 46.80
CA GLU G 593 61.15 41.49 45.40
C GLU G 593 61.83 42.75 44.88
N PRO G 594 62.87 42.62 44.07
CA PRO G 594 63.45 43.80 43.42
C PRO G 594 62.58 44.26 42.26
N ASP G 595 62.92 45.44 41.74
CA ASP G 595 62.21 45.99 40.59
C ASP G 595 62.56 45.26 39.31
N GLY G 596 63.77 44.69 39.26
CA GLY G 596 64.20 43.94 38.08
C GLY G 596 63.38 42.68 37.86
N PHE G 597 62.98 42.03 38.95
CA PHE G 597 62.10 40.86 38.89
C PHE G 597 60.73 41.22 38.31
N TRP G 598 60.17 42.35 38.74
CA TRP G 598 58.85 42.77 38.29
C TRP G 598 58.87 43.25 36.84
N GLU G 599 59.94 43.93 36.42
CA GLU G 599 60.02 44.27 35.00
C GLU G 599 60.41 43.06 34.15
N ALA G 600 61.01 42.04 34.75
CA ALA G 600 61.22 40.78 34.02
C ALA G 600 59.90 40.07 33.76
N LEU G 601 59.00 40.06 34.75
CA LEU G 601 57.65 39.57 34.48
C LEU G 601 56.86 40.52 33.60
N GLY G 602 57.15 41.82 33.67
CA GLY G 602 56.34 42.80 32.97
C GLY G 602 55.06 43.16 33.68
N GLY G 603 55.02 43.03 35.00
CA GLY G 603 53.83 43.31 35.77
C GLY G 603 54.22 43.80 37.15
N LYS G 604 53.21 44.16 37.94
CA LYS G 604 53.44 44.77 39.24
C LYS G 604 52.97 43.89 40.39
N ALA G 605 51.72 43.45 40.36
CA ALA G 605 51.10 42.86 41.55
C ALA G 605 49.95 41.95 41.11
N ALA G 606 49.05 41.66 42.06
CA ALA G 606 47.81 40.88 41.90
C ALA G 606 48.09 39.45 41.43
N TYR G 607 48.81 38.73 42.27
CA TYR G 607 49.00 37.29 42.11
C TYR G 607 48.12 36.55 43.12
N ARG G 608 48.26 35.23 43.15
CA ARG G 608 47.34 34.36 43.87
C ARG G 608 47.72 34.30 45.34
N THR G 609 46.84 34.80 46.21
CA THR G 609 47.16 34.97 47.62
C THR G 609 45.91 34.72 48.47
N SER G 610 46.02 33.81 49.43
CA SER G 610 45.01 33.60 50.45
C SER G 610 45.78 33.35 51.74
N PRO G 611 45.20 33.61 52.92
CA PRO G 611 45.92 33.25 54.17
C PRO G 611 46.10 31.75 54.39
N ARG G 612 45.33 30.90 53.72
CA ARG G 612 45.62 29.47 53.78
C ARG G 612 46.86 29.12 52.96
N LEU G 613 47.07 29.80 51.83
CA LEU G 613 48.27 29.58 51.04
C LEU G 613 49.49 30.25 51.68
N LYS G 614 49.28 31.27 52.52
CA LYS G 614 50.37 31.79 53.35
C LYS G 614 50.88 30.76 54.34
N ASP G 615 50.00 29.91 54.85
CA ASP G 615 50.31 29.04 55.98
C ASP G 615 51.29 27.94 55.59
N LYS G 616 52.24 27.69 56.48
CA LYS G 616 53.27 26.68 56.25
C LYS G 616 52.71 25.27 56.38
N LYS G 617 51.81 25.06 57.31
CA LYS G 617 51.34 23.72 57.66
C LYS G 617 50.29 23.27 56.65
N MET G 618 50.71 22.48 55.66
CA MET G 618 49.77 21.87 54.72
C MET G 618 50.05 20.41 54.44
N ASP G 619 51.20 19.86 54.86
CA ASP G 619 51.48 18.44 54.67
C ASP G 619 50.58 17.57 55.53
N ALA G 620 50.27 18.03 56.74
CA ALA G 620 49.38 17.28 57.62
C ALA G 620 47.95 17.29 57.12
N HIS G 621 47.51 18.38 56.49
CA HIS G 621 46.15 18.52 55.96
C HIS G 621 46.21 18.84 54.47
N PRO G 622 46.17 17.83 53.60
CA PRO G 622 46.05 18.09 52.15
C PRO G 622 44.70 18.71 51.81
N PRO G 623 44.61 19.48 50.74
CA PRO G 623 43.29 19.88 50.24
C PRO G 623 42.65 18.79 49.39
N ARG G 624 41.37 18.57 49.60
CA ARG G 624 40.68 17.41 49.06
C ARG G 624 39.58 17.86 48.10
N LEU G 625 39.58 17.26 46.91
CA LEU G 625 38.67 17.65 45.84
C LEU G 625 37.63 16.55 45.63
N PHE G 626 36.38 16.95 45.39
CA PHE G 626 35.23 16.06 45.38
C PHE G 626 34.36 16.35 44.17
N ALA G 627 33.79 15.29 43.57
CA ALA G 627 32.91 15.40 42.42
C ALA G 627 31.49 15.03 42.85
N CYS G 628 30.53 15.90 42.52
CA CYS G 628 29.14 15.78 42.89
C CYS G 628 28.31 15.65 41.61
N SER G 629 27.53 14.59 41.50
CA SER G 629 26.74 14.38 40.29
C SER G 629 25.45 13.65 40.63
N ASN G 630 24.50 13.73 39.71
CA ASN G 630 23.27 12.92 39.80
C ASN G 630 22.92 12.31 38.45
N LYS G 631 23.91 12.11 37.58
CA LYS G 631 23.67 11.63 36.24
C LYS G 631 23.33 10.14 36.17
N ILE G 632 23.49 9.41 37.27
CA ILE G 632 23.00 8.03 37.34
C ILE G 632 21.64 8.02 38.03
N GLY G 633 21.04 9.19 38.18
CA GLY G 633 19.77 9.33 38.90
C GLY G 633 19.91 9.58 40.39
N ARG G 634 20.77 8.81 41.05
CA ARG G 634 21.09 9.00 42.45
C ARG G 634 22.25 9.98 42.58
N PHE G 635 22.16 10.88 43.56
CA PHE G 635 23.22 11.85 43.77
C PHE G 635 24.37 11.18 44.51
N VAL G 636 25.59 11.30 43.97
CA VAL G 636 26.79 10.68 44.50
C VAL G 636 27.90 11.73 44.54
N ILE G 637 28.64 11.77 45.67
CA ILE G 637 29.92 12.45 45.75
C ILE G 637 31.01 11.37 45.73
N GLU G 638 32.03 11.59 44.90
CA GLU G 638 33.21 10.73 44.86
C GLU G 638 34.48 11.54 45.04
N GLU G 639 35.51 10.86 45.52
CA GLU G 639 36.87 11.37 45.51
C GLU G 639 37.41 11.46 44.09
N VAL G 640 38.43 12.28 43.91
CA VAL G 640 39.33 12.19 42.77
C VAL G 640 40.76 11.98 43.28
N PRO G 641 41.39 10.87 42.95
CA PRO G 641 42.79 10.66 43.37
C PRO G 641 43.74 11.58 42.62
N GLY G 642 44.91 11.78 43.22
CA GLY G 642 45.94 12.59 42.60
C GLY G 642 45.71 14.08 42.82
N GLU G 643 46.65 14.86 42.33
CA GLU G 643 46.60 16.30 42.54
C GLU G 643 45.81 16.98 41.43
N LEU G 644 45.69 18.30 41.56
CA LEU G 644 44.60 19.06 40.98
C LEU G 644 45.01 19.74 39.68
N MET G 645 44.27 19.47 38.60
CA MET G 645 44.42 20.16 37.33
C MET G 645 43.04 20.44 36.73
N GLN G 646 43.05 20.87 35.47
CA GLN G 646 41.84 21.32 34.79
C GLN G 646 40.87 20.19 34.50
N GLU G 647 41.38 19.03 34.07
CA GLU G 647 40.53 17.94 33.60
C GLU G 647 39.75 17.28 34.74
N ASP G 648 40.18 17.46 35.98
CA ASP G 648 39.40 17.01 37.13
C ASP G 648 38.11 17.82 37.27
N LEU G 649 38.14 19.10 36.90
CA LEU G 649 36.98 19.97 37.00
C LEU G 649 36.01 19.64 35.87
N ALA G 650 34.85 19.09 36.23
CA ALA G 650 33.86 18.65 35.26
C ALA G 650 32.82 19.74 35.04
N THR G 651 32.51 20.01 33.77
CA THR G 651 31.56 21.06 33.43
C THR G 651 30.13 20.67 33.78
N ASP G 652 29.78 19.41 33.55
CA ASP G 652 28.42 18.94 33.79
C ASP G 652 28.13 18.61 35.26
N ASP G 653 29.10 18.74 36.15
CA ASP G 653 28.97 18.31 37.54
C ASP G 653 29.39 19.43 38.47
N VAL G 654 29.08 19.27 39.75
CA VAL G 654 29.43 20.25 40.76
C VAL G 654 30.67 19.72 41.49
N MET G 655 31.53 20.62 41.97
CA MET G 655 32.79 20.22 42.56
C MET G 655 32.93 20.88 43.92
N LEU G 656 33.57 20.19 44.86
CA LEU G 656 33.87 20.74 46.18
C LEU G 656 35.36 20.66 46.46
N LEU G 657 35.91 21.73 47.02
CA LEU G 657 37.30 21.74 47.44
C LEU G 657 37.35 22.06 48.93
N ASP G 658 37.91 21.13 49.71
CA ASP G 658 38.08 21.31 51.14
C ASP G 658 39.52 21.70 51.43
N THR G 659 39.70 22.88 52.07
CA THR G 659 41.01 23.44 52.36
C THR G 659 41.19 23.71 53.85
N TRP G 660 40.36 23.11 54.70
CA TRP G 660 40.31 23.11 56.17
C TRP G 660 39.83 24.45 56.77
N ASP G 661 39.76 25.53 55.99
CA ASP G 661 39.22 26.76 56.52
C ASP G 661 38.14 27.40 55.66
N GLN G 662 37.95 26.93 54.43
CA GLN G 662 36.94 27.50 53.53
C GLN G 662 36.66 26.45 52.47
N VAL G 663 35.43 25.95 52.44
CA VAL G 663 35.03 24.90 51.50
C VAL G 663 34.47 25.56 50.25
N PHE G 664 35.17 25.43 49.14
CA PHE G 664 34.72 26.00 47.88
C PHE G 664 33.71 25.08 47.21
N VAL G 665 32.65 25.68 46.68
CA VAL G 665 31.67 25.00 45.85
C VAL G 665 31.73 25.60 44.46
N TRP G 666 31.97 24.76 43.46
CA TRP G 666 32.23 25.19 42.10
C TRP G 666 31.20 24.55 41.19
N VAL G 667 30.53 25.36 40.38
CA VAL G 667 29.49 24.88 39.48
C VAL G 667 29.91 25.17 38.04
N GLY G 668 29.45 24.31 37.12
CA GLY G 668 29.76 24.47 35.72
C GLY G 668 28.76 25.37 35.02
N LYS G 669 28.91 25.43 33.68
CA LYS G 669 27.94 26.14 32.86
C LYS G 669 26.61 25.41 32.83
N ASP G 670 26.64 24.09 32.64
CA ASP G 670 25.44 23.28 32.49
C ASP G 670 25.20 22.33 33.66
N SER G 671 25.46 22.81 34.88
CA SER G 671 25.14 22.06 36.09
C SER G 671 23.73 22.41 36.55
N GLN G 672 23.01 21.38 37.02
CA GLN G 672 21.63 21.57 37.46
C GLN G 672 21.60 22.24 38.83
N GLU G 673 20.47 22.90 39.12
CA GLU G 673 20.39 23.70 40.33
C GLU G 673 20.13 22.85 41.58
N GLU G 674 19.45 21.72 41.43
CA GLU G 674 19.26 20.83 42.58
C GLU G 674 20.54 20.13 42.96
N GLU G 675 21.44 19.92 41.98
CA GLU G 675 22.81 19.51 42.26
C GLU G 675 23.52 20.51 43.15
N LYS G 676 23.36 21.80 42.83
CA LYS G 676 23.97 22.89 43.58
C LYS G 676 23.44 22.96 45.01
N THR G 677 22.12 22.93 45.18
CA THR G 677 21.52 23.10 46.52
C THR G 677 21.79 21.89 47.41
N GLU G 678 21.60 20.68 46.89
CA GLU G 678 21.82 19.53 47.75
C GLU G 678 23.32 19.25 47.91
N ALA G 679 24.17 19.78 47.02
CA ALA G 679 25.61 19.78 47.26
C ALA G 679 26.01 20.75 48.36
N LEU G 680 25.30 21.89 48.47
CA LEU G 680 25.52 22.81 49.59
C LEU G 680 25.20 22.15 50.92
N THR G 681 24.08 21.42 50.97
CA THR G 681 23.69 20.71 52.19
C THR G 681 24.67 19.56 52.50
N SER G 682 25.13 18.86 51.46
CA SER G 682 26.10 17.79 51.64
C SER G 682 27.45 18.30 52.12
N ALA G 683 27.87 19.48 51.63
CA ALA G 683 29.11 20.09 52.07
C ALA G 683 29.03 20.52 53.53
N LYS G 684 27.87 21.05 53.94
CA LYS G 684 27.64 21.39 55.35
C LYS G 684 27.72 20.16 56.25
N ARG G 685 27.01 19.09 55.87
CA ARG G 685 27.04 17.83 56.65
C ARG G 685 28.42 17.19 56.66
N TYR G 686 29.20 17.38 55.58
CA TYR G 686 30.60 16.96 55.59
C TYR G 686 31.43 17.78 56.57
N ILE G 687 31.07 19.05 56.77
CA ILE G 687 31.79 19.86 57.76
C ILE G 687 31.48 19.41 59.19
N GLU G 688 30.20 19.15 59.55
CA GLU G 688 29.97 18.78 60.96
C GLU G 688 30.44 17.36 61.31
N THR G 689 30.52 16.45 60.34
CA THR G 689 30.78 15.05 60.66
C THR G 689 32.24 14.65 60.64
N ASP G 690 33.17 15.59 60.46
CA ASP G 690 34.60 15.28 60.45
C ASP G 690 35.08 14.85 61.84
N PRO G 691 36.05 13.87 61.90
CA PRO G 691 36.48 13.35 63.21
C PRO G 691 37.26 14.33 64.05
N ALA G 692 38.24 15.01 63.47
CA ALA G 692 38.86 16.15 64.13
C ALA G 692 37.86 17.29 64.10
N ASN G 693 37.55 17.84 65.28
CA ASN G 693 36.56 18.90 65.38
C ASN G 693 37.11 20.20 64.82
N ARG G 694 36.33 20.79 63.91
CA ARG G 694 36.69 22.04 63.27
C ARG G 694 35.56 23.04 63.52
N ASP G 695 35.76 24.27 63.04
CA ASP G 695 34.80 25.34 63.27
C ASP G 695 33.52 25.09 62.48
N ARG G 696 32.38 25.16 63.18
CA ARG G 696 31.09 24.87 62.57
C ARG G 696 30.66 25.95 61.60
N ARG G 697 31.18 27.17 61.74
CA ARG G 697 30.88 28.27 60.84
C ARG G 697 31.94 28.43 59.76
N THR G 698 32.51 27.32 59.28
CA THR G 698 33.40 27.32 58.14
C THR G 698 32.63 27.75 56.91
N PRO G 699 33.04 28.82 56.22
CA PRO G 699 32.15 29.43 55.21
C PRO G 699 32.09 28.64 53.91
N ILE G 700 30.90 28.61 53.34
CA ILE G 700 30.66 28.00 52.03
C ILE G 700 30.59 29.12 51.01
N THR G 701 31.52 29.12 50.06
CA THR G 701 31.57 30.14 49.03
C THR G 701 31.29 29.51 47.67
N VAL G 702 30.31 30.07 46.98
CA VAL G 702 29.88 29.57 45.68
C VAL G 702 30.77 30.18 44.60
N VAL G 703 31.36 29.33 43.77
CA VAL G 703 32.25 29.74 42.70
C VAL G 703 31.62 29.37 41.37
N LYS G 704 31.58 30.31 40.45
CA LYS G 704 31.04 30.08 39.12
C LYS G 704 32.17 29.71 38.17
N GLN G 705 31.80 29.06 37.06
CA GLN G 705 32.79 28.76 36.02
C GLN G 705 33.18 30.02 35.29
N GLY G 706 34.50 30.23 35.14
CA GLY G 706 35.03 31.38 34.46
C GLY G 706 35.23 32.60 35.34
N PHE G 707 34.63 32.62 36.53
CA PHE G 707 34.81 33.69 37.50
C PHE G 707 35.25 33.02 38.80
N GLU G 708 36.55 32.79 38.94
CA GLU G 708 37.09 32.13 40.10
C GLU G 708 37.99 33.09 40.86
N PRO G 709 37.92 33.15 42.19
CA PRO G 709 38.87 33.96 42.95
C PRO G 709 40.25 33.30 42.95
N PRO G 710 41.32 34.07 43.19
CA PRO G 710 42.66 33.46 43.26
C PRO G 710 42.87 32.49 44.41
N SER G 711 42.05 32.58 45.46
CA SER G 711 42.09 31.62 46.56
C SER G 711 41.71 30.22 46.10
N PHE G 712 40.75 30.13 45.18
CA PHE G 712 40.40 28.85 44.59
C PHE G 712 41.47 28.38 43.61
N VAL G 713 41.98 29.30 42.78
CA VAL G 713 42.86 28.97 41.67
C VAL G 713 44.23 28.52 42.16
N GLY G 714 44.70 29.08 43.28
CA GLY G 714 46.06 28.85 43.77
C GLY G 714 46.35 27.42 44.24
N TRP G 715 45.33 26.59 44.41
CA TRP G 715 45.54 25.19 44.77
C TRP G 715 45.74 24.28 43.57
N PHE G 716 45.68 24.82 42.35
CA PHE G 716 45.75 24.01 41.14
C PHE G 716 47.11 24.19 40.49
N LEU G 717 47.72 23.08 40.11
CA LEU G 717 49.02 23.10 39.44
C LEU G 717 48.81 23.44 37.97
N GLY G 718 49.30 24.61 37.57
CA GLY G 718 49.21 25.03 36.18
C GLY G 718 47.81 25.40 35.74
N TRP G 719 47.29 26.51 36.25
CA TRP G 719 46.01 27.01 35.78
C TRP G 719 46.13 27.56 34.37
N ASP G 720 45.12 27.30 33.55
CA ASP G 720 45.01 27.89 32.22
C ASP G 720 43.72 28.70 32.22
N ASP G 721 43.82 29.99 31.90
CA ASP G 721 42.64 30.84 31.85
C ASP G 721 41.74 30.51 30.67
N ASP G 722 42.33 30.12 29.54
CA ASP G 722 41.58 29.86 28.31
C ASP G 722 41.41 28.38 28.03
N TYR G 723 41.23 27.57 29.08
CA TYR G 723 41.05 26.14 28.87
C TYR G 723 39.66 25.84 28.34
N TRP G 724 38.63 26.32 29.03
CA TRP G 724 37.26 26.04 28.62
C TRP G 724 36.80 26.88 27.44
N SER G 725 37.35 28.08 27.28
CA SER G 725 36.96 28.95 26.17
C SER G 725 37.56 28.45 24.87
N VAL G 726 36.70 28.17 23.90
CA VAL G 726 37.13 27.61 22.61
C VAL G 726 37.84 28.67 21.77
PB ADP H . -41.06 33.84 -70.84
O1B ADP H . -41.72 34.39 -69.61
O2B ADP H . -42.03 33.26 -71.83
O3B ADP H . -39.87 32.97 -70.57
PA ADP H . -39.37 36.11 -70.91
O1A ADP H . -38.29 36.37 -71.93
O2A ADP H . -38.99 35.55 -69.56
O3A ADP H . -40.45 35.13 -71.59
O5' ADP H . -40.17 37.49 -70.70
C5' ADP H . -41.59 37.56 -70.76
C4' ADP H . -42.05 38.86 -70.11
O4' ADP H . -40.99 39.82 -70.09
C3' ADP H . -43.19 39.50 -70.87
O3' ADP H . -44.40 39.39 -70.10
C2' ADP H . -42.84 40.96 -70.98
O2' ADP H . -43.85 41.76 -70.35
C1' ADP H . -41.54 41.13 -70.24
N9 ADP H . -40.62 41.99 -71.02
C8 ADP H . -40.05 41.66 -72.20
N7 ADP H . -39.28 42.68 -72.66
C5 ADP H . -39.34 43.67 -71.75
C6 ADP H . -38.77 45.02 -71.61
N6 ADP H . -37.93 45.53 -72.56
N1 ADP H . -39.09 45.74 -70.51
C2 ADP H . -39.91 45.24 -69.57
N3 ADP H . -40.47 44.03 -69.64
C4 ADP H . -40.23 43.21 -70.68
CA CA I . -38.35 32.51 -68.75
PB ADP J . -48.35 23.03 -28.57
O1B ADP J . -47.28 22.78 -29.58
O2B ADP J . -48.82 24.46 -28.53
O3B ADP J . -48.07 22.44 -27.23
PA ADP J . -49.78 20.65 -29.24
O1A ADP J . -51.07 20.26 -28.58
O2A ADP J . -48.51 20.00 -28.78
O3A ADP J . -49.66 22.25 -29.11
O5' ADP J . -49.97 20.41 -30.82
C5' ADP J . -49.19 21.11 -31.77
C4' ADP J . -49.18 20.36 -33.11
O4' ADP J . -49.80 19.08 -33.00
C3' ADP J . -49.95 21.10 -34.18
O3' ADP J . -49.03 21.71 -35.09
C2' ADP J . -50.74 20.04 -34.92
O2' ADP J . -50.37 20.04 -36.30
C1' ADP J . -50.35 18.73 -34.27
N9 ADP J . -51.54 17.87 -34.15
C8 ADP J . -52.61 18.09 -33.36
N7 ADP J . -53.52 17.11 -33.49
C5 ADP J . -53.04 16.22 -34.38
C6 ADP J . -53.51 14.96 -34.98
N6 ADP J . -54.69 14.41 -34.64
N1 ADP J . -52.69 14.35 -35.87
C2 ADP J . -51.50 14.88 -36.21
N3 ADP J . -51.03 16.02 -35.72
C4 ADP J . -51.74 16.74 -34.81
CA CA K . -46.44 21.22 -25.93
PB ADP L . -4.56 17.93 -31.56
O1B ADP L . -5.53 17.77 -30.44
O2B ADP L . -5.15 17.53 -32.89
O3B ADP L . -3.19 17.38 -31.28
PA ADP L . -3.80 20.47 -30.56
O1A ADP L . -2.77 21.37 -31.16
O2A ADP L . -3.44 19.61 -29.39
O3A ADP L . -4.35 19.51 -31.73
O5' ADP L . -5.07 21.40 -30.20
C5' ADP L . -6.40 21.02 -30.55
C4' ADP L . -7.39 21.89 -29.78
O4' ADP L . -6.74 23.02 -29.20
C3' ADP L . -8.45 22.45 -30.71
O3' ADP L . -9.69 21.79 -30.44
C2' ADP L . -8.60 23.90 -30.35
O2' ADP L . -9.92 24.14 -29.92
C1' ADP L . -7.64 24.12 -29.19
N9 ADP L . -6.90 25.40 -29.35
C8 ADP L . -5.96 25.64 -30.27
N7 ADP L . -5.48 26.90 -30.15
C5 ADP L . -6.12 27.47 -29.12
C6 ADP L . -6.09 28.79 -28.46
N6 ADP L . -5.25 29.76 -28.88
N1 ADP L . -6.92 28.99 -27.42
C2 ADP L . -7.75 28.03 -26.98
N3 ADP L . -7.84 26.81 -27.55
C4 ADP L . -7.05 26.48 -28.60
CA CA M . -1.85 17.27 -29.26
PB ADP N . -14.10 -6.94 3.88
O1B ADP N . -12.79 -6.66 3.20
O2B ADP N . -15.01 -5.75 3.92
O3B ADP N . -13.97 -7.65 5.20
PA ADP N . -14.30 -9.44 2.59
O1A ADP N . -15.41 -10.43 2.84
O2A ADP N . -12.99 -9.62 3.31
O3A ADP N . -14.87 -7.97 2.93
O5' ADP N . -14.03 -9.40 1.02
C5' ADP N . -14.09 -8.18 0.28
C4' ADP N . -13.43 -8.39 -1.07
O4' ADP N . -13.49 -9.75 -1.48
C3' ADP N . -14.13 -7.59 -2.15
O3' ADP N . -13.30 -6.51 -2.55
C2' ADP N . -14.27 -8.53 -3.33
O2' ADP N . -13.61 -7.97 -4.44
C1' ADP N . -13.58 -9.80 -2.90
N9 ADP N . -14.36 -10.97 -3.36
C8 ADP N . -15.58 -11.33 -2.93
N7 ADP N . -16.01 -12.45 -3.56
C5 ADP N . -15.05 -12.81 -4.42
C6 ADP N . -14.85 -13.90 -5.41
N6 ADP N . -15.80 -14.85 -5.59
N1 ADP N . -13.70 -13.91 -6.10
C2 ADP N . -12.76 -12.98 -5.93
N3 ADP N . -12.86 -11.97 -5.05
C4 ADP N . -13.97 -11.83 -4.30
CA CA O . -12.05 -8.66 6.38
PB ADP P . 29.08 0.92 10.36
O1B ADP P . 28.03 0.33 11.25
O2B ADP P . 28.77 0.77 8.90
O3B ADP P . 30.49 0.53 10.73
PA ADP P . 29.06 3.16 12.06
O1A ADP P . 29.75 4.49 11.92
O2A ADP P . 29.61 2.12 13.01
O3A ADP P . 28.98 2.50 10.60
O5' ADP P . 27.53 3.45 12.43
C5' ADP P . 26.49 3.38 11.46
C4' ADP P . 25.15 3.51 12.19
O4' ADP P . 25.20 4.54 13.17
C3' ADP P . 24.04 3.87 11.23
O3' ADP P . 23.14 2.78 11.14
C2' ADP P . 23.32 5.04 11.86
O2' ADP P . 21.94 4.70 12.00
C1' ADP P . 23.94 5.21 13.23
N9 ADP P . 24.12 6.64 13.57
C8 ADP P . 24.95 7.49 12.95
N7 ADP P . 24.88 8.74 13.50
C5 ADP P . 23.97 8.69 14.48
C6 ADP P . 23.40 9.64 15.45
N6 ADP P . 23.81 10.93 15.48
N1 ADP P . 22.46 9.18 16.31
C2 ADP P . 22.05 7.90 16.29
N3 ADP P . 22.53 6.99 15.44
C4 ADP P . 23.47 7.31 14.52
CA CA Q . 31.73 -0.49 12.53
PG ATP R . 24.27 -34.03 37.45
O1G ATP R . 25.48 -33.22 37.12
O2G ATP R . 24.57 -35.41 38.02
O3G ATP R . 23.28 -33.32 38.36
PB ATP R . 22.31 -35.28 35.61
O1B ATP R . 21.89 -36.24 36.64
O2B ATP R . 21.23 -34.42 35.00
O3B ATP R . 23.45 -34.32 36.12
PA ATP R . 22.77 -37.31 33.54
O1A ATP R . 23.54 -38.47 34.05
O2A ATP R . 21.26 -37.49 33.46
O3A ATP R . 23.03 -36.03 34.41
O5' ATP R . 23.29 -36.87 32.12
C5' ATP R . 22.67 -35.77 31.40
C4' ATP R . 23.75 -35.09 30.61
O4' ATP R . 24.44 -36.04 29.78
C3' ATP R . 23.26 -33.98 29.67
O3' ATP R . 24.19 -32.91 29.62
C2' ATP R . 23.19 -34.71 28.33
O2' ATP R . 23.34 -33.82 27.22
C1' ATP R . 24.39 -35.64 28.43
N9 ATP R . 24.31 -36.82 27.58
C8 ATP R . 23.34 -37.79 27.62
N7 ATP R . 23.51 -38.76 26.75
C5 ATP R . 24.67 -38.39 26.09
C6 ATP R . 25.40 -38.99 25.05
N6 ATP R . 25.05 -40.14 24.45
N1 ATP R . 26.52 -38.37 24.62
C2 ATP R . 26.89 -37.22 25.20
N3 ATP R . 26.28 -36.56 26.19
C4 ATP R . 25.17 -37.20 26.60
CA CA S . 23.21 -37.36 38.37
CA CA T . 19.65 -65.24 39.37
CA CA U . -21.84 -33.76 14.53
CA CA V . -13.39 -38.26 54.65
CA CA W . 53.16 16.87 19.85
CA CA X . 53.39 23.19 48.62
CA CA Y . 25.17 16.70 35.95
CA CA Z . 35.32 -52.89 57.79
CA CA AA . 52.67 -8.63 29.54
#